data_7X27
#
_entry.id   7X27
#
_entity_poly.entity_id   1
_entity_poly.type   'polypeptide(L)'
_entity_poly.pdbx_seq_one_letter_code
;TVDVGPDSVKSACIEVDIQQTFFDKTWPRPIDVSKADGIIYPQGRTYSNITITYQGLFPYQGDHGDMYVYSAGHATGTTP
QKLFVANYSQDVKQFANGFVVRIGAAANSTGTVIISPSTSATIRKIYPAFMLGSSVGNFSDGKMGRFFNHTLVLLPDGCG
TLLRAFYCILEPRSGNHCPAGNSYTSFATYHTPATDCSDGNYNRNASLNSFKEYFNLRNCTFMYTYNITEDEILEWFGIT
QTAQGVHLFSSRYVDLYGGNMFQFATLPVYDTIKYYSIIPHSIRSIQSDRKAWAAFYVYKLQPLTFLLDFSVDGYIRRAI
DCGFNDLSQLHCSYESFDVESGVYSVSSFEAKPSGSVVEQAEGVECDFSPLLSGTPPQVYNFKRLVFTNCNYNLTKLLSL
FSVNDFTCSQISPAAIASNCYSSLILDYFSYPLSMKSDLSVSSAGPISQFNYKQSFSNPTCLILATVPHNLTTITKPLKY
SYINKCSRFLSDDRTEVPQLVNANQYSPCVSIVPSTVWEDGDYYRKQLSPLEGGGWLVASGSTVAMTEQLQMGFGITVQY
GTDTNSVCPKLEFANDTKIASQLGNCVEYSLYGVSGRGVFQNCTAVGVRQQRFVYDAYQNLVGYYSDDGNYYCLRACVSV
PVSVIYDKETKTHATLFGSVACEHISSTMSQYSRSTRSMLKRRDSTYGPLQTPVGCVLGLVNSSLFVEDCKLPLGQSLCA
LPDTPSTLTPRSVRSVPGEMRLASIAFNHPIQVDQLNSSYFKLSIPTNFSFGVTQEYIQTTIQKVTVDCKQYVCNGFQKC
EQLLREYGQFCSKINQALHGANLRQDDSVRNLFASVKSSQSSPIIPGFGGDFNLTLLEPVSISTGSRSARSAIEDLLFDK
VTIADPGYMQGYDDCMQQGPASARDLICAQYVAGYKVLPPLMDVNMEAAYTSSLLGSIAGVGWTAGLSSFAAIPFAQSIF
YRLNGVGITQQVLSENQKLIANKFNQALGAMQTGFTTTNEAFQKVQDAVNNNAQALSKLASELSNTFGAISASIGDIIQR
LDPPEQDAQIDRLINGRLTTLNAFVAQQLVRSESAALSAQLAKDKVNECVKAQSKRSGFCGQGTHIVSFVVNAPNGLYFM
HVGYYPSNHIEVVSAYGLCDAANPTNCIAPVNGYFIKTNNTRIVDEWSYTGSSFYAPEPITSLNTKYVAPQVTYQNISTN
LPPPLLGNSTGI
;
_entity_poly.pdbx_strand_id   G,I,J
#
# COMPACT_ATOMS: atom_id res chain seq x y z
N THR A 1 4.77 -45.58 -51.29
CA THR A 1 4.98 -44.95 -52.59
C THR A 1 3.66 -44.93 -53.37
N VAL A 2 3.36 -43.79 -53.98
CA VAL A 2 2.08 -43.56 -54.65
C VAL A 2 2.34 -43.38 -56.14
N ASP A 3 1.42 -43.89 -56.95
CA ASP A 3 1.54 -43.78 -58.40
C ASP A 3 1.17 -42.39 -58.86
N VAL A 4 2.06 -41.78 -59.64
CA VAL A 4 1.84 -40.44 -60.17
C VAL A 4 1.63 -40.42 -61.68
N GLY A 5 1.98 -41.49 -62.38
CA GLY A 5 1.82 -41.55 -63.81
C GLY A 5 3.08 -42.03 -64.51
N PRO A 6 3.05 -42.05 -65.84
CA PRO A 6 4.23 -42.49 -66.60
C PRO A 6 5.34 -41.47 -66.55
N ASP A 7 6.57 -41.96 -66.75
CA ASP A 7 7.71 -41.08 -66.85
C ASP A 7 7.70 -40.34 -68.19
N SER A 8 8.70 -39.48 -68.38
CA SER A 8 8.80 -38.74 -69.62
C SER A 8 9.15 -39.67 -70.78
N VAL A 9 8.49 -39.47 -71.91
CA VAL A 9 8.75 -40.25 -73.11
C VAL A 9 9.95 -39.63 -73.83
N LYS A 10 9.96 -38.31 -73.93
CA LYS A 10 11.05 -37.60 -74.57
C LYS A 10 12.33 -37.77 -73.76
N SER A 11 13.46 -37.87 -74.47
CA SER A 11 14.76 -37.95 -73.83
C SER A 11 15.37 -36.55 -73.70
N ALA A 12 15.37 -35.79 -74.79
CA ALA A 12 15.94 -34.46 -74.80
C ALA A 12 14.95 -33.41 -74.27
N CYS A 13 15.13 -33.01 -73.02
CA CYS A 13 14.32 -31.94 -72.46
C CYS A 13 14.72 -30.60 -73.10
N ILE A 14 13.74 -29.69 -73.15
CA ILE A 14 13.88 -28.49 -73.96
C ILE A 14 14.99 -27.59 -73.41
N GLU A 15 15.48 -26.68 -74.27
CA GLU A 15 16.53 -25.74 -73.91
C GLU A 15 15.93 -24.47 -73.33
N VAL A 16 16.67 -23.84 -72.42
CA VAL A 16 16.22 -22.65 -71.71
C VAL A 16 17.37 -21.64 -71.67
N ASP A 17 17.06 -20.38 -71.94
CA ASP A 17 18.05 -19.32 -72.04
C ASP A 17 17.95 -18.42 -70.81
N ILE A 18 18.95 -18.50 -69.93
CA ILE A 18 19.00 -17.67 -68.73
C ILE A 18 19.55 -16.30 -69.09
N GLN A 19 18.74 -15.26 -68.85
CA GLN A 19 19.17 -13.86 -68.96
C GLN A 19 18.56 -13.07 -67.79
N GLN A 20 19.32 -12.95 -66.70
CA GLN A 20 18.83 -12.28 -65.51
C GLN A 20 18.61 -10.78 -65.76
N THR A 21 19.31 -10.22 -66.75
CA THR A 21 19.24 -8.78 -66.99
C THR A 21 17.83 -8.33 -67.36
N PHE A 22 17.13 -9.15 -68.15
CA PHE A 22 15.79 -8.77 -68.58
C PHE A 22 14.82 -8.70 -67.40
N PHE A 23 14.94 -9.64 -66.46
CA PHE A 23 14.03 -9.71 -65.32
C PHE A 23 14.42 -8.77 -64.18
N ASP A 24 15.62 -8.22 -64.20
CA ASP A 24 16.08 -7.33 -63.13
C ASP A 24 15.44 -5.96 -63.31
N LYS A 25 14.28 -5.75 -62.68
CA LYS A 25 13.59 -4.47 -62.71
C LYS A 25 13.18 -4.11 -61.29
N THR A 26 12.49 -2.98 -61.16
CA THR A 26 12.01 -2.52 -59.87
C THR A 26 10.54 -2.15 -59.97
N TRP A 27 9.73 -2.71 -59.08
CA TRP A 27 8.31 -2.39 -58.98
C TRP A 27 7.94 -2.41 -57.52
N PRO A 28 8.19 -1.32 -56.80
CA PRO A 28 8.02 -1.34 -55.33
C PRO A 28 6.59 -1.63 -54.91
N ARG A 29 6.41 -2.72 -54.16
CA ARG A 29 5.11 -3.07 -53.57
C ARG A 29 5.33 -3.46 -52.11
N PRO A 30 5.64 -2.49 -51.26
CA PRO A 30 5.96 -2.82 -49.86
C PRO A 30 4.72 -3.24 -49.10
N ILE A 31 4.95 -3.98 -48.01
CA ILE A 31 3.86 -4.42 -47.15
C ILE A 31 3.27 -3.19 -46.47
N ASP A 32 1.99 -2.93 -46.70
CA ASP A 32 1.29 -1.81 -46.08
C ASP A 32 0.35 -2.39 -45.03
N VAL A 33 0.80 -2.37 -43.77
CA VAL A 33 0.04 -2.96 -42.67
C VAL A 33 -1.21 -2.17 -42.34
N SER A 34 -1.28 -0.89 -42.73
CA SER A 34 -2.46 -0.09 -42.46
C SER A 34 -3.69 -0.55 -43.24
N LYS A 35 -3.51 -1.45 -44.21
CA LYS A 35 -4.64 -2.06 -44.91
C LYS A 35 -4.55 -3.58 -44.84
N ALA A 36 -3.88 -4.10 -43.80
CA ALA A 36 -3.82 -5.52 -43.49
C ALA A 36 -3.32 -6.34 -44.69
N ASP A 37 -2.08 -6.06 -45.06
CA ASP A 37 -1.40 -6.80 -46.12
C ASP A 37 -0.68 -8.01 -45.53
N GLY A 38 -0.93 -9.18 -46.11
CA GLY A 38 -0.22 -10.37 -45.70
C GLY A 38 -0.46 -10.80 -44.27
N ILE A 39 -1.70 -10.70 -43.80
CA ILE A 39 -2.05 -11.03 -42.43
C ILE A 39 -2.71 -12.40 -42.43
N ILE A 40 -2.10 -13.35 -41.71
CA ILE A 40 -2.71 -14.66 -41.52
C ILE A 40 -3.69 -14.57 -40.36
N TYR A 41 -4.93 -14.97 -40.61
CA TYR A 41 -5.97 -14.87 -39.60
C TYR A 41 -5.67 -15.82 -38.44
N PRO A 42 -5.99 -15.45 -37.19
CA PRO A 42 -5.82 -16.39 -36.08
C PRO A 42 -6.59 -17.67 -36.29
N GLN A 43 -5.88 -18.79 -36.42
CA GLN A 43 -6.47 -20.02 -36.94
C GLN A 43 -7.03 -20.91 -35.82
N GLY A 44 -7.76 -20.27 -34.91
CA GLY A 44 -8.55 -21.03 -33.96
C GLY A 44 -9.96 -20.51 -33.80
N ARG A 45 -10.17 -19.24 -34.16
CA ARG A 45 -11.34 -18.52 -33.69
C ARG A 45 -11.64 -17.30 -34.56
N THR A 46 -12.53 -16.44 -34.07
CA THR A 46 -12.85 -15.20 -34.75
C THR A 46 -13.36 -14.20 -33.72
N TYR A 47 -13.35 -12.93 -34.09
CA TYR A 47 -13.76 -11.84 -33.21
C TYR A 47 -14.72 -10.92 -33.98
N SER A 48 -15.28 -9.95 -33.28
CA SER A 48 -16.25 -9.04 -33.91
C SER A 48 -16.16 -7.67 -33.28
N ASN A 49 -15.77 -6.68 -34.09
CA ASN A 49 -15.86 -5.26 -33.72
C ASN A 49 -15.05 -4.95 -32.46
N ILE A 50 -13.79 -5.39 -32.45
CA ILE A 50 -12.88 -5.14 -31.34
C ILE A 50 -11.49 -4.86 -31.90
N THR A 51 -10.57 -4.55 -30.98
CA THR A 51 -9.18 -4.29 -31.33
C THR A 51 -8.31 -4.92 -30.27
N ILE A 52 -7.42 -5.83 -30.67
CA ILE A 52 -6.64 -6.59 -29.70
C ILE A 52 -5.22 -6.78 -30.21
N THR A 53 -4.29 -6.91 -29.28
CA THR A 53 -2.93 -7.33 -29.62
C THR A 53 -2.89 -8.84 -29.75
N TYR A 54 -2.08 -9.31 -30.70
CA TYR A 54 -2.04 -10.73 -31.03
C TYR A 54 -0.62 -11.10 -31.43
N GLN A 55 -0.13 -12.22 -30.90
CA GLN A 55 1.21 -12.70 -31.23
C GLN A 55 1.12 -13.81 -32.25
N GLY A 56 1.72 -13.60 -33.42
CA GLY A 56 1.68 -14.59 -34.47
C GLY A 56 2.87 -14.52 -35.40
N LEU A 57 2.67 -14.89 -36.66
CA LEU A 57 3.72 -14.89 -37.67
C LEU A 57 3.30 -13.91 -38.76
N PHE A 58 3.77 -12.67 -38.64
CA PHE A 58 3.47 -11.59 -39.56
C PHE A 58 4.73 -11.11 -40.26
N PRO A 59 4.60 -10.41 -41.38
CA PRO A 59 5.76 -9.79 -42.01
C PRO A 59 5.99 -8.37 -41.50
N TYR A 60 7.18 -7.86 -41.78
CA TYR A 60 7.56 -6.53 -41.34
C TYR A 60 6.79 -5.48 -42.12
N GLN A 61 6.32 -4.45 -41.40
CA GLN A 61 5.72 -3.31 -42.06
C GLN A 61 6.77 -2.60 -42.91
N GLY A 62 6.42 -2.26 -44.14
CA GLY A 62 7.32 -1.60 -45.05
C GLY A 62 8.29 -2.53 -45.76
N ASP A 63 8.26 -3.81 -45.45
CA ASP A 63 9.14 -4.77 -46.12
C ASP A 63 8.84 -4.80 -47.62
N HIS A 64 9.89 -4.90 -48.40
CA HIS A 64 9.75 -4.91 -49.85
C HIS A 64 9.71 -6.32 -50.43
N GLY A 65 10.25 -7.30 -49.70
CA GLY A 65 10.20 -8.67 -50.16
C GLY A 65 11.09 -8.88 -51.39
N ASP A 66 10.89 -10.04 -52.03
CA ASP A 66 11.59 -10.39 -53.25
C ASP A 66 10.58 -10.49 -54.39
N MET A 67 10.87 -9.82 -55.49
CA MET A 67 10.02 -9.84 -56.67
C MET A 67 10.46 -10.94 -57.62
N TYR A 68 9.49 -11.57 -58.27
CA TYR A 68 9.76 -12.59 -59.27
C TYR A 68 8.82 -12.40 -60.46
N VAL A 69 9.36 -12.60 -61.66
CA VAL A 69 8.62 -12.38 -62.89
C VAL A 69 8.71 -13.63 -63.75
N TYR A 70 7.62 -13.92 -64.46
CA TYR A 70 7.55 -15.02 -65.41
C TYR A 70 7.33 -14.43 -66.80
N SER A 71 7.97 -15.02 -67.81
CA SER A 71 7.98 -14.46 -69.15
C SER A 71 7.72 -15.55 -70.18
N ALA A 72 7.24 -15.11 -71.35
CA ALA A 72 7.11 -15.99 -72.49
C ALA A 72 8.48 -16.43 -73.00
N GLY A 73 8.49 -17.45 -73.83
CA GLY A 73 9.73 -17.95 -74.39
C GLY A 73 10.03 -17.41 -75.77
N HIS A 74 11.20 -17.77 -76.27
CA HIS A 74 11.60 -17.35 -77.61
C HIS A 74 10.73 -18.04 -78.66
N ALA A 75 10.32 -17.26 -79.66
CA ALA A 75 9.47 -17.79 -80.73
C ALA A 75 9.73 -17.01 -82.00
N THR A 76 9.82 -17.72 -83.13
CA THR A 76 10.01 -17.12 -84.44
C THR A 76 8.74 -17.32 -85.25
N GLY A 77 7.88 -16.30 -85.24
CA GLY A 77 6.68 -16.30 -86.05
C GLY A 77 5.55 -17.14 -85.49
N THR A 78 5.66 -18.46 -85.63
CA THR A 78 4.63 -19.37 -85.11
C THR A 78 5.28 -20.62 -84.53
N THR A 79 6.49 -20.49 -83.98
CA THR A 79 7.25 -21.63 -83.49
C THR A 79 8.07 -21.23 -82.28
N PRO A 80 7.62 -21.59 -81.07
CA PRO A 80 8.41 -21.32 -79.87
C PRO A 80 9.78 -21.99 -79.92
N GLN A 81 10.85 -21.20 -79.75
CA GLN A 81 12.20 -21.72 -79.84
C GLN A 81 12.67 -22.35 -78.53
N LYS A 82 12.71 -21.55 -77.47
CA LYS A 82 13.30 -21.97 -76.20
C LYS A 82 12.63 -21.24 -75.05
N LEU A 83 13.09 -21.55 -73.84
CA LEU A 83 12.51 -21.01 -72.62
C LEU A 83 13.33 -19.83 -72.11
N PHE A 84 12.64 -18.78 -71.67
CA PHE A 84 13.28 -17.59 -71.13
C PHE A 84 13.00 -17.53 -69.63
N VAL A 85 14.02 -17.84 -68.83
CA VAL A 85 13.89 -17.80 -67.38
C VAL A 85 15.04 -17.03 -66.77
N ALA A 86 14.87 -16.58 -65.52
CA ALA A 86 15.93 -16.00 -64.73
C ALA A 86 16.69 -17.11 -64.01
N ASN A 87 17.67 -16.74 -63.20
CA ASN A 87 18.49 -17.68 -62.46
C ASN A 87 17.87 -18.09 -61.13
N TYR A 88 16.53 -18.03 -61.02
CA TYR A 88 15.86 -18.31 -59.76
C TYR A 88 16.23 -19.69 -59.22
N SER A 89 16.44 -20.66 -60.11
CA SER A 89 16.74 -22.03 -59.70
C SER A 89 18.08 -22.09 -58.96
N GLN A 90 18.97 -21.14 -59.22
CA GLN A 90 20.25 -21.11 -58.53
C GLN A 90 20.16 -20.42 -57.18
N ASP A 91 19.14 -19.58 -56.99
CA ASP A 91 19.03 -18.81 -55.75
C ASP A 91 18.23 -19.60 -54.72
N VAL A 92 18.92 -20.17 -53.74
CA VAL A 92 18.30 -20.94 -52.68
C VAL A 92 18.26 -20.09 -51.42
N LYS A 93 17.07 -19.96 -50.84
CA LYS A 93 16.84 -19.12 -49.67
C LYS A 93 16.49 -19.99 -48.47
N GLN A 94 16.49 -19.38 -47.29
CA GLN A 94 16.15 -20.07 -46.05
C GLN A 94 14.65 -19.95 -45.80
N PHE A 95 14.05 -21.03 -45.29
CA PHE A 95 12.64 -21.00 -44.94
C PHE A 95 12.42 -20.41 -43.54
N ALA A 96 12.82 -21.15 -42.52
CA ALA A 96 13.09 -20.71 -41.14
C ALA A 96 11.87 -20.20 -40.38
N ASN A 97 10.83 -19.75 -41.07
CA ASN A 97 9.51 -19.54 -40.47
C ASN A 97 8.36 -19.78 -41.44
N GLY A 98 8.64 -19.79 -42.74
CA GLY A 98 7.61 -19.71 -43.75
C GLY A 98 7.61 -18.33 -44.40
N PHE A 99 6.65 -18.14 -45.31
CA PHE A 99 6.55 -16.87 -46.00
C PHE A 99 5.13 -16.68 -46.54
N VAL A 100 4.90 -15.50 -47.11
CA VAL A 100 3.66 -15.13 -47.76
C VAL A 100 3.99 -14.59 -49.14
N VAL A 101 3.02 -14.67 -50.04
CA VAL A 101 3.20 -14.31 -51.45
C VAL A 101 1.98 -13.53 -51.90
N ARG A 102 2.24 -12.47 -52.66
CA ARG A 102 1.22 -11.54 -53.16
C ARG A 102 1.06 -11.76 -54.66
N ILE A 103 0.02 -12.50 -55.05
CA ILE A 103 -0.17 -12.91 -56.43
C ILE A 103 -1.17 -12.00 -57.11
N GLY A 104 -0.79 -11.48 -58.28
CA GLY A 104 -1.72 -10.76 -59.13
C GLY A 104 -1.93 -9.30 -58.80
N ALA A 105 -0.91 -8.65 -58.21
CA ALA A 105 -1.08 -7.27 -57.77
C ALA A 105 -1.26 -6.32 -58.95
N ALA A 106 -0.40 -6.44 -59.96
CA ALA A 106 -0.42 -5.54 -61.10
C ALA A 106 -1.18 -6.19 -62.26
N ALA A 107 -2.50 -6.32 -62.06
CA ALA A 107 -3.38 -6.83 -63.09
C ALA A 107 -4.32 -5.73 -63.57
N ASN A 108 -4.98 -6.01 -64.70
CA ASN A 108 -5.89 -5.05 -65.34
C ASN A 108 -5.19 -3.73 -65.62
N SER A 109 -3.91 -3.81 -66.00
CA SER A 109 -3.09 -2.63 -66.25
C SER A 109 -2.26 -2.85 -67.50
N THR A 110 -1.67 -1.77 -67.99
CA THR A 110 -0.85 -1.82 -69.19
C THR A 110 0.62 -1.89 -68.79
N GLY A 111 1.24 -3.04 -69.05
CA GLY A 111 2.67 -3.20 -68.79
C GLY A 111 3.37 -3.67 -70.05
N THR A 112 4.55 -4.26 -69.92
CA THR A 112 5.31 -4.70 -71.07
C THR A 112 5.78 -6.14 -70.89
N VAL A 113 5.99 -6.81 -72.01
CA VAL A 113 6.53 -8.17 -72.02
C VAL A 113 7.99 -8.11 -71.64
N ILE A 114 8.57 -9.24 -71.25
CA ILE A 114 9.96 -9.23 -70.80
C ILE A 114 10.91 -9.36 -71.99
N ILE A 115 10.57 -10.20 -72.97
CA ILE A 115 11.52 -10.53 -74.02
C ILE A 115 11.34 -9.55 -75.18
N SER A 116 10.35 -8.68 -75.07
CA SER A 116 10.05 -7.67 -76.07
C SER A 116 9.83 -6.33 -75.37
N PRO A 117 10.90 -5.66 -74.91
CA PRO A 117 10.73 -4.46 -74.08
C PRO A 117 9.84 -3.39 -74.70
N SER A 118 9.82 -3.30 -76.03
CA SER A 118 8.95 -2.36 -76.73
C SER A 118 7.67 -3.07 -77.21
N THR A 119 6.90 -3.55 -76.25
CA THR A 119 5.64 -4.24 -76.54
C THR A 119 4.72 -4.11 -75.33
N SER A 120 3.77 -3.18 -75.42
CA SER A 120 2.78 -3.00 -74.36
C SER A 120 1.73 -4.09 -74.45
N ALA A 121 1.17 -4.45 -73.30
CA ALA A 121 0.14 -5.48 -73.22
C ALA A 121 -0.57 -5.39 -71.88
N THR A 122 -1.78 -5.94 -71.82
CA THR A 122 -2.49 -6.04 -70.56
C THR A 122 -1.92 -7.17 -69.72
N ILE A 123 -1.72 -6.91 -68.44
CA ILE A 123 -1.07 -7.89 -67.58
C ILE A 123 -2.07 -8.93 -67.10
N ARG A 124 -1.62 -10.16 -66.97
CA ARG A 124 -2.46 -11.29 -66.57
C ARG A 124 -1.87 -11.94 -65.33
N LYS A 125 -2.73 -12.23 -64.35
CA LYS A 125 -2.28 -12.88 -63.13
C LYS A 125 -1.74 -14.27 -63.44
N ILE A 126 -0.63 -14.62 -62.79
CA ILE A 126 0.01 -15.92 -62.94
C ILE A 126 0.35 -16.46 -61.56
N TYR A 127 0.55 -17.78 -61.49
CA TYR A 127 0.73 -18.33 -60.16
C TYR A 127 2.15 -18.88 -59.98
N PRO A 128 2.73 -18.69 -58.80
CA PRO A 128 4.11 -19.12 -58.56
C PRO A 128 4.23 -20.62 -58.32
N ALA A 129 5.46 -21.11 -58.48
CA ALA A 129 5.80 -22.50 -58.23
C ALA A 129 6.98 -22.56 -57.28
N PHE A 130 6.87 -23.38 -56.24
CA PHE A 130 7.88 -23.46 -55.20
C PHE A 130 8.40 -24.88 -55.07
N MET A 131 9.66 -25.00 -54.64
CA MET A 131 10.24 -26.31 -54.35
C MET A 131 11.06 -26.15 -53.07
N LEU A 132 10.65 -26.85 -52.02
CA LEU A 132 11.21 -26.70 -50.69
C LEU A 132 11.83 -28.02 -50.25
N GLY A 133 12.85 -27.95 -49.40
CA GLY A 133 13.50 -29.16 -48.95
C GLY A 133 14.25 -29.01 -47.66
N SER A 134 14.94 -30.08 -47.24
CA SER A 134 15.72 -30.07 -46.02
C SER A 134 17.22 -30.19 -46.25
N SER A 135 17.66 -30.39 -47.49
CA SER A 135 19.09 -30.52 -47.78
C SER A 135 19.32 -30.06 -49.22
N VAL A 136 20.35 -29.25 -49.41
CA VAL A 136 20.67 -28.70 -50.73
C VAL A 136 22.13 -29.00 -51.04
N GLY A 137 22.42 -29.07 -52.35
CA GLY A 137 23.74 -29.37 -52.85
C GLY A 137 23.86 -28.94 -54.29
N ASN A 138 24.93 -29.40 -54.93
CA ASN A 138 25.22 -29.01 -56.30
C ASN A 138 24.66 -30.03 -57.30
N PHE A 139 24.42 -29.54 -58.51
CA PHE A 139 24.06 -30.39 -59.65
C PHE A 139 25.29 -31.00 -60.31
N SER A 140 25.10 -31.58 -61.49
CA SER A 140 26.15 -32.27 -62.25
C SER A 140 27.47 -31.48 -62.28
N ASP A 141 27.42 -30.24 -62.76
CA ASP A 141 28.61 -29.42 -62.94
C ASP A 141 28.83 -28.48 -61.77
N GLY A 142 28.45 -28.91 -60.57
CA GLY A 142 28.61 -28.07 -59.40
C GLY A 142 27.67 -26.89 -59.35
N LYS A 143 26.58 -26.94 -60.10
CA LYS A 143 25.61 -25.86 -60.13
C LYS A 143 24.72 -25.94 -58.91
N MET A 144 24.58 -24.83 -58.20
CA MET A 144 23.82 -24.79 -56.96
C MET A 144 22.34 -24.98 -57.23
N GLY A 145 21.66 -25.64 -56.29
CA GLY A 145 20.22 -25.78 -56.38
C GLY A 145 19.69 -27.20 -56.53
N ARG A 146 20.34 -28.18 -55.92
CA ARG A 146 19.89 -29.56 -55.96
C ARG A 146 19.30 -29.93 -54.61
N PHE A 147 18.12 -30.53 -54.62
CA PHE A 147 17.45 -30.95 -53.40
C PHE A 147 17.57 -32.46 -53.23
N PHE A 148 18.02 -32.86 -52.05
CA PHE A 148 18.28 -34.24 -51.67
C PHE A 148 17.00 -34.91 -51.18
N ASN A 149 17.17 -35.95 -50.37
CA ASN A 149 16.31 -37.14 -50.24
C ASN A 149 14.85 -36.77 -50.48
N HIS A 150 14.26 -35.84 -49.76
CA HIS A 150 12.84 -35.57 -49.90
C HIS A 150 12.60 -34.07 -50.10
N THR A 151 11.86 -33.73 -51.16
CA THR A 151 11.68 -32.34 -51.60
C THR A 151 10.20 -32.09 -51.88
N LEU A 152 9.55 -31.30 -51.03
CA LEU A 152 8.17 -30.92 -51.29
C LEU A 152 8.11 -29.96 -52.47
N VAL A 153 7.11 -30.15 -53.33
CA VAL A 153 6.96 -29.34 -54.55
C VAL A 153 5.52 -28.86 -54.62
N LEU A 154 5.34 -27.57 -54.91
CA LEU A 154 4.04 -26.93 -55.07
C LEU A 154 4.03 -26.27 -56.44
N LEU A 155 3.25 -26.81 -57.36
CA LEU A 155 3.26 -26.27 -58.72
C LEU A 155 1.86 -26.19 -59.31
N PRO A 156 1.43 -25.01 -59.78
CA PRO A 156 0.12 -24.90 -60.42
C PRO A 156 0.12 -25.56 -61.80
N ASP A 157 -1.08 -25.94 -62.24
CA ASP A 157 -1.22 -26.60 -63.53
C ASP A 157 -2.55 -26.18 -64.16
N GLY A 158 -2.88 -26.81 -65.28
CA GLY A 158 -4.13 -26.50 -65.98
C GLY A 158 -4.20 -25.10 -66.51
N CYS A 159 -3.05 -24.49 -66.79
CA CYS A 159 -2.95 -23.08 -67.19
C CYS A 159 -3.75 -22.22 -66.19
N GLY A 160 -3.31 -22.29 -64.93
CA GLY A 160 -3.92 -21.51 -63.86
C GLY A 160 -5.29 -21.97 -63.38
N THR A 161 -5.51 -23.28 -63.30
CA THR A 161 -6.76 -23.82 -62.78
C THR A 161 -6.62 -24.69 -61.54
N LEU A 162 -5.46 -25.30 -61.29
CA LEU A 162 -5.31 -26.14 -60.11
C LEU A 162 -3.90 -26.04 -59.54
N LEU A 163 -3.74 -26.45 -58.27
CA LEU A 163 -2.44 -26.48 -57.62
C LEU A 163 -2.16 -27.87 -57.07
N ARG A 164 -0.97 -28.39 -57.31
CA ARG A 164 -0.62 -29.74 -56.86
C ARG A 164 0.63 -29.70 -56.00
N ALA A 165 0.60 -30.48 -54.91
CA ALA A 165 1.67 -30.57 -53.95
C ALA A 165 2.07 -32.02 -53.77
N PHE A 166 3.38 -32.29 -53.70
CA PHE A 166 3.83 -33.66 -53.59
C PHE A 166 5.26 -33.72 -53.07
N TYR A 167 5.59 -34.84 -52.40
CA TYR A 167 6.98 -35.10 -52.05
C TYR A 167 7.77 -35.52 -53.29
N CYS A 168 7.46 -36.70 -53.81
CA CYS A 168 7.91 -37.08 -55.15
C CYS A 168 9.40 -36.87 -55.38
N ILE A 169 10.25 -37.65 -54.71
CA ILE A 169 11.71 -37.47 -54.73
C ILE A 169 12.21 -37.17 -56.14
N LEU A 170 13.05 -36.15 -56.25
CA LEU A 170 13.51 -35.70 -57.57
C LEU A 170 14.73 -36.51 -58.01
N GLU A 171 14.71 -36.91 -59.27
CA GLU A 171 15.80 -37.69 -59.86
C GLU A 171 16.23 -37.01 -61.15
N PRO A 172 17.39 -36.36 -61.16
CA PRO A 172 17.81 -35.63 -62.37
C PRO A 172 18.08 -36.57 -63.54
N ARG A 173 17.44 -36.29 -64.68
CA ARG A 173 17.56 -37.15 -65.85
C ARG A 173 18.78 -36.76 -66.67
N SER A 174 19.39 -37.76 -67.30
CA SER A 174 20.58 -37.59 -68.12
C SER A 174 20.16 -37.55 -69.58
N GLY A 175 20.43 -36.42 -70.24
CA GLY A 175 20.07 -36.24 -71.63
C GLY A 175 20.51 -34.86 -72.09
N ASN A 176 20.08 -34.50 -73.29
CA ASN A 176 20.43 -33.19 -73.82
C ASN A 176 19.69 -32.11 -73.04
N HIS A 177 20.43 -31.11 -72.57
CA HIS A 177 19.88 -29.91 -71.94
C HIS A 177 19.17 -30.23 -70.63
N CYS A 178 19.46 -31.39 -70.05
CA CYS A 178 18.82 -31.89 -68.84
C CYS A 178 19.78 -31.85 -67.65
N PRO A 179 19.24 -31.78 -66.41
CA PRO A 179 20.09 -31.62 -65.22
C PRO A 179 21.30 -32.55 -65.15
N ALA A 180 21.07 -33.86 -65.22
CA ALA A 180 22.15 -34.84 -65.12
C ALA A 180 22.85 -35.05 -66.46
N GLY A 181 22.34 -34.43 -67.53
CA GLY A 181 22.91 -34.57 -68.85
C GLY A 181 23.92 -33.48 -69.17
N ASN A 182 24.29 -33.42 -70.44
CA ASN A 182 25.29 -32.45 -70.90
C ASN A 182 24.61 -31.15 -71.32
N SER A 183 25.36 -30.05 -71.21
CA SER A 183 24.89 -28.71 -71.55
C SER A 183 23.65 -28.35 -70.76
N TYR A 184 23.82 -28.29 -69.44
CA TYR A 184 22.73 -27.98 -68.51
C TYR A 184 22.80 -26.53 -68.08
N THR A 185 21.70 -25.79 -68.28
CA THR A 185 21.61 -24.42 -67.79
C THR A 185 20.76 -24.33 -66.54
N SER A 186 19.49 -24.75 -66.63
CA SER A 186 18.55 -24.64 -65.52
C SER A 186 17.30 -25.44 -65.84
N PHE A 187 16.76 -26.13 -64.84
CA PHE A 187 15.46 -26.78 -65.02
C PHE A 187 14.35 -25.75 -64.98
N ALA A 188 13.30 -25.97 -65.77
CA ALA A 188 12.18 -25.05 -65.83
C ALA A 188 10.96 -25.77 -66.35
N THR A 189 9.78 -25.28 -65.98
CA THR A 189 8.53 -25.83 -66.49
C THR A 189 7.94 -24.88 -67.53
N TYR A 190 6.96 -25.38 -68.27
CA TYR A 190 6.36 -24.61 -69.36
C TYR A 190 5.01 -25.22 -69.72
N HIS A 191 4.24 -24.43 -70.46
CA HIS A 191 2.95 -24.88 -70.98
C HIS A 191 2.66 -24.11 -72.25
N THR A 192 2.04 -24.74 -73.23
CA THR A 192 1.77 -24.11 -74.51
C THR A 192 0.33 -23.63 -74.56
N PRO A 193 0.07 -22.32 -74.56
CA PRO A 193 -1.32 -21.85 -74.62
C PRO A 193 -2.05 -22.23 -75.90
N ALA A 194 -1.32 -22.56 -76.97
CA ALA A 194 -1.98 -22.95 -78.21
C ALA A 194 -2.77 -24.24 -78.04
N THR A 195 -2.20 -25.24 -77.34
CA THR A 195 -2.86 -26.52 -77.15
C THR A 195 -3.33 -26.70 -75.72
N ASP A 196 -2.47 -26.50 -74.72
CA ASP A 196 -2.82 -26.87 -73.35
C ASP A 196 -3.94 -26.01 -72.78
N CYS A 197 -3.84 -24.69 -72.95
CA CYS A 197 -4.83 -23.78 -72.39
C CYS A 197 -5.96 -23.61 -73.40
N SER A 198 -6.74 -24.68 -73.55
CA SER A 198 -7.90 -24.71 -74.43
C SER A 198 -9.17 -24.53 -73.61
N ASP A 199 -10.11 -23.74 -74.14
CA ASP A 199 -11.34 -23.45 -73.42
C ASP A 199 -12.12 -24.72 -73.10
N GLY A 200 -12.18 -25.65 -74.06
CA GLY A 200 -12.91 -26.88 -73.84
C GLY A 200 -12.29 -27.77 -72.77
N ASN A 201 -10.96 -27.89 -72.79
CA ASN A 201 -10.25 -28.78 -71.87
C ASN A 201 -8.87 -28.18 -71.59
N TYR A 202 -8.65 -27.76 -70.35
CA TYR A 202 -7.35 -27.26 -69.92
C TYR A 202 -6.51 -28.45 -69.48
N ASN A 203 -5.41 -28.69 -70.18
CA ASN A 203 -4.55 -29.83 -69.85
C ASN A 203 -4.06 -29.69 -68.42
N ARG A 204 -4.51 -30.60 -67.55
CA ARG A 204 -4.18 -30.55 -66.13
C ARG A 204 -2.91 -31.32 -65.79
N ASN A 205 -2.12 -31.70 -66.81
CA ASN A 205 -0.84 -32.34 -66.59
C ASN A 205 0.29 -31.73 -67.41
N ALA A 206 0.03 -30.65 -68.14
CA ALA A 206 1.04 -30.06 -69.01
C ALA A 206 2.27 -29.62 -68.21
N SER A 207 2.05 -28.85 -67.14
CA SER A 207 3.17 -28.43 -66.30
C SER A 207 3.80 -29.60 -65.57
N LEU A 208 3.00 -30.57 -65.13
CA LEU A 208 3.58 -31.78 -64.53
C LEU A 208 4.44 -32.54 -65.52
N ASN A 209 3.99 -32.66 -66.77
CA ASN A 209 4.80 -33.30 -67.79
C ASN A 209 6.08 -32.53 -68.07
N SER A 210 6.00 -31.20 -68.13
CA SER A 210 7.21 -30.39 -68.30
C SER A 210 8.19 -30.63 -67.17
N PHE A 211 7.72 -30.62 -65.93
CA PHE A 211 8.57 -30.94 -64.79
C PHE A 211 9.13 -32.35 -64.88
N LYS A 212 8.36 -33.28 -65.46
CA LYS A 212 8.79 -34.67 -65.60
C LYS A 212 9.93 -34.83 -66.59
N GLU A 213 10.06 -33.94 -67.58
CA GLU A 213 11.13 -34.04 -68.55
C GLU A 213 12.51 -33.88 -67.92
N TYR A 214 12.62 -33.14 -66.83
CA TYR A 214 13.89 -32.89 -66.16
C TYR A 214 14.14 -33.80 -64.98
N PHE A 215 13.09 -34.21 -64.26
CA PHE A 215 13.23 -35.05 -63.07
C PHE A 215 12.35 -36.28 -63.19
N ASN A 216 12.80 -37.39 -62.60
CA ASN A 216 12.03 -38.63 -62.56
C ASN A 216 11.46 -38.79 -61.16
N LEU A 217 10.15 -38.62 -61.03
CA LEU A 217 9.51 -38.71 -59.73
C LEU A 217 9.60 -40.14 -59.21
N ARG A 218 10.32 -40.33 -58.11
CA ARG A 218 10.62 -41.65 -57.59
C ARG A 218 10.26 -41.73 -56.13
N ASN A 219 9.76 -42.88 -55.69
CA ASN A 219 9.41 -43.12 -54.29
C ASN A 219 8.49 -42.03 -53.77
N CYS A 220 7.52 -41.65 -54.60
CA CYS A 220 6.74 -40.46 -54.35
C CYS A 220 5.76 -40.70 -53.21
N THR A 221 5.27 -39.60 -52.63
CA THR A 221 4.33 -39.64 -51.53
C THR A 221 3.09 -38.83 -51.94
N PHE A 222 2.24 -38.49 -50.98
CA PHE A 222 0.96 -37.84 -51.23
C PHE A 222 1.02 -36.82 -52.35
N MET A 223 0.10 -36.92 -53.31
CA MET A 223 0.07 -36.02 -54.46
C MET A 223 -1.36 -35.48 -54.51
N TYR A 224 -1.56 -34.34 -53.84
CA TYR A 224 -2.89 -33.76 -53.74
C TYR A 224 -3.18 -32.88 -54.96
N THR A 225 -4.31 -32.19 -54.89
CA THR A 225 -4.74 -31.30 -55.96
C THR A 225 -5.86 -30.42 -55.41
N TYR A 226 -5.77 -29.12 -55.66
CA TYR A 226 -6.79 -28.18 -55.23
C TYR A 226 -7.24 -27.34 -56.42
N ASN A 227 -8.51 -26.96 -56.41
CA ASN A 227 -9.15 -26.35 -57.57
C ASN A 227 -9.21 -24.84 -57.39
N ILE A 228 -8.87 -24.12 -58.46
CA ILE A 228 -8.86 -22.66 -58.46
C ILE A 228 -9.75 -22.17 -59.59
N THR A 229 -10.66 -21.25 -59.27
CA THR A 229 -11.56 -20.69 -60.26
C THR A 229 -10.97 -19.38 -60.79
N GLU A 230 -10.91 -19.25 -62.11
CA GLU A 230 -10.15 -18.17 -62.74
C GLU A 230 -10.80 -16.82 -62.50
N ASP A 231 -9.96 -15.82 -62.23
CA ASP A 231 -10.35 -14.42 -62.17
C ASP A 231 -9.07 -13.60 -62.30
N GLU A 232 -9.21 -12.28 -62.15
CA GLU A 232 -8.07 -11.37 -62.21
C GLU A 232 -8.03 -10.51 -60.95
N ILE A 233 -8.21 -11.16 -59.80
CA ILE A 233 -8.27 -10.49 -58.51
C ILE A 233 -6.98 -10.76 -57.75
N LEU A 234 -6.47 -9.72 -57.10
CA LEU A 234 -5.31 -9.86 -56.24
C LEU A 234 -5.59 -10.86 -55.13
N GLU A 235 -4.63 -11.74 -54.87
CA GLU A 235 -4.80 -12.75 -53.84
C GLU A 235 -3.49 -12.98 -53.10
N TRP A 236 -3.57 -13.71 -52.00
CA TRP A 236 -2.43 -13.98 -51.13
C TRP A 236 -2.30 -15.48 -50.91
N PHE A 237 -1.08 -15.91 -50.62
CA PHE A 237 -0.83 -17.32 -50.36
C PHE A 237 0.31 -17.45 -49.37
N GLY A 238 0.12 -18.24 -48.31
CA GLY A 238 1.14 -18.41 -47.30
C GLY A 238 1.48 -19.86 -47.04
N ILE A 239 2.62 -20.05 -46.38
CA ILE A 239 3.04 -21.39 -46.01
C ILE A 239 3.85 -21.35 -44.72
N THR A 240 3.49 -22.18 -43.75
CA THR A 240 4.24 -22.33 -42.52
C THR A 240 4.45 -23.81 -42.22
N GLN A 241 5.13 -24.11 -41.11
CA GLN A 241 5.39 -25.48 -40.72
C GLN A 241 5.39 -25.60 -39.21
N THR A 242 4.65 -26.59 -38.69
CA THR A 242 4.66 -26.89 -37.28
C THR A 242 4.86 -28.39 -37.07
N ALA A 243 4.67 -28.86 -35.84
CA ALA A 243 4.74 -30.29 -35.54
C ALA A 243 3.65 -31.10 -36.23
N GLN A 244 2.57 -30.45 -36.68
CA GLN A 244 1.48 -31.14 -37.35
C GLN A 244 1.62 -31.12 -38.87
N GLY A 245 2.79 -30.75 -39.37
CA GLY A 245 3.02 -30.73 -40.80
C GLY A 245 3.18 -29.33 -41.36
N VAL A 246 3.07 -29.25 -42.68
CA VAL A 246 3.22 -28.01 -43.41
C VAL A 246 1.83 -27.44 -43.66
N HIS A 247 1.58 -26.24 -43.16
CA HIS A 247 0.30 -25.59 -43.35
C HIS A 247 0.35 -24.67 -44.55
N LEU A 248 -0.74 -24.65 -45.31
CA LEU A 248 -0.90 -23.86 -46.53
C LEU A 248 -2.03 -22.88 -46.30
N PHE A 249 -1.80 -21.63 -46.66
CA PHE A 249 -2.82 -20.61 -46.48
C PHE A 249 -3.13 -19.92 -47.80
N SER A 250 -4.31 -19.29 -47.86
CA SER A 250 -4.72 -18.54 -49.03
C SER A 250 -5.94 -17.72 -48.66
N SER A 251 -6.19 -16.68 -49.45
CA SER A 251 -7.42 -15.93 -49.34
C SER A 251 -8.16 -16.07 -50.67
N ARG A 252 -8.82 -17.22 -50.84
CA ARG A 252 -9.66 -17.43 -52.00
C ARG A 252 -11.00 -18.03 -51.60
N TYR A 253 -10.96 -18.94 -50.62
CA TYR A 253 -12.14 -19.70 -50.23
C TYR A 253 -12.97 -19.03 -49.15
N VAL A 254 -12.42 -18.05 -48.43
CA VAL A 254 -13.15 -17.38 -47.37
C VAL A 254 -13.24 -15.90 -47.68
N ASP A 255 -12.09 -15.24 -47.75
CA ASP A 255 -12.00 -13.82 -48.07
C ASP A 255 -11.37 -13.69 -49.46
N LEU A 256 -12.14 -13.19 -50.42
CA LEU A 256 -11.65 -13.04 -51.77
C LEU A 256 -11.40 -11.59 -52.15
N TYR A 257 -12.33 -10.70 -51.80
CA TYR A 257 -12.18 -9.27 -52.01
C TYR A 257 -11.49 -8.58 -50.84
N GLY A 258 -10.95 -9.37 -49.90
CA GLY A 258 -10.21 -8.88 -48.76
C GLY A 258 -8.74 -9.19 -48.92
N GLY A 259 -8.29 -10.28 -48.31
CA GLY A 259 -6.90 -10.67 -48.35
C GLY A 259 -6.48 -11.38 -47.09
N ASN A 260 -7.37 -11.43 -46.10
CA ASN A 260 -7.11 -12.21 -44.89
C ASN A 260 -6.93 -13.68 -45.27
N MET A 261 -5.88 -14.29 -44.72
CA MET A 261 -5.44 -15.60 -45.16
C MET A 261 -5.87 -16.68 -44.18
N PHE A 262 -6.52 -17.71 -44.70
CA PHE A 262 -7.05 -18.80 -43.90
C PHE A 262 -6.44 -20.12 -44.35
N GLN A 263 -6.26 -21.03 -43.40
CA GLN A 263 -5.71 -22.34 -43.72
C GLN A 263 -6.68 -23.13 -44.57
N PHE A 264 -6.14 -23.87 -45.55
CA PHE A 264 -6.97 -24.65 -46.45
C PHE A 264 -6.35 -26.02 -46.72
N ALA A 265 -5.21 -26.30 -46.10
CA ALA A 265 -4.56 -27.59 -46.30
C ALA A 265 -3.56 -27.83 -45.19
N THR A 266 -3.20 -29.10 -45.02
CA THR A 266 -2.10 -29.52 -44.16
C THR A 266 -1.45 -30.74 -44.81
N LEU A 267 -0.13 -30.78 -44.82
CA LEU A 267 0.62 -31.78 -45.57
C LEU A 267 1.36 -32.70 -44.62
N PRO A 268 1.48 -33.98 -44.93
CA PRO A 268 2.19 -34.91 -44.04
C PRO A 268 3.70 -34.76 -44.06
N VAL A 269 4.19 -33.61 -44.52
CA VAL A 269 5.59 -33.24 -44.34
C VAL A 269 5.90 -33.06 -42.86
N TYR A 270 6.82 -33.86 -42.33
CA TYR A 270 7.32 -33.66 -40.97
C TYR A 270 8.84 -33.50 -40.90
N ASP A 271 9.52 -33.45 -42.04
CA ASP A 271 10.95 -33.09 -42.02
C ASP A 271 11.07 -31.59 -41.89
N THR A 272 12.01 -31.13 -41.07
CA THR A 272 12.12 -29.69 -40.81
C THR A 272 12.71 -28.99 -42.03
N ILE A 273 11.90 -28.18 -42.70
CA ILE A 273 12.32 -27.50 -43.92
C ILE A 273 13.32 -26.40 -43.59
N LYS A 274 14.49 -26.44 -44.23
CA LYS A 274 15.49 -25.41 -44.01
C LYS A 274 15.68 -24.51 -45.22
N TYR A 275 15.36 -24.99 -46.41
CA TYR A 275 15.60 -24.23 -47.63
C TYR A 275 14.42 -24.35 -48.57
N TYR A 276 14.34 -23.40 -49.50
CA TYR A 276 13.32 -23.40 -50.53
C TYR A 276 13.86 -22.64 -51.73
N SER A 277 13.14 -22.73 -52.84
CA SER A 277 13.51 -21.98 -54.04
C SER A 277 12.30 -21.84 -54.94
N ILE A 278 12.36 -20.85 -55.82
CA ILE A 278 11.33 -20.68 -56.83
C ILE A 278 11.64 -21.59 -58.01
N ILE A 279 10.61 -21.96 -58.76
CA ILE A 279 10.74 -22.77 -59.96
C ILE A 279 10.43 -21.88 -61.15
N PRO A 280 11.34 -21.69 -62.09
CA PRO A 280 11.05 -20.84 -63.25
C PRO A 280 10.00 -21.46 -64.15
N HIS A 281 9.27 -20.60 -64.86
CA HIS A 281 8.18 -21.03 -65.70
C HIS A 281 8.08 -20.10 -66.89
N SER A 282 8.17 -20.67 -68.10
CA SER A 282 8.10 -19.91 -69.33
C SER A 282 6.88 -20.35 -70.13
N ILE A 283 6.29 -19.42 -70.87
CA ILE A 283 5.07 -19.66 -71.63
C ILE A 283 5.44 -19.77 -73.10
N ARG A 284 5.30 -20.98 -73.65
CA ARG A 284 5.66 -21.25 -75.04
C ARG A 284 4.54 -20.81 -75.97
N SER A 285 4.33 -19.50 -76.03
CA SER A 285 3.28 -18.90 -76.84
C SER A 285 3.85 -18.41 -78.17
N ILE A 286 2.94 -18.02 -79.06
CA ILE A 286 3.33 -17.58 -80.39
C ILE A 286 3.94 -16.18 -80.31
N GLN A 287 4.99 -15.96 -81.13
CA GLN A 287 5.67 -14.67 -81.13
C GLN A 287 4.71 -13.52 -81.37
N SER A 288 3.65 -13.75 -82.15
CA SER A 288 2.63 -12.74 -82.39
C SER A 288 1.55 -12.74 -81.32
N ASP A 289 1.56 -13.70 -80.40
CA ASP A 289 0.53 -13.80 -79.35
C ASP A 289 1.24 -14.03 -78.02
N ARG A 290 1.57 -12.92 -77.34
CA ARG A 290 2.26 -12.96 -76.06
C ARG A 290 1.59 -12.00 -75.09
N LYS A 291 1.50 -12.42 -73.83
CA LYS A 291 0.88 -11.64 -72.77
C LYS A 291 1.94 -11.23 -71.76
N ALA A 292 1.51 -10.41 -70.80
CA ALA A 292 2.37 -9.97 -69.70
C ALA A 292 1.86 -10.63 -68.42
N TRP A 293 2.75 -11.31 -67.71
CA TRP A 293 2.40 -12.01 -66.48
C TRP A 293 2.85 -11.19 -65.28
N ALA A 294 1.91 -10.86 -64.41
CA ALA A 294 2.20 -10.01 -63.26
C ALA A 294 3.26 -10.65 -62.37
N ALA A 295 4.19 -9.82 -61.91
CA ALA A 295 5.20 -10.28 -60.97
C ALA A 295 4.58 -10.53 -59.61
N PHE A 296 5.13 -11.49 -58.88
CA PHE A 296 4.67 -11.80 -57.55
C PHE A 296 5.78 -11.58 -56.54
N TYR A 297 5.39 -11.21 -55.33
CA TYR A 297 6.31 -10.81 -54.28
C TYR A 297 6.24 -11.78 -53.12
N VAL A 298 7.40 -12.11 -52.55
CA VAL A 298 7.52 -13.03 -51.43
C VAL A 298 8.07 -12.27 -50.24
N TYR A 299 7.38 -12.36 -49.10
CA TYR A 299 7.79 -11.70 -47.87
C TYR A 299 7.91 -12.75 -46.76
N LYS A 300 8.99 -12.66 -45.99
CA LYS A 300 9.22 -13.62 -44.93
C LYS A 300 8.33 -13.32 -43.73
N LEU A 301 8.21 -14.31 -42.85
CA LEU A 301 7.38 -14.20 -41.65
C LEU A 301 8.27 -14.25 -40.41
N GLN A 302 7.88 -13.48 -39.39
CA GLN A 302 8.63 -13.39 -38.14
C GLN A 302 7.64 -13.44 -36.98
N PRO A 303 8.10 -13.90 -35.81
CA PRO A 303 7.22 -13.92 -34.62
C PRO A 303 7.10 -12.56 -33.94
N LEU A 304 6.18 -11.74 -34.48
CA LEU A 304 5.99 -10.39 -34.00
C LEU A 304 4.68 -10.28 -33.22
N THR A 305 4.48 -9.12 -32.60
CA THR A 305 3.24 -8.78 -31.93
C THR A 305 2.55 -7.67 -32.72
N PHE A 306 1.31 -7.90 -33.10
CA PHE A 306 0.56 -6.95 -33.91
C PHE A 306 -0.65 -6.45 -33.13
N LEU A 307 -1.18 -5.32 -33.57
CA LEU A 307 -2.46 -4.82 -33.07
C LEU A 307 -3.45 -4.95 -34.23
N LEU A 308 -4.47 -5.78 -34.06
CA LEU A 308 -5.41 -6.08 -35.11
C LEU A 308 -6.77 -5.48 -34.80
N ASP A 309 -7.44 -4.96 -35.83
CA ASP A 309 -8.78 -4.40 -35.70
C ASP A 309 -9.75 -5.33 -36.41
N PHE A 310 -10.59 -6.04 -35.65
CA PHE A 310 -11.62 -6.89 -36.20
C PHE A 310 -12.93 -6.10 -36.33
N SER A 311 -13.51 -6.14 -37.52
CA SER A 311 -14.75 -5.44 -37.80
C SER A 311 -15.94 -6.30 -37.37
N VAL A 312 -17.16 -5.82 -37.65
CA VAL A 312 -18.35 -6.55 -37.24
C VAL A 312 -18.43 -7.90 -37.95
N ASP A 313 -18.11 -7.94 -39.24
CA ASP A 313 -18.13 -9.21 -39.97
C ASP A 313 -16.91 -10.07 -39.68
N GLY A 314 -16.04 -9.65 -38.77
CA GLY A 314 -14.94 -10.47 -38.32
C GLY A 314 -13.67 -10.41 -39.14
N TYR A 315 -13.59 -9.53 -40.14
CA TYR A 315 -12.43 -9.46 -41.00
C TYR A 315 -11.48 -8.37 -40.50
N ILE A 316 -10.19 -8.61 -40.74
CA ILE A 316 -9.14 -7.70 -40.29
C ILE A 316 -8.87 -6.70 -41.41
N ARG A 317 -9.33 -5.47 -41.23
CA ARG A 317 -9.13 -4.44 -42.24
C ARG A 317 -7.92 -3.57 -41.97
N ARG A 318 -7.43 -3.54 -40.73
CA ARG A 318 -6.23 -2.77 -40.44
C ARG A 318 -5.52 -3.34 -39.22
N ALA A 319 -4.21 -3.13 -39.21
CA ALA A 319 -3.33 -3.62 -38.17
C ALA A 319 -2.21 -2.61 -37.94
N ILE A 320 -1.41 -2.86 -36.90
CA ILE A 320 -0.27 -2.02 -36.55
C ILE A 320 0.86 -2.93 -36.12
N ASP A 321 2.02 -2.77 -36.73
CA ASP A 321 3.23 -3.51 -36.36
C ASP A 321 3.85 -2.80 -35.16
N CYS A 322 3.85 -3.47 -34.01
CA CYS A 322 4.17 -2.79 -32.76
C CYS A 322 5.64 -2.43 -32.67
N GLY A 323 6.48 -3.02 -33.51
CA GLY A 323 7.91 -2.77 -33.43
C GLY A 323 8.47 -1.97 -34.59
N PHE A 324 7.60 -1.28 -35.33
CA PHE A 324 8.05 -0.55 -36.51
C PHE A 324 8.73 0.75 -36.10
N ASN A 325 8.01 1.64 -35.43
CA ASN A 325 8.60 2.87 -34.92
C ASN A 325 8.02 3.22 -33.55
N ASP A 326 8.25 4.44 -33.09
CA ASP A 326 7.84 4.80 -31.74
C ASP A 326 6.34 5.06 -31.67
N LEU A 327 5.75 5.64 -32.73
CA LEU A 327 4.32 5.84 -32.76
C LEU A 327 3.57 4.52 -32.71
N SER A 328 4.10 3.50 -33.40
CA SER A 328 3.49 2.17 -33.35
C SER A 328 3.56 1.59 -31.94
N GLN A 329 4.69 1.77 -31.25
CA GLN A 329 4.79 1.29 -29.88
C GLN A 329 3.82 2.01 -28.97
N LEU A 330 3.60 3.32 -29.20
CA LEU A 330 2.57 4.04 -28.45
C LEU A 330 1.20 3.46 -28.71
N HIS A 331 0.86 3.22 -29.98
CA HIS A 331 -0.45 2.68 -30.32
C HIS A 331 -0.68 1.32 -29.66
N CYS A 332 0.34 0.46 -29.68
CA CYS A 332 0.19 -0.86 -29.09
C CYS A 332 0.18 -0.82 -27.56
N SER A 333 0.88 0.13 -26.95
CA SER A 333 0.87 0.24 -25.50
C SER A 333 -0.53 0.53 -24.98
N TYR A 334 -1.25 1.44 -25.65
CA TYR A 334 -2.64 1.73 -25.33
C TYR A 334 -3.61 0.82 -26.04
N GLU A 335 -3.11 -0.06 -26.91
CA GLU A 335 -3.90 -0.94 -27.77
C GLU A 335 -5.14 -0.24 -28.31
N SER A 336 -4.88 0.89 -28.97
CA SER A 336 -5.90 1.65 -29.64
C SER A 336 -5.31 2.28 -30.90
N PHE A 337 -6.18 2.63 -31.84
CA PHE A 337 -5.77 3.30 -33.06
C PHE A 337 -5.81 4.81 -32.94
N ASP A 338 -6.15 5.34 -31.77
CA ASP A 338 -6.20 6.77 -31.52
C ASP A 338 -5.55 7.04 -30.18
N VAL A 339 -4.43 7.76 -30.19
CA VAL A 339 -3.64 8.05 -29.00
C VAL A 339 -3.74 9.55 -28.76
N GLU A 340 -4.01 9.94 -27.52
CA GLU A 340 -4.15 11.35 -27.18
C GLU A 340 -2.83 12.07 -27.33
N SER A 341 -2.91 13.38 -27.59
CA SER A 341 -1.73 14.21 -27.73
C SER A 341 -0.96 14.30 -26.42
N GLY A 342 0.34 14.46 -26.53
CA GLY A 342 1.19 14.58 -25.36
C GLY A 342 2.64 14.30 -25.71
N VAL A 343 3.46 14.19 -24.67
CA VAL A 343 4.87 13.84 -24.79
C VAL A 343 5.07 12.52 -24.09
N TYR A 344 5.57 11.52 -24.82
CA TYR A 344 5.60 10.14 -24.34
C TYR A 344 7.02 9.64 -24.31
N SER A 345 7.42 9.05 -23.19
CA SER A 345 8.69 8.36 -23.11
C SER A 345 8.62 7.03 -23.86
N VAL A 346 9.65 6.78 -24.67
CA VAL A 346 9.74 5.58 -25.50
C VAL A 346 11.09 4.92 -25.25
N SER A 347 11.35 3.85 -25.99
CA SER A 347 12.58 3.08 -25.80
C SER A 347 13.79 3.87 -26.25
N SER A 348 14.87 3.77 -25.48
CA SER A 348 16.07 4.56 -25.68
C SER A 348 17.08 3.81 -26.55
N PHE A 349 17.97 4.58 -27.16
CA PHE A 349 19.06 4.02 -27.95
C PHE A 349 20.18 3.55 -27.04
N GLU A 350 20.81 2.45 -27.42
CA GLU A 350 21.92 1.87 -26.67
C GLU A 350 23.17 1.91 -27.52
N ALA A 351 24.28 2.32 -26.91
CA ALA A 351 25.54 2.42 -27.62
C ALA A 351 26.00 1.06 -28.10
N LYS A 352 26.56 1.02 -29.30
CA LYS A 352 27.00 -0.23 -29.90
C LYS A 352 28.45 -0.50 -29.53
N PRO A 353 28.80 -1.71 -29.08
CA PRO A 353 30.20 -1.99 -28.72
C PRO A 353 31.10 -1.90 -29.95
N SER A 354 32.02 -0.95 -29.93
CA SER A 354 32.89 -0.69 -31.07
C SER A 354 33.93 -1.79 -31.23
N GLY A 355 34.78 -1.97 -30.22
CA GLY A 355 35.81 -2.98 -30.26
C GLY A 355 35.69 -3.99 -29.13
N SER A 356 36.78 -4.72 -28.92
CA SER A 356 36.87 -5.69 -27.84
C SER A 356 38.25 -5.57 -27.18
N VAL A 357 38.31 -5.96 -25.91
CA VAL A 357 39.53 -5.90 -25.12
C VAL A 357 39.62 -7.19 -24.32
N VAL A 358 40.79 -7.84 -24.37
CA VAL A 358 41.03 -9.05 -23.59
C VAL A 358 42.33 -8.88 -22.83
N GLU A 359 42.55 -9.74 -21.80
CA GLU A 359 43.83 -9.80 -21.02
C GLU A 359 44.04 -11.25 -20.53
N GLN A 360 45.30 -11.78 -20.44
CA GLN A 360 45.56 -13.23 -20.09
C GLN A 360 47.03 -13.56 -19.82
N ALA A 361 47.46 -14.84 -19.94
CA ALA A 361 48.86 -15.30 -19.68
C ALA A 361 49.22 -16.46 -20.63
N ALA A 574 46.80 -8.62 -29.19
CA ALA A 574 47.67 -7.92 -30.16
C ALA A 574 47.65 -6.42 -29.87
N ASN A 575 46.85 -5.66 -30.62
CA ASN A 575 46.71 -4.20 -30.40
C ASN A 575 45.23 -3.87 -30.53
N ASP A 576 44.48 -4.73 -31.20
CA ASP A 576 43.01 -4.54 -31.34
C ASP A 576 42.37 -4.88 -30.00
N THR A 577 42.84 -5.94 -29.35
CA THR A 577 42.29 -6.37 -28.04
C THR A 577 43.09 -5.73 -26.90
N LYS A 578 43.49 -4.47 -27.06
CA LYS A 578 44.31 -3.78 -26.04
C LYS A 578 43.51 -2.64 -25.41
N ILE A 579 43.66 -2.44 -24.10
CA ILE A 579 42.98 -1.36 -23.39
C ILE A 579 43.38 -0.01 -23.96
N ALA A 580 44.67 0.20 -24.17
CA ALA A 580 45.14 1.41 -24.84
C ALA A 580 44.70 1.39 -26.30
N SER A 581 44.63 2.58 -26.90
CA SER A 581 44.11 2.77 -28.25
C SER A 581 42.62 2.43 -28.33
N GLN A 582 41.96 2.37 -27.17
CA GLN A 582 40.53 2.19 -27.13
C GLN A 582 39.85 3.09 -26.10
N LEU A 583 40.54 4.10 -25.57
CA LEU A 583 39.98 4.93 -24.53
C LEU A 583 38.93 5.87 -25.10
N GLY A 584 37.69 5.71 -24.64
CA GLY A 584 36.58 6.52 -25.10
C GLY A 584 35.53 5.75 -25.88
N ASN A 585 35.81 4.50 -26.25
CA ASN A 585 34.88 3.69 -27.01
C ASN A 585 34.22 2.66 -26.10
N CYS A 586 32.94 2.40 -26.35
CA CYS A 586 32.23 1.33 -25.67
C CYS A 586 32.72 -0.01 -26.22
N VAL A 587 33.41 -0.78 -25.39
CA VAL A 587 33.98 -2.05 -25.80
C VAL A 587 33.56 -3.15 -24.84
N GLU A 588 33.51 -4.37 -25.36
CA GLU A 588 33.47 -5.55 -24.53
C GLU A 588 34.84 -5.78 -23.91
N TYR A 589 34.85 -6.30 -22.68
CA TYR A 589 36.10 -6.56 -22.00
C TYR A 589 36.01 -7.91 -21.29
N SER A 590 37.17 -8.57 -21.18
CA SER A 590 37.35 -9.81 -20.44
C SER A 590 38.77 -9.75 -19.84
N LEU A 591 38.82 -9.38 -18.56
CA LEU A 591 40.08 -9.19 -17.85
C LEU A 591 40.18 -10.24 -16.75
N TYR A 592 41.09 -11.20 -16.93
CA TYR A 592 41.41 -12.22 -15.92
C TYR A 592 40.14 -12.89 -15.38
N GLY A 593 39.21 -13.18 -16.28
CA GLY A 593 38.00 -13.88 -15.92
C GLY A 593 36.84 -13.01 -15.50
N VAL A 594 36.96 -11.69 -15.62
CA VAL A 594 35.87 -10.77 -15.31
C VAL A 594 35.48 -10.10 -16.61
N SER A 595 34.24 -10.28 -17.03
CA SER A 595 33.80 -9.85 -18.35
C SER A 595 32.61 -8.91 -18.26
N GLY A 596 32.50 -8.04 -19.26
CA GLY A 596 31.40 -7.10 -19.32
C GLY A 596 31.54 -6.16 -20.49
N ARG A 597 30.89 -5.00 -20.38
CA ARG A 597 30.92 -4.01 -21.46
C ARG A 597 30.99 -2.63 -20.83
N GLY A 598 31.90 -1.80 -21.31
CA GLY A 598 32.03 -0.48 -20.72
C GLY A 598 32.99 0.38 -21.50
N VAL A 599 33.33 1.52 -20.89
CA VAL A 599 34.22 2.52 -21.48
C VAL A 599 35.38 2.73 -20.51
N PHE A 600 36.60 2.51 -20.98
CA PHE A 600 37.77 2.71 -20.14
C PHE A 600 38.31 4.12 -20.30
N GLN A 601 39.01 4.58 -19.27
CA GLN A 601 39.57 5.93 -19.29
C GLN A 601 40.80 5.97 -18.39
N ASN A 602 41.66 6.96 -18.63
CA ASN A 602 42.88 7.13 -17.86
C ASN A 602 42.63 8.06 -16.67
N CYS A 603 43.02 7.61 -15.48
CA CYS A 603 42.78 8.39 -14.27
C CYS A 603 43.84 8.04 -13.22
N THR A 604 43.90 8.88 -12.18
CA THR A 604 44.85 8.65 -11.10
C THR A 604 44.48 7.40 -10.32
N ALA A 605 45.50 6.65 -9.91
CA ALA A 605 45.29 5.35 -9.29
C ALA A 605 44.64 5.49 -7.91
N VAL A 606 43.74 4.56 -7.60
CA VAL A 606 43.15 4.45 -6.27
C VAL A 606 43.12 2.97 -5.91
N GLY A 607 42.81 2.69 -4.66
CA GLY A 607 42.82 1.32 -4.18
C GLY A 607 44.23 0.77 -4.05
N VAL A 608 44.31 -0.54 -3.87
CA VAL A 608 45.60 -1.21 -3.75
C VAL A 608 45.90 -1.95 -5.04
N ARG A 609 47.14 -1.80 -5.51
CA ARG A 609 47.52 -2.27 -6.83
C ARG A 609 47.43 -3.79 -6.97
N GLN A 610 47.84 -4.53 -5.93
CA GLN A 610 47.92 -5.98 -6.05
C GLN A 610 46.56 -6.62 -6.29
N GLN A 611 45.49 -5.98 -5.83
CA GLN A 611 44.12 -6.39 -6.14
C GLN A 611 43.54 -5.62 -7.31
N ARG A 612 43.97 -5.91 -8.54
CA ARG A 612 43.74 -5.07 -9.71
C ARG A 612 42.31 -4.54 -9.86
N PHE A 613 41.32 -5.34 -9.47
CA PHE A 613 39.93 -4.94 -9.64
C PHE A 613 39.49 -4.02 -8.52
N VAL A 614 39.07 -2.81 -8.88
CA VAL A 614 38.56 -1.82 -7.93
C VAL A 614 37.04 -1.80 -8.07
N TYR A 615 36.34 -2.10 -7.00
CA TYR A 615 34.89 -2.11 -7.00
C TYR A 615 34.36 -0.88 -6.27
N ASP A 616 33.04 -0.72 -6.28
CA ASP A 616 32.39 0.33 -5.51
C ASP A 616 31.48 -0.28 -4.46
N ALA A 617 30.68 0.54 -3.78
CA ALA A 617 29.87 0.05 -2.67
C ALA A 617 28.93 -1.07 -3.10
N TYR A 618 28.38 -0.98 -4.30
CA TYR A 618 27.32 -1.89 -4.74
C TYR A 618 27.81 -2.90 -5.76
N GLN A 619 29.06 -3.36 -5.59
CA GLN A 619 29.63 -4.46 -6.35
C GLN A 619 29.60 -4.19 -7.86
N ASN A 620 30.05 -3.00 -8.24
CA ASN A 620 30.23 -2.63 -9.64
C ASN A 620 31.69 -2.30 -9.87
N LEU A 621 32.28 -2.90 -10.89
CA LEU A 621 33.68 -2.62 -11.22
C LEU A 621 33.81 -1.19 -11.74
N VAL A 622 34.73 -0.44 -11.14
CA VAL A 622 34.89 0.98 -11.48
C VAL A 622 36.35 1.31 -11.74
N GLY A 623 37.23 0.31 -11.66
CA GLY A 623 38.64 0.55 -11.88
C GLY A 623 39.36 -0.74 -12.22
N TYR A 624 40.51 -0.58 -12.86
CA TYR A 624 41.29 -1.74 -13.28
C TYR A 624 42.76 -1.36 -13.39
N TYR A 625 43.63 -2.19 -12.83
CA TYR A 625 45.07 -2.02 -12.93
C TYR A 625 45.58 -2.90 -14.07
N SER A 626 45.91 -2.26 -15.19
CA SER A 626 46.29 -2.99 -16.39
C SER A 626 47.73 -3.50 -16.29
N ASP A 627 48.02 -4.52 -17.10
CA ASP A 627 49.38 -5.02 -17.21
C ASP A 627 50.36 -3.99 -17.77
N ASP A 628 49.87 -3.02 -18.54
CA ASP A 628 50.74 -1.99 -19.08
C ASP A 628 51.28 -1.04 -18.02
N GLY A 629 50.73 -1.09 -16.80
CA GLY A 629 51.20 -0.23 -15.73
C GLY A 629 50.41 1.05 -15.61
N ASN A 630 49.11 1.00 -15.94
CA ASN A 630 48.24 2.14 -15.83
C ASN A 630 46.97 1.74 -15.08
N TYR A 631 46.34 2.73 -14.45
CA TYR A 631 45.06 2.54 -13.79
C TYR A 631 43.98 3.16 -14.66
N TYR A 632 42.96 2.38 -14.98
CA TYR A 632 41.88 2.82 -15.85
C TYR A 632 40.56 2.82 -15.10
N CYS A 633 39.89 3.96 -15.10
CA CYS A 633 38.50 4.03 -14.67
C CYS A 633 37.63 3.29 -15.65
N LEU A 634 36.68 2.53 -15.14
CA LEU A 634 35.75 1.76 -15.96
C LEU A 634 34.35 2.32 -15.75
N ARG A 635 33.68 2.61 -16.86
CA ARG A 635 32.32 3.15 -16.82
C ARG A 635 31.36 2.14 -17.44
N ALA A 636 30.10 2.50 -17.56
CA ALA A 636 29.14 1.67 -18.27
C ALA A 636 28.74 2.41 -19.53
N CYS A 637 28.48 1.67 -20.60
CA CYS A 637 28.03 2.31 -21.83
C CYS A 637 26.64 2.91 -21.59
N VAL A 638 26.43 4.13 -22.04
CA VAL A 638 25.26 4.88 -21.62
C VAL A 638 24.23 4.98 -22.73
N SER A 639 22.96 4.86 -22.37
CA SER A 639 21.87 4.93 -23.31
C SER A 639 21.49 6.38 -23.60
N VAL A 640 20.89 6.59 -24.77
CA VAL A 640 20.39 7.91 -25.14
C VAL A 640 18.87 7.91 -25.00
N PRO A 641 18.31 8.62 -24.04
CA PRO A 641 16.86 8.59 -23.84
C PRO A 641 16.10 9.24 -24.98
N VAL A 642 14.92 8.71 -25.30
CA VAL A 642 14.12 9.16 -26.43
C VAL A 642 12.69 9.37 -25.97
N SER A 643 12.07 10.43 -26.48
CA SER A 643 10.65 10.69 -26.24
C SER A 643 10.04 11.22 -27.53
N VAL A 644 8.73 11.08 -27.66
CA VAL A 644 8.01 11.48 -28.87
C VAL A 644 6.99 12.54 -28.52
N ILE A 645 7.03 13.65 -29.24
CA ILE A 645 6.05 14.74 -29.10
C ILE A 645 5.00 14.47 -30.17
N TYR A 646 3.78 14.25 -29.75
CA TYR A 646 2.72 13.85 -30.67
C TYR A 646 1.52 14.77 -30.57
N ASP A 647 1.12 15.32 -31.72
CA ASP A 647 -0.15 16.03 -31.86
C ASP A 647 -1.10 15.14 -32.63
N LYS A 648 -2.27 14.89 -32.04
CA LYS A 648 -3.23 13.94 -32.57
C LYS A 648 -4.06 14.52 -33.71
N GLU A 649 -4.71 15.65 -33.47
CA GLU A 649 -5.70 16.15 -34.43
C GLU A 649 -5.06 16.66 -35.72
N THR A 650 -3.73 16.68 -35.79
CA THR A 650 -3.01 16.90 -37.05
C THR A 650 -2.08 15.76 -37.40
N LYS A 651 -1.97 14.74 -36.56
CA LYS A 651 -1.13 13.56 -36.82
C LYS A 651 0.32 13.96 -37.08
N THR A 652 0.84 14.84 -36.23
CA THR A 652 2.20 15.31 -36.38
C THR A 652 3.05 14.85 -35.20
N HIS A 653 4.35 14.75 -35.41
CA HIS A 653 5.23 14.19 -34.38
C HIS A 653 6.63 14.78 -34.53
N ALA A 654 7.29 14.96 -33.39
CA ALA A 654 8.72 15.25 -33.33
C ALA A 654 9.39 14.33 -32.32
N THR A 655 10.71 14.35 -32.28
CA THR A 655 11.49 13.48 -31.40
C THR A 655 12.34 14.34 -30.48
N LEU A 656 12.25 14.08 -29.17
CA LEU A 656 13.07 14.77 -28.20
C LEU A 656 14.08 13.78 -27.62
N PHE A 657 15.36 14.14 -27.65
CA PHE A 657 16.41 13.23 -27.20
C PHE A 657 16.90 13.60 -25.81
N GLY A 658 16.11 13.22 -24.81
CA GLY A 658 16.49 13.33 -23.41
C GLY A 658 17.18 14.62 -23.05
N SER A 659 18.44 14.51 -22.63
CA SER A 659 19.27 15.67 -22.29
C SER A 659 20.61 15.58 -23.00
N VAL A 660 20.59 15.29 -24.29
CA VAL A 660 21.80 15.15 -25.10
C VAL A 660 21.97 16.41 -25.95
N ALA A 661 23.21 16.63 -26.43
CA ALA A 661 23.58 17.93 -26.97
C ALA A 661 23.69 17.96 -28.49
N CYS A 662 23.05 17.00 -29.18
CA CYS A 662 22.88 17.03 -30.62
C CYS A 662 24.16 16.75 -31.40
N GLU A 663 25.30 16.69 -30.71
CA GLU A 663 26.53 16.23 -31.34
C GLU A 663 26.64 14.71 -31.35
N HIS A 664 25.97 14.04 -30.42
CA HIS A 664 26.00 12.59 -30.34
C HIS A 664 24.91 11.92 -31.16
N ILE A 665 23.99 12.68 -31.74
CA ILE A 665 22.88 12.09 -32.49
C ILE A 665 23.05 12.39 -33.97
N SER A 666 22.51 11.50 -34.80
CA SER A 666 22.58 11.60 -36.25
C SER A 666 21.18 11.36 -36.83
N SER A 667 21.00 11.72 -38.10
CA SER A 667 19.74 11.49 -38.78
C SER A 667 19.41 10.01 -38.94
N THR A 668 20.39 9.12 -38.75
CA THR A 668 20.16 7.69 -38.80
C THR A 668 20.47 6.97 -37.49
N MET A 669 21.31 7.56 -36.62
CA MET A 669 21.65 6.96 -35.34
C MET A 669 22.26 5.57 -35.52
N SER A 670 23.03 5.43 -36.61
CA SER A 670 23.62 4.15 -36.96
C SER A 670 24.67 3.66 -35.97
N GLN A 671 25.25 4.56 -35.17
CA GLN A 671 26.23 4.15 -34.18
C GLN A 671 25.61 3.60 -32.91
N TYR A 672 24.29 3.73 -32.75
CA TYR A 672 23.57 3.15 -31.63
C TYR A 672 22.71 1.99 -32.12
N SER A 673 22.01 1.36 -31.20
CA SER A 673 21.15 0.23 -31.53
C SER A 673 19.99 0.18 -30.53
N ARG A 674 18.80 -0.17 -31.02
CA ARG A 674 17.64 -0.38 -30.17
C ARG A 674 16.68 -1.33 -30.86
N SER A 675 15.69 -1.80 -30.10
CA SER A 675 14.77 -2.82 -30.60
C SER A 675 13.84 -2.26 -31.67
N THR A 676 13.42 -1.01 -31.51
CA THR A 676 12.58 -0.36 -32.51
C THR A 676 13.28 -0.34 -33.86
N ARG A 677 12.55 -0.73 -34.90
CA ARG A 677 13.19 -1.04 -36.18
C ARG A 677 13.61 0.23 -36.93
N SER A 678 12.86 1.31 -36.77
CA SER A 678 13.13 2.51 -37.56
C SER A 678 12.69 3.76 -36.80
N MET A 679 13.27 4.89 -37.20
CA MET A 679 12.95 6.19 -36.63
C MET A 679 11.71 6.78 -37.32
N LEU A 680 11.21 7.87 -36.76
CA LEU A 680 10.07 8.55 -37.35
C LEU A 680 10.44 9.14 -38.71
N LYS A 681 9.43 9.36 -39.55
CA LYS A 681 9.62 9.65 -40.96
C LYS A 681 10.50 10.87 -41.21
N ARG A 682 10.16 12.01 -40.62
CA ARG A 682 10.99 13.21 -40.67
C ARG A 682 11.25 13.64 -42.12
N ARG A 683 10.19 14.11 -42.77
CA ARG A 683 10.18 14.27 -44.22
C ARG A 683 11.01 15.47 -44.65
N ASP A 684 10.81 15.89 -45.90
CA ASP A 684 11.71 16.69 -46.75
C ASP A 684 12.41 17.79 -45.95
N SER A 685 11.78 18.37 -44.93
CA SER A 685 12.42 19.41 -44.12
C SER A 685 13.83 19.03 -43.70
N THR A 686 13.94 17.98 -42.90
CA THR A 686 15.19 17.27 -42.57
C THR A 686 16.38 18.21 -42.35
N TYR A 687 16.12 19.37 -41.75
CA TYR A 687 17.23 20.22 -41.35
C TYR A 687 17.99 19.60 -40.18
N GLY A 688 19.07 20.26 -39.80
CA GLY A 688 19.91 19.77 -38.72
C GLY A 688 19.14 19.71 -37.41
N PRO A 689 19.66 18.93 -36.47
CA PRO A 689 19.01 18.84 -35.15
C PRO A 689 18.95 20.18 -34.45
N LEU A 690 17.84 20.45 -33.76
CA LEU A 690 17.71 21.70 -33.03
C LEU A 690 18.10 21.51 -31.57
N GLN A 691 18.91 22.44 -31.05
CA GLN A 691 19.35 22.39 -29.67
C GLN A 691 18.43 23.25 -28.82
N THR A 692 17.90 22.68 -27.75
CA THR A 692 16.93 23.32 -26.88
C THR A 692 17.43 23.25 -25.45
N PRO A 693 16.89 24.10 -24.56
CA PRO A 693 17.27 23.99 -23.15
C PRO A 693 16.93 22.64 -22.53
N VAL A 694 16.04 21.86 -23.15
CA VAL A 694 15.68 20.56 -22.59
C VAL A 694 16.42 19.44 -23.29
N GLY A 695 16.99 19.72 -24.45
CA GLY A 695 17.72 18.70 -25.17
C GLY A 695 17.64 18.91 -26.67
N CYS A 696 18.20 17.95 -27.41
CA CYS A 696 18.20 18.01 -28.86
C CYS A 696 16.87 17.49 -29.41
N VAL A 697 16.25 18.27 -30.29
CA VAL A 697 14.94 17.93 -30.83
C VAL A 697 15.05 17.80 -32.34
N LEU A 698 14.26 16.88 -32.90
CA LEU A 698 14.25 16.54 -34.31
C LEU A 698 12.83 16.71 -34.82
N GLY A 699 12.65 17.57 -35.82
CA GLY A 699 11.34 17.86 -36.33
C GLY A 699 10.68 19.11 -35.77
N LEU A 700 11.47 20.04 -35.24
CA LEU A 700 10.98 21.30 -34.74
C LEU A 700 11.67 22.44 -35.47
N VAL A 701 10.94 23.52 -35.69
CA VAL A 701 11.48 24.72 -36.32
C VAL A 701 11.52 25.83 -35.28
N ASN A 702 12.68 26.48 -35.14
CA ASN A 702 12.81 27.59 -34.21
C ASN A 702 11.89 28.71 -34.63
N SER A 703 10.94 29.07 -33.77
CA SER A 703 9.86 29.96 -34.18
C SER A 703 9.98 31.34 -33.55
N SER A 704 10.50 31.41 -32.33
CA SER A 704 10.60 32.66 -31.58
C SER A 704 9.24 33.32 -31.41
N LEU A 705 8.22 32.49 -31.20
CA LEU A 705 6.88 32.93 -30.87
C LEU A 705 6.70 32.82 -29.35
N PHE A 706 5.58 33.37 -28.87
CA PHE A 706 5.21 33.24 -27.47
C PHE A 706 3.75 32.84 -27.38
N VAL A 707 3.42 32.08 -26.33
CA VAL A 707 2.05 31.61 -26.14
C VAL A 707 1.67 31.86 -24.69
N GLU A 708 0.36 31.85 -24.42
CA GLU A 708 -0.11 31.94 -23.04
C GLU A 708 -0.22 30.55 -22.43
N ASP A 709 -0.54 29.55 -23.23
CA ASP A 709 -0.60 28.16 -22.79
C ASP A 709 -0.42 27.27 -24.00
N CYS A 710 0.03 26.03 -23.76
CA CYS A 710 0.19 25.05 -24.81
C CYS A 710 -0.34 23.70 -24.34
N LYS A 711 -0.68 22.85 -25.31
CA LYS A 711 -1.21 21.53 -24.97
C LYS A 711 -0.08 20.52 -24.77
N LEU A 712 1.08 20.75 -25.35
CA LEU A 712 2.23 19.88 -25.17
C LEU A 712 3.44 20.71 -24.75
N PRO A 713 3.71 20.83 -23.45
CA PRO A 713 4.91 21.52 -22.99
C PRO A 713 6.13 20.62 -22.94
N LEU A 714 7.21 21.07 -23.57
CA LEU A 714 8.43 20.29 -23.66
C LEU A 714 9.22 20.33 -22.36
N GLY A 715 9.19 21.47 -21.67
CA GLY A 715 9.91 21.62 -20.43
C GLY A 715 10.60 22.96 -20.33
N GLN A 716 10.55 23.48 -19.12
CA GLN A 716 11.20 24.68 -18.58
C GLN A 716 10.64 26.01 -19.08
N SER A 717 10.24 26.12 -20.34
CA SER A 717 9.25 27.12 -20.74
C SER A 717 8.67 26.75 -22.09
N LEU A 718 8.98 25.57 -22.58
CA LEU A 718 8.95 25.32 -24.01
C LEU A 718 7.70 24.57 -24.40
N CYS A 719 7.18 24.90 -25.58
CA CYS A 719 6.00 24.26 -26.13
C CYS A 719 6.27 23.87 -27.57
N ALA A 720 5.62 22.80 -27.99
CA ALA A 720 5.56 22.40 -29.39
C ALA A 720 4.24 22.93 -29.93
N LEU A 721 4.32 23.88 -30.85
CA LEU A 721 3.14 24.46 -31.47
C LEU A 721 2.90 23.75 -32.78
N PRO A 722 1.86 22.92 -32.89
CA PRO A 722 1.57 22.28 -34.18
C PRO A 722 1.09 23.30 -35.20
N ASP A 723 1.37 23.01 -36.47
CA ASP A 723 0.96 23.89 -37.57
C ASP A 723 -0.51 23.65 -37.88
N THR A 724 -1.36 24.00 -36.91
CA THR A 724 -2.80 23.86 -37.12
C THR A 724 -3.30 24.99 -38.03
N PRO A 725 -4.37 24.73 -38.80
CA PRO A 725 -4.97 25.74 -39.68
C PRO A 725 -5.35 27.02 -38.94
N VAL A 736 -1.53 20.04 -46.41
CA VAL A 736 -0.60 19.29 -45.58
C VAL A 736 -0.09 20.18 -44.43
N PRO A 737 -0.34 19.76 -43.20
CA PRO A 737 0.20 20.50 -42.05
C PRO A 737 1.72 20.48 -42.05
N GLY A 738 2.31 21.62 -41.68
CA GLY A 738 3.75 21.77 -41.66
C GLY A 738 4.38 21.16 -40.42
N GLU A 739 5.66 21.42 -40.26
CA GLU A 739 6.37 20.92 -39.09
C GLU A 739 6.00 21.72 -37.86
N MET A 740 6.09 21.07 -36.70
CA MET A 740 5.82 21.75 -35.44
C MET A 740 6.87 22.82 -35.19
N ARG A 741 6.48 23.84 -34.42
CA ARG A 741 7.35 24.96 -34.12
C ARG A 741 7.72 24.92 -32.64
N LEU A 742 8.89 25.44 -32.29
CA LEU A 742 9.34 25.48 -30.90
C LEU A 742 9.03 26.87 -30.36
N ALA A 743 7.98 26.98 -29.56
CA ALA A 743 7.59 28.25 -28.98
C ALA A 743 7.93 28.24 -27.48
N SER A 744 7.77 29.38 -26.81
CA SER A 744 8.06 29.46 -25.39
C SER A 744 6.84 30.05 -24.69
N ILE A 745 6.65 29.67 -23.43
CA ILE A 745 5.57 30.24 -22.63
C ILE A 745 5.98 31.63 -22.15
N ALA A 746 5.11 32.60 -22.35
CA ALA A 746 5.36 33.96 -21.92
C ALA A 746 4.60 34.24 -20.62
N PHE A 747 5.23 35.04 -19.77
CA PHE A 747 4.64 35.41 -18.49
C PHE A 747 3.69 36.57 -18.72
N ASN A 748 2.46 36.44 -18.26
CA ASN A 748 1.45 37.48 -18.45
C ASN A 748 1.61 38.52 -17.34
N HIS A 749 2.18 39.66 -17.68
CA HIS A 749 2.44 40.69 -16.69
C HIS A 749 1.13 41.29 -16.19
N PRO A 750 0.97 41.45 -14.88
CA PRO A 750 -0.20 42.14 -14.36
C PRO A 750 -0.15 43.64 -14.66
N ILE A 751 -1.30 44.29 -14.46
CA ILE A 751 -1.40 45.73 -14.65
C ILE A 751 -0.41 46.41 -13.71
N GLN A 752 0.47 47.23 -14.27
CA GLN A 752 1.51 47.89 -13.49
C GLN A 752 1.03 49.26 -13.04
N VAL A 753 1.08 49.49 -11.73
CA VAL A 753 0.69 50.77 -11.13
C VAL A 753 1.91 51.28 -10.37
N ASP A 754 2.33 52.50 -10.69
CA ASP A 754 3.53 53.05 -10.09
C ASP A 754 3.22 53.82 -8.82
N GLN A 755 4.19 53.86 -7.91
CA GLN A 755 4.05 54.60 -6.66
C GLN A 755 4.40 56.07 -6.87
N LEU A 756 3.61 56.93 -6.24
CA LEU A 756 3.89 58.35 -6.24
C LEU A 756 4.86 58.70 -5.12
N ASN A 757 5.46 59.89 -5.23
CA ASN A 757 6.43 60.36 -4.26
C ASN A 757 5.84 61.48 -3.41
N SER A 758 4.51 61.48 -3.28
CA SER A 758 3.81 62.57 -2.62
C SER A 758 2.84 62.05 -1.57
N SER A 759 1.98 62.92 -1.05
CA SER A 759 0.94 62.50 -0.12
C SER A 759 -0.29 61.95 -0.83
N TYR A 760 -0.24 61.85 -2.15
CA TYR A 760 -1.26 61.18 -2.94
C TYR A 760 -0.84 59.75 -3.22
N PHE A 761 -1.77 58.96 -3.74
CA PHE A 761 -1.38 57.66 -4.25
C PHE A 761 -2.22 57.31 -5.47
N LYS A 762 -1.63 56.53 -6.37
CA LYS A 762 -2.34 56.11 -7.56
C LYS A 762 -3.25 54.93 -7.24
N LEU A 763 -4.48 54.99 -7.74
CA LEU A 763 -5.47 53.96 -7.49
C LEU A 763 -5.93 53.39 -8.82
N SER A 764 -5.90 52.07 -8.94
CA SER A 764 -6.38 51.37 -10.12
C SER A 764 -7.74 50.79 -9.83
N ILE A 765 -8.76 51.25 -10.54
CA ILE A 765 -10.13 50.91 -10.20
C ILE A 765 -10.90 50.54 -11.47
N PRO A 766 -11.74 49.51 -11.42
CA PRO A 766 -12.50 49.12 -12.62
C PRO A 766 -13.60 50.12 -12.97
N THR A 767 -13.94 50.14 -14.26
CA THR A 767 -15.05 50.95 -14.75
C THR A 767 -16.07 50.08 -15.47
N ASN A 768 -15.88 48.77 -15.41
CA ASN A 768 -16.79 47.80 -16.01
C ASN A 768 -16.59 46.48 -15.29
N PHE A 769 -17.58 45.59 -15.44
CA PHE A 769 -17.50 44.32 -14.74
C PHE A 769 -18.32 43.28 -15.49
N SER A 770 -18.22 42.04 -15.01
CA SER A 770 -19.01 40.95 -15.52
C SER A 770 -19.15 39.91 -14.42
N PHE A 771 -20.06 38.97 -14.62
CA PHE A 771 -20.21 37.84 -13.73
C PHE A 771 -19.60 36.60 -14.37
N GLY A 772 -19.12 35.70 -13.52
CA GLY A 772 -18.55 34.46 -14.03
C GLY A 772 -18.79 33.29 -13.12
N VAL A 773 -19.09 32.13 -13.68
CA VAL A 773 -19.37 30.92 -12.91
C VAL A 773 -18.14 30.04 -12.92
N THR A 774 -17.64 29.71 -11.73
CA THR A 774 -16.57 28.73 -11.55
C THR A 774 -17.23 27.43 -11.12
N GLN A 775 -17.03 26.39 -11.90
CA GLN A 775 -17.60 25.09 -11.59
C GLN A 775 -16.58 24.24 -10.84
N GLU A 776 -17.05 23.49 -9.87
CA GLU A 776 -16.15 22.68 -9.05
C GLU A 776 -16.85 21.42 -8.58
N TYR A 777 -16.20 20.27 -8.74
CA TYR A 777 -16.76 19.00 -8.30
C TYR A 777 -16.01 18.52 -7.07
N ILE A 778 -16.76 18.13 -6.05
CA ILE A 778 -16.18 17.58 -4.83
C ILE A 778 -16.78 16.20 -4.63
N GLN A 779 -15.93 15.18 -4.70
CA GLN A 779 -16.39 13.81 -4.50
C GLN A 779 -16.71 13.58 -3.03
N THR A 780 -17.77 12.82 -2.76
CA THR A 780 -18.13 12.51 -1.39
C THR A 780 -18.23 11.01 -1.11
N THR A 781 -18.34 10.18 -2.14
CA THR A 781 -18.51 8.74 -1.95
C THR A 781 -17.79 7.99 -3.05
N ILE A 782 -17.58 6.70 -2.80
CA ILE A 782 -17.19 5.74 -3.81
C ILE A 782 -18.33 4.73 -3.95
N GLN A 783 -18.29 3.98 -5.04
CA GLN A 783 -19.29 2.93 -5.25
C GLN A 783 -19.13 1.85 -4.19
N LYS A 784 -20.24 1.43 -3.60
CA LYS A 784 -20.20 0.37 -2.60
C LYS A 784 -20.30 -0.98 -3.29
N VAL A 785 -19.30 -1.83 -3.06
CA VAL A 785 -19.27 -3.15 -3.68
C VAL A 785 -18.91 -4.20 -2.64
N THR A 786 -19.67 -5.29 -2.61
CA THR A 786 -19.33 -6.49 -1.83
C THR A 786 -19.05 -7.60 -2.82
N VAL A 787 -18.07 -8.44 -2.51
CA VAL A 787 -17.82 -9.61 -3.36
C VAL A 787 -18.20 -10.87 -2.59
N ASP A 788 -18.58 -11.89 -3.34
CA ASP A 788 -18.90 -13.20 -2.77
C ASP A 788 -17.62 -14.03 -2.91
N CYS A 789 -16.78 -13.98 -1.88
CA CYS A 789 -15.43 -14.54 -1.91
C CYS A 789 -15.41 -16.01 -2.34
N LYS A 790 -16.26 -16.82 -1.71
CA LYS A 790 -16.30 -18.25 -2.01
C LYS A 790 -16.63 -18.50 -3.48
N GLN A 791 -17.65 -17.81 -3.99
CA GLN A 791 -18.00 -17.95 -5.40
C GLN A 791 -16.96 -17.34 -6.32
N TYR A 792 -16.34 -16.22 -5.96
CA TYR A 792 -15.29 -15.67 -6.79
C TYR A 792 -14.11 -16.62 -6.95
N VAL A 793 -13.66 -17.25 -5.86
CA VAL A 793 -12.50 -18.13 -5.90
C VAL A 793 -12.82 -19.46 -6.56
N CYS A 794 -13.95 -20.10 -6.22
CA CYS A 794 -14.23 -21.45 -6.66
C CYS A 794 -15.36 -21.57 -7.68
N ASN A 795 -16.17 -20.52 -7.85
CA ASN A 795 -17.32 -20.48 -8.75
C ASN A 795 -18.10 -21.79 -8.81
N GLY A 796 -18.55 -22.26 -7.65
CA GLY A 796 -19.54 -23.34 -7.56
C GLY A 796 -19.03 -24.76 -7.50
N PHE A 797 -17.77 -24.97 -7.86
CA PHE A 797 -17.25 -26.33 -7.96
C PHE A 797 -16.95 -26.88 -6.58
N GLN A 798 -17.64 -27.97 -6.22
CA GLN A 798 -17.53 -28.54 -4.88
C GLN A 798 -16.11 -28.99 -4.55
N LYS A 799 -15.34 -29.42 -5.55
CA LYS A 799 -13.97 -29.84 -5.29
C LYS A 799 -13.13 -28.69 -4.76
N CYS A 800 -13.26 -27.50 -5.38
CA CYS A 800 -12.48 -26.34 -4.94
C CYS A 800 -12.87 -25.91 -3.54
N GLU A 801 -14.12 -26.14 -3.13
CA GLU A 801 -14.58 -25.70 -1.82
C GLU A 801 -13.79 -26.37 -0.70
N GLN A 802 -13.49 -27.66 -0.84
CA GLN A 802 -12.74 -28.36 0.19
C GLN A 802 -11.32 -27.82 0.31
N LEU A 803 -10.66 -27.57 -0.83
CA LEU A 803 -9.32 -26.98 -0.79
C LEU A 803 -9.35 -25.58 -0.18
N LEU A 804 -10.39 -24.81 -0.46
CA LEU A 804 -10.50 -23.49 0.13
C LEU A 804 -10.85 -23.53 1.62
N ARG A 805 -11.51 -24.60 2.07
CA ARG A 805 -11.91 -24.72 3.47
C ARG A 805 -10.73 -24.77 4.42
N GLU A 806 -9.58 -25.30 3.99
CA GLU A 806 -8.39 -25.36 4.83
C GLU A 806 -7.55 -24.10 4.74
N TYR A 807 -8.01 -23.11 3.98
CA TYR A 807 -7.41 -21.78 3.97
C TYR A 807 -7.97 -20.89 5.06
N GLY A 808 -8.95 -21.38 5.81
CA GLY A 808 -9.50 -20.71 6.97
C GLY A 808 -10.18 -19.40 6.64
N GLN A 809 -9.94 -18.42 7.49
CA GLN A 809 -10.68 -17.15 7.52
C GLN A 809 -10.01 -16.07 6.68
N PHE A 810 -9.70 -16.36 5.42
CA PHE A 810 -9.30 -15.31 4.49
C PHE A 810 -10.53 -14.62 3.90
N CYS A 811 -11.45 -15.42 3.37
CA CYS A 811 -12.68 -14.90 2.81
C CYS A 811 -13.47 -14.12 3.85
N SER A 812 -13.45 -14.59 5.10
CA SER A 812 -14.12 -13.88 6.18
C SER A 812 -13.52 -12.49 6.40
N LYS A 813 -12.19 -12.39 6.41
CA LYS A 813 -11.57 -11.08 6.55
C LYS A 813 -11.92 -10.16 5.39
N ILE A 814 -11.93 -10.69 4.17
CA ILE A 814 -12.31 -9.85 3.02
C ILE A 814 -13.73 -9.33 3.18
N ASN A 815 -14.67 -10.22 3.53
CA ASN A 815 -16.06 -9.82 3.68
C ASN A 815 -16.24 -8.79 4.79
N GLN A 816 -15.56 -9.01 5.92
CA GLN A 816 -15.70 -8.07 7.04
C GLN A 816 -15.11 -6.71 6.71
N ALA A 817 -13.98 -6.68 6.02
CA ALA A 817 -13.40 -5.39 5.62
C ALA A 817 -14.33 -4.63 4.68
N LEU A 818 -14.90 -5.33 3.69
CA LEU A 818 -15.80 -4.65 2.77
C LEU A 818 -17.06 -4.16 3.48
N HIS A 819 -17.58 -4.96 4.41
CA HIS A 819 -18.77 -4.56 5.16
C HIS A 819 -18.49 -3.31 5.99
N GLY A 820 -17.34 -3.26 6.66
CA GLY A 820 -16.98 -2.08 7.41
C GLY A 820 -16.81 -0.85 6.55
N ALA A 821 -16.19 -0.99 5.38
CA ALA A 821 -16.03 0.14 4.48
C ALA A 821 -17.39 0.67 4.02
N ASN A 822 -18.33 -0.22 3.69
CA ASN A 822 -19.65 0.23 3.27
C ASN A 822 -20.40 0.90 4.41
N LEU A 823 -20.28 0.39 5.64
CA LEU A 823 -20.90 1.07 6.77
C LEU A 823 -20.34 2.47 6.97
N ARG A 824 -19.02 2.62 6.83
CA ARG A 824 -18.43 3.96 6.95
C ARG A 824 -18.92 4.88 5.85
N GLN A 825 -19.08 4.36 4.62
CA GLN A 825 -19.62 5.18 3.54
C GLN A 825 -21.03 5.67 3.86
N ASP A 826 -21.87 4.78 4.38
CA ASP A 826 -23.23 5.19 4.74
C ASP A 826 -23.22 6.25 5.83
N ASP A 827 -22.34 6.09 6.83
CA ASP A 827 -22.26 7.08 7.89
C ASP A 827 -21.78 8.43 7.36
N SER A 828 -20.83 8.42 6.43
CA SER A 828 -20.38 9.67 5.81
C SER A 828 -21.50 10.37 5.06
N VAL A 829 -22.30 9.60 4.31
CA VAL A 829 -23.44 10.19 3.60
C VAL A 829 -24.41 10.82 4.59
N ARG A 830 -24.74 10.10 5.66
CA ARG A 830 -25.69 10.61 6.63
C ARG A 830 -25.19 11.89 7.29
N ASN A 831 -23.91 11.93 7.68
CA ASN A 831 -23.38 13.13 8.31
C ASN A 831 -23.35 14.31 7.33
N LEU A 832 -22.93 14.07 6.08
CA LEU A 832 -22.89 15.15 5.11
C LEU A 832 -24.26 15.74 4.87
N PHE A 833 -25.28 14.90 4.71
CA PHE A 833 -26.59 15.45 4.44
C PHE A 833 -27.30 15.95 5.70
N ALA A 834 -26.87 15.53 6.89
CA ALA A 834 -27.33 16.17 8.11
C ALA A 834 -26.77 17.57 8.26
N SER A 835 -25.54 17.80 7.80
CA SER A 835 -24.95 19.13 7.83
C SER A 835 -25.38 20.00 6.66
N VAL A 836 -25.86 19.40 5.56
CA VAL A 836 -26.34 20.19 4.43
C VAL A 836 -27.74 20.75 4.66
N LYS A 837 -28.57 20.08 5.43
CA LYS A 837 -29.97 20.47 5.59
C LYS A 837 -30.10 21.79 6.33
N SER A 838 -30.97 22.66 5.82
CA SER A 838 -31.30 23.92 6.46
C SER A 838 -32.49 23.75 7.38
N SER A 839 -32.56 24.59 8.41
CA SER A 839 -33.67 24.51 9.36
C SER A 839 -34.89 25.28 8.89
N GLN A 840 -34.68 26.32 8.07
CA GLN A 840 -35.77 27.12 7.54
C GLN A 840 -35.48 27.43 6.08
N SER A 841 -36.53 27.44 5.26
CA SER A 841 -36.36 27.73 3.85
C SER A 841 -37.69 28.22 3.28
N SER A 842 -37.63 28.73 2.06
CA SER A 842 -38.77 29.23 1.32
C SER A 842 -39.15 28.28 0.20
N PRO A 843 -40.44 28.08 -0.06
CA PRO A 843 -40.85 27.17 -1.13
C PRO A 843 -40.36 27.66 -2.49
N ILE A 844 -39.91 26.71 -3.32
CA ILE A 844 -39.44 27.03 -4.66
C ILE A 844 -40.63 27.04 -5.61
N ILE A 845 -41.11 28.23 -5.95
CA ILE A 845 -42.22 28.37 -6.89
C ILE A 845 -41.63 28.70 -8.26
N PRO A 846 -42.36 28.47 -9.35
CA PRO A 846 -41.88 28.93 -10.66
C PRO A 846 -41.72 30.44 -10.67
N GLY A 847 -40.69 30.91 -11.36
CA GLY A 847 -40.34 32.31 -11.36
C GLY A 847 -39.53 32.77 -10.17
N PHE A 848 -39.23 31.86 -9.23
CA PHE A 848 -38.28 32.11 -8.15
C PHE A 848 -37.03 32.76 -8.69
N GLY A 849 -36.67 33.92 -8.17
CA GLY A 849 -35.52 34.64 -8.70
C GLY A 849 -35.89 36.01 -9.24
N GLY A 850 -37.07 36.11 -9.84
CA GLY A 850 -37.52 37.37 -10.40
C GLY A 850 -36.80 37.75 -11.67
N ASP A 851 -36.10 38.90 -11.66
CA ASP A 851 -35.38 39.34 -12.83
C ASP A 851 -34.17 38.45 -13.11
N PHE A 852 -33.74 37.68 -12.13
CA PHE A 852 -32.62 36.76 -12.30
C PHE A 852 -33.16 35.40 -12.72
N ASN A 853 -32.80 34.95 -13.92
CA ASN A 853 -33.32 33.70 -14.47
C ASN A 853 -32.45 32.56 -13.97
N LEU A 854 -32.90 31.91 -12.90
CA LEU A 854 -32.24 30.70 -12.42
C LEU A 854 -33.22 29.54 -12.52
N THR A 855 -33.97 29.48 -13.62
CA THR A 855 -34.91 28.41 -13.85
C THR A 855 -34.23 27.07 -14.12
N LEU A 856 -32.96 27.08 -14.51
CA LEU A 856 -32.21 25.84 -14.65
C LEU A 856 -31.84 25.24 -13.31
N LEU A 857 -32.01 25.98 -12.22
CA LEU A 857 -31.85 25.43 -10.88
C LEU A 857 -33.15 24.92 -10.29
N GLU A 858 -34.29 25.34 -10.84
CA GLU A 858 -35.57 24.93 -10.30
C GLU A 858 -35.86 23.48 -10.68
N PRO A 859 -36.54 22.73 -9.81
CA PRO A 859 -36.85 21.32 -10.11
C PRO A 859 -37.99 21.23 -11.12
N VAL A 860 -37.84 20.35 -12.10
CA VAL A 860 -38.92 20.07 -13.05
C VAL A 860 -39.94 19.19 -12.35
N SER A 861 -41.18 19.67 -12.27
CA SER A 861 -42.24 18.96 -11.57
C SER A 861 -42.49 17.57 -12.15
N ALA A 869 -37.88 15.01 -10.19
CA ALA A 869 -37.79 16.04 -9.16
C ALA A 869 -36.43 16.72 -9.19
N ARG A 870 -35.55 16.24 -10.08
CA ARG A 870 -34.23 16.82 -10.22
C ARG A 870 -34.31 18.16 -10.95
N SER A 871 -33.23 18.92 -10.85
CA SER A 871 -33.10 20.18 -11.57
C SER A 871 -32.82 19.90 -13.05
N ALA A 872 -32.92 20.96 -13.86
CA ALA A 872 -32.60 20.83 -15.27
C ALA A 872 -31.10 20.68 -15.48
N ILE A 873 -30.30 21.49 -14.77
CA ILE A 873 -28.85 21.37 -14.90
C ILE A 873 -28.32 20.09 -14.26
N GLU A 874 -28.93 19.61 -13.18
CA GLU A 874 -28.57 18.32 -12.62
C GLU A 874 -28.86 17.19 -13.60
N ASP A 875 -30.02 17.24 -14.27
CA ASP A 875 -30.33 16.25 -15.29
C ASP A 875 -29.35 16.31 -16.45
N LEU A 876 -28.98 17.53 -16.88
CA LEU A 876 -28.00 17.66 -17.95
C LEU A 876 -26.66 17.06 -17.55
N LEU A 877 -26.21 17.34 -16.32
CA LEU A 877 -24.95 16.80 -15.84
C LEU A 877 -24.98 15.28 -15.78
N PHE A 878 -26.06 14.70 -15.28
CA PHE A 878 -26.18 13.26 -15.24
C PHE A 878 -26.30 12.64 -16.62
N ASP A 879 -26.89 13.37 -17.59
CA ASP A 879 -27.00 12.86 -18.95
C ASP A 879 -25.68 12.85 -19.69
N LYS A 880 -24.88 13.91 -19.53
CA LYS A 880 -23.65 14.02 -20.30
C LYS A 880 -22.51 13.18 -19.75
N VAL A 881 -22.69 12.53 -18.60
CA VAL A 881 -21.67 11.67 -18.03
C VAL A 881 -21.90 10.24 -18.53
N THR A 882 -20.84 9.60 -18.99
CA THR A 882 -20.92 8.21 -19.46
C THR A 882 -20.81 7.31 -18.23
N ILE A 883 -21.96 6.87 -17.73
CA ILE A 883 -22.05 6.01 -16.55
C ILE A 883 -22.94 4.84 -16.87
N ALA A 884 -22.48 3.64 -16.54
CA ALA A 884 -23.27 2.43 -16.78
C ALA A 884 -24.43 2.37 -15.81
N ASP A 885 -25.61 2.05 -16.33
CA ASP A 885 -26.80 1.98 -15.49
C ASP A 885 -26.78 0.70 -14.66
N PRO A 886 -26.70 0.78 -13.33
CA PRO A 886 -26.84 -0.42 -12.52
C PRO A 886 -28.29 -0.82 -12.40
N GLY A 887 -28.52 -2.09 -12.07
CA GLY A 887 -29.88 -2.57 -11.99
C GLY A 887 -30.63 -2.01 -10.79
N TYR A 888 -30.24 -2.45 -9.60
CA TYR A 888 -30.87 -2.11 -8.32
C TYR A 888 -32.30 -2.67 -8.25
N MET A 889 -32.81 -3.15 -9.37
CA MET A 889 -34.15 -3.70 -9.46
C MET A 889 -34.29 -4.39 -10.80
N GLN A 890 -34.66 -5.67 -10.79
CA GLN A 890 -34.80 -6.52 -11.98
C GLN A 890 -33.64 -6.32 -12.96
N GLY A 891 -32.49 -5.95 -12.39
CA GLY A 891 -31.24 -5.87 -13.12
C GLY A 891 -30.60 -7.21 -13.33
N TYR A 892 -30.99 -8.22 -12.55
CA TYR A 892 -30.65 -9.61 -12.80
C TYR A 892 -31.39 -10.17 -13.99
N ASP A 893 -32.66 -9.79 -14.17
CA ASP A 893 -33.45 -10.21 -15.32
C ASP A 893 -33.07 -9.46 -16.59
N ASP A 894 -32.49 -8.27 -16.48
CA ASP A 894 -32.03 -7.56 -17.66
C ASP A 894 -30.87 -8.27 -18.34
N CYS A 895 -29.99 -8.91 -17.57
CA CYS A 895 -28.85 -9.61 -18.12
C CYS A 895 -29.17 -11.01 -18.60
N MET A 896 -30.40 -11.50 -18.41
CA MET A 896 -30.76 -12.81 -18.93
C MET A 896 -30.85 -12.78 -20.46
N GLN A 897 -31.49 -11.76 -21.01
CA GLN A 897 -31.47 -11.59 -22.46
C GLN A 897 -30.18 -10.91 -22.89
N GLN A 898 -29.99 -9.65 -22.49
CA GLN A 898 -28.71 -8.98 -22.48
C GLN A 898 -28.18 -8.69 -23.88
N GLY A 899 -28.82 -9.25 -24.90
CA GLY A 899 -28.34 -9.18 -26.26
C GLY A 899 -26.87 -9.55 -26.36
N PRO A 900 -26.19 -9.08 -27.41
CA PRO A 900 -24.72 -9.16 -27.41
C PRO A 900 -24.13 -8.26 -26.33
N ALA A 901 -22.97 -8.65 -25.79
CA ALA A 901 -22.36 -7.88 -24.71
C ALA A 901 -21.91 -6.51 -25.23
N SER A 902 -22.06 -5.49 -24.39
CA SER A 902 -21.74 -4.11 -24.76
C SER A 902 -20.41 -3.72 -24.11
N ALA A 903 -19.32 -4.11 -24.78
CA ALA A 903 -17.96 -3.73 -24.40
C ALA A 903 -17.67 -4.05 -22.93
N ARG A 904 -17.73 -5.34 -22.63
CA ARG A 904 -17.55 -5.86 -21.28
C ARG A 904 -18.48 -5.16 -20.29
N ASP A 905 -19.76 -5.47 -20.40
CA ASP A 905 -20.73 -4.94 -19.44
C ASP A 905 -20.32 -5.34 -18.03
N LEU A 906 -19.92 -4.36 -17.23
CA LEU A 906 -19.54 -4.61 -15.84
C LEU A 906 -20.74 -4.70 -14.92
N ILE A 907 -21.94 -4.46 -15.42
CA ILE A 907 -23.14 -4.61 -14.62
C ILE A 907 -23.66 -6.05 -14.68
N CYS A 908 -23.52 -6.71 -15.83
CA CYS A 908 -23.87 -8.11 -15.95
C CYS A 908 -22.76 -9.04 -15.47
N ALA A 909 -21.55 -8.52 -15.29
CA ALA A 909 -20.44 -9.34 -14.84
C ALA A 909 -20.50 -9.68 -13.35
N GLN A 910 -21.27 -8.92 -12.56
CA GLN A 910 -21.33 -9.17 -11.13
C GLN A 910 -22.03 -10.49 -10.83
N TYR A 911 -23.01 -10.86 -11.66
CA TYR A 911 -23.69 -12.14 -11.52
C TYR A 911 -22.86 -13.30 -12.05
N VAL A 912 -21.72 -13.03 -12.69
CA VAL A 912 -20.81 -14.05 -13.17
C VAL A 912 -19.56 -14.12 -12.30
N ALA A 913 -18.86 -13.00 -12.14
CA ALA A 913 -17.63 -12.94 -11.37
C ALA A 913 -17.87 -13.28 -9.90
N GLY A 914 -18.94 -12.75 -9.33
CA GLY A 914 -19.25 -13.02 -7.94
C GLY A 914 -19.12 -11.82 -7.01
N TYR A 915 -19.25 -10.62 -7.56
CA TYR A 915 -19.34 -9.41 -6.74
C TYR A 915 -20.72 -8.78 -6.93
N LYS A 916 -20.92 -7.64 -6.28
CA LYS A 916 -22.22 -7.00 -6.28
C LYS A 916 -22.07 -5.53 -5.93
N VAL A 917 -22.79 -4.68 -6.67
CA VAL A 917 -22.77 -3.24 -6.45
C VAL A 917 -24.02 -2.89 -5.65
N LEU A 918 -23.81 -2.30 -4.48
CA LEU A 918 -24.94 -2.01 -3.60
C LEU A 918 -25.59 -0.69 -3.98
N PRO A 919 -26.91 -0.56 -3.80
CA PRO A 919 -27.57 0.70 -4.10
C PRO A 919 -27.15 1.77 -3.11
N PRO A 920 -27.16 3.04 -3.52
CA PRO A 920 -26.84 4.11 -2.58
C PRO A 920 -27.90 4.25 -1.50
N LEU A 921 -27.47 4.80 -0.36
CA LEU A 921 -28.35 4.91 0.80
C LEU A 921 -29.57 5.78 0.51
N MET A 922 -29.38 6.86 -0.24
CA MET A 922 -30.43 7.83 -0.50
C MET A 922 -30.97 7.71 -1.92
N ASP A 923 -32.25 8.00 -2.09
CA ASP A 923 -32.90 8.03 -3.39
C ASP A 923 -32.43 9.24 -4.18
N VAL A 924 -32.76 9.23 -5.48
CA VAL A 924 -32.56 10.43 -6.29
C VAL A 924 -33.51 11.53 -5.83
N ASN A 925 -34.76 11.18 -5.54
CA ASN A 925 -35.75 12.16 -5.11
C ASN A 925 -35.40 12.77 -3.75
N MET A 926 -34.90 11.97 -2.81
CA MET A 926 -34.54 12.50 -1.50
C MET A 926 -33.32 13.42 -1.57
N GLU A 927 -32.32 13.03 -2.35
CA GLU A 927 -31.16 13.90 -2.56
C GLU A 927 -31.57 15.21 -3.24
N ALA A 928 -32.45 15.13 -4.24
CA ALA A 928 -32.96 16.33 -4.88
C ALA A 928 -33.76 17.18 -3.89
N ALA A 929 -34.51 16.55 -2.99
CA ALA A 929 -35.22 17.29 -1.96
C ALA A 929 -34.26 18.06 -1.08
N TYR A 930 -33.17 17.42 -0.65
CA TYR A 930 -32.17 18.11 0.15
C TYR A 930 -31.58 19.30 -0.60
N THR A 931 -31.17 19.09 -1.85
CA THR A 931 -30.58 20.16 -2.63
C THR A 931 -31.57 21.31 -2.89
N SER A 932 -32.82 21.00 -3.21
CA SER A 932 -33.80 22.03 -3.46
C SER A 932 -34.16 22.79 -2.20
N SER A 933 -34.18 22.11 -1.04
CA SER A 933 -34.35 22.81 0.22
C SER A 933 -33.18 23.75 0.48
N LEU A 934 -31.96 23.33 0.16
CA LEU A 934 -30.82 24.22 0.29
C LEU A 934 -30.94 25.44 -0.62
N LEU A 935 -31.42 25.25 -1.85
CA LEU A 935 -31.60 26.38 -2.76
C LEU A 935 -32.63 27.40 -2.27
N GLY A 936 -33.66 26.95 -1.55
CA GLY A 936 -34.69 27.86 -1.09
C GLY A 936 -34.35 28.68 0.12
N SER A 937 -33.20 28.44 0.74
CA SER A 937 -32.75 29.23 1.88
C SER A 937 -31.58 30.13 1.55
N ILE A 938 -31.15 30.17 0.28
CA ILE A 938 -29.94 30.91 -0.08
C ILE A 938 -30.14 32.41 0.14
N ALA A 939 -31.29 32.94 -0.31
CA ALA A 939 -31.51 34.38 -0.25
C ALA A 939 -31.60 34.86 1.20
N GLY A 940 -32.26 34.11 2.06
CA GLY A 940 -32.57 34.57 3.39
C GLY A 940 -31.67 34.06 4.49
N VAL A 941 -30.38 33.88 4.20
CA VAL A 941 -29.45 33.38 5.20
C VAL A 941 -29.28 34.39 6.34
N GLY A 942 -29.76 35.62 6.15
CA GLY A 942 -29.73 36.61 7.22
C GLY A 942 -28.53 37.53 7.17
N TRP A 943 -28.78 38.82 6.95
CA TRP A 943 -27.68 39.78 6.91
C TRP A 943 -27.08 39.98 8.30
N THR A 944 -27.83 39.66 9.35
CA THR A 944 -27.43 39.95 10.72
C THR A 944 -27.37 38.66 11.53
N ALA A 945 -26.16 38.17 11.79
CA ALA A 945 -25.91 37.02 12.66
C ALA A 945 -26.81 35.84 12.28
N GLY A 946 -27.05 35.70 10.98
CA GLY A 946 -28.11 34.83 10.50
C GLY A 946 -27.85 33.34 10.59
N LEU A 947 -27.86 32.80 11.80
CA LEU A 947 -27.83 31.35 11.97
C LEU A 947 -29.15 30.86 12.55
N SER A 948 -29.76 31.64 13.44
CA SER A 948 -30.96 31.23 14.14
C SER A 948 -32.23 31.93 13.65
N SER A 949 -32.16 32.72 12.59
CA SER A 949 -33.32 33.44 12.08
C SER A 949 -33.33 33.38 10.56
N PHE A 950 -34.53 33.49 9.99
CA PHE A 950 -34.69 33.40 8.54
C PHE A 950 -35.57 34.56 8.08
N ALA A 951 -35.01 35.40 7.22
CA ALA A 951 -35.76 36.48 6.59
C ALA A 951 -36.07 36.07 5.16
N ALA A 952 -37.36 35.96 4.84
CA ALA A 952 -37.78 35.50 3.51
C ALA A 952 -37.85 36.69 2.55
N ILE A 953 -36.68 37.09 2.08
CA ILE A 953 -36.54 38.21 1.17
C ILE A 953 -36.40 37.69 -0.27
N PRO A 954 -36.74 38.48 -1.28
CA PRO A 954 -36.54 38.03 -2.66
C PRO A 954 -35.07 37.84 -3.00
N PHE A 955 -34.84 37.05 -4.05
CA PHE A 955 -33.48 36.79 -4.51
C PHE A 955 -32.78 38.08 -4.94
N ALA A 956 -33.50 38.97 -5.60
CA ALA A 956 -32.90 40.22 -6.07
C ALA A 956 -32.40 41.07 -4.90
N GLN A 957 -33.19 41.15 -3.83
CA GLN A 957 -32.76 41.90 -2.66
C GLN A 957 -31.47 41.34 -2.09
N SER A 958 -31.37 40.00 -2.00
CA SER A 958 -30.15 39.38 -1.49
C SER A 958 -28.97 39.66 -2.40
N ILE A 959 -29.17 39.60 -3.71
CA ILE A 959 -28.07 39.86 -4.64
C ILE A 959 -27.59 41.30 -4.49
N PHE A 960 -28.52 42.24 -4.32
CA PHE A 960 -28.11 43.63 -4.19
C PHE A 960 -27.43 43.91 -2.86
N TYR A 961 -27.87 43.25 -1.78
CA TYR A 961 -27.16 43.36 -0.52
C TYR A 961 -25.76 42.73 -0.57
N ARG A 962 -25.59 41.69 -1.37
CA ARG A 962 -24.25 41.10 -1.53
C ARG A 962 -23.36 41.99 -2.38
N LEU A 963 -23.91 42.61 -3.43
CA LEU A 963 -23.12 43.51 -4.25
C LEU A 963 -22.75 44.79 -3.51
N ASN A 964 -23.62 45.26 -2.62
CA ASN A 964 -23.31 46.46 -1.86
C ASN A 964 -22.17 46.23 -0.89
N GLY A 965 -21.99 45.00 -0.42
CA GLY A 965 -20.97 44.69 0.57
C GLY A 965 -19.57 44.51 0.02
N VAL A 966 -19.41 44.42 -1.30
CA VAL A 966 -18.10 44.26 -1.90
C VAL A 966 -17.54 45.57 -2.44
N GLY A 967 -18.28 46.66 -2.34
CA GLY A 967 -17.75 47.95 -2.74
C GLY A 967 -18.49 48.65 -3.87
N ILE A 968 -19.74 48.28 -4.10
CA ILE A 968 -20.58 48.94 -5.09
C ILE A 968 -21.63 49.75 -4.33
N THR A 969 -21.66 51.05 -4.60
CA THR A 969 -22.52 51.95 -3.85
C THR A 969 -23.99 51.74 -4.22
N GLN A 970 -24.87 52.24 -3.35
CA GLN A 970 -26.30 52.08 -3.57
C GLN A 970 -26.77 52.79 -4.83
N GLN A 971 -26.19 53.95 -5.13
CA GLN A 971 -26.59 54.71 -6.30
C GLN A 971 -26.34 53.92 -7.58
N VAL A 972 -25.17 53.28 -7.67
CA VAL A 972 -24.83 52.49 -8.85
C VAL A 972 -25.78 51.31 -8.99
N LEU A 973 -26.08 50.62 -7.88
CA LEU A 973 -26.97 49.48 -7.93
C LEU A 973 -28.38 49.89 -8.32
N SER A 974 -28.80 51.08 -7.91
CA SER A 974 -30.14 51.55 -8.27
C SER A 974 -30.20 52.01 -9.72
N GLU A 975 -29.10 52.53 -10.26
CA GLU A 975 -29.10 52.97 -11.65
C GLU A 975 -29.07 51.79 -12.61
N ASN A 976 -28.24 50.78 -12.33
CA ASN A 976 -27.97 49.67 -13.25
C ASN A 976 -28.67 48.39 -12.84
N GLN A 977 -29.91 48.47 -12.35
CA GLN A 977 -30.62 47.28 -11.90
C GLN A 977 -30.78 46.27 -13.04
N LYS A 978 -31.35 46.72 -14.16
CA LYS A 978 -31.61 45.83 -15.29
C LYS A 978 -30.31 45.34 -15.91
N LEU A 979 -29.30 46.19 -16.02
CA LEU A 979 -28.02 45.78 -16.57
C LEU A 979 -27.38 44.70 -15.72
N ILE A 980 -27.46 44.85 -14.39
CA ILE A 980 -26.89 43.84 -13.50
C ILE A 980 -27.64 42.53 -13.65
N ALA A 981 -28.97 42.58 -13.71
CA ALA A 981 -29.73 41.35 -13.88
C ALA A 981 -29.39 40.66 -15.19
N ASN A 982 -29.28 41.43 -16.27
CA ASN A 982 -28.93 40.86 -17.57
C ASN A 982 -27.53 40.26 -17.57
N LYS A 983 -26.57 40.94 -16.94
CA LYS A 983 -25.21 40.42 -16.86
C LYS A 983 -25.13 39.13 -16.06
N PHE A 984 -25.90 39.04 -14.96
CA PHE A 984 -25.96 37.79 -14.20
C PHE A 984 -26.59 36.68 -15.03
N ASN A 985 -27.65 37.00 -15.77
CA ASN A 985 -28.30 35.99 -16.61
C ASN A 985 -27.38 35.51 -17.73
N GLN A 986 -26.56 36.40 -18.29
CA GLN A 986 -25.60 35.98 -19.31
C GLN A 986 -24.60 34.98 -18.74
N ALA A 987 -24.11 35.23 -17.53
CA ALA A 987 -23.14 34.32 -16.93
C ALA A 987 -23.77 32.98 -16.56
N LEU A 988 -24.99 33.00 -16.05
CA LEU A 988 -25.65 31.75 -15.69
C LEU A 988 -26.14 30.98 -16.90
N GLY A 989 -26.42 31.64 -18.02
CA GLY A 989 -26.91 30.96 -19.20
C GLY A 989 -25.86 30.23 -20.01
N ALA A 990 -24.60 30.69 -19.94
CA ALA A 990 -23.52 29.98 -20.61
C ALA A 990 -23.24 28.63 -19.97
N MET A 991 -23.82 28.37 -18.81
CA MET A 991 -23.58 27.12 -18.09
C MET A 991 -24.11 25.93 -18.87
N GLN A 992 -25.26 26.09 -19.55
CA GLN A 992 -25.87 24.97 -20.27
C GLN A 992 -24.93 24.43 -21.35
N THR A 993 -24.29 25.32 -22.09
CA THR A 993 -23.32 24.93 -23.11
C THR A 993 -21.90 24.91 -22.54
N GLY A 994 -21.72 24.21 -21.41
CA GLY A 994 -20.42 24.21 -20.75
C GLY A 994 -19.83 22.84 -20.53
N PHE A 995 -20.70 21.82 -20.47
CA PHE A 995 -20.23 20.47 -20.18
C PHE A 995 -19.56 19.85 -21.39
N THR A 996 -18.25 20.05 -21.51
CA THR A 996 -17.49 19.57 -22.65
C THR A 996 -16.10 19.15 -22.17
N THR A 997 -15.18 18.95 -23.12
CA THR A 997 -13.85 18.46 -22.78
C THR A 997 -13.02 19.52 -22.07
N THR A 998 -13.29 20.81 -22.33
CA THR A 998 -12.51 21.86 -21.70
C THR A 998 -12.93 22.11 -20.26
N ASN A 999 -14.11 21.61 -19.87
CA ASN A 999 -14.59 21.78 -18.51
C ASN A 999 -13.80 20.89 -17.56
N GLU A 1000 -13.11 21.51 -16.59
CA GLU A 1000 -12.24 20.74 -15.70
C GLU A 1000 -13.06 19.96 -14.67
N ALA A 1001 -14.08 20.58 -14.09
CA ALA A 1001 -14.88 19.90 -13.08
C ALA A 1001 -15.65 18.72 -13.69
N PHE A 1002 -16.19 18.90 -14.89
CA PHE A 1002 -16.88 17.81 -15.57
C PHE A 1002 -15.92 16.66 -15.87
N GLN A 1003 -14.69 16.99 -16.26
CA GLN A 1003 -13.66 15.96 -16.43
C GLN A 1003 -13.37 15.24 -15.13
N LYS A 1004 -13.37 15.97 -14.00
CA LYS A 1004 -13.17 15.31 -12.71
C LYS A 1004 -14.32 14.36 -12.38
N VAL A 1005 -15.55 14.75 -12.69
CA VAL A 1005 -16.69 13.85 -12.53
C VAL A 1005 -16.48 12.57 -13.33
N GLN A 1006 -16.08 12.72 -14.60
CA GLN A 1006 -15.85 11.55 -15.44
C GLN A 1006 -14.70 10.71 -14.91
N ASP A 1007 -13.67 11.34 -14.35
CA ASP A 1007 -12.56 10.61 -13.76
C ASP A 1007 -13.02 9.76 -12.57
N ALA A 1008 -13.90 10.32 -11.73
CA ALA A 1008 -14.41 9.53 -10.60
C ALA A 1008 -15.24 8.34 -11.08
N VAL A 1009 -16.10 8.56 -12.07
CA VAL A 1009 -16.86 7.44 -12.63
C VAL A 1009 -15.93 6.39 -13.21
N ASN A 1010 -14.89 6.82 -13.92
CA ASN A 1010 -13.94 5.87 -14.50
C ASN A 1010 -13.14 5.15 -13.45
N ASN A 1011 -12.83 5.79 -12.32
CA ASN A 1011 -12.17 5.09 -11.23
C ASN A 1011 -13.04 3.98 -10.68
N ASN A 1012 -14.32 4.26 -10.49
CA ASN A 1012 -15.26 3.20 -10.09
C ASN A 1012 -15.25 2.05 -11.10
N ALA A 1013 -15.34 2.39 -12.38
CA ALA A 1013 -15.37 1.36 -13.41
C ALA A 1013 -14.09 0.54 -13.44
N GLN A 1014 -12.94 1.18 -13.30
CA GLN A 1014 -11.66 0.46 -13.28
C GLN A 1014 -11.57 -0.46 -12.08
N ALA A 1015 -12.04 0.01 -10.92
CA ALA A 1015 -12.08 -0.86 -9.74
C ALA A 1015 -12.85 -2.13 -10.02
N LEU A 1016 -14.04 -1.99 -10.63
CA LEU A 1016 -14.81 -3.20 -10.95
C LEU A 1016 -14.12 -4.04 -12.03
N SER A 1017 -13.49 -3.40 -13.00
CA SER A 1017 -12.93 -4.12 -14.14
C SER A 1017 -11.71 -4.94 -13.73
N LYS A 1018 -10.95 -4.45 -12.74
CA LYS A 1018 -9.83 -5.25 -12.25
C LYS A 1018 -10.32 -6.56 -11.62
N LEU A 1019 -11.40 -6.49 -10.84
CA LEU A 1019 -11.99 -7.72 -10.31
C LEU A 1019 -12.47 -8.62 -11.43
N ALA A 1020 -13.17 -8.06 -12.41
CA ALA A 1020 -13.71 -8.89 -13.48
C ALA A 1020 -12.65 -9.42 -14.43
N SER A 1021 -11.44 -8.86 -14.41
CA SER A 1021 -10.40 -9.25 -15.36
C SER A 1021 -9.50 -10.37 -14.86
N GLU A 1022 -9.27 -10.46 -13.55
CA GLU A 1022 -8.35 -11.43 -12.99
C GLU A 1022 -8.93 -12.85 -12.98
N LEU A 1023 -10.19 -13.02 -13.37
CA LEU A 1023 -10.76 -14.36 -13.44
C LEU A 1023 -10.31 -15.13 -14.68
N SER A 1024 -9.79 -14.42 -15.69
CA SER A 1024 -9.22 -15.06 -16.85
C SER A 1024 -7.73 -15.36 -16.69
N ASN A 1025 -7.11 -14.87 -15.62
CA ASN A 1025 -5.70 -15.15 -15.37
C ASN A 1025 -5.49 -16.62 -15.08
N THR A 1026 -4.36 -17.14 -15.55
CA THR A 1026 -3.95 -18.52 -15.30
C THR A 1026 -2.61 -18.47 -14.55
N PHE A 1027 -2.70 -18.52 -13.22
CA PHE A 1027 -1.53 -18.30 -12.39
C PHE A 1027 -0.61 -19.52 -12.42
N GLY A 1028 0.05 -19.74 -13.56
CA GLY A 1028 0.93 -20.89 -13.71
C GLY A 1028 0.20 -22.22 -13.65
N ALA A 1029 -0.94 -22.31 -14.33
CA ALA A 1029 -1.74 -23.52 -14.34
C ALA A 1029 -2.02 -23.91 -15.79
N ILE A 1030 -2.66 -25.07 -15.96
CA ILE A 1030 -2.98 -25.55 -17.30
C ILE A 1030 -4.17 -24.79 -17.89
N SER A 1031 -5.04 -24.25 -17.04
CA SER A 1031 -6.21 -23.53 -17.50
C SER A 1031 -6.70 -22.61 -16.39
N ALA A 1032 -7.49 -21.62 -16.76
CA ALA A 1032 -8.09 -20.72 -15.79
C ALA A 1032 -9.45 -21.20 -15.31
N SER A 1033 -10.06 -22.16 -16.01
CA SER A 1033 -11.34 -22.70 -15.61
C SER A 1033 -11.15 -23.90 -14.70
N ILE A 1034 -11.72 -23.83 -13.50
CA ILE A 1034 -11.59 -24.94 -12.55
C ILE A 1034 -12.23 -26.20 -13.11
N GLY A 1035 -13.43 -26.07 -13.69
CA GLY A 1035 -14.12 -27.22 -14.24
C GLY A 1035 -13.44 -27.86 -15.44
N ASP A 1036 -12.48 -27.16 -16.04
CA ASP A 1036 -11.73 -27.72 -17.16
C ASP A 1036 -10.55 -28.55 -16.69
N ILE A 1037 -9.78 -28.05 -15.72
CA ILE A 1037 -8.71 -28.84 -15.13
C ILE A 1037 -9.23 -30.01 -14.33
N ILE A 1038 -10.48 -29.94 -13.86
CA ILE A 1038 -11.07 -31.07 -13.14
C ILE A 1038 -11.31 -32.26 -14.05
N GLN A 1039 -11.72 -32.04 -15.29
CA GLN A 1039 -12.06 -33.10 -16.22
C GLN A 1039 -10.89 -33.46 -17.12
N ARG A 1040 -9.68 -33.03 -16.75
CA ARG A 1040 -8.48 -33.39 -17.51
C ARG A 1040 -7.38 -34.01 -16.68
N LEU A 1041 -7.31 -33.77 -15.37
CA LEU A 1041 -6.26 -34.31 -14.52
C LEU A 1041 -6.87 -35.16 -13.42
N ASP A 1042 -6.02 -35.57 -12.49
CA ASP A 1042 -6.35 -36.47 -11.40
C ASP A 1042 -6.09 -35.79 -10.06
N PRO A 1043 -6.70 -36.28 -8.98
CA PRO A 1043 -6.64 -35.59 -7.68
C PRO A 1043 -5.26 -35.08 -7.30
N PRO A 1044 -4.19 -35.90 -7.36
CA PRO A 1044 -2.89 -35.40 -6.87
C PRO A 1044 -2.41 -34.13 -7.56
N GLU A 1045 -2.65 -33.99 -8.86
CA GLU A 1045 -2.24 -32.77 -9.55
C GLU A 1045 -3.40 -31.78 -9.67
N GLN A 1046 -4.64 -32.28 -9.63
CA GLN A 1046 -5.80 -31.42 -9.56
C GLN A 1046 -5.71 -30.48 -8.37
N ASP A 1047 -5.29 -31.02 -7.22
CA ASP A 1047 -5.17 -30.21 -6.02
C ASP A 1047 -4.13 -29.12 -6.20
N ALA A 1048 -2.99 -29.46 -6.81
CA ALA A 1048 -1.94 -28.45 -7.01
C ALA A 1048 -2.41 -27.32 -7.91
N GLN A 1049 -3.05 -27.67 -9.04
CA GLN A 1049 -3.52 -26.63 -9.96
C GLN A 1049 -4.60 -25.77 -9.33
N ILE A 1050 -5.56 -26.41 -8.65
CA ILE A 1050 -6.65 -25.68 -8.03
C ILE A 1050 -6.13 -24.77 -6.93
N ASP A 1051 -5.11 -25.23 -6.20
CA ASP A 1051 -4.50 -24.39 -5.17
C ASP A 1051 -3.75 -23.21 -5.76
N ARG A 1052 -3.07 -23.40 -6.90
CA ARG A 1052 -2.46 -22.28 -7.59
C ARG A 1052 -3.50 -21.22 -7.91
N LEU A 1053 -4.62 -21.64 -8.52
CA LEU A 1053 -5.70 -20.70 -8.84
C LEU A 1053 -6.26 -20.04 -7.59
N ILE A 1054 -6.45 -20.81 -6.52
CA ILE A 1054 -7.03 -20.29 -5.29
C ILE A 1054 -6.14 -19.19 -4.71
N ASN A 1055 -4.83 -19.44 -4.67
CA ASN A 1055 -3.92 -18.45 -4.12
C ASN A 1055 -3.89 -17.19 -4.96
N GLY A 1056 -3.88 -17.34 -6.29
CA GLY A 1056 -3.92 -16.17 -7.14
C GLY A 1056 -5.16 -15.31 -6.91
N ARG A 1057 -6.33 -15.96 -6.87
CA ARG A 1057 -7.58 -15.24 -6.68
C ARG A 1057 -7.68 -14.60 -5.31
N LEU A 1058 -7.20 -15.26 -4.25
CA LEU A 1058 -7.17 -14.65 -2.93
C LEU A 1058 -6.26 -13.43 -2.89
N THR A 1059 -5.10 -13.48 -3.53
CA THR A 1059 -4.25 -12.31 -3.63
C THR A 1059 -4.95 -11.15 -4.34
N THR A 1060 -5.62 -11.46 -5.47
CA THR A 1060 -6.36 -10.42 -6.18
C THR A 1060 -7.40 -9.76 -5.27
N LEU A 1061 -8.17 -10.57 -4.54
CA LEU A 1061 -9.19 -10.02 -3.66
C LEU A 1061 -8.59 -9.17 -2.55
N ASN A 1062 -7.46 -9.59 -1.99
CA ASN A 1062 -6.83 -8.80 -0.95
C ASN A 1062 -6.36 -7.44 -1.48
N ALA A 1063 -5.79 -7.43 -2.69
CA ALA A 1063 -5.39 -6.15 -3.29
C ALA A 1063 -6.60 -5.25 -3.51
N PHE A 1064 -7.70 -5.81 -4.00
CA PHE A 1064 -8.91 -5.03 -4.22
C PHE A 1064 -9.41 -4.43 -2.92
N VAL A 1065 -9.38 -5.20 -1.83
CA VAL A 1065 -9.85 -4.69 -0.55
C VAL A 1065 -8.97 -3.55 -0.06
N ALA A 1066 -7.64 -3.68 -0.20
CA ALA A 1066 -6.76 -2.60 0.24
C ALA A 1066 -7.01 -1.32 -0.56
N GLN A 1067 -7.18 -1.45 -1.88
CA GLN A 1067 -7.42 -0.27 -2.69
C GLN A 1067 -8.75 0.38 -2.35
N GLN A 1068 -9.78 -0.42 -2.06
CA GLN A 1068 -11.06 0.13 -1.66
C GLN A 1068 -10.94 0.88 -0.34
N LEU A 1069 -10.17 0.35 0.61
CA LEU A 1069 -9.98 1.05 1.87
C LEU A 1069 -9.30 2.40 1.66
N VAL A 1070 -8.27 2.44 0.81
CA VAL A 1070 -7.60 3.71 0.54
C VAL A 1070 -8.55 4.70 -0.11
N ARG A 1071 -9.32 4.27 -1.10
CA ARG A 1071 -10.23 5.17 -1.79
C ARG A 1071 -11.31 5.70 -0.87
N SER A 1072 -11.87 4.84 -0.01
CA SER A 1072 -12.88 5.29 0.94
C SER A 1072 -12.31 6.28 1.95
N GLU A 1073 -11.10 6.03 2.45
CA GLU A 1073 -10.49 6.98 3.37
C GLU A 1073 -10.25 8.33 2.70
N SER A 1074 -9.90 8.34 1.42
CA SER A 1074 -9.77 9.62 0.72
C SER A 1074 -11.11 10.32 0.55
N ALA A 1075 -12.15 9.56 0.21
CA ALA A 1075 -13.47 10.15 0.02
C ALA A 1075 -14.07 10.70 1.30
N ALA A 1076 -13.69 10.17 2.46
CA ALA A 1076 -14.17 10.76 3.71
C ALA A 1076 -13.65 12.18 3.91
N LEU A 1077 -12.35 12.38 3.67
CA LEU A 1077 -11.79 13.73 3.73
C LEU A 1077 -12.41 14.65 2.68
N SER A 1078 -12.62 14.13 1.48
CA SER A 1078 -13.27 14.94 0.45
C SER A 1078 -14.69 15.34 0.86
N ALA A 1079 -15.43 14.45 1.51
CA ALA A 1079 -16.77 14.80 1.98
C ALA A 1079 -16.72 15.84 3.08
N GLN A 1080 -15.72 15.78 3.96
CA GLN A 1080 -15.57 16.85 4.94
C GLN A 1080 -15.29 18.19 4.28
N LEU A 1081 -14.48 18.19 3.23
CA LEU A 1081 -14.26 19.43 2.49
C LEU A 1081 -15.53 19.94 1.83
N ALA A 1082 -16.35 19.03 1.28
CA ALA A 1082 -17.63 19.42 0.72
C ALA A 1082 -18.56 20.03 1.77
N LYS A 1083 -18.59 19.46 2.96
CA LYS A 1083 -19.35 20.04 4.06
C LYS A 1083 -18.89 21.45 4.38
N ASP A 1084 -17.56 21.66 4.46
CA ASP A 1084 -17.05 23.01 4.72
C ASP A 1084 -17.45 23.97 3.60
N LYS A 1085 -17.35 23.53 2.35
CA LYS A 1085 -17.71 24.40 1.22
C LYS A 1085 -19.18 24.75 1.23
N VAL A 1086 -20.05 23.79 1.56
CA VAL A 1086 -21.47 24.09 1.65
C VAL A 1086 -21.74 25.10 2.76
N ASN A 1087 -21.10 24.95 3.92
CA ASN A 1087 -21.32 25.88 5.00
C ASN A 1087 -20.73 27.27 4.74
N GLU A 1088 -19.69 27.38 3.93
CA GLU A 1088 -19.02 28.66 3.73
C GLU A 1088 -19.41 29.37 2.45
N CYS A 1089 -19.68 28.65 1.36
CA CYS A 1089 -19.95 29.29 0.08
C CYS A 1089 -21.42 29.34 -0.28
N VAL A 1090 -22.22 28.37 0.13
CA VAL A 1090 -23.62 28.31 -0.28
C VAL A 1090 -24.53 28.96 0.76
N LYS A 1091 -24.27 28.73 2.05
CA LYS A 1091 -25.09 29.31 3.11
C LYS A 1091 -24.61 30.68 3.55
N ALA A 1092 -23.59 31.23 2.90
CA ALA A 1092 -23.09 32.55 3.24
C ALA A 1092 -22.29 33.08 2.06
N GLN A 1093 -21.92 34.35 2.15
CA GLN A 1093 -21.03 34.99 1.19
C GLN A 1093 -19.66 35.07 1.83
N SER A 1094 -18.66 34.47 1.18
CA SER A 1094 -17.35 34.36 1.79
C SER A 1094 -16.46 35.53 1.42
N LYS A 1095 -15.72 36.04 2.40
CA LYS A 1095 -14.84 37.18 2.20
C LYS A 1095 -13.40 36.78 1.88
N ARG A 1096 -13.10 35.49 1.82
CA ARG A 1096 -11.73 35.05 1.57
C ARG A 1096 -11.57 34.71 0.10
N SER A 1097 -10.55 35.27 -0.53
CA SER A 1097 -10.35 35.08 -1.96
C SER A 1097 -9.83 33.68 -2.25
N GLY A 1098 -10.30 33.12 -3.36
CA GLY A 1098 -9.80 31.87 -3.88
C GLY A 1098 -10.48 30.64 -3.34
N PHE A 1099 -11.19 30.74 -2.21
CA PHE A 1099 -11.78 29.55 -1.61
C PHE A 1099 -13.02 29.11 -2.36
N CYS A 1100 -13.96 30.03 -2.57
CA CYS A 1100 -15.18 29.63 -3.27
C CYS A 1100 -14.91 29.59 -4.77
N GLY A 1101 -14.55 30.72 -5.36
CA GLY A 1101 -14.17 30.73 -6.76
C GLY A 1101 -13.11 31.76 -7.06
N GLN A 1102 -13.05 32.22 -8.31
CA GLN A 1102 -12.17 33.32 -8.67
C GLN A 1102 -12.94 34.64 -8.59
N GLY A 1103 -12.20 35.74 -8.68
CA GLY A 1103 -12.83 37.04 -8.54
C GLY A 1103 -13.32 37.25 -7.12
N THR A 1104 -14.43 37.96 -6.99
CA THR A 1104 -15.05 38.23 -5.70
C THR A 1104 -16.31 37.40 -5.59
N HIS A 1105 -16.39 36.55 -4.57
CA HIS A 1105 -17.53 35.67 -4.41
C HIS A 1105 -18.79 36.47 -4.11
N ILE A 1106 -19.91 36.01 -4.66
CA ILE A 1106 -21.19 36.66 -4.44
C ILE A 1106 -22.21 35.65 -3.94
N VAL A 1107 -22.41 34.58 -4.71
CA VAL A 1107 -23.39 33.55 -4.34
C VAL A 1107 -22.94 32.25 -4.99
N SER A 1108 -23.26 31.14 -4.33
CA SER A 1108 -22.92 29.82 -4.85
C SER A 1108 -24.14 28.92 -4.83
N PHE A 1109 -24.20 28.01 -5.79
CA PHE A 1109 -25.24 27.01 -5.89
C PHE A 1109 -24.61 25.63 -5.86
N VAL A 1110 -25.36 24.63 -5.41
CA VAL A 1110 -24.85 23.26 -5.36
C VAL A 1110 -25.93 22.31 -5.84
N VAL A 1111 -25.53 21.33 -6.64
CA VAL A 1111 -26.41 20.25 -7.07
C VAL A 1111 -25.70 18.92 -6.82
N ASN A 1112 -26.45 17.83 -6.99
CA ASN A 1112 -25.88 16.51 -6.88
C ASN A 1112 -25.15 16.11 -8.15
N ALA A 1113 -24.15 15.26 -7.99
CA ALA A 1113 -23.37 14.69 -9.08
C ALA A 1113 -23.23 13.21 -8.84
N PRO A 1114 -22.86 12.44 -9.88
CA PRO A 1114 -22.72 10.98 -9.73
C PRO A 1114 -22.14 10.48 -8.41
N ASN A 1115 -21.03 11.06 -7.95
CA ASN A 1115 -20.40 10.56 -6.73
C ASN A 1115 -20.04 11.71 -5.79
N GLY A 1116 -20.88 12.73 -5.74
CA GLY A 1116 -20.58 13.86 -4.89
C GLY A 1116 -21.42 15.10 -5.18
N LEU A 1117 -20.83 16.27 -5.00
CA LEU A 1117 -21.54 17.52 -5.17
C LEU A 1117 -20.87 18.36 -6.24
N TYR A 1118 -21.68 19.17 -6.91
CA TYR A 1118 -21.23 20.05 -7.98
C TYR A 1118 -21.60 21.48 -7.62
N PHE A 1119 -20.59 22.31 -7.41
CA PHE A 1119 -20.74 23.69 -7.00
C PHE A 1119 -20.57 24.62 -8.18
N MET A 1120 -21.40 25.67 -8.21
CA MET A 1120 -21.35 26.73 -9.22
C MET A 1120 -21.21 28.03 -8.44
N HIS A 1121 -20.00 28.59 -8.44
CA HIS A 1121 -19.73 29.83 -7.72
C HIS A 1121 -19.81 31.01 -8.68
N VAL A 1122 -20.71 31.95 -8.42
CA VAL A 1122 -20.82 33.15 -9.21
C VAL A 1122 -19.92 34.22 -8.58
N GLY A 1123 -19.02 34.77 -9.38
CA GLY A 1123 -18.10 35.78 -8.91
C GLY A 1123 -18.14 37.02 -9.78
N TYR A 1124 -17.66 38.11 -9.19
CA TYR A 1124 -17.67 39.44 -9.80
C TYR A 1124 -16.27 39.70 -10.35
N TYR A 1125 -16.16 39.81 -11.67
CA TYR A 1125 -14.89 39.99 -12.34
C TYR A 1125 -14.81 41.39 -12.92
N PRO A 1126 -13.90 42.23 -12.43
CA PRO A 1126 -13.77 43.59 -12.96
C PRO A 1126 -12.95 43.66 -14.23
N SER A 1127 -13.23 44.70 -15.02
CA SER A 1127 -12.49 44.95 -16.24
C SER A 1127 -12.39 46.45 -16.47
N ASN A 1128 -11.62 46.83 -17.50
CA ASN A 1128 -11.48 48.22 -17.92
C ASN A 1128 -11.02 49.11 -16.76
N HIS A 1129 -9.88 48.77 -16.21
CA HIS A 1129 -9.32 49.54 -15.10
C HIS A 1129 -8.79 50.88 -15.57
N ILE A 1130 -9.02 51.91 -14.77
CA ILE A 1130 -8.44 53.22 -14.97
C ILE A 1130 -7.63 53.59 -13.73
N GLU A 1131 -6.75 54.58 -13.87
CA GLU A 1131 -5.91 55.05 -12.79
C GLU A 1131 -6.32 56.47 -12.41
N VAL A 1132 -6.48 56.70 -11.11
CA VAL A 1132 -6.85 58.01 -10.59
C VAL A 1132 -5.90 58.35 -9.44
N VAL A 1133 -5.97 59.60 -9.01
CA VAL A 1133 -5.20 60.09 -7.88
C VAL A 1133 -6.11 60.14 -6.67
N SER A 1134 -5.65 59.59 -5.54
CA SER A 1134 -6.48 59.53 -4.35
C SER A 1134 -5.69 59.95 -3.12
N ALA A 1135 -6.43 60.34 -2.09
CA ALA A 1135 -5.87 60.84 -0.84
C ALA A 1135 -6.21 59.89 0.30
N TYR A 1136 -5.31 59.83 1.28
CA TYR A 1136 -5.53 58.98 2.45
C TYR A 1136 -6.67 59.51 3.30
N GLY A 1137 -6.79 60.82 3.40
CA GLY A 1137 -7.82 61.43 4.22
C GLY A 1137 -7.86 62.92 3.98
N LEU A 1138 -8.88 63.56 4.51
CA LEU A 1138 -9.10 64.99 4.33
C LEU A 1138 -9.26 65.63 5.70
N CYS A 1139 -8.55 66.73 5.93
CA CYS A 1139 -8.66 67.49 7.15
C CYS A 1139 -9.05 68.93 6.83
N ASP A 1140 -9.66 69.58 7.82
CA ASP A 1140 -10.01 70.99 7.69
C ASP A 1140 -8.80 71.85 8.02
N ALA A 1141 -8.41 72.72 7.09
CA ALA A 1141 -7.23 73.55 7.30
C ALA A 1141 -7.42 74.49 8.49
N ALA A 1142 -8.61 75.05 8.64
CA ALA A 1142 -8.89 75.94 9.77
C ALA A 1142 -8.83 75.18 11.09
N ASN A 1143 -9.38 73.97 11.13
CA ASN A 1143 -9.35 73.13 12.32
C ASN A 1143 -8.62 71.84 12.00
N PRO A 1144 -7.31 71.78 12.19
CA PRO A 1144 -6.55 70.62 11.68
C PRO A 1144 -6.89 69.30 12.36
N THR A 1145 -7.56 69.34 13.51
CA THR A 1145 -7.84 68.11 14.26
C THR A 1145 -9.23 67.58 13.92
N ASN A 1146 -9.74 68.03 12.78
CA ASN A 1146 -11.02 67.59 12.28
C ASN A 1146 -10.84 66.91 10.93
N CYS A 1147 -10.75 65.59 10.91
CA CYS A 1147 -10.39 64.84 9.73
C CYS A 1147 -11.39 63.71 9.47
N ILE A 1148 -11.45 63.29 8.21
CA ILE A 1148 -12.31 62.18 7.80
C ILE A 1148 -11.53 61.23 6.92
N ALA A 1149 -11.98 59.98 6.87
CA ALA A 1149 -11.43 58.95 6.03
C ALA A 1149 -12.57 58.21 5.34
N PRO A 1150 -12.35 57.71 4.13
CA PRO A 1150 -13.44 57.02 3.42
C PRO A 1150 -13.76 55.68 4.05
N VAL A 1151 -15.03 55.27 3.90
CA VAL A 1151 -15.50 53.99 4.42
C VAL A 1151 -15.89 53.12 3.23
N ASN A 1152 -15.16 52.02 3.06
CA ASN A 1152 -15.42 51.06 1.98
C ASN A 1152 -15.33 51.73 0.61
N GLY A 1153 -14.34 52.61 0.46
CA GLY A 1153 -14.22 53.36 -0.76
C GLY A 1153 -12.99 54.25 -0.73
N TYR A 1154 -12.96 55.20 -1.66
CA TYR A 1154 -11.80 56.03 -1.87
C TYR A 1154 -12.21 57.48 -2.10
N PHE A 1155 -11.32 58.39 -1.68
CA PHE A 1155 -11.43 59.82 -1.97
C PHE A 1155 -10.65 60.07 -3.24
N ILE A 1156 -11.34 60.48 -4.30
CA ILE A 1156 -10.70 60.68 -5.60
C ILE A 1156 -10.79 62.15 -5.97
N LYS A 1157 -9.92 62.55 -6.90
CA LYS A 1157 -9.92 63.90 -7.44
C LYS A 1157 -10.86 63.96 -8.63
N THR A 1158 -11.93 64.74 -8.50
CA THR A 1158 -12.91 64.83 -9.58
C THR A 1158 -12.36 65.66 -10.74
N ASN A 1159 -12.94 65.43 -11.92
CA ASN A 1159 -12.67 66.27 -13.08
C ASN A 1159 -13.98 66.58 -13.80
N ASN A 1160 -15.04 66.80 -13.03
CA ASN A 1160 -16.39 67.00 -13.57
C ASN A 1160 -16.62 68.45 -13.97
N THR A 1161 -15.72 68.98 -14.80
CA THR A 1161 -15.76 70.35 -15.34
C THR A 1161 -16.28 71.35 -14.30
N ARG A 1162 -15.70 71.27 -13.11
CA ARG A 1162 -16.20 72.03 -11.96
C ARG A 1162 -15.05 72.60 -11.13
N ILE A 1163 -15.36 72.99 -9.89
CA ILE A 1163 -14.39 73.66 -9.03
C ILE A 1163 -13.09 72.87 -8.96
N VAL A 1164 -11.97 73.58 -8.84
CA VAL A 1164 -10.66 72.95 -8.86
C VAL A 1164 -10.39 72.25 -7.55
N ASP A 1165 -9.65 71.15 -7.62
CA ASP A 1165 -9.28 70.34 -6.46
C ASP A 1165 -10.50 69.91 -5.66
N GLU A 1166 -11.56 69.55 -6.38
CA GLU A 1166 -12.73 68.96 -5.75
C GLU A 1166 -12.45 67.50 -5.43
N TRP A 1167 -13.00 67.04 -4.30
CA TRP A 1167 -12.82 65.67 -3.84
C TRP A 1167 -14.16 64.96 -3.85
N SER A 1168 -14.20 63.77 -4.44
CA SER A 1168 -15.39 62.94 -4.50
C SER A 1168 -15.10 61.60 -3.83
N TYR A 1169 -16.15 60.80 -3.69
CA TYR A 1169 -16.05 59.47 -3.11
C TYR A 1169 -16.44 58.45 -4.16
N THR A 1170 -15.76 57.31 -4.16
CA THR A 1170 -16.11 56.21 -5.05
C THR A 1170 -16.06 54.90 -4.28
N GLY A 1171 -16.88 53.95 -4.71
CA GLY A 1171 -16.86 52.63 -4.12
C GLY A 1171 -15.58 51.89 -4.49
N SER A 1172 -15.19 50.95 -3.63
CA SER A 1172 -13.90 50.30 -3.80
C SER A 1172 -13.89 49.34 -4.98
N SER A 1173 -15.03 48.97 -5.54
CA SER A 1173 -15.09 47.94 -6.56
C SER A 1173 -15.65 48.41 -7.89
N PHE A 1174 -16.02 49.69 -8.00
CA PHE A 1174 -16.59 50.23 -9.22
C PHE A 1174 -16.43 51.74 -9.22
N TYR A 1175 -15.95 52.28 -10.33
CA TYR A 1175 -15.64 53.70 -10.41
C TYR A 1175 -16.90 54.48 -10.71
N ALA A 1176 -17.34 55.30 -9.76
CA ALA A 1176 -18.49 56.16 -9.92
C ALA A 1176 -18.45 57.29 -8.90
N PRO A 1177 -17.84 58.43 -9.23
CA PRO A 1177 -17.69 59.50 -8.23
C PRO A 1177 -19.02 60.01 -7.73
N GLU A 1178 -19.07 60.28 -6.43
CA GLU A 1178 -20.27 60.75 -5.74
C GLU A 1178 -19.86 61.82 -4.75
N PRO A 1179 -20.82 62.61 -4.26
CA PRO A 1179 -20.49 63.62 -3.25
C PRO A 1179 -20.06 62.97 -1.94
N ILE A 1180 -19.24 63.70 -1.19
CA ILE A 1180 -18.80 63.25 0.11
C ILE A 1180 -19.83 63.64 1.15
N THR A 1181 -20.23 62.69 1.99
CA THR A 1181 -21.23 62.93 3.01
C THR A 1181 -20.87 62.09 4.24
N SER A 1182 -21.67 62.22 5.28
CA SER A 1182 -21.45 61.48 6.52
C SER A 1182 -21.76 60.00 6.37
N LEU A 1183 -22.46 59.60 5.32
CA LEU A 1183 -22.81 58.19 5.12
C LEU A 1183 -21.62 57.37 4.62
N ASN A 1184 -20.68 57.97 3.91
CA ASN A 1184 -19.56 57.24 3.34
C ASN A 1184 -18.21 57.68 3.92
N THR A 1185 -18.21 58.37 5.06
CA THR A 1185 -16.99 58.83 5.69
C THR A 1185 -17.02 58.49 7.17
N LYS A 1186 -15.85 58.54 7.79
CA LYS A 1186 -15.74 58.31 9.22
C LYS A 1186 -14.68 59.24 9.80
N TYR A 1187 -14.93 59.74 10.99
CA TYR A 1187 -13.98 60.66 11.63
C TYR A 1187 -12.78 59.89 12.17
N VAL A 1188 -11.60 60.48 12.03
CA VAL A 1188 -10.34 59.84 12.40
C VAL A 1188 -9.39 60.87 12.96
N ALA A 1189 -8.35 60.39 13.64
CA ALA A 1189 -7.32 61.28 14.14
C ALA A 1189 -6.44 61.76 12.99
N PRO A 1190 -5.92 62.98 13.06
CA PRO A 1190 -5.14 63.51 11.94
C PRO A 1190 -3.84 62.74 11.73
N GLN A 1191 -3.40 62.70 10.47
CA GLN A 1191 -2.14 62.09 10.08
C GLN A 1191 -1.38 63.05 9.18
N VAL A 1192 -0.06 62.85 9.11
CA VAL A 1192 0.80 63.74 8.33
C VAL A 1192 0.56 63.61 6.83
N THR A 1193 -0.09 62.53 6.38
CA THR A 1193 -0.33 62.30 4.96
C THR A 1193 -1.70 62.78 4.51
N TYR A 1194 -2.49 63.38 5.39
CA TYR A 1194 -3.82 63.84 5.03
C TYR A 1194 -3.74 65.18 4.31
N GLN A 1195 -4.73 65.44 3.47
CA GLN A 1195 -4.80 66.69 2.72
C GLN A 1195 -5.50 67.75 3.55
N ASN A 1196 -4.92 68.94 3.61
CA ASN A 1196 -5.48 70.05 4.34
C ASN A 1196 -6.30 70.90 3.36
N ILE A 1197 -7.61 70.74 3.40
CA ILE A 1197 -8.52 71.44 2.50
C ILE A 1197 -8.89 72.78 3.12
N SER A 1198 -8.94 73.82 2.28
CA SER A 1198 -9.32 75.16 2.69
C SER A 1198 -10.66 75.59 2.14
N THR A 1199 -10.97 75.23 0.89
CA THR A 1199 -12.21 75.67 0.27
C THR A 1199 -13.06 74.45 -0.12
N ASN A 1200 -14.38 74.64 -0.18
CA ASN A 1200 -15.38 73.71 -0.67
C ASN A 1200 -15.65 72.54 0.26
N LEU A 1201 -14.80 72.34 1.27
CA LEU A 1201 -15.16 71.83 2.60
C LEU A 1201 -16.35 70.87 2.61
N PRO A 1202 -16.17 69.61 2.20
CA PRO A 1202 -17.32 68.69 2.13
C PRO A 1202 -18.10 68.70 3.44
N PRO A 1203 -19.40 68.38 3.38
CA PRO A 1203 -20.30 68.65 4.52
C PRO A 1203 -19.83 68.03 5.83
N PRO A 1204 -19.22 66.84 5.83
CA PRO A 1204 -18.72 66.32 7.11
C PRO A 1204 -17.72 67.23 7.79
N LEU A 1205 -16.89 67.96 7.03
CA LEU A 1205 -15.88 68.80 7.63
C LEU A 1205 -16.37 70.20 7.96
N LEU A 1206 -17.61 70.53 7.60
CA LEU A 1206 -18.15 71.85 7.86
C LEU A 1206 -18.32 72.08 9.36
N GLY A 1207 -17.46 72.93 9.93
CA GLY A 1207 -17.57 73.26 11.33
C GLY A 1207 -18.76 74.17 11.59
N ASN A 1208 -19.78 73.64 12.26
CA ASN A 1208 -21.01 74.38 12.48
C ASN A 1208 -20.76 75.58 13.38
N SER A 1209 -21.06 76.77 12.86
CA SER A 1209 -20.90 78.03 13.58
C SER A 1209 -22.11 78.92 13.35
N THR A 1210 -23.30 78.34 13.41
CA THR A 1210 -24.55 79.05 13.12
C THR A 1210 -25.39 79.09 14.39
N GLY A 1211 -25.16 80.10 15.22
CA GLY A 1211 -25.98 80.36 16.39
C GLY A 1211 -27.03 81.40 16.03
N ILE A 1212 -27.73 81.93 17.04
CA ILE A 1212 -28.72 82.97 16.80
C ILE A 1212 -28.04 84.34 16.75
N THR B 1 56.85 -38.27 -3.34
CA THR B 1 57.86 -38.02 -2.33
C THR B 1 58.98 -37.15 -2.89
N VAL B 2 59.43 -36.18 -2.10
CA VAL B 2 60.38 -35.18 -2.55
C VAL B 2 61.61 -35.22 -1.64
N ASP B 3 62.78 -35.00 -2.24
CA ASP B 3 64.03 -35.04 -1.49
C ASP B 3 64.21 -33.75 -0.70
N VAL B 4 64.49 -33.90 0.60
CA VAL B 4 64.72 -32.75 1.46
C VAL B 4 66.16 -32.64 1.95
N GLY B 5 66.95 -33.72 1.83
CA GLY B 5 68.32 -33.69 2.27
C GLY B 5 68.67 -34.89 3.13
N PRO B 6 69.90 -34.92 3.64
CA PRO B 6 70.32 -36.04 4.48
C PRO B 6 69.63 -36.02 5.84
N ASP B 7 69.54 -37.20 6.45
CA ASP B 7 69.03 -37.31 7.80
C ASP B 7 70.07 -36.81 8.79
N SER B 8 69.71 -36.83 10.07
CA SER B 8 70.65 -36.42 11.10
C SER B 8 71.75 -37.46 11.28
N VAL B 9 72.99 -37.00 11.39
CA VAL B 9 74.13 -37.88 11.59
C VAL B 9 74.31 -38.09 13.09
N LYS B 10 73.94 -37.10 13.89
CA LYS B 10 73.98 -37.23 15.33
C LYS B 10 72.86 -38.15 15.82
N SER B 11 73.16 -38.97 16.82
CA SER B 11 72.16 -39.84 17.42
C SER B 11 71.54 -39.17 18.64
N ALA B 12 72.38 -38.66 19.53
CA ALA B 12 71.90 -38.02 20.75
C ALA B 12 71.44 -36.59 20.49
N CYS B 13 70.12 -36.41 20.35
CA CYS B 13 69.58 -35.07 20.23
C CYS B 13 69.65 -34.35 21.57
N ILE B 14 69.74 -33.01 21.49
CA ILE B 14 70.08 -32.21 22.66
C ILE B 14 68.96 -32.28 23.71
N GLU B 15 69.29 -31.93 24.95
CA GLU B 15 68.36 -31.94 26.07
C GLU B 15 67.65 -30.59 26.17
N VAL B 16 66.39 -30.62 26.61
CA VAL B 16 65.58 -29.42 26.79
C VAL B 16 65.01 -29.43 28.20
N ASP B 17 65.06 -28.28 28.87
CA ASP B 17 64.61 -28.14 30.25
C ASP B 17 63.29 -27.38 30.26
N ILE B 18 62.20 -28.09 30.57
CA ILE B 18 60.88 -27.49 30.62
C ILE B 18 60.66 -26.84 31.98
N GLN B 19 60.46 -25.52 31.99
CA GLN B 19 60.05 -24.78 33.18
C GLN B 19 59.00 -23.75 32.76
N GLN B 20 57.73 -24.14 32.86
CA GLN B 20 56.64 -23.28 32.43
C GLN B 20 56.53 -22.03 33.28
N THR B 21 57.07 -22.07 34.51
CA THR B 21 56.93 -20.95 35.43
C THR B 21 57.61 -19.70 34.90
N PHE B 22 58.77 -19.86 34.27
CA PHE B 22 59.50 -18.71 33.76
C PHE B 22 58.74 -18.00 32.64
N PHE B 23 58.00 -18.77 31.85
CA PHE B 23 57.28 -18.22 30.72
C PHE B 23 55.88 -17.73 31.08
N ASP B 24 55.36 -18.08 32.25
CA ASP B 24 54.01 -17.69 32.65
C ASP B 24 54.04 -16.24 33.12
N LYS B 25 53.71 -15.32 32.22
CA LYS B 25 53.68 -13.90 32.53
C LYS B 25 52.44 -13.28 31.89
N THR B 26 52.26 -11.98 32.10
CA THR B 26 51.13 -11.25 31.53
C THR B 26 51.63 -10.04 30.79
N TRP B 27 51.20 -9.91 29.53
CA TRP B 27 51.51 -8.74 28.70
C TRP B 27 50.31 -8.50 27.80
N PRO B 28 49.26 -7.88 28.33
CA PRO B 28 48.00 -7.78 27.58
C PRO B 28 48.12 -7.00 26.29
N ARG B 29 47.84 -7.65 25.16
CA ARG B 29 47.76 -7.00 23.86
C ARG B 29 46.46 -7.42 23.19
N PRO B 30 45.33 -6.91 23.66
CA PRO B 30 44.04 -7.33 23.10
C PRO B 30 43.84 -6.79 21.69
N ILE B 31 42.99 -7.49 20.93
CA ILE B 31 42.67 -7.07 19.57
C ILE B 31 41.94 -5.73 19.66
N ASP B 32 42.50 -4.70 19.03
CA ASP B 32 41.89 -3.38 18.99
C ASP B 32 41.40 -3.15 17.57
N VAL B 33 40.10 -3.41 17.34
CA VAL B 33 39.52 -3.28 16.01
C VAL B 33 39.40 -1.84 15.54
N SER B 34 39.49 -0.87 16.45
CA SER B 34 39.43 0.52 16.08
C SER B 34 40.65 0.98 15.28
N LYS B 35 41.71 0.17 15.23
CA LYS B 35 42.85 0.42 14.37
C LYS B 35 43.11 -0.77 13.45
N ALA B 36 42.08 -1.55 13.16
CA ALA B 36 42.11 -2.65 12.19
C ALA B 36 43.24 -3.63 12.49
N ASP B 37 43.13 -4.27 13.65
CA ASP B 37 44.08 -5.27 14.08
C ASP B 37 43.61 -6.66 13.61
N GLY B 38 44.51 -7.38 12.96
CA GLY B 38 44.23 -8.74 12.55
C GLY B 38 43.13 -8.87 11.51
N ILE B 39 43.08 -7.93 10.57
CA ILE B 39 42.05 -7.90 9.53
C ILE B 39 42.65 -8.51 8.27
N ILE B 40 42.05 -9.59 7.79
CA ILE B 40 42.43 -10.16 6.50
C ILE B 40 41.68 -9.42 5.40
N TYR B 41 42.43 -8.84 4.47
CA TYR B 41 41.83 -8.03 3.43
C TYR B 41 40.93 -8.88 2.53
N PRO B 42 39.78 -8.35 2.07
CA PRO B 42 38.95 -9.09 1.13
C PRO B 42 39.73 -9.58 -0.08
N GLN B 43 39.85 -10.90 -0.21
CA GLN B 43 40.84 -11.50 -1.12
C GLN B 43 40.24 -11.75 -2.52
N GLY B 44 39.52 -10.75 -3.03
CA GLY B 44 39.16 -10.78 -4.43
C GLY B 44 39.29 -9.44 -5.12
N ARG B 45 39.39 -8.36 -4.34
CA ARG B 45 39.13 -7.04 -4.87
C ARG B 45 39.71 -5.94 -3.99
N THR B 46 39.32 -4.70 -4.26
CA THR B 46 39.73 -3.57 -3.45
C THR B 46 38.73 -2.45 -3.63
N TYR B 47 38.74 -1.51 -2.68
CA TYR B 47 37.80 -0.40 -2.65
C TYR B 47 38.58 0.90 -2.41
N SER B 48 37.88 2.02 -2.49
CA SER B 48 38.53 3.31 -2.30
C SER B 48 37.55 4.28 -1.66
N ASN B 49 37.86 4.72 -0.44
CA ASN B 49 37.17 5.84 0.21
C ASN B 49 35.69 5.56 0.42
N ILE B 50 35.40 4.41 1.04
CA ILE B 50 34.03 4.04 1.38
C ILE B 50 34.02 3.31 2.71
N THR B 51 32.81 2.94 3.15
CA THR B 51 32.61 2.21 4.39
C THR B 51 31.50 1.20 4.16
N ILE B 52 31.81 -0.09 4.28
CA ILE B 52 30.85 -1.13 3.93
C ILE B 52 30.91 -2.25 4.95
N THR B 53 29.81 -2.97 5.10
CA THR B 53 29.79 -4.20 5.87
C THR B 53 30.32 -5.34 5.02
N TYR B 54 30.89 -6.33 5.69
CA TYR B 54 31.58 -7.42 5.00
C TYR B 54 31.59 -8.64 5.91
N GLN B 55 31.24 -9.79 5.36
CA GLN B 55 31.27 -11.04 6.10
C GLN B 55 32.54 -11.81 5.76
N GLY B 56 33.34 -12.12 6.78
CA GLY B 56 34.58 -12.83 6.57
C GLY B 56 35.05 -13.57 7.79
N LEU B 57 36.36 -13.70 7.95
CA LEU B 57 36.97 -14.43 9.06
C LEU B 57 37.84 -13.45 9.83
N PHE B 58 37.28 -12.88 10.89
CA PHE B 58 37.94 -11.90 11.74
C PHE B 58 38.02 -12.40 13.18
N PRO B 59 38.90 -11.82 13.99
CA PRO B 59 38.92 -12.15 15.41
C PRO B 59 38.00 -11.25 16.22
N TYR B 60 37.71 -11.69 17.43
CA TYR B 60 36.83 -10.95 18.31
C TYR B 60 37.49 -9.65 18.75
N GLN B 61 36.70 -8.56 18.73
CA GLN B 61 37.16 -7.31 19.33
C GLN B 61 37.43 -7.52 20.81
N GLY B 62 38.60 -7.06 21.27
CA GLY B 62 38.97 -7.17 22.66
C GLY B 62 39.54 -8.52 23.04
N ASP B 63 39.61 -9.46 22.11
CA ASP B 63 40.16 -10.78 22.40
C ASP B 63 41.62 -10.65 22.83
N HIS B 64 42.01 -11.46 23.81
CA HIS B 64 43.38 -11.42 24.31
C HIS B 64 44.27 -12.45 23.66
N GLY B 65 43.71 -13.50 23.08
CA GLY B 65 44.50 -14.52 22.42
C GLY B 65 45.37 -15.28 23.41
N ASP B 66 46.33 -16.02 22.84
CA ASP B 66 47.30 -16.78 23.61
C ASP B 66 48.68 -16.21 23.34
N MET B 67 49.42 -15.94 24.41
CA MET B 67 50.77 -15.40 24.29
C MET B 67 51.79 -16.53 24.34
N TYR B 68 52.88 -16.37 23.60
CA TYR B 68 53.97 -17.33 23.59
C TYR B 68 55.30 -16.59 23.56
N VAL B 69 56.27 -17.11 24.31
CA VAL B 69 57.58 -16.51 24.41
C VAL B 69 58.63 -17.54 24.02
N TYR B 70 59.74 -17.05 23.47
CA TYR B 70 60.89 -17.87 23.13
C TYR B 70 62.08 -17.34 23.93
N SER B 71 62.90 -18.26 24.45
CA SER B 71 63.95 -17.91 25.38
C SER B 71 65.28 -18.51 24.96
N ALA B 72 66.35 -17.89 25.43
CA ALA B 72 67.68 -18.44 25.25
C ALA B 72 67.85 -19.70 26.11
N GLY B 73 68.89 -20.46 25.81
CA GLY B 73 69.15 -21.67 26.55
C GLY B 73 70.16 -21.50 27.66
N HIS B 74 70.33 -22.57 28.44
CA HIS B 74 71.31 -22.56 29.52
C HIS B 74 72.72 -22.51 28.95
N ALA B 75 73.56 -21.67 29.55
CA ALA B 75 74.95 -21.53 29.11
C ALA B 75 75.81 -21.15 30.29
N THR B 76 77.00 -21.76 30.37
CA THR B 76 77.98 -21.45 31.41
C THR B 76 79.18 -20.79 30.75
N GLY B 77 79.20 -19.47 30.77
CA GLY B 77 80.34 -18.70 30.28
C GLY B 77 80.41 -18.58 28.79
N THR B 78 80.82 -19.65 28.10
CA THR B 78 80.90 -19.64 26.66
C THR B 78 80.47 -20.99 26.09
N THR B 79 79.54 -21.67 26.78
CA THR B 79 79.15 -23.03 26.41
C THR B 79 77.66 -23.24 26.70
N PRO B 80 76.82 -23.19 25.66
CA PRO B 80 75.40 -23.48 25.86
C PRO B 80 75.16 -24.88 26.39
N GLN B 81 74.47 -24.99 27.53
CA GLN B 81 74.25 -26.27 28.18
C GLN B 81 73.06 -27.02 27.58
N LYS B 82 71.88 -26.43 27.66
CA LYS B 82 70.64 -27.07 27.26
C LYS B 82 69.65 -26.03 26.78
N LEU B 83 68.47 -26.51 26.37
CA LEU B 83 67.43 -25.65 25.81
C LEU B 83 66.37 -25.37 26.86
N PHE B 84 65.94 -24.11 26.93
CA PHE B 84 64.91 -23.67 27.86
C PHE B 84 63.63 -23.46 27.06
N VAL B 85 62.68 -24.38 27.20
CA VAL B 85 61.42 -24.30 26.49
C VAL B 85 60.26 -24.45 27.45
N ALA B 86 59.08 -23.97 27.05
CA ALA B 86 57.85 -24.20 27.78
C ALA B 86 57.22 -25.51 27.30
N ASN B 87 56.07 -25.86 27.87
CA ASN B 87 55.38 -27.10 27.53
C ASN B 87 54.42 -26.93 26.36
N TYR B 88 54.69 -25.99 25.46
CA TYR B 88 53.79 -25.74 24.32
C TYR B 88 53.56 -27.02 23.51
N SER B 89 54.59 -27.85 23.39
CA SER B 89 54.48 -29.07 22.59
C SER B 89 53.40 -30.00 23.13
N GLN B 90 53.13 -29.91 24.44
CA GLN B 90 52.07 -30.72 25.03
C GLN B 90 50.70 -30.08 24.83
N ASP B 91 50.66 -28.79 24.49
CA ASP B 91 49.40 -28.06 24.39
C ASP B 91 48.89 -28.10 22.96
N VAL B 92 47.94 -28.99 22.68
CA VAL B 92 47.34 -29.13 21.37
C VAL B 92 46.01 -28.39 21.36
N LYS B 93 45.83 -27.50 20.40
CA LYS B 93 44.63 -26.69 20.26
C LYS B 93 43.90 -27.06 18.97
N GLN B 94 42.65 -26.62 18.87
CA GLN B 94 41.83 -26.87 17.70
C GLN B 94 42.05 -25.77 16.67
N PHE B 95 42.10 -26.16 15.39
CA PHE B 95 42.24 -25.17 14.32
C PHE B 95 40.89 -24.56 13.95
N ALA B 96 40.03 -25.34 13.30
CA ALA B 96 38.60 -25.16 13.18
C ALA B 96 38.15 -23.94 12.38
N ASN B 97 39.00 -22.93 12.26
CA ASN B 97 38.81 -21.87 11.28
C ASN B 97 40.12 -21.28 10.77
N GLY B 98 41.22 -21.51 11.45
CA GLY B 98 42.45 -20.77 11.24
C GLY B 98 42.70 -19.81 12.38
N PHE B 99 43.75 -19.01 12.22
CA PHE B 99 44.11 -18.03 13.24
C PHE B 99 44.99 -16.95 12.63
N VAL B 100 45.28 -15.94 13.44
CA VAL B 100 46.18 -14.85 13.09
C VAL B 100 47.18 -14.69 14.22
N VAL B 101 48.36 -14.17 13.89
CA VAL B 101 49.47 -14.04 14.81
C VAL B 101 50.05 -12.64 14.68
N ARG B 102 50.32 -12.03 15.83
CA ARG B 102 50.86 -10.68 15.93
C ARG B 102 52.33 -10.79 16.33
N ILE B 103 53.23 -10.57 15.37
CA ILE B 103 54.65 -10.80 15.58
C ILE B 103 55.39 -9.49 15.72
N GLY B 104 56.22 -9.39 16.77
CA GLY B 104 57.10 -8.26 16.93
C GLY B 104 56.47 -7.04 17.55
N ALA B 105 55.41 -7.21 18.34
CA ALA B 105 54.71 -6.07 18.92
C ALA B 105 55.61 -5.32 19.90
N ALA B 106 56.29 -6.04 20.78
CA ALA B 106 57.13 -5.43 21.80
C ALA B 106 58.58 -5.40 21.33
N ALA B 107 58.83 -4.54 20.36
CA ALA B 107 60.17 -4.34 19.84
C ALA B 107 60.65 -2.91 20.10
N ASN B 108 61.96 -2.72 19.98
CA ASN B 108 62.60 -1.42 20.24
C ASN B 108 62.26 -0.91 21.64
N SER B 109 62.20 -1.84 22.60
CA SER B 109 61.84 -1.51 23.97
C SER B 109 62.78 -2.27 24.91
N THR B 110 62.72 -1.91 26.18
CA THR B 110 63.56 -2.52 27.19
C THR B 110 62.76 -3.54 27.98
N GLY B 111 63.06 -4.82 27.79
CA GLY B 111 62.43 -5.88 28.55
C GLY B 111 63.47 -6.72 29.27
N THR B 112 63.12 -7.94 29.64
CA THR B 112 64.04 -8.81 30.36
C THR B 112 64.09 -10.19 29.73
N VAL B 113 65.21 -10.87 29.94
CA VAL B 113 65.40 -12.23 29.44
C VAL B 113 64.53 -13.17 30.28
N ILE B 114 64.24 -14.35 29.75
CA ILE B 114 63.39 -15.29 30.47
C ILE B 114 64.17 -16.05 31.53
N ILE B 115 65.39 -16.49 31.20
CA ILE B 115 66.12 -17.40 32.05
C ILE B 115 66.94 -16.61 33.06
N SER B 116 66.99 -15.30 32.87
CA SER B 116 67.72 -14.39 33.74
C SER B 116 66.83 -13.22 34.12
N PRO B 117 65.89 -13.40 35.05
CA PRO B 117 64.89 -12.36 35.33
C PRO B 117 65.49 -11.00 35.67
N SER B 118 66.68 -10.99 36.27
CA SER B 118 67.36 -9.73 36.56
C SER B 118 68.41 -9.41 35.49
N THR B 119 67.92 -9.21 34.27
CA THR B 119 68.78 -8.88 33.12
C THR B 119 67.96 -8.10 32.11
N SER B 120 68.12 -6.78 32.11
CA SER B 120 67.46 -5.93 31.13
C SER B 120 68.15 -6.06 29.78
N ALA B 121 67.36 -5.92 28.70
CA ALA B 121 67.89 -6.01 27.36
C ALA B 121 66.87 -5.45 26.38
N THR B 122 67.35 -4.99 25.23
CA THR B 122 66.46 -4.57 24.16
C THR B 122 65.81 -5.78 23.52
N ILE B 123 64.51 -5.67 23.22
CA ILE B 123 63.78 -6.81 22.69
C ILE B 123 63.97 -6.90 21.18
N ARG B 124 63.97 -8.13 20.67
CA ARG B 124 64.21 -8.40 19.26
C ARG B 124 63.08 -9.24 18.70
N LYS B 125 62.57 -8.85 17.54
CA LYS B 125 61.50 -9.59 16.89
C LYS B 125 61.95 -11.00 16.54
N ILE B 126 61.06 -11.97 16.74
CA ILE B 126 61.33 -13.37 16.44
C ILE B 126 60.10 -13.96 15.78
N TYR B 127 60.30 -15.07 15.07
CA TYR B 127 59.17 -15.58 14.32
C TYR B 127 58.71 -16.93 14.86
N PRO B 128 57.41 -17.17 14.91
CA PRO B 128 56.88 -18.42 15.47
C PRO B 128 57.02 -19.61 14.52
N ALA B 129 56.86 -20.80 15.11
CA ALA B 129 56.91 -22.06 14.37
C ALA B 129 55.68 -22.87 14.71
N PHE B 130 54.99 -23.36 13.69
CA PHE B 130 53.72 -24.06 13.86
C PHE B 130 53.80 -25.47 13.29
N MET B 131 53.05 -26.37 13.91
CA MET B 131 52.92 -27.74 13.39
C MET B 131 51.43 -28.10 13.46
N LEU B 132 50.82 -28.24 12.29
CA LEU B 132 49.39 -28.49 12.17
C LEU B 132 49.17 -29.88 11.60
N GLY B 133 48.07 -30.51 11.99
CA GLY B 133 47.81 -31.85 11.52
C GLY B 133 46.35 -32.24 11.51
N SER B 134 46.06 -33.49 11.16
CA SER B 134 44.70 -34.00 11.12
C SER B 134 44.42 -35.07 12.16
N SER B 135 45.44 -35.56 12.87
CA SER B 135 45.26 -36.58 13.89
C SER B 135 46.36 -36.45 14.91
N VAL B 136 46.00 -36.53 16.20
CA VAL B 136 46.96 -36.32 17.28
C VAL B 136 46.77 -37.41 18.33
N GLY B 137 47.89 -37.90 18.85
CA GLY B 137 47.91 -38.94 19.86
C GLY B 137 49.07 -38.73 20.82
N ASN B 138 49.47 -39.82 21.45
CA ASN B 138 50.51 -39.77 22.47
C ASN B 138 51.87 -40.18 21.91
N PHE B 139 52.93 -39.70 22.58
CA PHE B 139 54.29 -40.12 22.31
C PHE B 139 54.65 -41.41 23.03
N SER B 140 55.95 -41.74 23.06
CA SER B 140 56.46 -42.99 23.60
C SER B 140 55.92 -43.29 25.01
N ASP B 141 56.03 -42.33 25.92
CA ASP B 141 55.59 -42.51 27.30
C ASP B 141 54.19 -41.95 27.53
N GLY B 142 53.35 -42.00 26.52
CA GLY B 142 52.00 -41.47 26.64
C GLY B 142 51.95 -39.96 26.72
N LYS B 143 53.03 -39.28 26.33
CA LYS B 143 53.08 -37.82 26.37
C LYS B 143 52.26 -37.25 25.23
N MET B 144 51.39 -36.30 25.54
CA MET B 144 50.48 -35.74 24.55
C MET B 144 51.25 -34.89 23.54
N GLY B 145 50.81 -34.94 22.29
CA GLY B 145 51.41 -34.09 21.27
C GLY B 145 52.10 -34.80 20.13
N ARG B 146 51.61 -35.97 19.73
CA ARG B 146 52.17 -36.72 18.61
C ARG B 146 51.27 -36.51 17.40
N PHE B 147 51.87 -36.25 16.25
CA PHE B 147 51.12 -35.98 15.03
C PHE B 147 51.26 -37.13 14.05
N PHE B 148 50.13 -37.65 13.59
CA PHE B 148 50.00 -38.81 12.73
C PHE B 148 50.17 -38.44 11.25
N ASN B 149 49.61 -39.28 10.38
CA ASN B 149 50.07 -39.60 9.02
C ASN B 149 50.70 -38.38 8.36
N HIS B 150 50.00 -37.25 8.21
CA HIS B 150 50.57 -36.13 7.51
C HIS B 150 50.44 -34.85 8.35
N THR B 151 51.55 -34.12 8.48
CA THR B 151 51.65 -32.99 9.39
C THR B 151 52.26 -31.80 8.64
N LEU B 152 51.44 -30.79 8.35
CA LEU B 152 51.97 -29.57 7.76
C LEU B 152 52.81 -28.86 8.82
N VAL B 153 53.98 -28.37 8.42
CA VAL B 153 54.91 -27.73 9.33
C VAL B 153 55.38 -26.42 8.70
N LEU B 154 55.33 -25.35 9.49
CA LEU B 154 55.85 -24.03 9.11
C LEU B 154 56.92 -23.66 10.12
N LEU B 155 58.15 -23.46 9.64
CA LEU B 155 59.22 -23.10 10.55
C LEU B 155 60.19 -22.11 9.92
N PRO B 156 60.45 -20.97 10.56
CA PRO B 156 61.45 -20.04 10.05
C PRO B 156 62.85 -20.59 10.22
N ASP B 157 63.76 -20.12 9.37
CA ASP B 157 65.14 -20.59 9.40
C ASP B 157 66.05 -19.41 9.06
N GLY B 158 67.35 -19.63 9.23
CA GLY B 158 68.33 -18.63 8.85
C GLY B 158 68.23 -17.33 9.60
N CYS B 159 68.08 -17.38 10.92
CA CYS B 159 67.99 -16.20 11.76
C CYS B 159 66.85 -15.28 11.30
N GLY B 160 65.73 -15.89 10.95
CA GLY B 160 64.57 -15.14 10.51
C GLY B 160 64.72 -14.45 9.18
N THR B 161 65.35 -15.13 8.22
CA THR B 161 65.41 -14.64 6.84
C THR B 161 64.49 -15.39 5.89
N LEU B 162 64.09 -16.62 6.21
CA LEU B 162 63.24 -17.40 5.33
C LEU B 162 62.24 -18.23 6.11
N LEU B 163 61.14 -18.62 5.46
CA LEU B 163 60.14 -19.50 6.08
C LEU B 163 59.92 -20.72 5.21
N ARG B 164 59.83 -21.91 5.81
CA ARG B 164 59.66 -23.12 5.05
C ARG B 164 58.44 -23.89 5.54
N ALA B 165 57.65 -24.37 4.59
CA ALA B 165 56.43 -25.14 4.84
C ALA B 165 56.49 -26.47 4.12
N PHE B 166 56.10 -27.54 4.81
CA PHE B 166 56.23 -28.86 4.22
C PHE B 166 55.36 -29.87 4.94
N TYR B 167 54.95 -30.91 4.21
CA TYR B 167 54.30 -32.06 4.85
C TYR B 167 55.29 -32.91 5.63
N CYS B 168 56.20 -33.58 4.92
CA CYS B 168 57.36 -34.23 5.53
C CYS B 168 57.02 -35.07 6.75
N ILE B 169 56.30 -36.18 6.55
CA ILE B 169 55.78 -37.02 7.64
C ILE B 169 56.82 -37.19 8.75
N LEU B 170 56.40 -36.96 9.99
CA LEU B 170 57.33 -36.99 11.11
C LEU B 170 57.53 -38.42 11.60
N GLU B 171 58.78 -38.75 11.88
CA GLU B 171 59.15 -40.07 12.37
C GLU B 171 60.01 -39.90 13.62
N PRO B 172 59.47 -40.16 14.81
CA PRO B 172 60.24 -39.93 16.04
C PRO B 172 61.47 -40.82 16.13
N ARG B 173 62.63 -40.21 16.32
CA ARG B 173 63.87 -40.96 16.37
C ARG B 173 64.12 -41.50 17.77
N SER B 174 64.73 -42.68 17.83
CA SER B 174 65.01 -43.37 19.09
C SER B 174 66.48 -43.11 19.44
N GLY B 175 66.69 -42.44 20.57
CA GLY B 175 68.02 -42.12 21.03
C GLY B 175 67.94 -41.40 22.36
N ASN B 176 69.08 -40.90 22.81
CA ASN B 176 69.11 -40.17 24.07
C ASN B 176 68.39 -38.83 23.92
N HIS B 177 67.49 -38.56 24.86
CA HIS B 177 66.79 -37.27 24.95
C HIS B 177 65.88 -37.01 23.74
N CYS B 178 65.58 -38.06 22.99
CA CYS B 178 64.81 -37.97 21.76
C CYS B 178 63.41 -38.55 21.93
N PRO B 179 62.44 -38.11 21.10
CA PRO B 179 61.05 -38.55 21.26
C PRO B 179 60.84 -40.03 21.47
N ALA B 180 61.32 -40.87 20.54
CA ALA B 180 61.13 -42.30 20.61
C ALA B 180 62.15 -42.98 21.53
N GLY B 181 63.12 -42.22 22.04
CA GLY B 181 64.15 -42.76 22.90
C GLY B 181 63.82 -42.62 24.37
N ASN B 182 64.83 -42.86 25.20
CA ASN B 182 64.67 -42.81 26.64
C ASN B 182 64.93 -41.40 27.16
N SER B 183 64.28 -41.08 28.29
CA SER B 183 64.41 -39.78 28.94
C SER B 183 64.00 -38.66 27.99
N TYR B 184 62.75 -38.70 27.57
CA TYR B 184 62.21 -37.71 26.64
C TYR B 184 61.38 -36.69 27.40
N THR B 185 61.69 -35.41 27.19
CA THR B 185 60.87 -34.35 27.77
C THR B 185 60.04 -33.61 26.72
N SER B 186 60.70 -33.08 25.69
CA SER B 186 60.00 -32.30 24.67
C SER B 186 60.93 -32.07 23.48
N PHE B 187 60.39 -32.20 22.28
CA PHE B 187 61.14 -31.82 21.09
C PHE B 187 61.19 -30.31 20.97
N ALA B 188 62.26 -29.80 20.36
CA ALA B 188 62.42 -28.36 20.20
C ALA B 188 63.46 -28.10 19.12
N THR B 189 63.38 -26.93 18.50
CA THR B 189 64.38 -26.50 17.54
C THR B 189 65.28 -25.45 18.17
N TYR B 190 66.40 -25.18 17.51
CA TYR B 190 67.38 -24.23 18.03
C TYR B 190 68.30 -23.80 16.92
N HIS B 191 69.02 -22.70 17.17
CA HIS B 191 70.04 -22.21 16.26
C HIS B 191 71.08 -21.48 17.09
N THR B 192 72.36 -21.72 16.78
CA THR B 192 73.44 -21.09 17.54
C THR B 192 73.83 -19.77 16.88
N PRO B 193 73.54 -18.62 17.50
CA PRO B 193 73.89 -17.35 16.86
C PRO B 193 75.37 -17.07 16.79
N ALA B 194 76.20 -17.81 17.53
CA ALA B 194 77.64 -17.64 17.42
C ALA B 194 78.16 -18.05 16.04
N THR B 195 77.66 -19.16 15.51
CA THR B 195 78.12 -19.67 14.21
C THR B 195 77.06 -19.45 13.14
N ASP B 196 75.81 -19.88 13.37
CA ASP B 196 74.79 -19.83 12.32
C ASP B 196 74.46 -18.40 11.92
N CYS B 197 74.38 -17.50 12.90
CA CYS B 197 74.00 -16.11 12.63
C CYS B 197 75.24 -15.32 12.21
N SER B 198 75.82 -15.74 11.09
CA SER B 198 76.96 -15.07 10.50
C SER B 198 76.47 -14.05 9.48
N ASP B 199 77.02 -12.84 9.54
CA ASP B 199 76.56 -11.76 8.67
C ASP B 199 76.78 -12.12 7.20
N GLY B 200 77.91 -12.77 6.90
CA GLY B 200 78.18 -13.16 5.53
C GLY B 200 77.21 -14.21 5.01
N ASN B 201 76.88 -15.18 5.85
CA ASN B 201 76.02 -16.30 5.44
C ASN B 201 75.23 -16.78 6.66
N TYR B 202 73.93 -16.54 6.63
CA TYR B 202 73.03 -17.08 7.64
C TYR B 202 72.66 -18.50 7.25
N ASN B 203 73.06 -19.47 8.07
CA ASN B 203 72.78 -20.88 7.77
C ASN B 203 71.28 -21.08 7.60
N ARG B 204 70.87 -21.41 6.38
CA ARG B 204 69.46 -21.54 6.05
C ARG B 204 68.94 -22.96 6.29
N ASN B 205 69.70 -23.79 6.99
CA ASN B 205 69.25 -25.12 7.37
C ASN B 205 69.45 -25.42 8.85
N ALA B 206 69.90 -24.43 9.64
CA ALA B 206 70.20 -24.67 11.05
C ALA B 206 68.98 -25.17 11.82
N SER B 207 67.86 -24.45 11.69
CA SER B 207 66.64 -24.87 12.36
C SER B 207 66.08 -26.16 11.75
N LEU B 208 66.21 -26.32 10.43
CA LEU B 208 65.79 -27.57 9.80
C LEU B 208 66.61 -28.75 10.33
N ASN B 209 67.92 -28.57 10.48
CA ASN B 209 68.74 -29.63 11.06
C ASN B 209 68.37 -29.90 12.51
N SER B 210 68.11 -28.84 13.29
CA SER B 210 67.65 -29.03 14.66
C SER B 210 66.38 -29.86 14.71
N PHE B 211 65.41 -29.54 13.86
CA PHE B 211 64.19 -30.34 13.78
C PHE B 211 64.48 -31.77 13.34
N LYS B 212 65.46 -31.95 12.45
CA LYS B 212 65.81 -33.27 11.95
C LYS B 212 66.38 -34.18 13.03
N GLU B 213 67.00 -33.61 14.07
CA GLU B 213 67.58 -34.43 15.13
C GLU B 213 66.52 -35.21 15.89
N TYR B 214 65.28 -34.72 15.94
CA TYR B 214 64.20 -35.38 16.65
C TYR B 214 63.28 -36.20 15.75
N PHE B 215 63.10 -35.78 14.50
CA PHE B 215 62.19 -36.46 13.57
C PHE B 215 62.91 -36.78 12.27
N ASN B 216 62.50 -37.87 11.63
CA ASN B 216 63.02 -38.26 10.33
C ASN B 216 61.94 -37.99 9.28
N LEU B 217 62.15 -36.96 8.46
CA LEU B 217 61.18 -36.61 7.43
C LEU B 217 61.09 -37.73 6.39
N ARG B 218 59.95 -38.41 6.36
CA ARG B 218 59.74 -39.55 5.49
C ARG B 218 58.55 -39.29 4.58
N ASN B 219 58.63 -39.78 3.34
CA ASN B 219 57.54 -39.65 2.37
C ASN B 219 57.12 -38.19 2.22
N CYS B 220 58.11 -37.31 2.17
CA CYS B 220 57.84 -35.88 2.29
C CYS B 220 57.20 -35.35 1.02
N THR B 221 56.47 -34.25 1.16
CA THR B 221 55.79 -33.60 0.06
C THR B 221 56.35 -32.19 -0.08
N PHE B 222 55.67 -31.34 -0.85
CA PHE B 222 56.14 -30.01 -1.23
C PHE B 222 56.91 -29.31 -0.12
N MET B 223 58.09 -28.79 -0.44
CA MET B 223 58.94 -28.12 0.53
C MET B 223 59.28 -26.75 -0.06
N TYR B 224 58.42 -25.77 0.20
CA TYR B 224 58.61 -24.44 -0.34
C TYR B 224 59.56 -23.63 0.53
N THR B 225 59.71 -22.36 0.19
CA THR B 225 60.56 -21.45 0.95
C THR B 225 60.22 -20.03 0.51
N TYR B 226 60.06 -19.13 1.48
CA TYR B 226 59.74 -17.75 1.22
C TYR B 226 60.73 -16.85 1.93
N ASN B 227 61.17 -15.79 1.26
CA ASN B 227 62.25 -14.94 1.73
C ASN B 227 61.67 -13.77 2.51
N ILE B 228 62.33 -13.41 3.61
CA ILE B 228 61.89 -12.36 4.51
C ILE B 228 63.03 -11.37 4.71
N THR B 229 62.74 -10.08 4.57
CA THR B 229 63.73 -9.02 4.70
C THR B 229 63.74 -8.56 6.16
N GLU B 230 64.94 -8.48 6.75
CA GLU B 230 65.07 -8.18 8.17
C GLU B 230 64.67 -6.75 8.49
N ASP B 231 63.95 -6.61 9.59
CA ASP B 231 63.60 -5.31 10.17
C ASP B 231 63.10 -5.57 11.59
N GLU B 232 62.67 -4.51 12.26
CA GLU B 232 62.11 -4.62 13.61
C GLU B 232 60.73 -3.98 13.63
N ILE B 233 59.92 -4.30 12.64
CA ILE B 233 58.59 -3.71 12.47
C ILE B 233 57.54 -4.75 12.83
N LEU B 234 56.52 -4.32 13.57
CA LEU B 234 55.40 -5.18 13.89
C LEU B 234 54.74 -5.69 12.62
N GLU B 235 54.39 -6.98 12.60
CA GLU B 235 53.78 -7.59 11.43
C GLU B 235 52.74 -8.61 11.85
N TRP B 236 51.96 -9.06 10.88
CA TRP B 236 50.86 -9.97 11.10
C TRP B 236 50.97 -11.17 10.16
N PHE B 237 50.50 -12.32 10.64
CA PHE B 237 50.54 -13.53 9.82
C PHE B 237 49.28 -14.33 10.07
N GLY B 238 48.56 -14.68 9.00
CA GLY B 238 47.32 -15.43 9.12
C GLY B 238 47.36 -16.74 8.35
N ILE B 239 46.47 -17.64 8.75
CA ILE B 239 46.38 -18.92 8.07
C ILE B 239 44.95 -19.45 8.12
N THR B 240 44.41 -19.83 6.96
CA THR B 240 43.08 -20.45 6.88
C THR B 240 43.15 -21.67 5.97
N GLN B 241 42.01 -22.34 5.81
CA GLN B 241 41.94 -23.52 4.96
C GLN B 241 40.59 -23.59 4.27
N THR B 242 40.62 -23.90 2.97
CA THR B 242 39.42 -24.12 2.19
C THR B 242 39.60 -25.33 1.29
N ALA B 243 38.69 -25.53 0.34
CA ALA B 243 38.83 -26.60 -0.63
C ALA B 243 40.01 -26.42 -1.57
N GLN B 244 40.57 -25.21 -1.66
CA GLN B 244 41.73 -24.94 -2.49
C GLN B 244 43.03 -25.21 -1.75
N GLY B 245 42.96 -25.73 -0.54
CA GLY B 245 44.14 -25.98 0.27
C GLY B 245 44.25 -25.03 1.45
N VAL B 246 45.47 -24.87 1.91
CA VAL B 246 45.76 -24.06 3.09
C VAL B 246 46.28 -22.72 2.60
N HIS B 247 45.55 -21.66 2.92
CA HIS B 247 45.98 -20.31 2.54
C HIS B 247 46.80 -19.69 3.66
N LEU B 248 47.86 -18.99 3.25
CA LEU B 248 48.80 -18.34 4.15
C LEU B 248 48.72 -16.84 3.89
N PHE B 249 48.58 -16.07 4.96
CA PHE B 249 48.49 -14.62 4.83
C PHE B 249 49.60 -13.94 5.60
N SER B 250 49.90 -12.72 5.20
CA SER B 250 50.87 -11.90 5.92
C SER B 250 50.69 -10.46 5.47
N SER B 251 51.23 -9.54 6.28
CA SER B 251 51.33 -8.15 5.88
C SER B 251 52.81 -7.77 5.89
N ARG B 252 53.52 -8.18 4.84
CA ARG B 252 54.90 -7.75 4.66
C ARG B 252 55.13 -7.33 3.21
N TYR B 253 54.50 -8.05 2.28
CA TYR B 253 54.71 -7.82 0.86
C TYR B 253 53.80 -6.75 0.28
N VAL B 254 52.73 -6.37 0.97
CA VAL B 254 51.82 -5.36 0.46
C VAL B 254 51.74 -4.20 1.43
N ASP B 255 51.25 -4.47 2.64
CA ASP B 255 51.15 -3.47 3.69
C ASP B 255 52.20 -3.81 4.75
N LEU B 256 53.21 -2.96 4.87
CA LEU B 256 54.26 -3.18 5.85
C LEU B 256 54.15 -2.25 7.04
N TYR B 257 53.84 -0.98 6.80
CA TYR B 257 53.61 0.00 7.85
C TYR B 257 52.14 0.07 8.24
N GLY B 258 51.34 -0.85 7.74
CA GLY B 258 49.93 -0.95 8.05
C GLY B 258 49.67 -2.19 8.90
N GLY B 259 49.27 -3.27 8.25
CA GLY B 259 48.98 -4.50 8.94
C GLY B 259 47.90 -5.31 8.27
N ASN B 260 47.29 -4.75 7.24
CA ASN B 260 46.33 -5.50 6.43
C ASN B 260 47.00 -6.71 5.82
N MET B 261 46.38 -7.87 5.98
CA MET B 261 47.00 -9.13 5.58
C MET B 261 46.50 -9.57 4.22
N PHE B 262 47.43 -9.94 3.35
CA PHE B 262 47.13 -10.35 1.98
C PHE B 262 47.73 -11.72 1.74
N GLN B 263 46.99 -12.53 0.98
CA GLN B 263 47.45 -13.87 0.67
C GLN B 263 48.76 -13.84 -0.12
N PHE B 264 49.66 -14.74 0.23
CA PHE B 264 50.97 -14.78 -0.42
C PHE B 264 51.38 -16.21 -0.75
N ALA B 265 50.50 -17.17 -0.46
CA ALA B 265 50.81 -18.57 -0.73
C ALA B 265 49.54 -19.39 -0.62
N THR B 266 49.58 -20.56 -1.26
CA THR B 266 48.55 -21.58 -1.14
C THR B 266 49.23 -22.94 -1.18
N LEU B 267 48.80 -23.84 -0.30
CA LEU B 267 49.47 -25.13 -0.12
C LEU B 267 48.54 -26.25 -0.55
N PRO B 268 49.06 -27.34 -1.11
CA PRO B 268 48.21 -28.44 -1.57
C PRO B 268 47.66 -29.30 -0.43
N VAL B 269 47.67 -28.79 0.80
CA VAL B 269 47.10 -29.51 1.93
C VAL B 269 45.57 -29.56 1.77
N TYR B 270 45.05 -30.72 1.38
CA TYR B 270 43.61 -30.88 1.23
C TYR B 270 42.98 -31.73 2.31
N ASP B 271 43.76 -32.17 3.31
CA ASP B 271 43.18 -32.87 4.45
C ASP B 271 42.68 -31.84 5.46
N THR B 272 41.59 -32.17 6.15
CA THR B 272 40.98 -31.22 7.06
C THR B 272 41.82 -31.11 8.33
N ILE B 273 42.45 -29.95 8.52
CA ILE B 273 43.25 -29.70 9.73
C ILE B 273 42.32 -29.50 10.91
N LYS B 274 42.48 -30.33 11.94
CA LYS B 274 41.64 -30.19 13.12
C LYS B 274 42.45 -29.82 14.36
N TYR B 275 43.78 -29.96 14.30
CA TYR B 275 44.63 -29.66 15.44
C TYR B 275 45.89 -28.95 14.97
N TYR B 276 46.48 -28.19 15.90
CA TYR B 276 47.74 -27.50 15.64
C TYR B 276 48.46 -27.33 16.97
N SER B 277 49.72 -26.94 16.87
CA SER B 277 50.52 -26.73 18.08
C SER B 277 51.68 -25.81 17.76
N ILE B 278 52.15 -25.11 18.79
CA ILE B 278 53.37 -24.31 18.66
C ILE B 278 54.58 -25.23 18.82
N ILE B 279 55.67 -24.86 18.16
CA ILE B 279 56.93 -25.59 18.25
C ILE B 279 57.89 -24.75 19.08
N PRO B 280 58.37 -25.25 20.21
CA PRO B 280 59.30 -24.46 21.02
C PRO B 280 60.61 -24.24 20.30
N HIS B 281 61.28 -23.14 20.65
CA HIS B 281 62.52 -22.75 19.98
C HIS B 281 63.38 -22.00 20.97
N SER B 282 64.57 -22.54 21.24
CA SER B 282 65.52 -21.93 22.17
C SER B 282 66.76 -21.49 21.40
N ILE B 283 67.39 -20.43 21.87
CA ILE B 283 68.53 -19.82 21.20
C ILE B 283 69.78 -20.18 22.00
N ARG B 284 70.65 -21.00 21.41
CA ARG B 284 71.87 -21.46 22.05
C ARG B 284 72.94 -20.37 21.95
N SER B 285 72.71 -19.29 22.70
CA SER B 285 73.62 -18.15 22.70
C SER B 285 74.54 -18.21 23.91
N ILE B 286 75.49 -17.28 23.95
CA ILE B 286 76.47 -17.25 25.02
C ILE B 286 75.86 -16.63 26.27
N GLN B 287 76.24 -17.18 27.43
CA GLN B 287 75.71 -16.68 28.70
C GLN B 287 75.94 -15.19 28.86
N SER B 288 77.03 -14.67 28.32
CA SER B 288 77.32 -13.24 28.33
C SER B 288 76.71 -12.50 27.15
N ASP B 289 76.10 -13.20 26.19
CA ASP B 289 75.53 -12.58 25.00
C ASP B 289 74.13 -13.18 24.78
N ARG B 290 73.13 -12.55 25.38
CA ARG B 290 71.74 -12.99 25.27
C ARG B 290 70.85 -11.80 24.98
N LYS B 291 69.81 -12.03 24.19
CA LYS B 291 68.85 -11.01 23.82
C LYS B 291 67.49 -11.34 24.41
N ALA B 292 66.56 -10.41 24.23
CA ALA B 292 65.17 -10.58 24.63
C ALA B 292 64.34 -10.77 23.36
N TRP B 293 63.61 -11.87 23.29
CA TRP B 293 62.84 -12.22 22.11
C TRP B 293 61.37 -11.89 22.35
N ALA B 294 60.81 -11.02 21.50
CA ALA B 294 59.45 -10.55 21.70
C ALA B 294 58.46 -11.70 21.66
N ALA B 295 57.47 -11.64 22.55
CA ALA B 295 56.41 -12.63 22.57
C ALA B 295 55.43 -12.39 21.42
N PHE B 296 54.85 -13.47 20.93
CA PHE B 296 53.86 -13.38 19.87
C PHE B 296 52.51 -13.91 20.35
N TYR B 297 51.46 -13.33 19.81
CA TYR B 297 50.10 -13.61 20.26
C TYR B 297 49.30 -14.24 19.11
N VAL B 298 48.52 -15.27 19.44
CA VAL B 298 47.71 -16.00 18.48
C VAL B 298 46.24 -15.76 18.83
N TYR B 299 45.45 -15.35 17.84
CA TYR B 299 44.03 -15.11 18.01
C TYR B 299 43.25 -15.93 16.99
N LYS B 300 42.19 -16.59 17.45
CA LYS B 300 41.38 -17.40 16.56
C LYS B 300 40.54 -16.53 15.63
N LEU B 301 39.97 -17.16 14.61
CA LEU B 301 39.14 -16.49 13.63
C LEU B 301 37.73 -17.07 13.64
N GLN B 302 36.73 -16.23 13.42
CA GLN B 302 35.34 -16.63 13.43
C GLN B 302 34.62 -15.99 12.25
N PRO B 303 33.55 -16.61 11.77
CA PRO B 303 32.74 -16.01 10.69
C PRO B 303 31.82 -14.90 11.18
N LEU B 304 32.38 -13.69 11.28
CA LEU B 304 31.66 -12.54 11.78
C LEU B 304 31.33 -11.57 10.67
N THR B 305 30.57 -10.53 11.02
CA THR B 305 30.26 -9.43 10.12
C THR B 305 30.91 -8.17 10.66
N PHE B 306 31.68 -7.49 9.81
CA PHE B 306 32.43 -6.32 10.21
C PHE B 306 32.02 -5.12 9.38
N LEU B 307 32.20 -3.94 9.95
CA LEU B 307 32.06 -2.69 9.21
C LEU B 307 33.46 -2.17 8.96
N LEU B 308 33.89 -2.16 7.71
CA LEU B 308 35.24 -1.78 7.35
C LEU B 308 35.24 -0.42 6.65
N ASP B 309 36.27 0.37 6.94
CA ASP B 309 36.44 1.68 6.31
C ASP B 309 37.67 1.65 5.42
N PHE B 310 37.45 1.70 4.10
CA PHE B 310 38.55 1.79 3.14
C PHE B 310 38.83 3.25 2.82
N SER B 311 40.11 3.61 2.86
CA SER B 311 40.54 4.96 2.57
C SER B 311 40.82 5.10 1.07
N VAL B 312 41.31 6.27 0.66
CA VAL B 312 41.56 6.52 -0.75
C VAL B 312 42.58 5.54 -1.32
N ASP B 313 43.65 5.27 -0.57
CA ASP B 313 44.67 4.33 -1.04
C ASP B 313 44.23 2.88 -0.93
N GLY B 314 43.04 2.63 -0.39
CA GLY B 314 42.47 1.29 -0.39
C GLY B 314 42.75 0.45 0.83
N TYR B 315 43.37 1.01 1.87
CA TYR B 315 43.72 0.25 3.06
C TYR B 315 42.65 0.41 4.13
N ILE B 316 42.45 -0.65 4.89
CA ILE B 316 41.49 -0.66 6.00
C ILE B 316 42.21 -0.10 7.23
N ARG B 317 41.93 1.16 7.56
CA ARG B 317 42.54 1.76 8.73
C ARG B 317 41.67 1.66 9.98
N ARG B 318 40.38 1.37 9.82
CA ARG B 318 39.53 1.16 10.98
C ARG B 318 38.35 0.27 10.60
N ALA B 319 37.85 -0.44 11.61
CA ALA B 319 36.75 -1.36 11.46
C ALA B 319 35.92 -1.35 12.74
N ILE B 320 34.77 -2.02 12.69
CA ILE B 320 33.87 -2.15 13.82
C ILE B 320 33.34 -3.58 13.83
N ASP B 321 33.43 -4.24 14.98
CA ASP B 321 32.91 -5.59 15.16
C ASP B 321 31.43 -5.48 15.51
N CYS B 322 30.56 -5.92 14.59
CA CYS B 322 29.14 -5.63 14.71
C CYS B 322 28.52 -6.29 15.93
N GLY B 323 29.10 -7.40 16.40
CA GLY B 323 28.50 -8.13 17.49
C GLY B 323 29.16 -7.93 18.84
N PHE B 324 29.98 -6.90 18.98
CA PHE B 324 30.69 -6.68 20.23
C PHE B 324 29.75 -6.19 21.32
N ASN B 325 29.14 -5.01 21.13
CA ASN B 325 28.16 -4.50 22.07
C ASN B 325 27.02 -3.81 21.32
N ASP B 326 26.18 -3.07 22.06
CA ASP B 326 25.00 -2.47 21.43
C ASP B 326 25.36 -1.28 20.57
N LEU B 327 26.35 -0.49 20.99
CA LEU B 327 26.79 0.63 20.18
C LEU B 327 27.36 0.16 18.84
N SER B 328 28.10 -0.96 18.87
CA SER B 328 28.60 -1.54 17.62
C SER B 328 27.47 -1.98 16.71
N GLN B 329 26.42 -2.58 17.29
CA GLN B 329 25.26 -2.97 16.49
C GLN B 329 24.58 -1.75 15.89
N LEU B 330 24.51 -0.65 16.64
CA LEU B 330 23.97 0.59 16.08
C LEU B 330 24.81 1.08 14.91
N HIS B 331 26.15 1.08 15.08
CA HIS B 331 27.03 1.56 14.02
C HIS B 331 26.88 0.72 12.76
N CYS B 332 26.80 -0.60 12.91
CA CYS B 332 26.65 -1.47 11.74
C CYS B 332 25.27 -1.36 11.12
N SER B 333 24.22 -1.14 11.92
CA SER B 333 22.88 -1.04 11.37
C SER B 333 22.78 0.14 10.40
N TYR B 334 23.32 1.29 10.78
CA TYR B 334 23.40 2.45 9.90
C TYR B 334 24.61 2.40 8.98
N GLU B 335 25.46 1.38 9.12
CA GLU B 335 26.71 1.22 8.39
C GLU B 335 27.44 2.56 8.23
N SER B 336 27.67 3.19 9.37
CA SER B 336 28.42 4.44 9.42
C SER B 336 29.18 4.49 10.73
N PHE B 337 30.22 5.31 10.76
CA PHE B 337 31.02 5.50 11.96
C PHE B 337 30.53 6.65 12.83
N ASP B 338 29.43 7.31 12.42
CA ASP B 338 28.84 8.40 13.18
C ASP B 338 27.34 8.18 13.24
N VAL B 339 26.82 7.97 14.44
CA VAL B 339 25.42 7.68 14.66
C VAL B 339 24.82 8.87 15.40
N GLU B 340 23.67 9.36 14.94
CA GLU B 340 23.02 10.50 15.55
C GLU B 340 22.55 10.18 16.95
N SER B 341 22.44 11.21 17.79
CA SER B 341 21.96 11.06 19.15
C SER B 341 20.51 10.61 19.17
N GLY B 342 20.15 9.86 20.20
CA GLY B 342 18.79 9.40 20.34
C GLY B 342 18.72 8.24 21.31
N VAL B 343 17.55 7.60 21.34
CA VAL B 343 17.30 6.43 22.17
C VAL B 343 16.91 5.29 21.24
N TYR B 344 17.80 4.31 21.10
CA TYR B 344 17.65 3.26 20.10
C TYR B 344 17.33 1.93 20.77
N SER B 345 16.30 1.26 20.28
CA SER B 345 16.00 -0.09 20.73
C SER B 345 16.99 -1.08 20.14
N VAL B 346 17.48 -1.98 20.97
CA VAL B 346 18.48 -2.97 20.59
C VAL B 346 17.99 -4.36 20.99
N SER B 347 18.83 -5.36 20.77
CA SER B 347 18.45 -6.74 21.03
C SER B 347 18.29 -6.99 22.52
N SER B 348 17.26 -7.76 22.86
CA SER B 348 16.86 -7.99 24.24
C SER B 348 17.52 -9.25 24.80
N PHE B 349 17.64 -9.28 26.12
CA PHE B 349 18.13 -10.44 26.83
C PHE B 349 17.06 -11.52 26.88
N GLU B 350 17.50 -12.77 26.94
CA GLU B 350 16.60 -13.91 27.03
C GLU B 350 16.95 -14.73 28.27
N ALA B 351 15.90 -15.16 28.98
CA ALA B 351 16.10 -15.95 30.19
C ALA B 351 16.75 -17.28 29.85
N LYS B 352 17.65 -17.72 30.70
CA LYS B 352 18.39 -18.96 30.47
C LYS B 352 17.68 -20.12 31.13
N PRO B 353 17.44 -21.23 30.43
CA PRO B 353 16.74 -22.37 31.04
C PRO B 353 17.55 -22.96 32.18
N SER B 354 17.00 -22.85 33.40
CA SER B 354 17.70 -23.27 34.60
C SER B 354 17.77 -24.79 34.72
N GLY B 355 16.63 -25.46 34.59
CA GLY B 355 16.57 -26.90 34.69
C GLY B 355 15.85 -27.54 33.53
N SER B 356 15.48 -28.80 33.73
CA SER B 356 14.71 -29.57 32.76
C SER B 356 13.64 -30.36 33.47
N VAL B 357 12.58 -30.69 32.75
CA VAL B 357 11.45 -31.44 33.28
C VAL B 357 11.05 -32.48 32.23
N VAL B 358 10.87 -33.73 32.67
CA VAL B 358 10.43 -34.79 31.78
C VAL B 358 9.25 -35.50 32.43
N GLU B 359 8.39 -36.13 31.64
CA GLU B 359 7.25 -36.83 32.23
C GLU B 359 6.75 -37.96 31.34
N GLN B 360 6.06 -38.93 31.93
CA GLN B 360 5.54 -40.05 31.17
C GLN B 360 4.40 -40.77 31.89
N ALA B 361 3.90 -41.84 31.27
CA ALA B 361 2.86 -42.67 31.93
C ALA B 361 3.55 -43.87 32.59
N ALA B 574 14.89 -39.16 37.77
CA ALA B 574 15.37 -39.50 39.10
C ALA B 574 14.42 -38.95 40.17
N ASN B 575 14.61 -37.69 40.53
CA ASN B 575 13.78 -37.07 41.55
C ASN B 575 13.81 -35.54 41.46
N ASP B 576 14.92 -35.00 40.99
CA ASP B 576 15.05 -33.55 40.84
C ASP B 576 14.54 -33.09 39.49
N THR B 577 14.27 -34.04 38.61
CA THR B 577 13.76 -33.73 37.28
C THR B 577 12.24 -33.85 37.29
N LYS B 578 11.59 -33.01 38.09
CA LYS B 578 10.14 -33.03 38.19
C LYS B 578 9.54 -31.62 38.21
N ILE B 579 8.30 -31.52 37.75
CA ILE B 579 7.59 -30.24 37.69
C ILE B 579 7.62 -29.55 39.05
N ALA B 580 7.31 -30.28 40.11
CA ALA B 580 7.44 -29.75 41.45
C ALA B 580 8.92 -29.50 41.76
N SER B 581 9.16 -28.55 42.67
CA SER B 581 10.50 -28.10 43.03
C SER B 581 11.17 -27.36 41.88
N GLN B 582 10.37 -26.95 40.89
CA GLN B 582 10.89 -26.12 39.82
C GLN B 582 9.94 -24.98 39.47
N LEU B 583 8.93 -24.70 40.28
CA LEU B 583 7.96 -23.66 39.97
C LEU B 583 8.61 -22.29 40.06
N GLY B 584 8.47 -21.50 39.00
CA GLY B 584 9.05 -20.17 38.94
C GLY B 584 10.32 -20.09 38.10
N ASN B 585 10.89 -21.21 37.71
CA ASN B 585 12.12 -21.23 36.92
C ASN B 585 11.80 -21.55 35.47
N CYS B 586 12.50 -20.88 34.57
CA CYS B 586 12.38 -21.18 33.13
C CYS B 586 13.09 -22.50 32.88
N VAL B 587 12.34 -23.52 32.49
CA VAL B 587 12.89 -24.84 32.27
C VAL B 587 12.42 -25.37 30.91
N GLU B 588 13.21 -26.28 30.36
CA GLU B 588 12.77 -27.12 29.26
C GLU B 588 11.81 -28.19 29.79
N TYR B 589 10.88 -28.60 28.94
CA TYR B 589 9.95 -29.64 29.32
C TYR B 589 9.69 -30.55 28.12
N SER B 590 9.44 -31.82 28.42
CA SER B 590 9.03 -32.83 27.44
C SER B 590 8.00 -33.73 28.14
N LEU B 591 6.73 -33.36 28.00
CA LEU B 591 5.64 -34.05 28.67
C LEU B 591 4.86 -34.86 27.64
N TYR B 592 4.98 -36.19 27.74
CA TYR B 592 4.21 -37.13 26.92
C TYR B 592 4.30 -36.79 25.43
N GLY B 593 5.51 -36.43 24.99
CA GLY B 593 5.76 -36.16 23.59
C GLY B 593 5.52 -34.72 23.16
N VAL B 594 5.20 -33.82 24.09
CA VAL B 594 5.03 -32.41 23.78
C VAL B 594 6.17 -31.68 24.47
N SER B 595 7.02 -31.01 23.70
CA SER B 595 8.24 -30.42 24.22
C SER B 595 8.28 -28.92 23.96
N GLY B 596 8.98 -28.23 24.84
CA GLY B 596 9.14 -26.79 24.71
C GLY B 596 9.90 -26.22 25.88
N ARG B 597 9.76 -24.90 26.06
CA ARG B 597 10.43 -24.22 27.16
C ARG B 597 9.46 -23.24 27.78
N GLY B 598 9.44 -23.16 29.10
CA GLY B 598 8.50 -22.27 29.75
C GLY B 598 8.66 -22.28 31.25
N VAL B 599 7.72 -21.60 31.92
CA VAL B 599 7.71 -21.45 33.37
C VAL B 599 6.43 -22.08 33.89
N PHE B 600 6.55 -22.98 34.86
CA PHE B 600 5.37 -23.61 35.44
C PHE B 600 4.97 -22.91 36.73
N GLN B 601 3.69 -23.00 37.05
CA GLN B 601 3.13 -22.37 38.24
C GLN B 601 1.99 -23.22 38.75
N ASN B 602 1.51 -22.90 39.95
CA ASN B 602 0.34 -23.54 40.51
C ASN B 602 -0.89 -22.69 40.20
N CYS B 603 -1.76 -23.20 39.34
CA CYS B 603 -3.01 -22.53 38.99
C CYS B 603 -4.16 -23.45 39.37
N THR B 604 -5.33 -22.85 39.59
CA THR B 604 -6.52 -23.63 39.87
C THR B 604 -6.93 -24.42 38.63
N ALA B 605 -7.43 -25.64 38.86
CA ALA B 605 -7.69 -26.56 37.76
C ALA B 605 -8.73 -25.98 36.80
N VAL B 606 -8.61 -26.35 35.53
CA VAL B 606 -9.44 -25.78 34.48
C VAL B 606 -9.36 -26.71 33.27
N GLY B 607 -10.41 -26.70 32.47
CA GLY B 607 -10.49 -27.62 31.35
C GLY B 607 -10.92 -29.01 31.75
N VAL B 608 -10.68 -29.95 30.85
CA VAL B 608 -11.04 -31.35 31.07
C VAL B 608 -9.79 -32.12 31.46
N ARG B 609 -9.87 -32.79 32.61
CA ARG B 609 -8.71 -33.45 33.21
C ARG B 609 -8.18 -34.57 32.33
N GLN B 610 -9.07 -35.40 31.78
CA GLN B 610 -8.64 -36.57 31.02
C GLN B 610 -7.85 -36.19 29.77
N GLN B 611 -8.06 -34.98 29.26
CA GLN B 611 -7.26 -34.41 28.18
C GLN B 611 -6.18 -33.47 28.70
N ARG B 612 -5.12 -34.00 29.32
CA ARG B 612 -4.21 -33.26 30.17
C ARG B 612 -3.72 -31.93 29.59
N PHE B 613 -3.56 -31.85 28.27
CA PHE B 613 -3.05 -30.63 27.67
C PHE B 613 -4.16 -29.60 27.48
N VAL B 614 -3.93 -28.39 27.99
CA VAL B 614 -4.90 -27.31 27.90
C VAL B 614 -4.31 -26.25 26.97
N TYR B 615 -5.01 -25.95 25.89
CA TYR B 615 -4.55 -25.00 24.91
C TYR B 615 -5.38 -23.72 24.97
N ASP B 616 -4.98 -22.72 24.19
CA ASP B 616 -5.78 -21.51 24.03
C ASP B 616 -6.22 -21.36 22.58
N ALA B 617 -6.82 -20.22 22.25
CA ALA B 617 -7.39 -20.05 20.91
C ALA B 617 -6.34 -20.15 19.81
N TYR B 618 -5.08 -19.91 20.14
CA TYR B 618 -4.02 -19.78 19.14
C TYR B 618 -3.01 -20.92 19.23
N GLN B 619 -3.48 -22.09 19.66
CA GLN B 619 -2.70 -23.32 19.69
C GLN B 619 -1.40 -23.14 20.49
N ASN B 620 -1.55 -22.58 21.68
CA ASN B 620 -0.44 -22.43 22.62
C ASN B 620 -0.78 -23.18 23.90
N LEU B 621 0.13 -24.04 24.34
CA LEU B 621 -0.08 -24.77 25.59
C LEU B 621 -0.03 -23.80 26.76
N VAL B 622 -1.07 -23.82 27.60
CA VAL B 622 -1.21 -22.86 28.69
C VAL B 622 -1.52 -23.58 30.00
N GLY B 623 -1.56 -24.91 29.96
CA GLY B 623 -1.86 -25.68 31.15
C GLY B 623 -1.52 -27.13 30.94
N TYR B 624 -1.42 -27.85 32.05
CA TYR B 624 -1.02 -29.24 31.99
C TYR B 624 -1.49 -29.96 33.25
N TYR B 625 -1.92 -31.21 33.09
CA TYR B 625 -2.35 -32.04 34.22
C TYR B 625 -1.25 -33.06 34.51
N SER B 626 -0.54 -32.86 35.63
CA SER B 626 0.59 -33.71 35.96
C SER B 626 0.13 -35.01 36.61
N ASP B 627 1.02 -36.00 36.54
CA ASP B 627 0.79 -37.27 37.22
C ASP B 627 0.66 -37.12 38.73
N ASP B 628 1.27 -36.08 39.32
CA ASP B 628 1.16 -35.88 40.75
C ASP B 628 -0.23 -35.47 41.20
N GLY B 629 -1.13 -35.16 40.27
CA GLY B 629 -2.49 -34.80 40.61
C GLY B 629 -2.69 -33.31 40.78
N ASN B 630 -1.76 -32.52 40.25
CA ASN B 630 -1.87 -31.07 40.31
C ASN B 630 -1.99 -30.52 38.90
N TYR B 631 -2.72 -29.41 38.77
CA TYR B 631 -2.85 -28.69 37.52
C TYR B 631 -1.80 -27.59 37.50
N TYR B 632 -0.89 -27.66 36.54
CA TYR B 632 0.21 -26.73 36.42
C TYR B 632 -0.04 -25.75 35.29
N CYS B 633 0.24 -24.49 35.59
CA CYS B 633 -0.15 -23.36 34.79
C CYS B 633 1.09 -22.87 34.04
N LEU B 634 1.03 -22.87 32.72
CA LEU B 634 2.22 -22.82 31.90
C LEU B 634 2.32 -21.50 31.14
N ARG B 635 3.54 -20.99 31.04
CA ARG B 635 3.81 -19.73 30.34
C ARG B 635 5.02 -19.90 29.42
N ALA B 636 5.46 -18.80 28.80
CA ALA B 636 6.70 -18.83 28.04
C ALA B 636 7.73 -18.01 28.80
N CYS B 637 9.01 -18.35 28.66
CA CYS B 637 10.05 -17.56 29.30
C CYS B 637 10.12 -16.21 28.61
N VAL B 638 10.27 -15.14 29.40
CA VAL B 638 10.08 -13.80 28.85
C VAL B 638 11.42 -13.08 28.74
N SER B 639 11.52 -12.22 27.73
CA SER B 639 12.74 -11.49 27.45
C SER B 639 12.77 -10.17 28.21
N VAL B 640 13.98 -9.65 28.40
CA VAL B 640 14.16 -8.33 29.02
C VAL B 640 14.50 -7.33 27.91
N PRO B 641 13.61 -6.41 27.58
CA PRO B 641 13.91 -5.45 26.50
C PRO B 641 15.04 -4.49 26.86
N VAL B 642 15.81 -4.08 25.87
CA VAL B 642 16.99 -3.24 26.08
C VAL B 642 16.97 -2.12 25.06
N SER B 643 17.37 -0.92 25.49
CA SER B 643 17.57 0.21 24.62
C SER B 643 18.80 0.98 25.09
N VAL B 644 19.41 1.74 24.18
CA VAL B 644 20.63 2.48 24.48
C VAL B 644 20.37 3.96 24.28
N ILE B 645 20.74 4.75 25.28
CA ILE B 645 20.62 6.20 25.23
C ILE B 645 22.02 6.71 24.86
N TYR B 646 22.11 7.37 23.71
CA TYR B 646 23.41 7.75 23.15
C TYR B 646 23.49 9.24 22.88
N ASP B 647 24.53 9.88 23.41
CA ASP B 647 24.88 11.26 23.07
C ASP B 647 26.13 11.22 22.20
N LYS B 648 26.04 11.85 21.03
CA LYS B 648 27.08 11.79 20.03
C LYS B 648 28.23 12.76 20.32
N GLU B 649 27.90 13.95 20.78
CA GLU B 649 28.92 14.98 21.00
C GLU B 649 29.91 14.58 22.09
N THR B 650 29.40 14.15 23.24
CA THR B 650 30.25 13.66 24.32
C THR B 650 30.53 12.17 24.20
N LYS B 651 29.89 11.49 23.24
CA LYS B 651 30.05 10.05 23.03
C LYS B 651 29.78 9.28 24.32
N THR B 652 28.66 9.59 24.95
CA THR B 652 28.29 8.98 26.21
C THR B 652 27.06 8.10 25.98
N HIS B 653 26.85 7.13 26.87
CA HIS B 653 25.75 6.18 26.66
C HIS B 653 25.26 5.70 28.02
N ALA B 654 23.96 5.42 28.09
CA ALA B 654 23.34 4.70 29.18
C ALA B 654 22.47 3.58 28.62
N THR B 655 22.02 2.69 29.50
CA THR B 655 21.22 1.54 29.09
C THR B 655 19.86 1.61 29.80
N LEU B 656 18.79 1.55 29.02
CA LEU B 656 17.45 1.52 29.59
C LEU B 656 16.88 0.12 29.41
N PHE B 657 16.38 -0.47 30.48
CA PHE B 657 15.88 -1.84 30.45
C PHE B 657 14.34 -1.86 30.42
N GLY B 658 13.80 -1.55 29.25
CA GLY B 658 12.38 -1.69 28.98
C GLY B 658 11.47 -1.20 30.09
N SER B 659 10.78 -2.12 30.74
CA SER B 659 9.91 -1.80 31.86
C SER B 659 10.14 -2.78 33.01
N VAL B 660 11.40 -3.00 33.36
CA VAL B 660 11.76 -3.93 34.43
C VAL B 660 12.07 -3.15 35.70
N ALA B 661 12.07 -3.85 36.83
CA ALA B 661 12.08 -3.18 38.13
C ALA B 661 13.43 -3.20 38.83
N CYS B 662 14.50 -3.52 38.10
CA CYS B 662 15.87 -3.44 38.58
C CYS B 662 16.21 -4.52 39.60
N GLU B 663 15.21 -5.27 40.05
CA GLU B 663 15.47 -6.46 40.85
C GLU B 663 15.92 -7.63 39.99
N HIS B 664 15.51 -7.66 38.73
CA HIS B 664 15.82 -8.75 37.83
C HIS B 664 17.07 -8.51 37.00
N ILE B 665 17.72 -7.36 37.16
CA ILE B 665 18.91 -7.06 36.38
C ILE B 665 20.11 -6.94 37.30
N SER B 666 21.29 -7.23 36.76
CA SER B 666 22.56 -7.13 37.46
C SER B 666 23.60 -6.52 36.53
N SER B 667 24.74 -6.13 37.10
CA SER B 667 25.81 -5.53 36.32
C SER B 667 26.37 -6.45 35.25
N THR B 668 26.14 -7.76 35.37
CA THR B 668 26.63 -8.72 34.38
C THR B 668 25.53 -9.43 33.61
N MET B 669 24.33 -9.57 34.19
CA MET B 669 23.22 -10.30 33.56
C MET B 669 23.64 -11.72 33.16
N SER B 670 24.35 -12.37 34.08
CA SER B 670 24.76 -13.76 33.88
C SER B 670 23.57 -14.72 33.84
N GLN B 671 22.43 -14.33 34.42
CA GLN B 671 21.23 -15.16 34.39
C GLN B 671 20.56 -15.18 33.02
N TYR B 672 20.90 -14.23 32.15
CA TYR B 672 20.28 -14.14 30.83
C TYR B 672 21.29 -14.49 29.74
N SER B 673 20.82 -14.50 28.51
CA SER B 673 21.67 -14.79 27.36
C SER B 673 21.17 -13.99 26.17
N ARG B 674 22.10 -13.46 25.38
CA ARG B 674 21.76 -12.77 24.13
C ARG B 674 22.94 -12.86 23.19
N SER B 675 22.66 -12.61 21.91
CA SER B 675 23.70 -12.75 20.88
C SER B 675 24.83 -11.76 21.08
N THR B 676 24.49 -10.53 21.50
CA THR B 676 25.51 -9.51 21.75
C THR B 676 26.50 -9.99 22.80
N ARG B 677 27.78 -9.80 22.51
CA ARG B 677 28.82 -10.49 23.28
C ARG B 677 29.03 -9.86 24.65
N SER B 678 28.81 -8.55 24.79
CA SER B 678 29.14 -7.87 26.02
C SER B 678 28.23 -6.65 26.21
N MET B 679 28.25 -6.14 27.44
CA MET B 679 27.47 -4.96 27.82
C MET B 679 28.31 -3.70 27.63
N LEU B 680 27.66 -2.55 27.71
CA LEU B 680 28.37 -1.28 27.60
C LEU B 680 29.32 -1.12 28.79
N LYS B 681 30.35 -0.29 28.58
CA LYS B 681 31.50 -0.26 29.47
C LYS B 681 31.14 0.06 30.92
N ARG B 682 30.41 1.15 31.16
CA ARG B 682 29.89 1.47 32.48
C ARG B 682 31.02 1.59 33.51
N ARG B 683 31.80 2.65 33.36
CA ARG B 683 33.08 2.76 34.05
C ARG B 683 32.91 3.02 35.55
N ASP B 684 34.01 3.41 36.18
CA ASP B 684 34.29 3.35 37.63
C ASP B 684 33.04 3.68 38.45
N SER B 685 32.20 4.61 38.03
CA SER B 685 30.99 4.96 38.78
C SER B 685 30.20 3.74 39.23
N THR B 686 29.68 2.98 38.27
CA THR B 686 29.10 1.64 38.45
C THR B 686 28.25 1.51 39.73
N TYR B 687 27.53 2.57 40.07
CA TYR B 687 26.62 2.46 41.19
C TYR B 687 25.45 1.55 40.84
N GLY B 688 24.59 1.30 41.83
CA GLY B 688 23.45 0.45 41.65
C GLY B 688 22.52 0.95 40.56
N PRO B 689 21.73 0.05 39.99
CA PRO B 689 20.78 0.46 38.95
C PRO B 689 19.79 1.50 39.45
N LEU B 690 19.48 2.49 38.62
CA LEU B 690 18.52 3.51 39.00
C LEU B 690 17.11 3.11 38.54
N GLN B 691 16.13 3.35 39.40
CA GLN B 691 14.75 3.01 39.10
C GLN B 691 14.02 4.28 38.65
N THR B 692 13.46 4.25 37.46
CA THR B 692 12.78 5.39 36.85
C THR B 692 11.34 5.02 36.58
N PRO B 693 10.48 6.01 36.37
CA PRO B 693 9.10 5.70 35.96
C PRO B 693 9.00 4.94 34.66
N VAL B 694 10.05 4.98 33.82
CA VAL B 694 10.00 4.29 32.55
C VAL B 694 10.75 2.96 32.62
N GLY B 695 11.41 2.69 33.74
CA GLY B 695 12.10 1.42 33.88
C GLY B 695 13.43 1.60 34.58
N CYS B 696 14.22 0.53 34.56
CA CYS B 696 15.52 0.52 35.23
C CYS B 696 16.60 1.01 34.28
N VAL B 697 17.38 1.98 34.72
CA VAL B 697 18.41 2.57 33.87
C VAL B 697 19.78 2.37 34.51
N LEU B 698 20.76 2.05 33.67
CA LEU B 698 22.13 1.81 34.08
C LEU B 698 23.00 2.89 33.45
N GLY B 699 23.75 3.62 34.28
CA GLY B 699 24.57 4.70 33.79
C GLY B 699 23.91 6.07 33.85
N LEU B 700 23.01 6.29 34.80
CA LEU B 700 22.35 7.56 34.98
C LEU B 700 22.51 7.99 36.43
N VAL B 701 22.65 9.29 36.64
CA VAL B 701 22.76 9.85 37.98
C VAL B 701 21.50 10.66 38.27
N ASN B 702 20.86 10.37 39.41
CA ASN B 702 19.69 11.13 39.81
C ASN B 702 20.09 12.58 40.06
N SER B 703 19.50 13.51 39.30
CA SER B 703 19.99 14.87 39.30
C SER B 703 19.02 15.84 39.96
N SER B 704 17.72 15.57 39.85
CA SER B 704 16.68 16.45 40.39
C SER B 704 16.77 17.84 39.79
N LEU B 705 17.16 17.90 38.52
CA LEU B 705 17.16 19.14 37.75
C LEU B 705 15.85 19.23 36.96
N PHE B 706 15.65 20.37 36.32
CA PHE B 706 14.52 20.55 35.41
C PHE B 706 15.02 21.23 34.15
N VAL B 707 14.40 20.89 33.02
CA VAL B 707 14.81 21.43 31.74
C VAL B 707 13.57 21.93 31.01
N GLU B 708 13.76 22.85 30.07
CA GLU B 708 12.66 23.32 29.25
C GLU B 708 12.51 22.49 27.98
N ASP B 709 13.59 21.88 27.51
CA ASP B 709 13.50 20.81 26.51
C ASP B 709 14.81 20.04 26.50
N CYS B 710 14.76 18.83 25.96
CA CYS B 710 15.93 17.95 25.89
C CYS B 710 16.00 17.29 24.52
N LYS B 711 17.20 16.84 24.17
CA LYS B 711 17.39 16.21 22.87
C LYS B 711 17.09 14.72 22.91
N LEU B 712 17.26 14.09 24.07
CA LEU B 712 16.93 12.67 24.24
C LEU B 712 15.96 12.49 25.38
N PRO B 713 14.65 12.45 25.10
CA PRO B 713 13.68 12.17 26.16
C PRO B 713 13.49 10.68 26.38
N LEU B 714 13.56 10.28 27.64
CA LEU B 714 13.46 8.87 28.01
C LEU B 714 12.01 8.41 28.00
N GLY B 715 11.10 9.27 28.44
CA GLY B 715 9.70 8.92 28.47
C GLY B 715 9.02 9.47 29.72
N GLN B 716 7.78 9.90 29.48
CA GLN B 716 6.76 10.33 30.42
C GLN B 716 7.02 11.68 31.10
N SER B 717 8.26 12.03 31.43
CA SER B 717 8.67 13.43 31.52
C SER B 717 10.18 13.52 31.49
N LEU B 718 10.84 12.42 31.18
CA LEU B 718 12.21 12.23 31.60
C LEU B 718 13.18 12.50 30.45
N CYS B 719 14.32 13.08 30.81
CA CYS B 719 15.37 13.37 29.84
C CYS B 719 16.69 12.86 30.38
N ALA B 720 17.57 12.51 29.46
CA ALA B 720 18.95 12.21 29.78
C ALA B 720 19.76 13.45 29.43
N LEU B 721 20.30 14.10 30.45
CA LEU B 721 21.11 15.30 30.25
C LEU B 721 22.57 14.88 30.18
N PRO B 722 23.22 14.97 29.03
CA PRO B 722 24.65 14.66 28.97
C PRO B 722 25.46 15.70 29.72
N ASP B 723 26.58 15.27 30.27
CA ASP B 723 27.47 16.17 31.01
C ASP B 723 28.31 16.96 30.01
N THR B 724 27.63 17.84 29.29
CA THR B 724 28.36 18.65 28.32
C THR B 724 29.01 19.85 29.03
N PRO B 725 30.15 20.33 28.50
CA PRO B 725 30.84 21.50 29.05
C PRO B 725 29.94 22.74 29.13
N VAL B 736 37.31 14.85 30.35
CA VAL B 736 36.47 13.66 30.34
C VAL B 736 35.06 13.99 30.79
N PRO B 737 34.09 13.83 29.90
CA PRO B 737 32.70 14.06 30.27
C PRO B 737 32.22 13.04 31.29
N GLY B 738 31.44 13.51 32.26
CA GLY B 738 30.92 12.65 33.31
C GLY B 738 29.75 11.83 32.84
N GLU B 739 29.10 11.17 33.80
CA GLU B 739 27.95 10.35 33.48
C GLU B 739 26.73 11.21 33.17
N MET B 740 25.83 10.66 32.37
CA MET B 740 24.59 11.33 32.05
C MET B 740 23.74 11.48 33.31
N ARG B 741 22.88 12.49 33.32
CA ARG B 741 22.03 12.78 34.47
C ARG B 741 20.58 12.54 34.09
N LEU B 742 19.76 12.17 35.07
CA LEU B 742 18.33 11.93 34.84
C LEU B 742 17.58 13.20 35.26
N ALA B 743 17.12 13.97 34.27
CA ALA B 743 16.39 15.19 34.55
C ALA B 743 14.93 15.00 34.14
N SER B 744 14.09 15.99 34.44
CA SER B 744 12.67 15.90 34.10
C SER B 744 12.26 17.18 33.39
N ILE B 745 11.31 17.06 32.46
CA ILE B 745 10.79 18.23 31.78
C ILE B 745 9.81 18.95 32.70
N ALA B 746 10.03 20.24 32.91
CA ALA B 746 9.16 21.05 33.74
C ALA B 746 8.19 21.82 32.86
N PHE B 747 6.97 21.99 33.37
CA PHE B 747 5.94 22.72 32.66
C PHE B 747 6.20 24.21 32.82
N ASN B 748 6.16 24.94 31.71
CA ASN B 748 6.41 26.38 31.72
C ASN B 748 5.08 27.09 31.99
N HIS B 749 4.93 27.61 33.20
CA HIS B 749 3.66 28.21 33.59
C HIS B 749 3.45 29.54 32.87
N PRO B 750 2.26 29.77 32.32
CA PRO B 750 1.94 31.08 31.74
C PRO B 750 1.84 32.13 32.83
N ILE B 751 1.89 33.40 32.40
CA ILE B 751 1.75 34.53 33.30
C ILE B 751 0.38 34.42 33.97
N GLN B 752 0.38 34.39 35.30
CA GLN B 752 -0.86 34.25 36.05
C GLN B 752 -1.45 35.62 36.34
N VAL B 753 -2.73 35.79 36.01
CA VAL B 753 -3.47 37.02 36.28
C VAL B 753 -4.68 36.63 37.10
N ASP B 754 -4.84 37.26 38.26
CA ASP B 754 -5.90 36.89 39.18
C ASP B 754 -7.17 37.68 38.90
N GLN B 755 -8.31 37.06 39.20
CA GLN B 755 -9.60 37.70 39.05
C GLN B 755 -9.92 38.57 40.26
N LEU B 756 -10.40 39.77 40.00
CA LEU B 756 -10.87 40.65 41.05
C LEU B 756 -12.29 40.26 41.45
N ASN B 757 -12.70 40.75 42.62
CA ASN B 757 -14.02 40.47 43.17
C ASN B 757 -14.91 41.70 43.15
N SER B 758 -14.74 42.53 42.11
CA SER B 758 -15.42 43.82 42.06
C SER B 758 -15.93 44.12 40.66
N SER B 759 -16.30 45.37 40.42
CA SER B 759 -16.68 45.83 39.09
C SER B 759 -15.49 46.20 38.24
N TYR B 760 -14.28 46.03 38.76
CA TYR B 760 -13.04 46.21 38.02
C TYR B 760 -12.57 44.87 37.49
N PHE B 761 -11.57 44.90 36.62
CA PHE B 761 -10.88 43.66 36.28
C PHE B 761 -9.40 43.97 36.03
N LYS B 762 -8.57 42.96 36.25
CA LYS B 762 -7.14 43.13 36.03
C LYS B 762 -6.80 42.87 34.58
N LEU B 763 -6.00 43.76 34.00
CA LEU B 763 -5.62 43.67 32.60
C LEU B 763 -4.12 43.50 32.51
N SER B 764 -3.67 42.46 31.81
CA SER B 764 -2.26 42.23 31.56
C SER B 764 -1.94 42.72 30.15
N ILE B 765 -1.03 43.68 30.05
CA ILE B 765 -0.80 44.36 28.78
C ILE B 765 0.69 44.59 28.59
N PRO B 766 1.22 44.39 27.38
CA PRO B 766 2.67 44.55 27.17
C PRO B 766 3.07 46.01 27.16
N THR B 767 4.35 46.25 27.48
CA THR B 767 4.95 47.57 27.41
C THR B 767 6.14 47.58 26.46
N ASN B 768 6.40 46.45 25.83
CA ASN B 768 7.49 46.32 24.86
C ASN B 768 7.09 45.25 23.86
N PHE B 769 7.76 45.26 22.71
CA PHE B 769 7.42 44.31 21.67
C PHE B 769 8.64 44.07 20.79
N SER B 770 8.53 43.03 19.96
CA SER B 770 9.56 42.72 18.98
C SER B 770 8.88 42.09 17.77
N PHE B 771 9.64 41.99 16.69
CA PHE B 771 9.17 41.30 15.49
C PHE B 771 9.86 39.96 15.37
N GLY B 772 9.12 38.97 14.89
CA GLY B 772 9.67 37.64 14.75
C GLY B 772 9.26 36.96 13.45
N VAL B 773 10.18 36.25 12.83
CA VAL B 773 9.92 35.57 11.56
C VAL B 773 9.73 34.09 11.84
N THR B 774 8.59 33.56 11.40
CA THR B 774 8.31 32.14 11.41
C THR B 774 8.47 31.64 9.99
N GLN B 775 9.35 30.66 9.80
CA GLN B 775 9.58 30.11 8.48
C GLN B 775 8.80 28.82 8.32
N GLU B 776 8.30 28.57 7.11
CA GLU B 776 7.48 27.39 6.90
C GLU B 776 7.59 26.97 5.43
N TYR B 777 7.91 25.69 5.21
CA TYR B 777 8.03 25.15 3.86
C TYR B 777 6.82 24.29 3.57
N ILE B 778 6.17 24.56 2.43
CA ILE B 778 5.01 23.78 2.00
C ILE B 778 5.39 23.16 0.65
N GLN B 779 5.46 21.83 0.62
CA GLN B 779 5.80 21.13 -0.61
C GLN B 779 4.63 21.22 -1.59
N THR B 780 4.94 21.36 -2.88
CA THR B 780 3.90 21.40 -3.89
C THR B 780 4.05 20.34 -4.96
N THR B 781 5.25 19.78 -5.14
CA THR B 781 5.50 18.82 -6.20
C THR B 781 6.40 17.71 -5.71
N ILE B 782 6.50 16.66 -6.51
CA ILE B 782 7.55 15.66 -6.40
C ILE B 782 8.30 15.65 -7.71
N GLN B 783 9.48 15.05 -7.70
CA GLN B 783 10.27 14.92 -8.91
C GLN B 783 9.54 14.03 -9.91
N LYS B 784 9.47 14.48 -11.16
CA LYS B 784 8.80 13.70 -12.19
C LYS B 784 9.77 12.67 -12.77
N VAL B 785 9.39 11.41 -12.72
CA VAL B 785 10.26 10.32 -13.16
C VAL B 785 9.51 9.42 -14.13
N THR B 786 10.16 9.07 -15.24
CA THR B 786 9.68 8.03 -16.14
C THR B 786 10.77 6.97 -16.21
N VAL B 787 10.37 5.70 -16.21
CA VAL B 787 11.33 4.64 -16.41
C VAL B 787 11.05 3.96 -17.74
N ASP B 788 12.11 3.47 -18.39
CA ASP B 788 11.98 2.73 -19.63
C ASP B 788 11.95 1.26 -19.24
N CYS B 789 10.73 0.75 -19.05
CA CYS B 789 10.51 -0.58 -18.47
C CYS B 789 11.27 -1.68 -19.20
N LYS B 790 11.17 -1.70 -20.52
CA LYS B 790 11.84 -2.73 -21.31
C LYS B 790 13.35 -2.71 -21.09
N GLN B 791 13.95 -1.53 -21.17
CA GLN B 791 15.38 -1.39 -20.89
C GLN B 791 15.74 -1.67 -19.45
N TYR B 792 14.92 -1.27 -18.49
CA TYR B 792 15.21 -1.58 -17.10
C TYR B 792 15.23 -3.08 -16.82
N VAL B 793 14.26 -3.82 -17.33
CA VAL B 793 14.15 -5.25 -17.07
C VAL B 793 15.22 -6.05 -17.83
N CYS B 794 15.46 -5.74 -19.10
CA CYS B 794 16.32 -6.56 -19.94
C CYS B 794 17.64 -5.91 -20.32
N ASN B 795 17.74 -4.58 -20.22
CA ASN B 795 18.92 -3.80 -20.61
C ASN B 795 19.58 -4.29 -21.90
N GLY B 796 18.81 -4.38 -22.97
CA GLY B 796 19.35 -4.54 -24.31
C GLY B 796 19.52 -5.94 -24.84
N PHE B 797 19.53 -6.94 -23.95
CA PHE B 797 19.81 -8.30 -24.37
C PHE B 797 18.60 -8.91 -25.06
N GLN B 798 18.79 -9.32 -26.32
CA GLN B 798 17.68 -9.76 -27.15
C GLN B 798 16.99 -11.00 -26.62
N LYS B 799 17.72 -11.89 -25.94
CA LYS B 799 17.09 -13.09 -25.40
C LYS B 799 16.05 -12.72 -24.36
N CYS B 800 16.37 -11.76 -23.48
CA CYS B 800 15.41 -11.35 -22.46
C CYS B 800 14.18 -10.68 -23.08
N GLU B 801 14.35 -10.01 -24.22
CA GLU B 801 13.22 -9.33 -24.85
C GLU B 801 12.12 -10.32 -25.23
N GLN B 802 12.49 -11.44 -25.84
CA GLN B 802 11.50 -12.44 -26.21
C GLN B 802 10.81 -13.03 -24.98
N LEU B 803 11.59 -13.32 -23.94
CA LEU B 803 11.01 -13.88 -22.72
C LEU B 803 10.05 -12.91 -22.07
N LEU B 804 10.35 -11.62 -22.10
CA LEU B 804 9.47 -10.61 -21.56
C LEU B 804 8.27 -10.34 -22.45
N ARG B 805 8.39 -10.59 -23.75
CA ARG B 805 7.31 -10.32 -24.69
C ARG B 805 6.04 -11.11 -24.39
N GLU B 806 6.16 -12.26 -23.74
CA GLU B 806 5.00 -13.06 -23.37
C GLU B 806 4.44 -12.68 -22.00
N TYR B 807 5.05 -11.69 -21.33
CA TYR B 807 4.50 -11.14 -20.10
C TYR B 807 3.45 -10.08 -20.38
N GLY B 808 3.25 -9.72 -21.64
CA GLY B 808 2.19 -8.83 -22.04
C GLY B 808 2.34 -7.42 -21.53
N GLN B 809 1.22 -6.85 -21.11
CA GLN B 809 1.08 -5.42 -20.83
C GLN B 809 1.34 -5.07 -19.37
N PHE B 810 2.47 -5.54 -18.83
CA PHE B 810 2.92 -5.05 -17.53
C PHE B 810 3.71 -3.75 -17.70
N CYS B 811 4.68 -3.76 -18.61
CA CYS B 811 5.50 -2.58 -18.86
C CYS B 811 4.64 -1.41 -19.34
N SER B 812 3.65 -1.69 -20.18
CA SER B 812 2.73 -0.65 -20.63
C SER B 812 1.94 -0.08 -19.47
N LYS B 813 1.49 -0.93 -18.54
CA LYS B 813 0.79 -0.44 -17.35
C LYS B 813 1.68 0.49 -16.54
N ILE B 814 2.93 0.11 -16.31
CA ILE B 814 3.85 0.97 -15.57
C ILE B 814 4.03 2.31 -16.28
N ASN B 815 4.27 2.28 -17.58
CA ASN B 815 4.49 3.51 -18.34
C ASN B 815 3.28 4.42 -18.28
N GLN B 816 2.08 3.85 -18.44
CA GLN B 816 0.86 4.66 -18.42
C GLN B 816 0.64 5.29 -17.05
N ALA B 817 0.87 4.52 -15.98
CA ALA B 817 0.71 5.07 -14.64
C ALA B 817 1.66 6.23 -14.41
N LEU B 818 2.93 6.07 -14.79
CA LEU B 818 3.89 7.15 -14.59
C LEU B 818 3.52 8.38 -15.42
N HIS B 819 3.07 8.16 -16.67
CA HIS B 819 2.67 9.27 -17.52
C HIS B 819 1.51 10.05 -16.93
N GLY B 820 0.51 9.34 -16.39
CA GLY B 820 -0.60 10.00 -15.74
C GLY B 820 -0.20 10.77 -14.52
N ALA B 821 0.70 10.21 -13.70
CA ALA B 821 1.18 10.93 -12.52
C ALA B 821 1.89 12.22 -12.91
N ASN B 822 2.74 12.17 -13.95
CA ASN B 822 3.42 13.38 -14.38
C ASN B 822 2.45 14.41 -14.94
N LEU B 823 1.43 13.98 -15.69
CA LEU B 823 0.42 14.92 -16.15
C LEU B 823 -0.29 15.59 -14.99
N ARG B 824 -0.64 14.84 -13.95
CA ARG B 824 -1.29 15.44 -12.80
C ARG B 824 -0.36 16.41 -12.08
N GLN B 825 0.92 16.10 -11.99
CA GLN B 825 1.87 17.05 -11.40
C GLN B 825 1.90 18.36 -12.17
N ASP B 826 1.96 18.27 -13.51
CA ASP B 826 1.95 19.49 -14.31
C ASP B 826 0.67 20.30 -14.10
N ASP B 827 -0.47 19.61 -14.05
CA ASP B 827 -1.74 20.31 -13.83
C ASP B 827 -1.77 20.99 -12.46
N SER B 828 -1.24 20.32 -11.43
CA SER B 828 -1.17 20.93 -10.11
C SER B 828 -0.31 22.19 -10.12
N VAL B 829 0.85 22.14 -10.80
CA VAL B 829 1.70 23.32 -10.89
C VAL B 829 0.97 24.47 -11.58
N ARG B 830 0.31 24.18 -12.69
CA ARG B 830 -0.39 25.23 -13.42
C ARG B 830 -1.51 25.83 -12.58
N ASN B 831 -2.28 25.01 -11.87
CA ASN B 831 -3.36 25.53 -11.04
C ASN B 831 -2.80 26.39 -9.90
N LEU B 832 -1.75 25.93 -9.23
CA LEU B 832 -1.20 26.70 -8.11
C LEU B 832 -0.68 28.04 -8.57
N PHE B 833 0.07 28.08 -9.67
CA PHE B 833 0.59 29.37 -10.11
C PHE B 833 -0.44 30.22 -10.83
N ALA B 834 -1.56 29.66 -11.26
CA ALA B 834 -2.66 30.48 -11.74
C ALA B 834 -3.42 31.13 -10.60
N SER B 835 -3.50 30.47 -9.44
CA SER B 835 -4.11 31.10 -8.27
C SER B 835 -3.14 31.97 -7.48
N VAL B 836 -1.84 31.85 -7.73
CA VAL B 836 -0.86 32.69 -7.05
C VAL B 836 -0.70 34.06 -7.71
N LYS B 837 -0.94 34.17 -9.01
CA LYS B 837 -0.69 35.39 -9.75
C LYS B 837 -1.68 36.48 -9.35
N SER B 838 -1.16 37.70 -9.18
CA SER B 838 -1.97 38.87 -8.90
C SER B 838 -2.35 39.58 -10.19
N SER B 839 -3.50 40.25 -10.17
CA SER B 839 -3.97 40.95 -11.36
C SER B 839 -3.34 42.33 -11.49
N GLN B 840 -2.96 42.96 -10.38
CA GLN B 840 -2.32 44.26 -10.39
C GLN B 840 -1.18 44.25 -9.39
N SER B 841 -0.09 44.93 -9.72
CA SER B 841 1.06 44.99 -8.83
C SER B 841 1.89 46.21 -9.18
N SER B 842 2.83 46.53 -8.29
CA SER B 842 3.75 47.65 -8.45
C SER B 842 5.13 47.14 -8.84
N PRO B 843 5.84 47.87 -9.71
CA PRO B 843 7.20 47.45 -10.09
C PRO B 843 8.14 47.45 -8.90
N ILE B 844 9.02 46.45 -8.86
CA ILE B 844 10.01 46.33 -7.80
C ILE B 844 11.26 47.11 -8.18
N ILE B 845 11.30 48.39 -7.79
CA ILE B 845 12.48 49.22 -8.02
C ILE B 845 13.44 49.00 -6.86
N PRO B 846 14.73 49.26 -7.01
CA PRO B 846 15.64 49.22 -5.87
C PRO B 846 15.22 50.23 -4.81
N GLY B 847 15.41 49.87 -3.54
CA GLY B 847 14.95 50.67 -2.44
C GLY B 847 13.49 50.52 -2.11
N PHE B 848 12.76 49.67 -2.85
CA PHE B 848 11.40 49.26 -2.51
C PHE B 848 11.33 48.87 -1.05
N GLY B 849 10.48 49.53 -0.28
CA GLY B 849 10.41 49.27 1.14
C GLY B 849 10.67 50.49 1.98
N GLY B 850 11.49 51.41 1.47
CA GLY B 850 11.81 52.63 2.19
C GLY B 850 12.63 52.39 3.44
N ASP B 851 12.09 52.79 4.61
CA ASP B 851 12.81 52.60 5.86
C ASP B 851 12.92 51.13 6.23
N PHE B 852 12.13 50.27 5.61
CA PHE B 852 12.18 48.85 5.89
C PHE B 852 13.10 48.18 4.90
N ASN B 853 14.18 47.58 5.39
CA ASN B 853 15.19 46.96 4.53
C ASN B 853 14.73 45.55 4.19
N LEU B 854 14.07 45.41 3.04
CA LEU B 854 13.71 44.09 2.54
C LEU B 854 14.44 43.83 1.22
N THR B 855 15.70 44.27 1.14
CA THR B 855 16.51 44.09 -0.05
C THR B 855 16.85 42.62 -0.30
N LEU B 856 16.76 41.76 0.72
CA LEU B 856 16.96 40.33 0.50
C LEU B 856 15.77 39.67 -0.16
N LEU B 857 14.65 40.38 -0.30
CA LEU B 857 13.53 39.90 -1.09
C LEU B 857 13.56 40.42 -2.52
N GLU B 858 14.35 41.47 -2.78
CA GLU B 858 14.39 42.04 -4.12
C GLU B 858 15.18 41.13 -5.06
N PRO B 859 14.81 41.09 -6.34
CA PRO B 859 15.53 40.24 -7.30
C PRO B 859 16.84 40.90 -7.73
N VAL B 860 17.90 40.11 -7.76
CA VAL B 860 19.19 40.59 -8.26
C VAL B 860 19.13 40.60 -9.78
N SER B 861 19.34 41.77 -10.37
CA SER B 861 19.25 41.92 -11.82
C SER B 861 20.27 41.06 -12.55
N ALA B 869 17.60 36.38 -11.88
CA ALA B 869 16.33 37.04 -11.61
C ALA B 869 15.77 36.62 -10.26
N ARG B 870 16.46 35.67 -9.61
CA ARG B 870 16.03 35.19 -8.31
C ARG B 870 16.37 36.20 -7.22
N SER B 871 15.73 36.03 -6.07
CA SER B 871 16.00 36.86 -4.92
C SER B 871 17.31 36.43 -4.24
N ALA B 872 17.77 37.26 -3.31
CA ALA B 872 18.98 36.91 -2.57
C ALA B 872 18.71 35.78 -1.58
N ILE B 873 17.59 35.87 -0.85
CA ILE B 873 17.24 34.81 0.09
C ILE B 873 16.88 33.51 -0.61
N GLU B 874 16.24 33.58 -1.78
CA GLU B 874 15.99 32.38 -2.57
C GLU B 874 17.29 31.72 -3.03
N ASP B 875 18.25 32.52 -3.48
CA ASP B 875 19.55 31.98 -3.86
C ASP B 875 20.26 31.35 -2.68
N LEU B 876 20.19 32.00 -1.52
CA LEU B 876 20.79 31.43 -0.31
C LEU B 876 20.15 30.09 0.04
N LEU B 877 18.82 30.03 -0.03
CA LEU B 877 18.11 28.80 0.31
C LEU B 877 18.46 27.68 -0.66
N PHE B 878 18.57 27.98 -1.95
CA PHE B 878 18.98 26.97 -2.92
C PHE B 878 20.44 26.56 -2.76
N ASP B 879 21.31 27.49 -2.35
CA ASP B 879 22.72 27.16 -2.14
C ASP B 879 22.92 26.26 -0.93
N LYS B 880 22.17 26.49 0.16
CA LYS B 880 22.39 25.73 1.37
C LYS B 880 21.78 24.33 1.33
N VAL B 881 21.02 24.00 0.29
CA VAL B 881 20.39 22.69 0.19
C VAL B 881 21.28 21.78 -0.64
N THR B 882 21.52 20.58 -0.12
CA THR B 882 22.32 19.58 -0.85
C THR B 882 21.40 18.89 -1.83
N ILE B 883 21.45 19.35 -3.09
CA ILE B 883 20.62 18.81 -4.16
C ILE B 883 21.52 18.53 -5.35
N ALA B 884 21.39 17.33 -5.92
CA ALA B 884 22.19 16.96 -7.08
C ALA B 884 21.69 17.72 -8.31
N ASP B 885 22.62 18.27 -9.07
CA ASP B 885 22.26 19.02 -10.27
C ASP B 885 21.83 18.05 -11.37
N PRO B 886 20.59 18.10 -11.83
CA PRO B 886 20.20 17.29 -12.98
C PRO B 886 20.69 17.94 -14.26
N GLY B 887 20.77 17.14 -15.31
CA GLY B 887 21.27 17.68 -16.56
C GLY B 887 20.30 18.64 -17.22
N TYR B 888 19.19 18.11 -17.72
CA TYR B 888 18.15 18.84 -18.44
C TYR B 888 18.69 19.39 -19.76
N MET B 889 19.99 19.34 -19.95
CA MET B 889 20.64 19.82 -21.17
C MET B 889 22.10 19.35 -21.13
N GLN B 890 22.51 18.63 -22.16
CA GLN B 890 23.87 18.09 -22.32
C GLN B 890 24.34 17.40 -21.04
N GLY B 891 23.36 16.94 -20.25
CA GLY B 891 23.62 16.15 -19.08
C GLY B 891 23.99 14.72 -19.41
N TYR B 892 23.70 14.28 -20.63
CA TYR B 892 24.20 13.00 -21.13
C TYR B 892 25.68 13.03 -21.43
N ASP B 893 26.19 14.14 -21.97
CA ASP B 893 27.61 14.30 -22.22
C ASP B 893 28.40 14.67 -20.98
N ASP B 894 27.74 15.19 -19.94
CA ASP B 894 28.42 15.42 -18.67
C ASP B 894 28.82 14.12 -18.01
N CYS B 895 27.99 13.08 -18.11
CA CYS B 895 28.31 11.77 -17.59
C CYS B 895 29.16 10.94 -18.53
N MET B 896 29.44 11.43 -19.75
CA MET B 896 30.33 10.72 -20.65
C MET B 896 31.74 10.66 -20.10
N GLN B 897 32.23 11.79 -19.58
CA GLN B 897 33.51 11.77 -18.88
C GLN B 897 33.33 11.34 -17.43
N GLN B 898 32.61 12.14 -16.65
CA GLN B 898 32.06 11.77 -15.36
C GLN B 898 33.15 11.62 -14.29
N GLY B 899 34.41 11.64 -14.70
CA GLY B 899 35.52 11.32 -13.82
C GLY B 899 35.24 10.06 -13.03
N PRO B 900 35.82 9.96 -11.83
CA PRO B 900 35.34 8.95 -10.87
C PRO B 900 33.93 9.27 -10.39
N ALA B 901 33.16 8.25 -10.03
CA ALA B 901 31.79 8.48 -9.59
C ALA B 901 31.76 9.19 -8.25
N SER B 902 30.78 10.07 -8.05
CA SER B 902 30.66 10.88 -6.84
C SER B 902 29.54 10.30 -5.96
N ALA B 903 29.89 9.27 -5.20
CA ALA B 903 29.01 8.67 -4.19
C ALA B 903 27.67 8.25 -4.80
N ARG B 904 27.76 7.32 -5.74
CA ARG B 904 26.60 6.83 -6.50
C ARG B 904 25.80 7.99 -7.08
N ASP B 905 26.39 8.64 -8.08
CA ASP B 905 25.69 9.70 -8.80
C ASP B 905 24.38 9.15 -9.38
N LEU B 906 23.25 9.60 -8.83
CA LEU B 906 21.95 9.20 -9.32
C LEU B 906 21.53 9.97 -10.57
N ILE B 907 22.32 10.96 -10.98
CA ILE B 907 22.05 11.67 -12.22
C ILE B 907 22.67 10.95 -13.41
N CYS B 908 23.83 10.34 -13.23
CA CYS B 908 24.44 9.50 -14.27
C CYS B 908 23.87 8.10 -14.30
N ALA B 909 23.16 7.69 -13.26
CA ALA B 909 22.60 6.33 -13.21
C ALA B 909 21.35 6.18 -14.07
N GLN B 910 20.68 7.29 -14.43
CA GLN B 910 19.45 7.19 -15.21
C GLN B 910 19.75 6.68 -16.62
N TYR B 911 20.89 7.07 -17.19
CA TYR B 911 21.29 6.56 -18.49
C TYR B 911 21.83 5.13 -18.41
N VAL B 912 22.07 4.62 -17.21
CA VAL B 912 22.47 3.23 -17.01
C VAL B 912 21.30 2.36 -16.62
N ALA B 913 20.60 2.71 -15.54
CA ALA B 913 19.49 1.92 -15.02
C ALA B 913 18.33 1.86 -16.01
N GLY B 914 17.98 3.00 -16.61
CA GLY B 914 16.90 3.02 -17.57
C GLY B 914 15.70 3.86 -17.16
N TYR B 915 15.90 4.80 -16.23
CA TYR B 915 14.87 5.77 -15.90
C TYR B 915 15.32 7.16 -16.33
N LYS B 916 14.46 8.14 -16.12
CA LYS B 916 14.73 9.49 -16.57
C LYS B 916 14.00 10.50 -15.70
N VAL B 917 14.68 11.59 -15.39
CA VAL B 917 14.12 12.67 -14.58
C VAL B 917 13.69 13.78 -15.52
N LEU B 918 12.41 14.12 -15.50
CA LEU B 918 11.90 15.12 -16.42
C LEU B 918 12.11 16.53 -15.86
N PRO B 919 12.36 17.52 -16.72
CA PRO B 919 12.52 18.89 -16.23
C PRO B 919 11.20 19.42 -15.69
N PRO B 920 11.24 20.34 -14.74
CA PRO B 920 10.01 20.96 -14.25
C PRO B 920 9.34 21.80 -15.32
N LEU B 921 8.03 22.01 -15.15
CA LEU B 921 7.23 22.64 -16.19
C LEU B 921 7.70 24.06 -16.49
N MET B 922 8.05 24.83 -15.45
CA MET B 922 8.45 26.22 -15.63
C MET B 922 9.93 26.42 -15.33
N ASP B 923 10.50 27.44 -15.95
CA ASP B 923 11.89 27.84 -15.73
C ASP B 923 12.05 28.47 -14.35
N VAL B 924 13.31 28.65 -13.97
CA VAL B 924 13.61 29.40 -12.75
C VAL B 924 13.19 30.85 -12.91
N ASN B 925 13.42 31.44 -14.08
CA ASN B 925 13.08 32.83 -14.31
C ASN B 925 11.57 33.07 -14.29
N MET B 926 10.78 32.14 -14.83
CA MET B 926 9.33 32.30 -14.82
C MET B 926 8.76 32.20 -13.41
N GLU B 927 9.25 31.24 -12.63
CA GLU B 927 8.85 31.12 -11.24
C GLU B 927 9.24 32.35 -10.44
N ALA B 928 10.45 32.86 -10.66
CA ALA B 928 10.87 34.09 -9.99
C ALA B 928 10.01 35.27 -10.43
N ALA B 929 9.58 35.32 -11.69
CA ALA B 929 8.69 36.37 -12.13
C ALA B 929 7.37 36.31 -11.38
N TYR B 930 6.80 35.11 -11.22
CA TYR B 930 5.57 34.97 -10.46
C TYR B 930 5.76 35.44 -9.02
N THR B 931 6.82 34.97 -8.36
CA THR B 931 7.06 35.33 -6.96
C THR B 931 7.30 36.82 -6.79
N SER B 932 8.08 37.45 -7.69
CA SER B 932 8.34 38.87 -7.59
C SER B 932 7.09 39.69 -7.86
N SER B 933 6.27 39.29 -8.84
CA SER B 933 5.01 39.97 -9.05
C SER B 933 4.10 39.86 -7.84
N LEU B 934 4.12 38.72 -7.16
CA LEU B 934 3.40 38.59 -5.91
C LEU B 934 3.92 39.54 -4.83
N LEU B 935 5.25 39.71 -4.76
CA LEU B 935 5.83 40.61 -3.78
C LEU B 935 5.45 42.07 -4.00
N GLY B 936 5.28 42.49 -5.25
CA GLY B 936 4.97 43.87 -5.54
C GLY B 936 3.55 44.30 -5.27
N SER B 937 2.64 43.36 -5.03
CA SER B 937 1.26 43.67 -4.70
C SER B 937 0.95 43.54 -3.23
N ILE B 938 1.96 43.28 -2.38
CA ILE B 938 1.71 43.02 -0.97
C ILE B 938 1.18 44.27 -0.28
N ALA B 939 1.78 45.42 -0.55
CA ALA B 939 1.38 46.65 0.11
C ALA B 939 -0.04 47.07 -0.28
N GLY B 940 -0.36 46.92 -1.56
CA GLY B 940 -1.61 47.46 -2.07
C GLY B 940 -2.77 46.50 -2.14
N VAL B 941 -2.82 45.53 -1.23
CA VAL B 941 -3.91 44.55 -1.24
C VAL B 941 -5.26 45.23 -1.01
N GLY B 942 -5.27 46.47 -0.52
CA GLY B 942 -6.49 47.23 -0.40
C GLY B 942 -7.14 47.15 0.97
N TRP B 943 -7.16 48.27 1.69
CA TRP B 943 -7.81 48.29 3.00
C TRP B 943 -9.31 48.03 2.88
N THR B 944 -9.91 48.42 1.76
CA THR B 944 -11.36 48.39 1.58
C THR B 944 -11.70 47.36 0.51
N ALA B 945 -12.31 46.25 0.94
CA ALA B 945 -12.84 45.22 0.03
C ALA B 945 -11.84 44.87 -1.07
N GLY B 946 -10.59 44.70 -0.65
CA GLY B 946 -9.48 44.71 -1.59
C GLY B 946 -9.29 43.48 -2.43
N LEU B 947 -10.19 43.27 -3.39
CA LEU B 947 -10.02 42.19 -4.36
C LEU B 947 -10.04 42.71 -5.79
N SER B 948 -10.84 43.75 -6.05
CA SER B 948 -11.01 44.28 -7.39
C SER B 948 -10.31 45.60 -7.64
N SER B 949 -9.67 46.19 -6.64
CA SER B 949 -9.00 47.47 -6.77
C SER B 949 -7.59 47.36 -6.19
N PHE B 950 -6.69 48.20 -6.70
CA PHE B 950 -5.30 48.20 -6.25
C PHE B 950 -4.90 49.63 -5.94
N ALA B 951 -4.42 49.86 -4.73
CA ALA B 951 -3.90 51.16 -4.31
C ALA B 951 -2.39 51.04 -4.16
N ALA B 952 -1.65 51.82 -4.94
CA ALA B 952 -0.18 51.74 -4.95
C ALA B 952 0.38 52.63 -3.85
N ILE B 953 0.22 52.15 -2.61
CA ILE B 953 0.72 52.85 -1.43
C ILE B 953 2.12 52.34 -1.11
N PRO B 954 2.94 53.11 -0.40
CA PRO B 954 4.26 52.61 0.00
C PRO B 954 4.15 51.48 1.01
N PHE B 955 5.27 50.75 1.15
CA PHE B 955 5.31 49.63 2.09
C PHE B 955 5.14 50.11 3.53
N ALA B 956 5.74 51.25 3.87
CA ALA B 956 5.65 51.76 5.24
C ALA B 956 4.21 52.08 5.62
N GLN B 957 3.46 52.70 4.69
CA GLN B 957 2.05 53.00 4.96
C GLN B 957 1.26 51.72 5.24
N SER B 958 1.48 50.70 4.42
CA SER B 958 0.78 49.44 4.63
C SER B 958 1.13 48.82 5.97
N ILE B 959 2.42 48.84 6.34
CA ILE B 959 2.85 48.27 7.61
C ILE B 959 2.20 49.01 8.78
N PHE B 960 2.13 50.34 8.69
CA PHE B 960 1.54 51.10 9.78
C PHE B 960 0.03 50.91 9.86
N TYR B 961 -0.64 50.75 8.72
CA TYR B 961 -2.05 50.39 8.75
C TYR B 961 -2.29 49.00 9.33
N ARG B 962 -1.39 48.05 9.07
CA ARG B 962 -1.52 46.73 9.67
C ARG B 962 -1.29 46.78 11.18
N LEU B 963 -0.31 47.57 11.62
CA LEU B 963 -0.05 47.72 13.04
C LEU B 963 -1.21 48.40 13.76
N ASN B 964 -1.81 49.42 13.14
CA ASN B 964 -2.92 50.11 13.77
C ASN B 964 -4.12 49.20 13.97
N GLY B 965 -4.27 48.18 13.12
CA GLY B 965 -5.42 47.29 13.21
C GLY B 965 -5.30 46.18 14.23
N VAL B 966 -4.13 45.98 14.83
CA VAL B 966 -3.97 44.96 15.85
C VAL B 966 -4.02 45.53 17.26
N GLY B 967 -4.17 46.84 17.41
CA GLY B 967 -4.34 47.42 18.72
C GLY B 967 -3.28 48.41 19.15
N ILE B 968 -2.60 49.01 18.18
CA ILE B 968 -1.59 50.04 18.45
C ILE B 968 -2.12 51.36 17.91
N THR B 969 -2.21 52.35 18.78
CA THR B 969 -2.83 53.62 18.41
C THR B 969 -1.92 54.42 17.48
N GLN B 970 -2.54 55.39 16.79
CA GLN B 970 -1.81 56.20 15.82
C GLN B 970 -0.74 57.03 16.50
N GLN B 971 -0.96 57.44 17.75
CA GLN B 971 0.00 58.25 18.47
C GLN B 971 1.30 57.48 18.68
N VAL B 972 1.20 56.22 19.10
CA VAL B 972 2.37 55.40 19.33
C VAL B 972 3.13 55.16 18.02
N LEU B 973 2.41 54.86 16.95
CA LEU B 973 3.06 54.62 15.66
C LEU B 973 3.76 55.87 15.16
N SER B 974 3.14 57.04 15.34
CA SER B 974 3.76 58.29 14.92
C SER B 974 4.98 58.62 15.78
N GLU B 975 4.97 58.25 17.06
CA GLU B 975 6.11 58.54 17.91
C GLU B 975 7.29 57.62 17.62
N ASN B 976 7.02 56.33 17.41
CA ASN B 976 8.05 55.30 17.31
C ASN B 976 8.28 54.82 15.88
N GLN B 977 8.22 55.72 14.89
CA GLN B 977 8.37 55.32 13.50
C GLN B 977 9.72 54.65 13.25
N LYS B 978 10.81 55.34 13.62
CA LYS B 978 12.14 54.81 13.38
C LYS B 978 12.42 53.57 14.21
N LEU B 979 11.96 53.54 15.45
CA LEU B 979 12.16 52.37 16.29
C LEU B 979 11.44 51.15 15.71
N ILE B 980 10.23 51.35 15.20
CA ILE B 980 9.50 50.24 14.58
C ILE B 980 10.23 49.76 13.34
N ALA B 981 10.73 50.68 12.51
CA ALA B 981 11.46 50.27 11.32
C ALA B 981 12.72 49.49 11.69
N ASN B 982 13.44 49.96 12.72
CA ASN B 982 14.65 49.26 13.14
C ASN B 982 14.35 47.89 13.71
N LYS B 983 13.25 47.77 14.46
CA LYS B 983 12.87 46.47 15.02
C LYS B 983 12.44 45.49 13.94
N PHE B 984 11.76 45.97 12.90
CA PHE B 984 11.43 45.11 11.77
C PHE B 984 12.69 44.68 11.02
N ASN B 985 13.63 45.60 10.82
CA ASN B 985 14.87 45.27 10.13
C ASN B 985 15.72 44.29 10.93
N GLN B 986 15.71 44.40 12.26
CA GLN B 986 16.43 43.44 13.08
C GLN B 986 15.87 42.03 12.91
N ALA B 987 14.54 41.91 12.86
CA ALA B 987 13.93 40.60 12.69
C ALA B 987 14.20 40.02 11.31
N LEU B 988 14.05 40.84 10.27
CA LEU B 988 14.30 40.36 8.92
C LEU B 988 15.77 40.08 8.65
N GLY B 989 16.68 40.77 9.35
CA GLY B 989 18.10 40.56 9.13
C GLY B 989 18.67 39.30 9.72
N ALA B 990 18.12 38.82 10.84
CA ALA B 990 18.55 37.56 11.43
C ALA B 990 18.18 36.37 10.56
N MET B 991 17.54 36.61 9.42
CA MET B 991 17.09 35.53 8.56
C MET B 991 18.25 34.94 7.76
N GLN B 992 19.21 35.78 7.38
CA GLN B 992 20.34 35.31 6.59
C GLN B 992 21.14 34.26 7.33
N THR B 993 21.35 34.46 8.63
CA THR B 993 22.05 33.49 9.47
C THR B 993 21.05 32.55 10.15
N GLY B 994 20.15 31.96 9.36
CA GLY B 994 19.13 31.10 9.92
C GLY B 994 19.09 29.71 9.34
N PHE B 995 19.59 29.56 8.11
CA PHE B 995 19.54 28.27 7.43
C PHE B 995 20.58 27.32 8.00
N THR B 996 20.20 26.57 9.03
CA THR B 996 21.11 25.67 9.72
C THR B 996 20.33 24.46 10.20
N THR B 997 20.95 23.67 11.09
CA THR B 997 20.33 22.43 11.54
C THR B 997 19.13 22.69 12.45
N THR B 998 19.14 23.80 13.19
CA THR B 998 18.03 24.08 14.10
C THR B 998 16.80 24.57 13.36
N ASN B 999 16.96 25.06 12.13
CA ASN B 999 15.84 25.53 11.33
C ASN B 999 14.94 24.36 10.93
N GLU B 1000 13.68 24.38 11.36
CA GLU B 1000 12.79 23.26 11.10
C GLU B 1000 12.32 23.24 9.65
N ALA B 1001 11.97 24.39 9.09
CA ALA B 1001 11.52 24.46 7.71
C ALA B 1001 12.63 24.07 6.74
N PHE B 1002 13.85 24.50 7.01
CA PHE B 1002 14.98 24.11 6.18
C PHE B 1002 15.21 22.61 6.24
N GLN B 1003 15.08 22.02 7.43
CA GLN B 1003 15.16 20.57 7.55
C GLN B 1003 14.07 19.88 6.76
N LYS B 1004 12.86 20.45 6.72
CA LYS B 1004 11.79 19.87 5.91
C LYS B 1004 12.12 19.94 4.41
N VAL B 1005 12.73 21.04 3.97
CA VAL B 1005 13.18 21.15 2.59
C VAL B 1005 14.18 20.03 2.27
N GLN B 1006 15.15 19.84 3.16
CA GLN B 1006 16.14 18.79 2.95
C GLN B 1006 15.50 17.41 2.98
N ASP B 1007 14.49 17.21 3.82
CA ASP B 1007 13.77 15.94 3.85
C ASP B 1007 13.07 15.67 2.53
N ALA B 1008 12.46 16.68 1.92
CA ALA B 1008 11.83 16.47 0.62
C ALA B 1008 12.85 16.11 -0.45
N VAL B 1009 13.99 16.82 -0.47
CA VAL B 1009 15.03 16.49 -1.42
C VAL B 1009 15.54 15.07 -1.20
N ASN B 1010 15.73 14.68 0.06
CA ASN B 1010 16.21 13.34 0.37
C ASN B 1010 15.18 12.27 0.00
N ASN B 1011 13.89 12.58 0.13
CA ASN B 1011 12.87 11.63 -0.32
C ASN B 1011 12.95 11.41 -1.82
N ASN B 1012 13.13 12.49 -2.59
CA ASN B 1012 13.35 12.34 -4.03
C ASN B 1012 14.55 11.44 -4.31
N ALA B 1013 15.67 11.72 -3.63
CA ALA B 1013 16.89 10.95 -3.85
C ALA B 1013 16.70 9.49 -3.46
N GLN B 1014 15.99 9.22 -2.37
CA GLN B 1014 15.74 7.85 -1.94
C GLN B 1014 14.88 7.11 -2.96
N ALA B 1015 13.87 7.78 -3.51
CA ALA B 1015 13.04 7.17 -4.53
C ALA B 1015 13.88 6.76 -5.73
N LEU B 1016 14.79 7.63 -6.17
CA LEU B 1016 15.67 7.25 -7.29
C LEU B 1016 16.64 6.14 -6.89
N SER B 1017 17.16 6.19 -5.66
CA SER B 1017 18.18 5.24 -5.24
C SER B 1017 17.62 3.84 -5.11
N LYS B 1018 16.36 3.71 -4.71
CA LYS B 1018 15.75 2.39 -4.64
C LYS B 1018 15.69 1.74 -6.02
N LEU B 1019 15.30 2.51 -7.04
CA LEU B 1019 15.32 1.99 -8.40
C LEU B 1019 16.74 1.61 -8.82
N ALA B 1020 17.71 2.48 -8.54
CA ALA B 1020 19.07 2.21 -8.97
C ALA B 1020 19.71 1.04 -8.21
N SER B 1021 19.20 0.69 -7.03
CA SER B 1021 19.82 -0.32 -6.19
C SER B 1021 19.35 -1.74 -6.48
N GLU B 1022 18.13 -1.90 -6.99
CA GLU B 1022 17.58 -3.22 -7.24
C GLU B 1022 18.13 -3.88 -8.48
N LEU B 1023 18.95 -3.19 -9.27
CA LEU B 1023 19.55 -3.79 -10.44
C LEU B 1023 20.73 -4.69 -10.09
N SER B 1024 21.29 -4.54 -8.89
CA SER B 1024 22.32 -5.44 -8.41
C SER B 1024 21.77 -6.64 -7.67
N ASN B 1025 20.47 -6.64 -7.37
CA ASN B 1025 19.87 -7.78 -6.70
C ASN B 1025 19.84 -9.00 -7.61
N THR B 1026 20.11 -10.16 -7.00
CA THR B 1026 20.06 -11.45 -7.69
C THR B 1026 18.92 -12.25 -7.09
N PHE B 1027 17.76 -12.21 -7.76
CA PHE B 1027 16.55 -12.82 -7.22
C PHE B 1027 16.61 -14.33 -7.32
N GLY B 1028 17.47 -14.95 -6.51
CA GLY B 1028 17.62 -16.40 -6.52
C GLY B 1028 18.15 -16.94 -7.84
N ALA B 1029 19.16 -16.25 -8.39
CA ALA B 1029 19.76 -16.66 -9.66
C ALA B 1029 21.26 -16.80 -9.47
N ILE B 1030 21.93 -17.22 -10.54
CA ILE B 1030 23.38 -17.42 -10.47
C ILE B 1030 24.11 -16.09 -10.60
N SER B 1031 23.46 -15.07 -11.14
CA SER B 1031 24.09 -13.77 -11.32
C SER B 1031 23.00 -12.73 -11.51
N ALA B 1032 23.37 -11.47 -11.33
CA ALA B 1032 22.46 -10.36 -11.58
C ALA B 1032 22.56 -9.82 -13.00
N SER B 1033 23.66 -10.12 -13.70
CA SER B 1033 23.84 -9.66 -15.06
C SER B 1033 23.26 -10.67 -16.04
N ILE B 1034 22.32 -10.23 -16.87
CA ILE B 1034 21.72 -11.11 -17.86
C ILE B 1034 22.77 -11.60 -18.85
N GLY B 1035 23.65 -10.72 -19.31
CA GLY B 1035 24.69 -11.12 -20.24
C GLY B 1035 25.72 -12.07 -19.68
N ASP B 1036 25.74 -12.25 -18.36
CA ASP B 1036 26.65 -13.19 -17.74
C ASP B 1036 26.05 -14.60 -17.68
N ILE B 1037 24.79 -14.71 -17.26
CA ILE B 1037 24.13 -16.02 -17.27
C ILE B 1037 23.88 -16.50 -18.69
N ILE B 1038 23.87 -15.59 -19.67
CA ILE B 1038 23.70 -15.99 -21.06
C ILE B 1038 24.91 -16.77 -21.58
N GLN B 1039 26.11 -16.38 -21.18
CA GLN B 1039 27.35 -16.98 -21.67
C GLN B 1039 27.87 -18.05 -20.70
N ARG B 1040 27.02 -18.53 -19.81
CA ARG B 1040 27.41 -19.59 -18.89
C ARG B 1040 26.45 -20.76 -18.85
N LEU B 1041 25.18 -20.60 -19.24
CA LEU B 1041 24.19 -21.67 -19.21
C LEU B 1041 23.63 -21.89 -20.61
N ASP B 1042 22.60 -22.71 -20.68
CA ASP B 1042 21.96 -23.13 -21.91
C ASP B 1042 20.48 -22.81 -21.87
N PRO B 1043 19.83 -22.74 -23.04
CA PRO B 1043 18.44 -22.25 -23.12
C PRO B 1043 17.53 -22.79 -22.02
N PRO B 1044 17.45 -24.11 -21.78
CA PRO B 1044 16.45 -24.59 -20.81
C PRO B 1044 16.58 -23.97 -19.42
N GLU B 1045 17.81 -23.73 -18.94
CA GLU B 1045 17.98 -23.11 -17.64
C GLU B 1045 18.22 -21.61 -17.76
N GLN B 1046 18.76 -21.17 -18.90
CA GLN B 1046 18.85 -19.74 -19.19
C GLN B 1046 17.48 -19.08 -19.05
N ASP B 1047 16.45 -19.74 -19.58
CA ASP B 1047 15.10 -19.19 -19.51
C ASP B 1047 14.64 -19.05 -18.07
N ALA B 1048 14.90 -20.07 -17.25
CA ALA B 1048 14.48 -20.03 -15.86
C ALA B 1048 15.16 -18.89 -15.11
N GLN B 1049 16.48 -18.76 -15.27
CA GLN B 1049 17.20 -17.70 -14.56
C GLN B 1049 16.75 -16.31 -15.02
N ILE B 1050 16.62 -16.14 -16.34
CA ILE B 1050 16.21 -14.84 -16.87
C ILE B 1050 14.80 -14.50 -16.42
N ASP B 1051 13.94 -15.51 -16.31
CA ASP B 1051 12.59 -15.28 -15.80
C ASP B 1051 12.57 -14.91 -14.33
N ARG B 1052 13.45 -15.51 -13.53
CA ARG B 1052 13.60 -15.08 -12.14
C ARG B 1052 13.95 -13.60 -12.07
N LEU B 1053 14.96 -13.18 -12.86
CA LEU B 1053 15.35 -11.78 -12.88
C LEU B 1053 14.21 -10.89 -13.36
N ILE B 1054 13.49 -11.33 -14.39
CA ILE B 1054 12.41 -10.53 -14.96
C ILE B 1054 11.32 -10.29 -13.94
N ASN B 1055 10.93 -11.35 -13.23
CA ASN B 1055 9.88 -11.21 -12.22
C ASN B 1055 10.33 -10.30 -11.08
N GLY B 1056 11.57 -10.44 -10.63
CA GLY B 1056 12.06 -9.57 -9.58
C GLY B 1056 12.02 -8.11 -9.97
N ARG B 1057 12.53 -7.81 -11.17
CA ARG B 1057 12.56 -6.43 -11.64
C ARG B 1057 11.16 -5.86 -11.88
N LEU B 1058 10.24 -6.65 -12.40
CA LEU B 1058 8.86 -6.20 -12.55
C LEU B 1058 8.20 -5.89 -11.22
N THR B 1059 8.44 -6.72 -10.20
CA THR B 1059 7.92 -6.42 -8.87
C THR B 1059 8.51 -5.11 -8.33
N THR B 1060 9.81 -4.92 -8.50
CA THR B 1060 10.44 -3.66 -8.07
C THR B 1060 9.78 -2.45 -8.74
N LEU B 1061 9.58 -2.53 -10.05
CA LEU B 1061 8.95 -1.42 -10.76
C LEU B 1061 7.52 -1.16 -10.28
N ASN B 1062 6.75 -2.23 -10.04
CA ASN B 1062 5.38 -2.04 -9.57
C ASN B 1062 5.36 -1.36 -8.20
N ALA B 1063 6.25 -1.76 -7.31
CA ALA B 1063 6.32 -1.10 -6.00
C ALA B 1063 6.69 0.37 -6.15
N PHE B 1064 7.65 0.67 -7.02
CA PHE B 1064 8.04 2.06 -7.25
C PHE B 1064 6.87 2.89 -7.77
N VAL B 1065 6.09 2.33 -8.70
CA VAL B 1065 4.95 3.05 -9.24
C VAL B 1065 3.92 3.32 -8.14
N ALA B 1066 3.64 2.33 -7.29
CA ALA B 1066 2.65 2.54 -6.22
C ALA B 1066 3.11 3.63 -5.25
N GLN B 1067 4.39 3.61 -4.88
CA GLN B 1067 4.87 4.63 -3.94
C GLN B 1067 4.87 6.01 -4.58
N GLN B 1068 5.18 6.09 -5.87
CA GLN B 1068 5.11 7.38 -6.56
C GLN B 1068 3.69 7.90 -6.61
N LEU B 1069 2.72 7.01 -6.81
CA LEU B 1069 1.33 7.45 -6.79
C LEU B 1069 0.94 7.99 -5.42
N VAL B 1070 1.35 7.32 -4.35
CA VAL B 1070 1.04 7.82 -3.01
C VAL B 1070 1.67 9.20 -2.78
N ARG B 1071 2.95 9.35 -3.13
CA ARG B 1071 3.63 10.62 -2.91
C ARG B 1071 3.01 11.74 -3.74
N SER B 1072 2.66 11.46 -4.99
CA SER B 1072 2.02 12.46 -5.83
C SER B 1072 0.66 12.85 -5.30
N GLU B 1073 -0.11 11.90 -4.79
CA GLU B 1073 -1.41 12.25 -4.20
C GLU B 1073 -1.26 13.10 -2.96
N SER B 1074 -0.24 12.86 -2.15
CA SER B 1074 0.01 13.72 -0.99
C SER B 1074 0.41 15.14 -1.40
N ALA B 1075 1.23 15.24 -2.45
CA ALA B 1075 1.70 16.55 -2.88
C ALA B 1075 0.59 17.46 -3.40
N ALA B 1076 -0.51 16.89 -3.91
CA ALA B 1076 -1.61 17.74 -4.39
C ALA B 1076 -2.36 18.39 -3.24
N LEU B 1077 -2.60 17.62 -2.16
CA LEU B 1077 -3.17 18.21 -0.95
C LEU B 1077 -2.25 19.27 -0.38
N SER B 1078 -0.95 18.99 -0.34
CA SER B 1078 -0.01 20.01 0.12
C SER B 1078 -0.05 21.27 -0.75
N ALA B 1079 -0.17 21.11 -2.07
CA ALA B 1079 -0.27 22.27 -2.95
C ALA B 1079 -1.54 23.07 -2.70
N GLN B 1080 -2.65 22.40 -2.43
CA GLN B 1080 -3.87 23.12 -2.07
C GLN B 1080 -3.69 23.90 -0.76
N LEU B 1081 -3.01 23.31 0.22
CA LEU B 1081 -2.70 24.04 1.44
C LEU B 1081 -1.84 25.26 1.17
N ALA B 1082 -0.84 25.13 0.29
CA ALA B 1082 -0.01 26.27 -0.08
C ALA B 1082 -0.82 27.36 -0.79
N LYS B 1083 -1.77 26.96 -1.63
CA LYS B 1083 -2.67 27.92 -2.25
C LYS B 1083 -3.47 28.70 -1.21
N ASP B 1084 -4.03 27.99 -0.23
CA ASP B 1084 -4.78 28.66 0.84
C ASP B 1084 -3.88 29.60 1.64
N LYS B 1085 -2.64 29.19 1.92
CA LYS B 1085 -1.73 30.03 2.67
C LYS B 1085 -1.36 31.29 1.89
N VAL B 1086 -1.12 31.16 0.57
CA VAL B 1086 -0.84 32.33 -0.24
C VAL B 1086 -2.01 33.29 -0.24
N ASN B 1087 -3.23 32.77 -0.40
CA ASN B 1087 -4.41 33.63 -0.44
C ASN B 1087 -4.74 34.26 0.91
N GLU B 1088 -4.36 33.63 2.02
CA GLU B 1088 -4.75 34.11 3.34
C GLU B 1088 -3.66 34.87 4.09
N CYS B 1089 -2.38 34.49 3.92
CA CYS B 1089 -1.31 35.13 4.66
C CYS B 1089 -0.50 36.13 3.84
N VAL B 1090 -0.30 35.90 2.55
CA VAL B 1090 0.53 36.80 1.75
C VAL B 1090 -0.29 37.92 1.12
N LYS B 1091 -1.50 37.62 0.64
CA LYS B 1091 -2.32 38.62 0.00
C LYS B 1091 -3.25 39.35 0.96
N ALA B 1092 -3.19 39.03 2.25
CA ALA B 1092 -4.02 39.68 3.25
C ALA B 1092 -3.37 39.49 4.61
N GLN B 1093 -3.85 40.28 5.58
CA GLN B 1093 -3.44 40.13 6.96
C GLN B 1093 -4.47 39.24 7.64
N SER B 1094 -4.01 38.20 8.32
CA SER B 1094 -4.93 37.20 8.87
C SER B 1094 -5.23 37.48 10.33
N LYS B 1095 -6.50 37.34 10.70
CA LYS B 1095 -6.94 37.56 12.07
C LYS B 1095 -7.01 36.26 12.88
N ARG B 1096 -6.78 35.12 12.27
CA ARG B 1096 -6.86 33.85 12.99
C ARG B 1096 -5.46 33.47 13.49
N SER B 1097 -5.35 33.22 14.79
CA SER B 1097 -4.05 32.96 15.39
C SER B 1097 -3.54 31.58 15.01
N GLY B 1098 -2.23 31.48 14.83
CA GLY B 1098 -1.56 30.23 14.60
C GLY B 1098 -1.52 29.77 13.15
N PHE B 1099 -2.44 30.26 12.31
CA PHE B 1099 -2.46 29.80 10.93
C PHE B 1099 -1.25 30.26 10.15
N CYS B 1100 -0.96 31.57 10.19
CA CYS B 1100 0.18 32.07 9.43
C CYS B 1100 1.46 31.83 10.22
N GLY B 1101 1.59 32.46 11.38
CA GLY B 1101 2.74 32.20 12.22
C GLY B 1101 2.39 32.22 13.70
N GLN B 1102 3.36 32.52 14.54
CA GLN B 1102 3.11 32.71 15.96
C GLN B 1102 2.95 34.20 16.25
N GLY B 1103 2.45 34.49 17.45
CA GLY B 1103 2.15 35.88 17.76
C GLY B 1103 0.99 36.39 16.94
N THR B 1104 1.00 37.69 16.67
CA THR B 1104 -0.01 38.33 15.85
C THR B 1104 0.54 38.56 14.45
N HIS B 1105 -0.15 38.03 13.45
CA HIS B 1105 0.34 38.13 12.07
C HIS B 1105 0.25 39.56 11.57
N ILE B 1106 1.24 39.95 10.76
CA ILE B 1106 1.28 41.29 10.21
C ILE B 1106 1.45 41.24 8.70
N VAL B 1107 2.49 40.56 8.22
CA VAL B 1107 2.75 40.46 6.80
C VAL B 1107 3.53 39.17 6.55
N SER B 1108 3.32 38.58 5.38
CA SER B 1108 4.00 37.36 5.00
C SER B 1108 4.61 37.50 3.62
N PHE B 1109 5.76 36.87 3.43
CA PHE B 1109 6.43 36.80 2.14
C PHE B 1109 6.55 35.34 1.72
N VAL B 1110 6.70 35.10 0.43
CA VAL B 1110 6.85 33.75 -0.09
C VAL B 1110 7.90 33.75 -1.19
N VAL B 1111 8.76 32.74 -1.18
CA VAL B 1111 9.73 32.52 -2.26
C VAL B 1111 9.62 31.08 -2.71
N ASN B 1112 10.33 30.76 -3.79
CA ASN B 1112 10.37 29.40 -4.30
C ASN B 1112 11.42 28.59 -3.56
N ALA B 1113 11.15 27.29 -3.41
CA ALA B 1113 12.04 26.33 -2.80
C ALA B 1113 12.15 25.13 -3.72
N PRO B 1114 13.16 24.27 -3.51
CA PRO B 1114 13.35 23.10 -4.36
C PRO B 1114 12.09 22.39 -4.84
N ASN B 1115 11.14 22.11 -3.96
CA ASN B 1115 9.95 21.35 -4.37
C ASN B 1115 8.68 22.00 -3.84
N GLY B 1116 8.68 23.32 -3.68
CA GLY B 1116 7.50 23.99 -3.18
C GLY B 1116 7.71 25.44 -2.86
N LEU B 1117 7.02 25.93 -1.83
CA LEU B 1117 7.09 27.34 -1.47
C LEU B 1117 7.64 27.48 -0.06
N TYR B 1118 8.34 28.58 0.18
CA TYR B 1118 8.92 28.91 1.46
C TYR B 1118 8.32 30.22 1.94
N PHE B 1119 7.51 30.15 2.99
CA PHE B 1119 6.83 31.29 3.57
C PHE B 1119 7.60 31.82 4.76
N MET B 1120 7.64 33.15 4.86
CA MET B 1120 8.28 33.88 5.94
C MET B 1120 7.20 34.79 6.53
N HIS B 1121 6.67 34.42 7.69
CA HIS B 1121 5.62 35.18 8.34
C HIS B 1121 6.22 36.09 9.40
N VAL B 1122 5.96 37.38 9.32
CA VAL B 1122 6.43 38.34 10.30
C VAL B 1122 5.30 38.57 11.30
N GLY B 1123 5.59 38.36 12.58
CA GLY B 1123 4.61 38.50 13.62
C GLY B 1123 5.08 39.46 14.71
N TYR B 1124 4.09 39.96 15.45
CA TYR B 1124 4.28 40.94 16.51
C TYR B 1124 4.27 40.18 17.84
N TYR B 1125 5.41 40.17 18.54
CA TYR B 1125 5.55 39.41 19.77
C TYR B 1125 5.67 40.36 20.94
N PRO B 1126 4.69 40.39 21.84
CA PRO B 1126 4.76 41.29 22.99
C PRO B 1126 5.64 40.76 24.11
N SER B 1127 6.20 41.70 24.87
CA SER B 1127 7.02 41.36 26.02
C SER B 1127 6.79 42.40 27.11
N ASN B 1128 7.35 42.13 28.29
CA ASN B 1128 7.30 43.04 29.43
C ASN B 1128 5.87 43.43 29.78
N HIS B 1129 5.08 42.43 30.15
CA HIS B 1129 3.70 42.66 30.52
C HIS B 1129 3.61 43.29 31.89
N ILE B 1130 2.65 44.21 32.06
CA ILE B 1130 2.32 44.79 33.35
C ILE B 1130 0.83 44.60 33.59
N GLU B 1131 0.43 44.68 34.85
CA GLU B 1131 -0.97 44.53 35.25
C GLU B 1131 -1.52 45.87 35.69
N VAL B 1132 -2.68 46.23 35.15
CA VAL B 1132 -3.37 47.46 35.52
C VAL B 1132 -4.81 47.11 35.86
N VAL B 1133 -5.54 48.10 36.36
CA VAL B 1133 -6.95 47.97 36.71
C VAL B 1133 -7.77 48.64 35.63
N SER B 1134 -8.83 47.98 35.16
CA SER B 1134 -9.63 48.50 34.08
C SER B 1134 -11.12 48.30 34.37
N ALA B 1135 -11.92 49.13 33.71
CA ALA B 1135 -13.37 49.13 33.85
C ALA B 1135 -14.04 48.67 32.57
N TYR B 1136 -15.19 48.02 32.71
CA TYR B 1136 -15.94 47.58 31.54
C TYR B 1136 -16.49 48.75 30.75
N GLY B 1137 -16.73 49.87 31.42
CA GLY B 1137 -17.30 51.03 30.77
C GLY B 1137 -17.51 52.13 31.79
N LEU B 1138 -17.85 53.32 31.30
CA LEU B 1138 -18.05 54.49 32.13
C LEU B 1138 -19.41 55.09 31.83
N CYS B 1139 -20.15 55.43 32.88
CA CYS B 1139 -21.44 56.08 32.76
C CYS B 1139 -21.41 57.41 33.48
N ASP B 1140 -22.26 58.33 33.02
CA ASP B 1140 -22.38 59.63 33.65
C ASP B 1140 -23.27 59.52 34.89
N ALA B 1141 -22.74 59.93 36.04
CA ALA B 1141 -23.49 59.80 37.29
C ALA B 1141 -24.77 60.64 37.25
N ALA B 1142 -24.69 61.84 36.69
CA ALA B 1142 -25.87 62.71 36.61
C ALA B 1142 -26.93 62.10 35.70
N ASN B 1143 -26.51 61.60 34.54
CA ASN B 1143 -27.41 60.96 33.58
C ASN B 1143 -27.00 59.52 33.40
N PRO B 1144 -27.57 58.57 34.15
CA PRO B 1144 -27.03 57.20 34.15
C PRO B 1144 -27.20 56.47 32.83
N THR B 1145 -28.03 56.96 31.93
CA THR B 1145 -28.31 56.25 30.68
C THR B 1145 -27.41 56.76 29.55
N ASN B 1146 -26.32 57.41 29.95
CA ASN B 1146 -25.35 57.92 29.00
C ASN B 1146 -23.99 57.30 29.28
N CYS B 1147 -23.64 56.26 28.54
CA CYS B 1147 -22.47 55.44 28.83
C CYS B 1147 -21.61 55.24 27.59
N ILE B 1148 -20.35 54.85 27.82
CA ILE B 1148 -19.40 54.63 26.74
C ILE B 1148 -18.60 53.38 27.04
N ALA B 1149 -18.13 52.73 25.98
CA ALA B 1149 -17.24 51.58 26.06
C ALA B 1149 -16.07 51.80 25.13
N PRO B 1150 -14.89 51.28 25.47
CA PRO B 1150 -13.72 51.48 24.61
C PRO B 1150 -13.84 50.72 23.30
N VAL B 1151 -13.17 51.25 22.27
CA VAL B 1151 -13.16 50.64 20.95
C VAL B 1151 -11.74 50.18 20.67
N ASN B 1152 -11.55 48.87 20.55
CA ASN B 1152 -10.25 48.27 20.25
C ASN B 1152 -9.21 48.69 21.28
N GLY B 1153 -9.61 48.68 22.55
CA GLY B 1153 -8.74 49.15 23.61
C GLY B 1153 -9.39 48.97 24.96
N TYR B 1154 -8.80 49.63 25.96
CA TYR B 1154 -9.21 49.47 27.34
C TYR B 1154 -9.25 50.83 28.04
N PHE B 1155 -10.14 50.92 29.03
CA PHE B 1155 -10.23 52.06 29.95
C PHE B 1155 -9.40 51.69 31.17
N ILE B 1156 -8.31 52.41 31.40
CA ILE B 1156 -7.40 52.11 32.49
C ILE B 1156 -7.41 53.27 33.49
N LYS B 1157 -6.93 52.97 34.70
CA LYS B 1157 -6.80 53.97 35.75
C LYS B 1157 -5.41 54.57 35.69
N THR B 1158 -5.34 55.88 35.44
CA THR B 1158 -4.06 56.54 35.29
C THR B 1158 -3.40 56.77 36.65
N ASN B 1159 -2.09 56.99 36.61
CA ASN B 1159 -1.33 57.41 37.79
C ASN B 1159 -0.36 58.52 37.40
N ASN B 1160 -0.78 59.39 36.50
CA ASN B 1160 0.09 60.43 35.93
C ASN B 1160 0.15 61.66 36.84
N THR B 1161 0.50 61.43 38.10
CA THR B 1161 0.65 62.47 39.14
C THR B 1161 -0.39 63.58 38.99
N ARG B 1162 -1.66 63.15 38.84
CA ARG B 1162 -2.74 64.07 38.49
C ARG B 1162 -4.00 63.73 39.26
N ILE B 1163 -5.14 64.25 38.78
CA ILE B 1163 -6.40 64.14 39.50
C ILE B 1163 -6.70 62.67 39.84
N VAL B 1164 -7.46 62.48 40.92
CA VAL B 1164 -7.68 61.13 41.43
C VAL B 1164 -8.79 60.45 40.63
N ASP B 1165 -8.67 59.13 40.51
CA ASP B 1165 -9.64 58.30 39.77
C ASP B 1165 -9.85 58.81 38.36
N GLU B 1166 -8.75 59.22 37.73
CA GLU B 1166 -8.79 59.58 36.32
C GLU B 1166 -8.82 58.32 35.46
N TRP B 1167 -9.53 58.40 34.33
CA TRP B 1167 -9.64 57.29 33.41
C TRP B 1167 -8.97 57.67 32.09
N SER B 1168 -8.19 56.75 31.53
CA SER B 1168 -7.52 56.94 30.27
C SER B 1168 -7.82 55.77 29.35
N TYR B 1169 -7.41 55.90 28.09
CA TYR B 1169 -7.60 54.85 27.11
C TYR B 1169 -6.25 54.33 26.67
N THR B 1170 -6.16 53.02 26.47
CA THR B 1170 -4.95 52.41 25.94
C THR B 1170 -5.33 51.43 24.83
N GLY B 1171 -4.42 51.27 23.87
CA GLY B 1171 -4.62 50.29 22.82
C GLY B 1171 -4.54 48.87 23.36
N SER B 1172 -5.13 47.93 22.63
CA SER B 1172 -5.25 46.58 23.13
C SER B 1172 -3.93 45.80 23.08
N SER B 1173 -2.92 46.32 22.38
CA SER B 1173 -1.70 45.56 22.16
C SER B 1173 -0.44 46.28 22.60
N PHE B 1174 -0.55 47.49 23.13
CA PHE B 1174 0.60 48.24 23.61
C PHE B 1174 0.12 49.22 24.67
N TYR B 1175 0.87 49.33 25.75
CA TYR B 1175 0.46 50.16 26.89
C TYR B 1175 0.92 51.59 26.65
N ALA B 1176 -0.03 52.49 26.45
CA ALA B 1176 0.25 53.91 26.27
C ALA B 1176 -1.00 54.73 26.57
N PRO B 1177 -1.21 55.15 27.81
CA PRO B 1177 -2.44 55.87 28.15
C PRO B 1177 -2.61 57.16 27.37
N GLU B 1178 -3.84 57.42 26.95
CA GLU B 1178 -4.21 58.58 26.16
C GLU B 1178 -5.53 59.13 26.67
N PRO B 1179 -5.86 60.38 26.34
CA PRO B 1179 -7.16 60.92 26.74
C PRO B 1179 -8.31 60.17 26.09
N ILE B 1180 -9.44 60.14 26.80
CA ILE B 1180 -10.66 59.53 26.28
C ILE B 1180 -11.38 60.54 25.41
N THR B 1181 -11.73 60.13 24.19
CA THR B 1181 -12.38 61.01 23.24
C THR B 1181 -13.37 60.18 22.41
N SER B 1182 -14.11 60.86 21.55
CA SER B 1182 -15.09 60.18 20.70
C SER B 1182 -14.45 59.31 19.64
N LEU B 1183 -13.15 59.46 19.39
CA LEU B 1183 -12.48 58.66 18.38
C LEU B 1183 -12.17 57.25 18.86
N ASN B 1184 -12.10 57.02 20.18
CA ASN B 1184 -11.74 55.71 20.71
C ASN B 1184 -12.81 55.13 21.62
N THR B 1185 -14.00 55.70 21.63
CA THR B 1185 -15.11 55.21 22.44
C THR B 1185 -16.35 55.05 21.59
N LYS B 1186 -17.33 54.34 22.13
CA LYS B 1186 -18.61 54.20 21.47
C LYS B 1186 -19.72 54.12 22.52
N TYR B 1187 -20.87 54.69 22.19
CA TYR B 1187 -21.98 54.73 23.14
C TYR B 1187 -22.65 53.37 23.23
N VAL B 1188 -23.03 52.99 24.46
CA VAL B 1188 -23.64 51.69 24.74
C VAL B 1188 -24.73 51.87 25.78
N ALA B 1189 -25.51 50.81 25.96
CA ALA B 1189 -26.54 50.82 26.99
C ALA B 1189 -25.93 50.56 28.36
N PRO B 1190 -26.48 51.15 29.43
CA PRO B 1190 -25.86 50.99 30.74
C PRO B 1190 -25.89 49.54 31.22
N GLN B 1191 -24.87 49.18 32.00
CA GLN B 1191 -24.75 47.88 32.62
C GLN B 1191 -24.42 48.05 34.09
N VAL B 1192 -24.71 47.00 34.88
CA VAL B 1192 -24.47 47.06 36.31
C VAL B 1192 -22.99 47.09 36.68
N THR B 1193 -22.11 46.73 35.75
CA THR B 1193 -20.68 46.70 36.01
C THR B 1193 -19.97 47.96 35.56
N TYR B 1194 -20.70 48.93 34.99
CA TYR B 1194 -20.08 50.16 34.55
C TYR B 1194 -19.85 51.09 35.73
N GLN B 1195 -18.80 51.91 35.62
CA GLN B 1195 -18.43 52.82 36.69
C GLN B 1195 -19.20 54.13 36.55
N ASN B 1196 -19.86 54.54 37.62
CA ASN B 1196 -20.61 55.79 37.65
C ASN B 1196 -19.66 56.87 38.15
N ILE B 1197 -19.16 57.69 37.23
CA ILE B 1197 -18.20 58.72 37.56
C ILE B 1197 -18.91 60.06 37.64
N SER B 1198 -18.57 60.84 38.66
CA SER B 1198 -19.23 62.11 38.94
C SER B 1198 -18.44 63.31 38.42
N THR B 1199 -17.12 63.29 38.58
CA THR B 1199 -16.29 64.44 38.21
C THR B 1199 -15.34 64.07 37.08
N ASN B 1200 -14.87 65.07 36.35
CA ASN B 1200 -13.82 65.01 35.34
C ASN B 1200 -14.26 64.36 34.03
N LEU B 1201 -15.41 63.69 34.02
CA LEU B 1201 -16.35 63.60 32.90
C LEU B 1201 -15.68 63.69 31.53
N PRO B 1202 -15.03 62.62 31.05
CA PRO B 1202 -14.34 62.70 29.75
C PRO B 1202 -15.27 63.26 28.68
N PRO B 1203 -14.71 63.88 27.64
CA PRO B 1203 -15.51 64.72 26.73
C PRO B 1203 -16.71 63.99 26.12
N PRO B 1204 -16.60 62.69 25.79
CA PRO B 1204 -17.81 62.00 25.31
C PRO B 1204 -18.96 62.02 26.30
N LEU B 1205 -18.66 62.00 27.59
CA LEU B 1205 -19.72 61.98 28.60
C LEU B 1205 -20.23 63.36 28.96
N LEU B 1206 -19.60 64.42 28.45
CA LEU B 1206 -20.03 65.77 28.76
C LEU B 1206 -21.40 66.05 28.19
N GLY B 1207 -22.41 66.13 29.05
CA GLY B 1207 -23.75 66.47 28.61
C GLY B 1207 -23.84 67.95 28.27
N ASN B 1208 -23.98 68.26 26.99
CA ASN B 1208 -23.97 69.64 26.55
C ASN B 1208 -25.18 70.39 27.08
N SER B 1209 -24.93 71.43 27.86
CA SER B 1209 -25.95 72.29 28.44
C SER B 1209 -25.57 73.75 28.27
N THR B 1210 -25.05 74.11 27.09
CA THR B 1210 -24.59 75.45 26.80
C THR B 1210 -25.54 76.06 25.78
N GLY B 1211 -26.61 76.68 26.26
CA GLY B 1211 -27.59 77.34 25.41
C GLY B 1211 -27.23 78.81 25.27
N ILE B 1212 -28.15 79.60 24.74
CA ILE B 1212 -27.93 81.03 24.57
C ILE B 1212 -28.44 81.77 25.80
N THR C 1 -5.39 -66.67 15.94
CA THR C 1 -6.75 -67.05 16.31
C THR C 1 -6.87 -67.17 17.83
N VAL C 2 -7.94 -66.62 18.38
CA VAL C 2 -8.13 -66.51 19.82
C VAL C 2 -9.30 -67.37 20.24
N ASP C 3 -9.18 -67.99 21.41
CA ASP C 3 -10.25 -68.83 21.94
C ASP C 3 -11.38 -67.98 22.49
N VAL C 4 -12.60 -68.27 22.06
CA VAL C 4 -13.78 -67.55 22.52
C VAL C 4 -14.72 -68.42 23.34
N GLY C 5 -14.57 -69.74 23.31
CA GLY C 5 -15.43 -70.63 24.03
C GLY C 5 -15.98 -71.75 23.16
N PRO C 6 -16.88 -72.55 23.71
CA PRO C 6 -17.46 -73.64 22.93
C PRO C 6 -18.45 -73.13 21.90
N ASP C 7 -18.68 -73.95 20.89
CA ASP C 7 -19.69 -73.64 19.88
C ASP C 7 -21.08 -73.89 20.44
N SER C 8 -22.10 -73.64 19.61
CA SER C 8 -23.47 -73.87 20.03
C SER C 8 -23.73 -75.36 20.18
N VAL C 9 -24.42 -75.73 21.27
CA VAL C 9 -24.78 -77.12 21.52
C VAL C 9 -26.05 -77.43 20.76
N LYS C 10 -27.05 -76.54 20.87
CA LYS C 10 -28.31 -76.73 20.18
C LYS C 10 -28.12 -76.64 18.66
N SER C 11 -28.89 -77.45 17.94
CA SER C 11 -28.86 -77.40 16.49
C SER C 11 -29.96 -76.47 15.98
N ALA C 12 -31.17 -76.62 16.51
CA ALA C 12 -32.30 -75.81 16.07
C ALA C 12 -32.27 -74.43 16.72
N CYS C 13 -31.77 -73.44 15.99
CA CYS C 13 -31.82 -72.07 16.46
C CYS C 13 -33.25 -71.53 16.41
N ILE C 14 -33.56 -70.61 17.31
CA ILE C 14 -34.94 -70.20 17.53
C ILE C 14 -35.48 -69.46 16.30
N GLU C 15 -36.80 -69.39 16.19
CA GLU C 15 -37.48 -68.73 15.09
C GLU C 15 -37.71 -67.26 15.42
N VAL C 16 -37.60 -66.41 14.40
CA VAL C 16 -37.86 -64.98 14.52
C VAL C 16 -39.00 -64.62 13.59
N ASP C 17 -39.87 -63.71 14.04
CA ASP C 17 -41.05 -63.31 13.28
C ASP C 17 -40.87 -61.86 12.83
N ILE C 18 -40.50 -61.67 11.57
CA ILE C 18 -40.30 -60.33 11.02
C ILE C 18 -41.64 -59.69 10.75
N GLN C 19 -41.94 -58.59 11.48
CA GLN C 19 -43.13 -57.78 11.24
C GLN C 19 -42.71 -56.30 11.28
N GLN C 20 -42.32 -55.77 10.12
CA GLN C 20 -41.81 -54.41 10.06
C GLN C 20 -42.87 -53.39 10.41
N THR C 21 -44.15 -53.71 10.17
CA THR C 21 -45.22 -52.75 10.36
C THR C 21 -45.33 -52.29 11.81
N PHE C 22 -45.06 -53.20 12.75
CA PHE C 22 -45.15 -52.84 14.16
C PHE C 22 -44.08 -51.84 14.55
N PHE C 23 -42.90 -51.93 13.94
CA PHE C 23 -41.79 -51.05 14.29
C PHE C 23 -41.77 -49.76 13.50
N ASP C 24 -42.54 -49.65 12.42
CA ASP C 24 -42.54 -48.45 11.59
C ASP C 24 -43.38 -47.38 12.27
N LYS C 25 -42.74 -46.54 13.07
CA LYS C 25 -43.41 -45.44 13.75
C LYS C 25 -42.57 -44.18 13.57
N THR C 26 -43.01 -43.08 14.18
CA THR C 26 -42.31 -41.81 14.10
C THR C 26 -42.13 -41.24 15.49
N TRP C 27 -40.89 -40.87 15.81
CA TRP C 27 -40.56 -40.22 17.07
C TRP C 27 -39.41 -39.26 16.80
N PRO C 28 -39.71 -38.08 16.24
CA PRO C 28 -38.64 -37.18 15.79
C PRO C 28 -37.73 -36.73 16.91
N ARG C 29 -36.44 -37.04 16.77
CA ARG C 29 -35.40 -36.58 17.70
C ARG C 29 -34.23 -36.04 16.90
N PRO C 30 -34.40 -34.89 16.25
CA PRO C 30 -33.35 -34.39 15.36
C PRO C 30 -32.16 -33.86 16.15
N ILE C 31 -31.03 -33.75 15.45
CA ILE C 31 -29.81 -33.22 16.06
C ILE C 31 -30.03 -31.74 16.37
N ASP C 32 -29.88 -31.37 17.63
CA ASP C 32 -29.99 -29.99 18.07
C ASP C 32 -28.60 -29.50 18.46
N VAL C 33 -27.89 -28.92 17.49
CA VAL C 33 -26.53 -28.44 17.71
C VAL C 33 -26.48 -27.31 18.73
N SER C 34 -27.60 -26.63 18.98
CA SER C 34 -27.65 -25.57 19.97
C SER C 34 -27.43 -26.09 21.39
N LYS C 35 -27.50 -27.40 21.61
CA LYS C 35 -27.16 -27.99 22.90
C LYS C 35 -26.10 -29.09 22.73
N ALA C 36 -25.27 -28.97 21.70
CA ALA C 36 -24.12 -29.83 21.47
C ALA C 36 -24.51 -31.31 21.49
N ASP C 37 -25.32 -31.68 20.50
CA ASP C 37 -25.73 -33.06 20.31
C ASP C 37 -24.76 -33.77 19.39
N GLY C 38 -24.32 -34.97 19.80
CA GLY C 38 -23.48 -35.80 18.97
C GLY C 38 -22.15 -35.18 18.58
N ILE C 39 -21.50 -34.51 19.53
CA ILE C 39 -20.26 -33.79 19.26
C ILE C 39 -19.10 -34.64 19.80
N ILE C 40 -18.19 -35.02 18.90
CA ILE C 40 -16.97 -35.69 19.33
C ILE C 40 -15.98 -34.63 19.81
N TYR C 41 -15.53 -34.77 21.05
CA TYR C 41 -14.58 -33.81 21.60
C TYR C 41 -13.25 -33.93 20.87
N PRO C 42 -12.54 -32.81 20.63
CA PRO C 42 -11.17 -32.91 20.08
C PRO C 42 -10.32 -33.85 20.91
N GLN C 43 -9.69 -34.82 20.26
CA GLN C 43 -9.22 -36.03 20.94
C GLN C 43 -7.73 -35.93 21.29
N GLY C 44 -7.21 -34.71 21.29
CA GLY C 44 -5.83 -34.50 21.68
C GLY C 44 -5.64 -33.48 22.77
N ARG C 45 -6.63 -32.60 22.93
CA ARG C 45 -6.45 -31.43 23.79
C ARG C 45 -7.74 -31.01 24.48
N THR C 46 -7.69 -29.88 25.18
CA THR C 46 -8.87 -29.31 25.80
C THR C 46 -8.69 -27.80 25.89
N TYR C 47 -9.81 -27.10 26.04
CA TYR C 47 -9.83 -25.65 26.07
C TYR C 47 -10.63 -25.18 27.28
N SER C 48 -10.67 -23.87 27.49
CA SER C 48 -11.39 -23.33 28.63
C SER C 48 -11.92 -21.94 28.31
N ASN C 49 -13.24 -21.77 28.38
CA ASN C 49 -13.89 -20.46 28.36
C ASN C 49 -13.55 -19.67 27.10
N ILE C 50 -13.63 -20.34 25.95
CA ILE C 50 -13.38 -19.70 24.67
C ILE C 50 -14.41 -20.20 23.65
N THR C 51 -14.30 -19.68 22.43
CA THR C 51 -15.18 -20.06 21.33
C THR C 51 -14.33 -20.07 20.06
N ILE C 52 -14.23 -21.22 19.40
CA ILE C 52 -13.35 -21.32 18.24
C ILE C 52 -13.99 -22.21 17.19
N THR C 53 -13.58 -21.99 15.94
CA THR C 53 -13.93 -22.90 14.86
C THR C 53 -13.06 -24.14 14.92
N TYR C 54 -13.60 -25.24 14.41
CA TYR C 54 -12.92 -26.53 14.51
C TYR C 54 -13.37 -27.40 13.35
N GLN C 55 -12.39 -28.03 12.69
CA GLN C 55 -12.68 -28.96 11.59
C GLN C 55 -12.64 -30.39 12.12
N GLY C 56 -13.76 -31.09 11.99
CA GLY C 56 -13.82 -32.45 12.48
C GLY C 56 -14.90 -33.27 11.80
N LEU C 57 -15.45 -34.25 12.52
CA LEU C 57 -16.47 -35.15 11.98
C LEU C 57 -17.71 -35.00 12.86
N PHE C 58 -18.65 -34.19 12.40
CA PHE C 58 -19.88 -33.88 13.11
C PHE C 58 -21.10 -34.28 12.29
N PRO C 59 -22.26 -34.41 12.91
CA PRO C 59 -23.49 -34.63 12.16
C PRO C 59 -24.17 -33.33 11.77
N TYR C 60 -25.06 -33.44 10.78
CA TYR C 60 -25.78 -32.28 10.29
C TYR C 60 -26.75 -31.74 11.33
N GLN C 61 -26.77 -30.42 11.50
CA GLN C 61 -27.79 -29.80 12.32
C GLN C 61 -29.17 -30.09 11.76
N GLY C 62 -30.08 -30.52 12.63
CA GLY C 62 -31.43 -30.83 12.24
C GLY C 62 -31.60 -32.19 11.61
N ASP C 63 -30.52 -32.96 11.46
CA ASP C 63 -30.62 -34.30 10.89
C ASP C 63 -31.50 -35.17 11.78
N HIS C 64 -32.31 -36.00 11.14
CA HIS C 64 -33.23 -36.88 11.86
C HIS C 64 -32.63 -38.25 12.10
N GLY C 65 -31.73 -38.70 11.24
CA GLY C 65 -31.08 -39.98 11.43
C GLY C 65 -32.03 -41.14 11.18
N ASP C 66 -31.59 -42.33 11.60
CA ASP C 66 -32.37 -43.55 11.47
C ASP C 66 -32.76 -44.04 12.85
N MET C 67 -34.05 -44.29 13.03
CA MET C 67 -34.58 -44.79 14.30
C MET C 67 -34.65 -46.30 14.28
N TYR C 68 -34.34 -46.91 15.43
CA TYR C 68 -34.41 -48.36 15.58
C TYR C 68 -35.05 -48.69 16.92
N VAL C 69 -35.89 -49.72 16.93
CA VAL C 69 -36.61 -50.15 18.13
C VAL C 69 -36.35 -51.63 18.37
N TYR C 70 -36.24 -51.99 19.64
CA TYR C 70 -36.13 -53.38 20.07
C TYR C 70 -37.38 -53.74 20.85
N SER C 71 -37.87 -54.96 20.67
CA SER C 71 -39.14 -55.38 21.23
C SER C 71 -39.04 -56.75 21.86
N ALA C 72 -39.95 -57.02 22.80
CA ALA C 72 -40.07 -58.34 23.39
C ALA C 72 -40.62 -59.33 22.36
N GLY C 73 -40.49 -60.61 22.67
CA GLY C 73 -40.94 -61.65 21.77
C GLY C 73 -42.32 -62.17 22.12
N HIS C 74 -42.81 -63.07 21.26
CA HIS C 74 -44.11 -63.69 21.49
C HIS C 74 -44.06 -64.60 22.70
N ALA C 75 -45.10 -64.53 23.53
CA ALA C 75 -45.19 -65.35 24.73
C ALA C 75 -46.65 -65.65 25.04
N THR C 76 -46.93 -66.87 25.46
CA THR C 76 -48.27 -67.29 25.85
C THR C 76 -48.27 -67.58 27.35
N GLY C 77 -48.64 -66.59 28.14
CA GLY C 77 -48.79 -66.75 29.57
C GLY C 77 -47.47 -66.77 30.32
N THR C 78 -46.72 -67.86 30.22
CA THR C 78 -45.45 -67.97 30.91
C THR C 78 -44.43 -68.71 30.03
N THR C 79 -44.56 -68.57 28.71
CA THR C 79 -43.72 -69.32 27.77
C THR C 79 -43.45 -68.49 26.52
N PRO C 80 -42.26 -67.91 26.41
CA PRO C 80 -41.90 -67.18 25.18
C PRO C 80 -41.93 -68.07 23.95
N GLN C 81 -42.70 -67.67 22.93
CA GLN C 81 -42.86 -68.48 21.73
C GLN C 81 -41.73 -68.26 20.74
N LYS C 82 -41.59 -67.02 20.25
CA LYS C 82 -40.66 -66.71 19.18
C LYS C 82 -40.16 -65.27 19.33
N LEU C 83 -39.27 -64.87 18.42
CA LEU C 83 -38.62 -63.58 18.48
C LEU C 83 -39.33 -62.60 17.53
N PHE C 84 -39.54 -61.39 18.01
CA PHE C 84 -40.20 -60.33 17.24
C PHE C 84 -39.15 -59.30 16.85
N VAL C 85 -38.73 -59.34 15.59
CA VAL C 85 -37.69 -58.45 15.10
C VAL C 85 -38.16 -57.76 13.82
N ALA C 86 -37.52 -56.64 13.50
CA ALA C 86 -37.74 -55.96 12.23
C ALA C 86 -36.77 -56.53 11.19
N ASN C 87 -36.80 -55.96 9.98
CA ASN C 87 -35.95 -56.42 8.90
C ASN C 87 -34.60 -55.71 8.86
N TYR C 88 -34.11 -55.25 10.01
CA TYR C 88 -32.85 -54.51 10.06
C TYR C 88 -31.70 -55.31 9.46
N SER C 89 -31.72 -56.63 9.66
CA SER C 89 -30.63 -57.47 9.17
C SER C 89 -30.54 -57.44 7.65
N GLN C 90 -31.65 -57.13 6.98
CA GLN C 90 -31.62 -57.03 5.53
C GLN C 90 -31.15 -55.66 5.06
N ASP C 91 -31.24 -54.65 5.92
CA ASP C 91 -30.91 -53.28 5.53
C ASP C 91 -29.44 -53.00 5.79
N VAL C 92 -28.62 -53.07 4.75
CA VAL C 92 -27.19 -52.80 4.84
C VAL C 92 -26.96 -51.37 4.38
N LYS C 93 -26.27 -50.60 5.23
CA LYS C 93 -25.99 -49.19 4.97
C LYS C 93 -24.49 -49.00 4.78
N GLN C 94 -24.12 -47.80 4.31
CA GLN C 94 -22.72 -47.45 4.08
C GLN C 94 -22.13 -46.83 5.34
N PHE C 95 -20.87 -47.16 5.63
CA PHE C 95 -20.18 -46.56 6.75
C PHE C 95 -19.58 -45.22 6.38
N ALA C 96 -18.52 -45.23 5.57
CA ALA C 96 -17.99 -44.12 4.79
C ALA C 96 -17.40 -42.97 5.60
N ASN C 97 -17.83 -42.80 6.85
CA ASN C 97 -17.14 -41.93 7.80
C ASN C 97 -17.24 -42.40 9.24
N GLY C 98 -18.19 -43.28 9.55
CA GLY C 98 -18.58 -43.56 10.91
C GLY C 98 -19.93 -42.94 11.22
N PHE C 99 -20.33 -43.06 12.48
CA PHE C 99 -21.63 -42.53 12.90
C PHE C 99 -21.64 -42.33 14.41
N VAL C 100 -22.74 -41.75 14.88
CA VAL C 100 -23.02 -41.57 16.30
C VAL C 100 -24.40 -42.11 16.58
N VAL C 101 -24.64 -42.50 17.83
CA VAL C 101 -25.88 -43.14 18.26
C VAL C 101 -26.32 -42.50 19.56
N ARG C 102 -27.62 -42.24 19.66
CA ARG C 102 -28.26 -41.60 20.81
C ARG C 102 -29.04 -42.66 21.57
N ILE C 103 -28.47 -43.14 22.68
CA ILE C 103 -29.06 -44.24 23.43
C ILE C 103 -29.80 -43.72 24.65
N GLY C 104 -31.02 -44.20 24.84
CA GLY C 104 -31.77 -43.93 26.05
C GLY C 104 -32.44 -42.57 26.12
N ALA C 105 -32.81 -42.01 24.97
CA ALA C 105 -33.41 -40.67 24.96
C ALA C 105 -34.79 -40.67 25.61
N ALA C 106 -35.64 -41.63 25.24
CA ALA C 106 -37.01 -41.68 25.74
C ALA C 106 -37.10 -42.64 26.92
N ALA C 107 -36.51 -42.22 28.03
CA ALA C 107 -36.55 -42.98 29.26
C ALA C 107 -37.26 -42.19 30.36
N ASN C 108 -37.62 -42.91 31.43
CA ASN C 108 -38.33 -42.32 32.57
C ASN C 108 -39.63 -41.65 32.11
N SER C 109 -40.32 -42.30 31.17
CA SER C 109 -41.56 -41.78 30.62
C SER C 109 -42.54 -42.92 30.42
N THR C 110 -43.73 -42.59 29.93
CA THR C 110 -44.75 -43.60 29.65
C THR C 110 -44.86 -43.80 28.14
N GLY C 111 -44.54 -45.00 27.68
CA GLY C 111 -44.71 -45.36 26.29
C GLY C 111 -45.48 -46.66 26.17
N THR C 112 -45.34 -47.37 25.04
CA THR C 112 -46.07 -48.61 24.83
C THR C 112 -45.15 -49.68 24.27
N VAL C 113 -45.53 -50.92 24.52
CA VAL C 113 -44.82 -52.08 23.99
C VAL C 113 -45.07 -52.17 22.49
N ILE C 114 -44.25 -52.91 21.76
CA ILE C 114 -44.39 -52.97 20.32
C ILE C 114 -45.40 -54.04 19.91
N ILE C 115 -45.32 -55.23 20.50
CA ILE C 115 -46.14 -56.35 20.06
C ILE C 115 -47.50 -56.29 20.75
N SER C 116 -47.66 -55.35 21.69
CA SER C 116 -48.91 -55.15 22.39
C SER C 116 -49.26 -53.66 22.36
N PRO C 117 -49.75 -53.14 21.23
CA PRO C 117 -49.93 -51.69 21.09
C PRO C 117 -50.77 -51.06 22.19
N SER C 118 -51.73 -51.81 22.75
CA SER C 118 -52.55 -51.33 23.85
C SER C 118 -52.00 -51.81 25.19
N THR C 119 -50.79 -51.38 25.50
CA THR C 119 -50.11 -51.74 26.75
C THR C 119 -49.12 -50.64 27.11
N SER C 120 -49.52 -49.78 28.04
CA SER C 120 -48.64 -48.72 28.52
C SER C 120 -47.60 -49.31 29.46
N ALA C 121 -46.41 -48.69 29.48
CA ALA C 121 -45.32 -49.14 30.34
C ALA C 121 -44.25 -48.06 30.39
N THR C 122 -43.45 -48.09 31.46
CA THR C 122 -42.30 -47.20 31.53
C THR C 122 -41.18 -47.73 30.62
N ILE C 123 -40.55 -46.82 29.88
CA ILE C 123 -39.55 -47.23 28.91
C ILE C 123 -38.20 -47.38 29.60
N ARG C 124 -37.45 -48.40 29.19
CA ARG C 124 -36.15 -48.72 29.76
C ARG C 124 -35.08 -48.57 28.69
N LYS C 125 -33.95 -47.96 29.06
CA LYS C 125 -32.84 -47.81 28.15
C LYS C 125 -32.32 -49.17 27.72
N ILE C 126 -31.93 -49.28 26.45
CA ILE C 126 -31.39 -50.52 25.89
C ILE C 126 -30.22 -50.17 24.99
N TYR C 127 -29.34 -51.14 24.76
CA TYR C 127 -28.15 -50.79 24.01
C TYR C 127 -28.15 -51.45 22.64
N PRO C 128 -27.71 -50.74 21.61
CA PRO C 128 -27.71 -51.29 20.25
C PRO C 128 -26.59 -52.29 20.01
N ALA C 129 -26.78 -53.09 18.97
CA ALA C 129 -25.79 -54.07 18.52
C ALA C 129 -25.50 -53.84 17.05
N PHE C 130 -24.23 -53.76 16.70
CA PHE C 130 -23.80 -53.45 15.35
C PHE C 130 -22.92 -54.57 14.80
N MET C 131 -22.97 -54.73 13.48
CA MET C 131 -22.10 -55.69 12.79
C MET C 131 -21.63 -55.00 11.50
N LEU C 132 -20.32 -54.75 11.43
CA LEU C 132 -19.72 -53.97 10.36
C LEU C 132 -18.74 -54.84 9.59
N GLY C 133 -18.55 -54.53 8.32
CA GLY C 133 -17.63 -55.33 7.52
C GLY C 133 -17.09 -54.62 6.30
N SER C 134 -16.39 -55.36 5.45
CA SER C 134 -15.80 -54.81 4.24
C SER C 134 -16.39 -55.39 2.96
N SER C 135 -17.26 -56.40 3.05
CA SER C 135 -17.86 -57.01 1.87
C SER C 135 -19.18 -57.63 2.27
N VAL C 136 -20.20 -57.46 1.43
CA VAL C 136 -21.54 -57.99 1.70
C VAL C 136 -21.98 -58.85 0.52
N GLY C 137 -22.91 -59.75 0.80
CA GLY C 137 -23.44 -60.67 -0.18
C GLY C 137 -24.76 -61.24 0.31
N ASN C 138 -25.21 -62.28 -0.38
CA ASN C 138 -26.50 -62.88 -0.06
C ASN C 138 -26.33 -64.10 0.84
N PHE C 139 -27.40 -64.40 1.58
CA PHE C 139 -27.49 -65.62 2.38
C PHE C 139 -27.94 -66.81 1.54
N SER C 140 -28.33 -67.89 2.21
CA SER C 140 -28.72 -69.15 1.58
C SER C 140 -29.66 -68.95 0.40
N ASP C 141 -30.80 -68.29 0.63
CA ASP C 141 -31.83 -68.11 -0.40
C ASP C 141 -31.72 -66.74 -1.07
N GLY C 142 -30.50 -66.23 -1.23
CA GLY C 142 -30.32 -64.94 -1.85
C GLY C 142 -30.76 -63.77 -0.99
N LYS C 143 -30.89 -63.98 0.31
CA LYS C 143 -31.33 -62.93 1.22
C LYS C 143 -30.17 -61.99 1.50
N MET C 144 -30.42 -60.70 1.37
CA MET C 144 -29.38 -59.70 1.55
C MET C 144 -28.94 -59.63 3.01
N GLY C 145 -27.64 -59.38 3.21
CA GLY C 145 -27.13 -59.19 4.55
C GLY C 145 -26.13 -60.21 5.06
N ARG C 146 -25.28 -60.74 4.18
CA ARG C 146 -24.24 -61.68 4.56
C ARG C 146 -22.91 -60.98 4.56
N PHE C 147 -22.13 -61.14 5.62
CA PHE C 147 -20.84 -60.47 5.74
C PHE C 147 -19.72 -61.47 5.54
N PHE C 148 -18.82 -61.13 4.62
CA PHE C 148 -17.71 -61.96 4.18
C PHE C 148 -16.51 -61.85 5.12
N ASN C 149 -15.33 -62.15 4.59
CA ASN C 149 -14.17 -62.74 5.27
C ASN C 149 -14.09 -62.29 6.73
N HIS C 150 -14.02 -60.99 7.01
CA HIS C 150 -13.81 -60.55 8.39
C HIS C 150 -14.83 -59.47 8.76
N THR C 151 -15.48 -59.66 9.90
CA THR C 151 -16.65 -58.86 10.29
C THR C 151 -16.48 -58.37 11.73
N LEU C 152 -16.26 -57.07 11.91
CA LEU C 152 -16.24 -56.52 13.27
C LEU C 152 -17.65 -56.57 13.84
N VAL C 153 -17.78 -56.98 15.10
CA VAL C 153 -19.07 -57.10 15.76
C VAL C 153 -18.98 -56.45 17.12
N LEU C 154 -19.98 -55.61 17.44
CA LEU C 154 -20.12 -54.97 18.74
C LEU C 154 -21.49 -55.36 19.28
N LEU C 155 -21.52 -56.10 20.38
CA LEU C 155 -22.80 -56.54 20.94
C LEU C 155 -22.80 -56.44 22.45
N PRO C 156 -23.76 -55.75 23.05
CA PRO C 156 -23.85 -55.71 24.51
C PRO C 156 -24.31 -57.05 25.06
N ASP C 157 -23.95 -57.30 26.32
CA ASP C 157 -24.30 -58.54 26.97
C ASP C 157 -24.57 -58.27 28.45
N GLY C 158 -24.79 -59.35 29.20
CA GLY C 158 -25.04 -59.21 30.64
C GLY C 158 -26.30 -58.47 30.97
N CYS C 159 -27.27 -58.47 30.06
CA CYS C 159 -28.50 -57.70 30.20
C CYS C 159 -28.17 -56.23 30.50
N GLY C 160 -27.37 -55.65 29.61
CA GLY C 160 -27.01 -54.25 29.68
C GLY C 160 -25.93 -53.89 30.69
N THR C 161 -24.97 -54.80 30.91
CA THR C 161 -23.85 -54.51 31.81
C THR C 161 -22.48 -54.50 31.14
N LEU C 162 -22.31 -55.11 29.97
CA LEU C 162 -21.01 -55.06 29.30
C LEU C 162 -21.18 -54.95 27.78
N LEU C 163 -20.13 -54.49 27.10
CA LEU C 163 -20.11 -54.44 25.64
C LEU C 163 -18.88 -55.18 25.12
N ARG C 164 -19.07 -56.06 24.14
CA ARG C 164 -17.96 -56.87 23.63
C ARG C 164 -17.82 -56.67 22.14
N ALA C 165 -16.57 -56.57 21.70
CA ALA C 165 -16.21 -56.34 20.30
C ALA C 165 -15.24 -57.40 19.84
N PHE C 166 -15.44 -57.90 18.62
CA PHE C 166 -14.58 -58.98 18.13
C PHE C 166 -14.66 -59.09 16.62
N TYR C 167 -13.60 -59.65 16.02
CA TYR C 167 -13.64 -59.97 14.59
C TYR C 167 -14.43 -61.24 14.35
N CYS C 168 -13.90 -62.39 14.79
CA CYS C 168 -14.66 -63.62 14.92
C CYS C 168 -15.46 -63.97 13.66
N ILE C 169 -14.77 -64.34 12.59
CA ILE C 169 -15.37 -64.61 11.28
C ILE C 169 -16.67 -65.39 11.42
N LEU C 170 -17.73 -64.91 10.77
CA LEU C 170 -19.05 -65.51 10.92
C LEU C 170 -19.20 -66.68 9.97
N GLU C 171 -19.74 -67.79 10.50
CA GLU C 171 -19.97 -69.01 9.73
C GLU C 171 -21.43 -69.41 9.89
N PRO C 172 -22.26 -69.19 8.87
CA PRO C 172 -23.70 -69.51 8.99
C PRO C 172 -23.94 -70.99 9.20
N ARG C 173 -24.69 -71.33 10.24
CA ARG C 173 -24.94 -72.73 10.59
C ARG C 173 -26.17 -73.25 9.84
N SER C 174 -26.10 -74.54 9.49
CA SER C 174 -27.17 -75.22 8.75
C SER C 174 -28.02 -75.98 9.75
N GLY C 175 -29.31 -75.65 9.79
CA GLY C 175 -30.24 -76.28 10.71
C GLY C 175 -31.61 -75.67 10.55
N ASN C 176 -32.51 -76.02 11.45
CA ASN C 176 -33.85 -75.47 11.41
C ASN C 176 -33.83 -74.00 11.80
N HIS C 177 -34.45 -73.16 10.97
CA HIS C 177 -34.65 -71.75 11.27
C HIS C 177 -33.34 -70.97 11.33
N CYS C 178 -32.27 -71.54 10.77
CA CYS C 178 -30.93 -71.00 10.83
C CYS C 178 -30.47 -70.49 9.47
N PRO C 179 -29.49 -69.54 9.46
CA PRO C 179 -29.07 -68.92 8.19
C PRO C 179 -28.78 -69.88 7.05
N ALA C 180 -27.87 -70.83 7.25
CA ALA C 180 -27.49 -71.78 6.22
C ALA C 180 -28.46 -72.94 6.10
N GLY C 181 -29.42 -73.03 7.02
CA GLY C 181 -30.39 -74.11 7.02
C GLY C 181 -31.66 -73.75 6.27
N ASN C 182 -32.67 -74.61 6.44
CA ASN C 182 -33.94 -74.42 5.76
C ASN C 182 -34.88 -73.55 6.57
N SER C 183 -35.75 -72.85 5.87
CA SER C 183 -36.74 -71.95 6.47
C SER C 183 -36.05 -70.87 7.31
N TYR C 184 -35.25 -70.06 6.62
CA TYR C 184 -34.52 -68.98 7.26
C TYR C 184 -35.26 -67.66 7.08
N THR C 185 -35.49 -66.95 8.19
CA THR C 185 -36.11 -65.63 8.12
C THR C 185 -35.09 -64.53 8.43
N SER C 186 -34.46 -64.59 9.60
CA SER C 186 -33.51 -63.56 10.02
C SER C 186 -32.77 -64.03 11.26
N PHE C 187 -31.47 -63.77 11.31
CA PHE C 187 -30.72 -64.01 12.54
C PHE C 187 -31.01 -62.91 13.55
N ALA C 188 -30.99 -63.26 14.83
CA ALA C 188 -31.25 -62.29 15.89
C ALA C 188 -30.71 -62.84 17.20
N THR C 189 -30.34 -61.93 18.09
CA THR C 189 -29.92 -62.30 19.44
C THR C 189 -31.08 -62.12 20.41
N TYR C 190 -30.92 -62.68 21.60
CA TYR C 190 -31.97 -62.62 22.60
C TYR C 190 -31.37 -62.94 23.97
N HIS C 191 -32.13 -62.59 25.01
CA HIS C 191 -31.75 -62.88 26.38
C HIS C 191 -33.03 -63.04 27.18
N THR C 192 -33.07 -64.02 28.09
CA THR C 192 -34.26 -64.26 28.88
C THR C 192 -34.15 -63.58 30.23
N PRO C 193 -34.92 -62.51 30.49
CA PRO C 193 -34.80 -61.81 31.77
C PRO C 193 -35.28 -62.63 32.96
N ALA C 194 -36.01 -63.72 32.74
CA ALA C 194 -36.39 -64.59 33.84
C ALA C 194 -35.19 -65.26 34.47
N THR C 195 -34.25 -65.73 33.65
CA THR C 195 -33.05 -66.41 34.14
C THR C 195 -31.81 -65.54 33.97
N ASP C 196 -31.55 -65.02 32.77
CA ASP C 196 -30.28 -64.38 32.50
C ASP C 196 -30.10 -63.09 33.31
N CYS C 197 -31.10 -62.21 33.27
CA CYS C 197 -31.02 -60.92 33.96
C CYS C 197 -31.44 -61.12 35.42
N SER C 198 -30.57 -61.80 36.16
CA SER C 198 -30.78 -62.08 37.57
C SER C 198 -29.92 -61.12 38.40
N ASP C 199 -30.50 -60.63 39.50
CA ASP C 199 -29.82 -59.61 40.30
C ASP C 199 -28.50 -60.14 40.85
N GLY C 200 -28.49 -61.39 41.32
CA GLY C 200 -27.27 -61.95 41.89
C GLY C 200 -26.15 -62.10 40.88
N ASN C 201 -26.48 -62.62 39.69
CA ASN C 201 -25.47 -62.88 38.66
C ASN C 201 -26.11 -62.62 37.30
N TYR C 202 -25.69 -61.55 36.65
CA TYR C 202 -26.15 -61.24 35.30
C TYR C 202 -25.34 -62.09 34.32
N ASN C 203 -26.03 -62.97 33.61
CA ASN C 203 -25.35 -63.86 32.68
C ASN C 203 -24.62 -63.04 31.62
N ARG C 204 -23.29 -63.08 31.67
CA ARG C 204 -22.45 -62.30 30.76
C ARG C 204 -22.10 -63.04 29.49
N ASN C 205 -22.86 -64.07 29.13
CA ASN C 205 -22.69 -64.77 27.87
C ASN C 205 -24.00 -65.10 27.18
N ALA C 206 -25.14 -64.63 27.70
CA ALA C 206 -26.43 -64.99 27.14
C ALA C 206 -26.57 -64.52 25.70
N SER C 207 -26.29 -63.24 25.44
CA SER C 207 -26.37 -62.72 24.09
C SER C 207 -25.30 -63.31 23.19
N LEU C 208 -24.10 -63.55 23.73
CA LEU C 208 -23.06 -64.22 22.95
C LEU C 208 -23.50 -65.62 22.55
N ASN C 209 -24.10 -66.37 23.48
CA ASN C 209 -24.61 -67.69 23.14
C ASN C 209 -25.73 -67.62 22.10
N SER C 210 -26.63 -66.65 22.24
CA SER C 210 -27.69 -66.47 21.23
C SER C 210 -27.09 -66.23 19.86
N PHE C 211 -26.09 -65.34 19.77
CA PHE C 211 -25.41 -65.11 18.52
C PHE C 211 -24.71 -66.37 18.01
N LYS C 212 -24.20 -67.19 18.94
CA LYS C 212 -23.51 -68.42 18.58
C LYS C 212 -24.43 -69.46 17.94
N GLU C 213 -25.73 -69.42 18.25
CA GLU C 213 -26.66 -70.37 17.68
C GLU C 213 -26.80 -70.23 16.17
N TYR C 214 -26.60 -69.04 15.63
CA TYR C 214 -26.73 -68.79 14.20
C TYR C 214 -25.41 -68.79 13.47
N PHE C 215 -24.31 -68.43 14.11
CA PHE C 215 -23.00 -68.36 13.47
C PHE C 215 -21.96 -69.10 14.30
N ASN C 216 -20.97 -69.67 13.62
CA ASN C 216 -19.86 -70.35 14.27
C ASN C 216 -18.63 -69.46 14.16
N LEU C 217 -18.20 -68.90 15.29
CA LEU C 217 -17.06 -67.98 15.29
C LEU C 217 -15.78 -68.74 14.95
N ARG C 218 -15.18 -68.42 13.81
CA ARG C 218 -14.02 -69.13 13.30
C ARG C 218 -12.90 -68.16 13.02
N ASN C 219 -11.66 -68.62 13.23
CA ASN C 219 -10.46 -67.80 12.98
C ASN C 219 -10.56 -66.46 13.69
N CYS C 220 -11.07 -66.50 14.90
CA CYS C 220 -11.47 -65.27 15.58
C CYS C 220 -10.24 -64.48 16.03
N THR C 221 -10.44 -63.18 16.22
CA THR C 221 -9.37 -62.28 16.63
C THR C 221 -9.79 -61.60 17.92
N PHE C 222 -9.09 -60.52 18.29
CA PHE C 222 -9.25 -59.85 19.57
C PHE C 222 -10.70 -59.81 20.04
N MET C 223 -10.95 -60.19 21.28
CA MET C 223 -12.30 -60.29 21.82
C MET C 223 -12.28 -59.54 23.15
N TYR C 224 -12.55 -58.24 23.07
CA TYR C 224 -12.47 -57.37 24.25
C TYR C 224 -13.77 -57.40 25.03
N THR C 225 -13.83 -56.56 26.07
CA THR C 225 -15.02 -56.43 26.91
C THR C 225 -14.85 -55.18 27.74
N TYR C 226 -15.91 -54.37 27.82
CA TYR C 226 -15.91 -53.15 28.61
C TYR C 226 -17.12 -53.15 29.54
N ASN C 227 -16.95 -52.52 30.69
CA ASN C 227 -17.92 -52.59 31.77
C ASN C 227 -18.76 -51.33 31.80
N ILE C 228 -20.07 -51.50 31.97
CA ILE C 228 -21.02 -50.40 32.01
C ILE C 228 -21.83 -50.50 33.29
N THR C 229 -21.94 -49.39 34.01
CA THR C 229 -22.71 -49.34 35.25
C THR C 229 -24.12 -48.87 34.93
N GLU C 230 -25.12 -49.62 35.40
CA GLU C 230 -26.50 -49.42 34.97
C GLU C 230 -27.06 -48.11 35.50
N ASP C 231 -27.81 -47.42 34.64
CA ASP C 231 -28.59 -46.24 35.00
C ASP C 231 -29.64 -46.05 33.91
N GLU C 232 -30.40 -44.95 34.01
CA GLU C 232 -31.41 -44.62 33.03
C GLU C 232 -31.18 -43.20 32.51
N ILE C 233 -29.92 -42.91 32.17
CA ILE C 233 -29.51 -41.59 31.72
C ILE C 233 -29.23 -41.65 30.22
N LEU C 234 -29.61 -40.57 29.53
CA LEU C 234 -29.32 -40.47 28.10
C LEU C 234 -27.82 -40.45 27.87
N GLU C 235 -27.37 -41.22 26.88
CA GLU C 235 -25.95 -41.30 26.59
C GLU C 235 -25.74 -41.37 25.08
N TRP C 236 -24.48 -41.23 24.68
CA TRP C 236 -24.10 -41.18 23.27
C TRP C 236 -22.98 -42.18 23.02
N PHE C 237 -22.88 -42.62 21.77
CA PHE C 237 -21.83 -43.59 21.40
C PHE C 237 -21.44 -43.35 19.95
N GLY C 238 -20.16 -43.13 19.69
CA GLY C 238 -19.67 -42.90 18.36
C GLY C 238 -18.63 -43.91 17.91
N ILE C 239 -18.50 -44.01 16.59
CA ILE C 239 -17.49 -44.91 16.03
C ILE C 239 -16.95 -44.34 14.73
N THR C 240 -15.63 -44.30 14.59
CA THR C 240 -14.97 -43.89 13.35
C THR C 240 -13.84 -44.84 13.04
N GLN C 241 -13.14 -44.59 11.93
CA GLN C 241 -12.01 -45.43 11.54
C GLN C 241 -10.93 -44.59 10.88
N THR C 242 -9.69 -44.76 11.33
CA THR C 242 -8.53 -44.15 10.69
C THR C 242 -7.48 -45.22 10.42
N ALA C 243 -6.27 -44.78 10.07
CA ALA C 243 -5.16 -45.71 9.87
C ALA C 243 -4.74 -46.43 11.14
N GLN C 244 -5.02 -45.86 12.31
CA GLN C 244 -4.69 -46.48 13.59
C GLN C 244 -5.76 -47.48 14.03
N GLY C 245 -6.73 -47.77 13.17
CA GLY C 245 -7.77 -48.72 13.50
C GLY C 245 -9.13 -48.07 13.66
N VAL C 246 -10.00 -48.80 14.36
CA VAL C 246 -11.38 -48.37 14.57
C VAL C 246 -11.44 -47.71 15.94
N HIS C 247 -11.85 -46.45 15.97
CA HIS C 247 -11.99 -45.74 17.23
C HIS C 247 -13.44 -45.80 17.71
N LEU C 248 -13.59 -46.00 19.01
CA LEU C 248 -14.89 -46.13 19.68
C LEU C 248 -15.02 -44.96 20.64
N PHE C 249 -16.16 -44.29 20.60
CA PHE C 249 -16.39 -43.16 21.49
C PHE C 249 -17.62 -43.38 22.34
N SER C 250 -17.68 -42.67 23.46
CA SER C 250 -18.84 -42.73 24.33
C SER C 250 -18.78 -41.55 25.28
N SER C 251 -19.92 -41.27 25.91
CA SER C 251 -19.98 -40.33 27.02
C SER C 251 -20.52 -41.09 28.23
N ARG C 252 -19.65 -41.85 28.88
CA ARG C 252 -19.98 -42.49 30.14
C ARG C 252 -18.86 -42.29 31.14
N TYR C 253 -17.63 -42.34 30.65
CA TYR C 253 -16.45 -42.35 31.51
C TYR C 253 -15.92 -40.96 31.82
N VAL C 254 -16.28 -39.94 31.04
CA VAL C 254 -15.80 -38.59 31.27
C VAL C 254 -16.97 -37.67 31.50
N ASP C 255 -17.84 -37.53 30.49
CA ASP C 255 -19.05 -36.71 30.59
C ASP C 255 -20.24 -37.66 30.63
N LEU C 256 -20.99 -37.62 31.73
CA LEU C 256 -22.17 -38.46 31.87
C LEU C 256 -23.46 -37.65 31.85
N TYR C 257 -23.48 -36.51 32.53
CA TYR C 257 -24.61 -35.61 32.55
C TYR C 257 -24.52 -34.57 31.44
N GLY C 258 -23.57 -34.74 30.53
CA GLY C 258 -23.38 -33.87 29.38
C GLY C 258 -23.76 -34.60 28.11
N GLY C 259 -22.76 -35.16 27.44
CA GLY C 259 -23.00 -35.88 26.20
C GLY C 259 -21.84 -35.79 25.24
N ASN C 260 -20.85 -34.98 25.57
CA ASN C 260 -19.62 -34.94 24.78
C ASN C 260 -18.98 -36.31 24.79
N MET C 261 -18.59 -36.80 23.60
CA MET C 261 -18.10 -38.15 23.48
C MET C 261 -16.58 -38.17 23.42
N PHE C 262 -15.98 -39.06 24.21
CA PHE C 262 -14.54 -39.19 24.33
C PHE C 262 -14.12 -40.60 23.95
N GLN C 263 -12.98 -40.70 23.28
CA GLN C 263 -12.46 -42.00 22.86
C GLN C 263 -12.16 -42.86 24.08
N PHE C 264 -12.51 -44.14 24.00
CA PHE C 264 -12.32 -45.05 25.12
C PHE C 264 -11.80 -46.41 24.65
N ALA C 265 -11.52 -46.54 23.36
CA ALA C 265 -11.04 -47.81 22.83
C ALA C 265 -10.52 -47.60 21.42
N THR C 266 -9.61 -48.49 21.02
CA THR C 266 -9.14 -48.60 19.65
C THR C 266 -8.96 -50.07 19.33
N LEU C 267 -9.36 -50.47 18.13
CA LEU C 267 -9.40 -51.89 17.75
C LEU C 267 -8.43 -52.14 16.61
N PRO C 268 -7.80 -53.31 16.55
CA PRO C 268 -6.83 -53.60 15.50
C PRO C 268 -7.46 -53.90 14.13
N VAL C 269 -8.70 -53.49 13.93
CA VAL C 269 -9.32 -53.47 12.61
C VAL C 269 -8.56 -52.50 11.70
N TYR C 270 -7.96 -53.01 10.63
CA TYR C 270 -7.35 -52.15 9.62
C TYR C 270 -7.91 -52.38 8.22
N ASP C 271 -8.90 -53.24 8.06
CA ASP C 271 -9.59 -53.33 6.77
C ASP C 271 -10.56 -52.15 6.65
N THR C 272 -10.64 -51.56 5.46
CA THR C 272 -11.45 -50.37 5.28
C THR C 272 -12.94 -50.75 5.31
N ILE C 273 -13.63 -50.37 6.38
CA ILE C 273 -15.03 -50.70 6.55
C ILE C 273 -15.87 -49.93 5.54
N LYS C 274 -16.68 -50.64 4.77
CA LYS C 274 -17.53 -49.97 3.78
C LYS C 274 -19.01 -50.11 4.11
N TYR C 275 -19.39 -51.11 4.90
CA TYR C 275 -20.78 -51.39 5.18
C TYR C 275 -20.96 -51.79 6.64
N TYR C 276 -22.19 -51.61 7.12
CA TYR C 276 -22.55 -51.97 8.49
C TYR C 276 -24.03 -52.32 8.52
N SER C 277 -24.46 -52.87 9.64
CA SER C 277 -25.86 -53.21 9.83
C SER C 277 -26.17 -53.29 11.32
N ILE C 278 -27.45 -53.11 11.65
CA ILE C 278 -27.91 -53.27 13.02
C ILE C 278 -28.39 -54.70 13.23
N ILE C 279 -28.05 -55.27 14.37
CA ILE C 279 -28.40 -56.63 14.73
C ILE C 279 -29.69 -56.59 15.55
N PRO C 280 -30.75 -57.27 15.13
CA PRO C 280 -31.97 -57.27 15.92
C PRO C 280 -31.79 -58.01 17.24
N HIS C 281 -32.58 -57.60 18.23
CA HIS C 281 -32.49 -58.19 19.56
C HIS C 281 -33.88 -58.21 20.18
N SER C 282 -34.36 -59.40 20.53
CA SER C 282 -35.66 -59.58 21.14
C SER C 282 -35.51 -60.06 22.57
N ILE C 283 -36.41 -59.63 23.43
CA ILE C 283 -36.38 -59.96 24.85
C ILE C 283 -37.42 -61.05 25.09
N ARG C 284 -36.95 -62.24 25.46
CA ARG C 284 -37.82 -63.41 25.68
C ARG C 284 -38.39 -63.36 27.09
N SER C 285 -39.22 -62.35 27.34
CA SER C 285 -39.82 -62.13 28.64
C SER C 285 -41.20 -62.77 28.70
N ILE C 286 -41.81 -62.70 29.89
CA ILE C 286 -43.11 -63.30 30.10
C ILE C 286 -44.20 -62.40 29.55
N GLN C 287 -45.23 -63.02 28.95
CA GLN C 287 -46.33 -62.26 28.37
C GLN C 287 -46.96 -61.31 29.38
N SER C 288 -46.98 -61.69 30.65
CA SER C 288 -47.48 -60.82 31.71
C SER C 288 -46.41 -59.87 32.24
N ASP C 289 -45.15 -60.01 31.82
CA ASP C 289 -44.04 -59.18 32.31
C ASP C 289 -43.23 -58.72 31.11
N ARG C 290 -43.61 -57.58 30.54
CA ARG C 290 -42.92 -57.00 29.40
C ARG C 290 -42.69 -55.52 29.63
N LYS C 291 -41.55 -55.02 29.17
CA LYS C 291 -41.17 -53.63 29.30
C LYS C 291 -41.12 -52.97 27.92
N ALA C 292 -40.90 -51.66 27.93
CA ALA C 292 -40.72 -50.89 26.71
C ALA C 292 -39.25 -50.50 26.63
N TRP C 293 -38.63 -50.78 25.49
CA TRP C 293 -37.22 -50.50 25.29
C TRP C 293 -37.06 -49.29 24.39
N ALA C 294 -36.29 -48.30 24.86
CA ALA C 294 -36.19 -47.03 24.15
C ALA C 294 -35.58 -47.23 22.77
N ALA C 295 -36.11 -46.49 21.81
CA ALA C 295 -35.55 -46.50 20.46
C ALA C 295 -34.27 -45.69 20.44
N PHE C 296 -33.33 -46.11 19.60
CA PHE C 296 -32.07 -45.41 19.45
C PHE C 296 -31.91 -44.91 18.03
N TYR C 297 -31.23 -43.78 17.90
CA TYR C 297 -31.10 -43.07 16.64
C TYR C 297 -29.65 -43.04 16.20
N VAL C 298 -29.42 -43.30 14.92
CA VAL C 298 -28.10 -43.31 14.32
C VAL C 298 -28.00 -42.12 13.36
N TYR C 299 -26.96 -41.32 13.53
CA TYR C 299 -26.71 -40.16 12.68
C TYR C 299 -25.32 -40.28 12.07
N LYS C 300 -25.21 -40.02 10.77
CA LYS C 300 -23.94 -40.15 10.08
C LYS C 300 -23.05 -38.94 10.38
N LEU C 301 -21.75 -39.11 10.11
CA LEU C 301 -20.75 -38.08 10.35
C LEU C 301 -20.19 -37.59 9.02
N GLN C 302 -19.91 -36.29 8.95
CA GLN C 302 -19.37 -35.66 7.76
C GLN C 302 -18.24 -34.73 8.17
N PRO C 303 -17.29 -34.47 7.28
CA PRO C 303 -16.20 -33.52 7.57
C PRO C 303 -16.64 -32.05 7.44
N LEU C 304 -17.24 -31.54 8.50
CA LEU C 304 -17.75 -30.18 8.52
C LEU C 304 -16.91 -29.29 9.42
N THR C 305 -17.12 -27.99 9.29
CA THR C 305 -16.52 -26.98 10.15
C THR C 305 -17.56 -26.48 11.13
N PHE C 306 -17.26 -26.57 12.41
CA PHE C 306 -18.19 -26.17 13.46
C PHE C 306 -17.61 -25.00 14.24
N LEU C 307 -18.49 -24.30 14.95
CA LEU C 307 -18.06 -23.30 15.92
C LEU C 307 -18.44 -23.84 17.30
N LEU C 308 -17.45 -24.08 18.14
CA LEU C 308 -17.68 -24.70 19.44
C LEU C 308 -17.41 -23.70 20.56
N ASP C 309 -18.22 -23.79 21.62
CA ASP C 309 -18.07 -22.95 22.80
C ASP C 309 -17.62 -23.82 23.97
N PHE C 310 -16.38 -23.61 24.41
CA PHE C 310 -15.86 -24.30 25.59
C PHE C 310 -16.05 -23.44 26.84
N SER C 311 -16.63 -24.04 27.87
CA SER C 311 -16.86 -23.36 29.13
C SER C 311 -15.61 -23.45 29.99
N VAL C 312 -15.68 -22.91 31.21
CA VAL C 312 -14.52 -22.94 32.10
C VAL C 312 -14.10 -24.37 32.42
N ASP C 313 -15.05 -25.26 32.69
CA ASP C 313 -14.71 -26.65 32.99
C ASP C 313 -14.31 -27.42 31.74
N GLY C 314 -14.37 -26.81 30.57
CA GLY C 314 -13.86 -27.41 29.36
C GLY C 314 -14.83 -28.20 28.53
N TYR C 315 -16.11 -28.25 28.90
CA TYR C 315 -17.10 -29.01 28.18
C TYR C 315 -17.78 -28.14 27.12
N ILE C 316 -18.17 -28.78 26.03
CA ILE C 316 -18.84 -28.10 24.91
C ILE C 316 -20.33 -28.14 25.18
N ARG C 317 -20.89 -27.00 25.59
CA ARG C 317 -22.32 -26.92 25.85
C ARG C 317 -23.12 -26.39 24.67
N ARG C 318 -22.46 -25.75 23.71
CA ARG C 318 -23.16 -25.28 22.52
C ARG C 318 -22.20 -25.16 21.35
N ALA C 319 -22.75 -25.34 20.15
CA ALA C 319 -22.00 -25.29 18.91
C ALA C 319 -22.89 -24.68 17.83
N ILE C 320 -22.29 -24.47 16.67
CA ILE C 320 -22.99 -23.91 15.51
C ILE C 320 -22.45 -24.62 14.26
N ASP C 321 -23.36 -25.17 13.46
CA ASP C 321 -23.01 -25.81 12.19
C ASP C 321 -22.88 -24.71 11.15
N CYS C 322 -21.65 -24.47 10.70
CA CYS C 322 -21.37 -23.29 9.88
C CYS C 322 -22.08 -23.35 8.54
N GLY C 323 -22.33 -24.54 8.02
CA GLY C 323 -22.93 -24.66 6.71
C GLY C 323 -24.41 -24.94 6.72
N PHE C 324 -25.08 -24.67 7.84
CA PHE C 324 -26.50 -24.97 7.95
C PHE C 324 -27.34 -23.96 7.18
N ASN C 325 -27.19 -22.67 7.50
CA ASN C 325 -27.88 -21.62 6.76
C ASN C 325 -27.06 -20.35 6.75
N ASP C 326 -27.68 -19.23 6.36
CA ASP C 326 -26.93 -17.98 6.21
C ASP C 326 -26.59 -17.37 7.56
N LEU C 327 -27.49 -17.44 8.53
CA LEU C 327 -27.20 -16.93 9.86
C LEU C 327 -26.06 -17.70 10.51
N SER C 328 -26.04 -19.02 10.31
CA SER C 328 -24.92 -19.83 10.80
C SER C 328 -23.62 -19.40 10.15
N GLN C 329 -23.62 -19.13 8.85
CA GLN C 329 -22.42 -18.67 8.17
C GLN C 329 -21.96 -17.32 8.70
N LEU C 330 -22.91 -16.43 9.03
CA LEU C 330 -22.55 -15.16 9.65
C LEU C 330 -21.91 -15.39 11.02
N HIS C 331 -22.49 -16.28 11.82
CA HIS C 331 -21.96 -16.56 13.15
C HIS C 331 -20.55 -17.11 13.07
N CYS C 332 -20.30 -18.01 12.12
CA CYS C 332 -18.97 -18.59 11.99
C CYS C 332 -17.96 -17.62 11.38
N SER C 333 -18.41 -16.72 10.50
CA SER C 333 -17.49 -15.75 9.91
C SER C 333 -16.90 -14.84 10.97
N TYR C 334 -17.73 -14.35 11.90
CA TYR C 334 -17.27 -13.57 13.03
C TYR C 334 -16.83 -14.44 14.20
N GLU C 335 -16.97 -15.76 14.07
CA GLU C 335 -16.69 -16.75 15.11
C GLU C 335 -17.12 -16.24 16.49
N SER C 336 -18.41 -15.90 16.57
CA SER C 336 -19.03 -15.49 17.82
C SER C 336 -20.49 -15.92 17.79
N PHE C 337 -21.08 -16.01 18.97
CA PHE C 337 -22.49 -16.35 19.10
C PHE C 337 -23.40 -15.14 19.11
N ASP C 338 -22.83 -13.94 18.99
CA ASP C 338 -23.60 -12.69 18.96
C ASP C 338 -23.09 -11.86 17.79
N VAL C 339 -23.95 -11.62 16.82
CA VAL C 339 -23.60 -10.89 15.60
C VAL C 339 -24.39 -9.59 15.63
N GLU C 340 -23.71 -8.47 15.35
CA GLU C 340 -24.36 -7.17 15.36
C GLU C 340 -25.42 -7.09 14.26
N SER C 341 -26.40 -6.22 14.48
CA SER C 341 -27.46 -6.00 13.50
C SER C 341 -26.90 -5.36 12.24
N GLY C 342 -27.53 -5.63 11.12
CA GLY C 342 -27.10 -5.06 9.87
C GLY C 342 -27.63 -5.86 8.69
N VAL C 343 -27.09 -5.55 7.51
CA VAL C 343 -27.44 -6.24 6.28
C VAL C 343 -26.15 -6.83 5.72
N TYR C 344 -26.10 -8.16 5.65
CA TYR C 344 -24.86 -8.87 5.36
C TYR C 344 -24.98 -9.61 4.04
N SER C 345 -23.98 -9.45 3.18
CA SER C 345 -23.92 -10.24 1.96
C SER C 345 -23.47 -11.67 2.28
N VAL C 346 -24.20 -12.64 1.74
CA VAL C 346 -23.94 -14.05 1.98
C VAL C 346 -23.77 -14.75 0.63
N SER C 347 -23.59 -16.07 0.68
CA SER C 347 -23.34 -16.84 -0.53
C SER C 347 -24.59 -16.87 -1.41
N SER C 348 -24.36 -16.80 -2.72
CA SER C 348 -25.42 -16.66 -3.70
C SER C 348 -25.87 -18.02 -4.24
N PHE C 349 -27.03 -18.01 -4.87
CA PHE C 349 -27.56 -19.19 -5.54
C PHE C 349 -27.01 -19.29 -6.96
N GLU C 350 -26.85 -20.52 -7.43
CA GLU C 350 -26.33 -20.77 -8.77
C GLU C 350 -27.35 -21.57 -9.56
N ALA C 351 -27.54 -21.18 -10.81
CA ALA C 351 -28.47 -21.89 -11.68
C ALA C 351 -27.98 -23.31 -11.92
N LYS C 352 -28.93 -24.24 -12.01
CA LYS C 352 -28.61 -25.65 -12.17
C LYS C 352 -28.65 -26.02 -13.64
N PRO C 353 -27.64 -26.73 -14.16
CA PRO C 353 -27.67 -27.13 -15.58
C PRO C 353 -28.84 -28.06 -15.85
N SER C 354 -29.79 -27.57 -16.64
CA SER C 354 -31.02 -28.31 -16.90
C SER C 354 -30.79 -29.46 -17.87
N GLY C 355 -30.11 -29.18 -18.98
CA GLY C 355 -29.82 -30.19 -19.98
C GLY C 355 -28.35 -30.26 -20.33
N SER C 356 -28.08 -30.94 -21.44
CA SER C 356 -26.75 -31.03 -22.01
C SER C 356 -26.83 -30.89 -23.53
N VAL C 357 -25.74 -30.43 -24.13
CA VAL C 357 -25.66 -30.21 -25.57
C VAL C 357 -24.32 -30.76 -26.03
N VAL C 358 -24.35 -31.57 -27.09
CA VAL C 358 -23.15 -32.13 -27.68
C VAL C 358 -23.15 -31.85 -29.18
N GLU C 359 -21.96 -31.63 -29.72
CA GLU C 359 -21.79 -31.36 -31.14
C GLU C 359 -20.47 -31.95 -31.58
N GLN C 360 -20.46 -32.58 -32.75
CA GLN C 360 -19.28 -33.25 -33.26
C GLN C 360 -19.37 -33.29 -34.78
N ALA C 361 -18.50 -34.08 -35.40
CA ALA C 361 -18.54 -34.27 -36.87
C ALA C 361 -18.19 -35.72 -37.22
N ALA C 574 -26.93 -37.74 -29.16
CA ALA C 574 -28.36 -38.05 -28.91
C ALA C 574 -29.25 -36.87 -29.27
N ASN C 575 -30.53 -37.11 -29.55
CA ASN C 575 -31.47 -36.03 -29.97
C ASN C 575 -31.62 -34.99 -28.86
N ASP C 576 -31.73 -35.42 -27.61
CA ASP C 576 -31.95 -34.48 -26.48
C ASP C 576 -30.78 -33.47 -26.43
N THR C 577 -29.58 -33.90 -26.79
CA THR C 577 -28.43 -33.00 -26.81
C THR C 577 -28.45 -32.24 -28.13
N LYS C 578 -29.22 -31.16 -28.18
CA LYS C 578 -29.31 -30.33 -29.37
C LYS C 578 -29.47 -28.88 -28.92
N ILE C 579 -28.74 -27.99 -29.58
CA ILE C 579 -28.81 -26.58 -29.21
C ILE C 579 -30.22 -26.05 -29.36
N ALA C 580 -30.87 -26.37 -30.47
CA ALA C 580 -32.28 -26.04 -30.62
C ALA C 580 -33.11 -26.84 -29.63
N SER C 581 -34.27 -26.28 -29.26
CA SER C 581 -35.13 -26.84 -28.20
C SER C 581 -34.48 -26.75 -26.83
N GLN C 582 -33.42 -25.94 -26.72
CA GLN C 582 -32.81 -25.69 -25.43
C GLN C 582 -32.48 -24.21 -25.22
N LEU C 583 -33.02 -23.31 -26.04
CA LEU C 583 -32.68 -21.90 -25.95
C LEU C 583 -33.32 -21.29 -24.72
N GLY C 584 -32.50 -20.75 -23.82
CA GLY C 584 -32.96 -20.14 -22.60
C GLY C 584 -32.62 -20.91 -21.34
N ASN C 585 -32.17 -22.15 -21.46
CA ASN C 585 -31.85 -22.99 -20.32
C ASN C 585 -30.35 -23.05 -20.12
N CYS C 586 -29.92 -23.05 -18.85
CA CYS C 586 -28.52 -23.26 -18.51
C CYS C 586 -28.20 -24.72 -18.78
N VAL C 587 -27.31 -24.97 -19.74
CA VAL C 587 -26.94 -26.33 -20.11
C VAL C 587 -25.43 -26.45 -20.15
N GLU C 588 -24.96 -27.69 -19.98
CA GLU C 588 -23.60 -28.04 -20.31
C GLU C 588 -23.47 -28.22 -21.81
N TYR C 589 -22.32 -27.81 -22.35
CA TYR C 589 -22.09 -27.94 -23.78
C TYR C 589 -20.68 -28.48 -24.02
N SER C 590 -20.55 -29.24 -25.11
CA SER C 590 -19.27 -29.75 -25.61
C SER C 590 -19.36 -29.69 -27.13
N LEU C 591 -18.82 -28.61 -27.69
CA LEU C 591 -18.91 -28.32 -29.11
C LEU C 591 -17.52 -28.46 -29.72
N TYR C 592 -17.32 -29.52 -30.50
CA TYR C 592 -16.07 -29.76 -31.24
C TYR C 592 -14.85 -29.62 -30.35
N GLY C 593 -14.94 -30.17 -29.14
CA GLY C 593 -13.84 -30.17 -28.21
C GLY C 593 -13.73 -28.95 -27.32
N VAL C 594 -14.70 -28.05 -27.36
CA VAL C 594 -14.72 -26.88 -26.49
C VAL C 594 -15.91 -27.05 -25.56
N SER C 595 -15.66 -27.12 -24.26
CA SER C 595 -16.68 -27.50 -23.31
C SER C 595 -16.87 -26.41 -22.26
N GLY C 596 -18.08 -26.37 -21.70
CA GLY C 596 -18.39 -25.39 -20.67
C GLY C 596 -19.86 -25.45 -20.29
N ARG C 597 -20.33 -24.37 -19.69
CA ARG C 597 -21.73 -24.30 -19.25
C ARG C 597 -22.26 -22.91 -19.55
N GLY C 598 -23.45 -22.83 -20.10
CA GLY C 598 -23.98 -21.53 -20.47
C GLY C 598 -25.38 -21.62 -21.01
N VAL C 599 -25.86 -20.48 -21.52
CA VAL C 599 -27.20 -20.33 -22.07
C VAL C 599 -27.06 -19.89 -23.51
N PHE C 600 -27.67 -20.64 -24.43
CA PHE C 600 -27.61 -20.26 -25.84
C PHE C 600 -28.82 -19.43 -26.23
N GLN C 601 -28.66 -18.65 -27.28
CA GLN C 601 -29.75 -17.79 -27.76
C GLN C 601 -29.58 -17.56 -29.25
N ASN C 602 -30.70 -17.27 -29.90
CA ASN C 602 -30.71 -16.99 -31.34
C ASN C 602 -30.46 -15.50 -31.58
N CYS C 603 -29.47 -15.19 -32.42
CA CYS C 603 -29.12 -13.80 -32.69
C CYS C 603 -28.60 -13.70 -34.11
N THR C 604 -28.48 -12.46 -34.59
CA THR C 604 -27.96 -12.21 -35.92
C THR C 604 -26.49 -12.61 -36.00
N ALA C 605 -26.10 -13.19 -37.14
CA ALA C 605 -24.75 -13.71 -37.29
C ALA C 605 -23.72 -12.60 -37.20
N VAL C 606 -22.51 -12.96 -36.80
CA VAL C 606 -21.44 -11.99 -36.58
C VAL C 606 -20.13 -12.75 -36.59
N GLY C 607 -19.07 -12.07 -37.00
CA GLY C 607 -17.77 -12.72 -37.12
C GLY C 607 -17.63 -13.48 -38.42
N VAL C 608 -16.64 -14.35 -38.45
CA VAL C 608 -16.34 -15.17 -39.63
C VAL C 608 -16.92 -16.55 -39.41
N ARG C 609 -17.76 -16.98 -40.36
CA ARG C 609 -18.50 -18.23 -40.23
C ARG C 609 -17.58 -19.44 -40.18
N GLN C 610 -16.58 -19.51 -41.06
CA GLN C 610 -15.74 -20.70 -41.15
C GLN C 610 -14.96 -20.96 -39.86
N GLN C 611 -14.74 -19.93 -39.06
CA GLN C 611 -14.16 -20.07 -37.73
C GLN C 611 -15.24 -20.09 -36.65
N ARG C 612 -16.03 -21.16 -36.56
CA ARG C 612 -17.30 -21.20 -35.85
C ARG C 612 -17.30 -20.54 -34.48
N PHE C 613 -16.20 -20.67 -33.74
CA PHE C 613 -16.15 -20.09 -32.40
C PHE C 613 -15.88 -18.60 -32.45
N VAL C 614 -16.78 -17.82 -31.85
CA VAL C 614 -16.66 -16.37 -31.77
C VAL C 614 -16.28 -16.03 -30.34
N TYR C 615 -15.15 -15.36 -30.16
CA TYR C 615 -14.67 -14.97 -28.85
C TYR C 615 -14.84 -13.47 -28.67
N ASP C 616 -14.55 -12.99 -27.45
CA ASP C 616 -14.48 -11.56 -27.19
C ASP C 616 -13.06 -11.20 -26.81
N ALA C 617 -12.84 -9.96 -26.36
CA ALA C 617 -11.48 -9.52 -26.09
C ALA C 617 -10.78 -10.39 -25.05
N TYR C 618 -11.46 -10.73 -23.96
CA TYR C 618 -10.85 -11.47 -22.86
C TYR C 618 -11.13 -12.96 -22.93
N GLN C 619 -10.89 -13.56 -24.10
CA GLN C 619 -10.84 -15.01 -24.29
C GLN C 619 -12.07 -15.71 -23.68
N ASN C 620 -13.25 -15.17 -23.97
CA ASN C 620 -14.51 -15.77 -23.54
C ASN C 620 -15.35 -16.06 -24.76
N LEU C 621 -15.80 -17.31 -24.90
CA LEU C 621 -16.67 -17.67 -26.00
C LEU C 621 -18.02 -16.96 -25.86
N VAL C 622 -18.43 -16.27 -26.91
CA VAL C 622 -19.66 -15.46 -26.86
C VAL C 622 -20.54 -15.77 -28.06
N GLY C 623 -20.12 -16.73 -28.88
CA GLY C 623 -20.88 -17.06 -30.06
C GLY C 623 -20.50 -18.43 -30.59
N TYR C 624 -21.39 -18.99 -31.41
CA TYR C 624 -21.16 -20.31 -31.97
C TYR C 624 -21.95 -20.47 -33.25
N TYR C 625 -21.33 -21.05 -34.27
CA TYR C 625 -21.99 -21.36 -35.53
C TYR C 625 -22.35 -22.84 -35.52
N SER C 626 -23.64 -23.15 -35.44
CA SER C 626 -24.08 -24.52 -35.31
C SER C 626 -24.10 -25.21 -36.68
N ASP C 627 -24.10 -26.54 -36.63
CA ASP C 627 -24.27 -27.34 -37.84
C ASP C 627 -25.63 -27.14 -38.50
N ASP C 628 -26.65 -26.74 -37.74
CA ASP C 628 -27.96 -26.49 -38.31
C ASP C 628 -28.01 -25.23 -39.17
N GLY C 629 -26.95 -24.42 -39.15
CA GLY C 629 -26.90 -23.22 -39.97
C GLY C 629 -27.43 -21.99 -39.26
N ASN C 630 -27.36 -21.99 -37.93
CA ASN C 630 -27.77 -20.86 -37.13
C ASN C 630 -26.59 -20.36 -36.31
N TYR C 631 -26.62 -19.08 -35.97
CA TYR C 631 -25.62 -18.46 -35.12
C TYR C 631 -26.24 -18.21 -33.75
N TYR C 632 -25.60 -18.72 -32.70
CA TYR C 632 -26.12 -18.63 -31.35
C TYR C 632 -25.17 -17.83 -30.48
N CYS C 633 -25.74 -16.81 -29.82
CA CYS C 633 -25.03 -16.13 -28.75
C CYS C 633 -24.91 -17.07 -27.55
N LEU C 634 -23.74 -17.05 -26.92
CA LEU C 634 -23.46 -17.88 -25.76
C LEU C 634 -23.21 -17.00 -24.56
N ARG C 635 -23.69 -17.44 -23.40
CA ARG C 635 -23.55 -16.65 -22.18
C ARG C 635 -23.02 -17.54 -21.05
N ALA C 636 -22.98 -17.02 -19.84
CA ALA C 636 -22.68 -17.83 -18.67
C ALA C 636 -23.93 -17.89 -17.82
N CYS C 637 -24.14 -19.02 -17.14
CA CYS C 637 -25.28 -19.10 -16.25
C CYS C 637 -25.07 -18.15 -15.08
N VAL C 638 -26.09 -17.36 -14.75
CA VAL C 638 -25.89 -16.25 -13.84
C VAL C 638 -26.42 -16.58 -12.45
N SER C 639 -25.72 -16.10 -11.43
CA SER C 639 -26.06 -16.38 -10.05
C SER C 639 -27.10 -15.40 -9.53
N VAL C 640 -27.78 -15.80 -8.47
CA VAL C 640 -28.75 -14.94 -7.80
C VAL C 640 -28.15 -14.46 -6.49
N PRO C 641 -27.79 -13.18 -6.38
CA PRO C 641 -27.16 -12.70 -5.14
C PRO C 641 -28.11 -12.71 -3.96
N VAL C 642 -27.58 -12.98 -2.77
CA VAL C 642 -28.38 -13.12 -1.57
C VAL C 642 -27.75 -12.28 -0.46
N SER C 643 -28.60 -11.68 0.37
CA SER C 643 -28.16 -10.98 1.57
C SER C 643 -29.19 -11.20 2.65
N VAL C 644 -28.76 -11.07 3.90
CA VAL C 644 -29.61 -11.32 5.06
C VAL C 644 -29.75 -10.03 5.86
N ILE C 645 -30.98 -9.71 6.24
CA ILE C 645 -31.27 -8.54 7.07
C ILE C 645 -31.52 -9.08 8.47
N TYR C 646 -30.67 -8.72 9.40
CA TYR C 646 -30.69 -9.31 10.73
C TYR C 646 -30.85 -8.25 11.83
N ASP C 647 -31.87 -8.45 12.67
CA ASP C 647 -32.04 -7.66 13.88
C ASP C 647 -31.64 -8.56 15.06
N LYS C 648 -30.62 -8.09 15.81
CA LYS C 648 -30.07 -8.85 16.91
C LYS C 648 -30.97 -8.81 18.14
N GLU C 649 -31.57 -7.66 18.40
CA GLU C 649 -32.36 -7.47 19.61
C GLU C 649 -33.57 -8.42 19.65
N THR C 650 -34.30 -8.52 18.54
CA THR C 650 -35.42 -9.43 18.43
C THR C 650 -35.01 -10.76 17.79
N LYS C 651 -33.77 -10.87 17.33
CA LYS C 651 -33.26 -12.06 16.63
C LYS C 651 -34.16 -12.44 15.46
N THR C 652 -34.51 -11.42 14.69
CA THR C 652 -35.38 -11.60 13.53
C THR C 652 -34.56 -11.40 12.27
N HIS C 653 -35.03 -11.96 11.15
CA HIS C 653 -34.24 -11.93 9.93
C HIS C 653 -35.18 -11.96 8.72
N ALA C 654 -34.78 -11.27 7.67
CA ALA C 654 -35.36 -11.41 6.36
C ALA C 654 -34.26 -11.67 5.32
N THR C 655 -34.68 -11.98 4.10
CA THR C 655 -33.73 -12.31 3.02
C THR C 655 -33.98 -11.36 1.85
N LEU C 656 -32.93 -10.64 1.43
CA LEU C 656 -33.02 -9.78 0.27
C LEU C 656 -32.30 -10.45 -0.90
N PHE C 657 -32.93 -10.48 -2.07
CA PHE C 657 -32.37 -11.15 -3.23
C PHE C 657 -31.86 -10.13 -4.25
N GLY C 658 -30.67 -9.58 -3.96
CA GLY C 658 -29.94 -8.78 -4.92
C GLY C 658 -30.78 -7.79 -5.69
N SER C 659 -30.91 -8.00 -6.99
CA SER C 659 -31.74 -7.19 -7.87
C SER C 659 -32.63 -8.08 -8.72
N VAL C 660 -33.31 -9.02 -8.08
CA VAL C 660 -34.13 -10.02 -8.76
C VAL C 660 -35.59 -9.62 -8.63
N ALA C 661 -36.40 -10.00 -9.62
CA ALA C 661 -37.75 -9.47 -9.77
C ALA C 661 -38.83 -10.38 -9.21
N CYS C 662 -38.44 -11.36 -8.39
CA CYS C 662 -39.36 -12.19 -7.62
C CYS C 662 -40.12 -13.20 -8.48
N GLU C 663 -39.99 -13.11 -9.79
CA GLU C 663 -40.49 -14.17 -10.67
C GLU C 663 -39.53 -15.34 -10.76
N HIS C 664 -38.25 -15.11 -10.48
CA HIS C 664 -37.23 -16.14 -10.58
C HIS C 664 -36.94 -16.83 -9.26
N ILE C 665 -37.61 -16.42 -8.18
CA ILE C 665 -37.35 -17.01 -6.87
C ILE C 665 -38.62 -17.67 -6.35
N SER C 666 -38.44 -18.71 -5.54
CA SER C 666 -39.54 -19.45 -4.93
C SER C 666 -39.21 -19.71 -3.46
N SER C 667 -40.20 -20.19 -2.72
CA SER C 667 -40.04 -20.48 -1.31
C SER C 667 -39.01 -21.57 -1.04
N THR C 668 -38.70 -22.40 -2.03
CA THR C 668 -37.71 -23.47 -1.89
C THR C 668 -36.47 -23.25 -2.73
N MET C 669 -36.56 -22.51 -3.83
CA MET C 669 -35.41 -22.22 -4.70
C MET C 669 -34.78 -23.51 -5.20
N SER C 670 -35.64 -24.49 -5.51
CA SER C 670 -35.19 -25.82 -5.89
C SER C 670 -34.52 -25.86 -7.26
N GLN C 671 -34.76 -24.86 -8.11
CA GLN C 671 -34.12 -24.85 -9.43
C GLN C 671 -32.71 -24.29 -9.39
N TYR C 672 -32.26 -23.82 -8.23
CA TYR C 672 -30.90 -23.35 -8.05
C TYR C 672 -30.14 -24.28 -7.11
N SER C 673 -28.86 -23.97 -6.89
CA SER C 673 -28.03 -24.77 -6.00
C SER C 673 -26.98 -23.88 -5.37
N ARG C 674 -26.67 -24.13 -4.09
CA ARG C 674 -25.60 -23.45 -3.40
C ARG C 674 -25.10 -24.32 -2.26
N SER C 675 -23.92 -23.97 -1.74
CA SER C 675 -23.29 -24.79 -0.72
C SER C 675 -24.09 -24.79 0.58
N THR C 676 -24.69 -23.65 0.92
CA THR C 676 -25.54 -23.56 2.10
C THR C 676 -26.68 -24.57 2.03
N ARG C 677 -26.88 -25.30 3.12
CA ARG C 677 -27.74 -26.48 3.07
C ARG C 677 -29.21 -26.09 2.99
N SER C 678 -29.63 -25.05 3.70
CA SER C 678 -31.04 -24.71 3.79
C SER C 678 -31.22 -23.20 3.82
N MET C 679 -32.47 -22.77 3.72
CA MET C 679 -32.84 -21.37 3.77
C MET C 679 -33.29 -20.99 5.17
N LEU C 680 -33.51 -19.70 5.39
CA LEU C 680 -33.99 -19.23 6.68
C LEU C 680 -35.41 -19.74 6.92
N LYS C 681 -35.78 -19.82 8.21
CA LYS C 681 -36.97 -20.53 8.62
C LYS C 681 -38.25 -20.02 7.96
N ARG C 682 -38.51 -18.71 8.06
CA ARG C 682 -39.61 -18.08 7.33
C ARG C 682 -40.94 -18.70 7.72
N ARG C 683 -41.37 -18.43 8.94
CA ARG C 683 -42.42 -19.19 9.59
C ARG C 683 -43.80 -18.86 9.02
N ASP C 684 -44.83 -19.27 9.75
CA ASP C 684 -46.24 -19.44 9.34
C ASP C 684 -46.65 -18.33 8.38
N SER C 685 -46.21 -17.09 8.57
CA SER C 685 -46.57 -15.99 7.68
C SER C 685 -46.43 -16.36 6.21
N THR C 686 -45.20 -16.63 5.77
CA THR C 686 -44.87 -17.22 4.46
C THR C 686 -45.74 -16.71 3.32
N TYR C 687 -46.04 -15.42 3.33
CA TYR C 687 -46.74 -14.83 2.19
C TYR C 687 -45.81 -14.78 0.98
N GLY C 688 -46.38 -14.35 -0.15
CA GLY C 688 -45.64 -14.25 -1.38
C GLY C 688 -44.46 -13.31 -1.24
N PRO C 689 -43.46 -13.48 -2.10
CA PRO C 689 -42.30 -12.58 -2.08
C PRO C 689 -42.71 -11.14 -2.33
N LEU C 690 -42.08 -10.21 -1.61
CA LEU C 690 -42.38 -8.80 -1.77
C LEU C 690 -41.41 -8.16 -2.76
N GLN C 691 -41.95 -7.33 -3.65
CA GLN C 691 -41.13 -6.66 -4.65
C GLN C 691 -40.83 -5.24 -4.19
N THR C 692 -39.56 -4.92 -4.09
CA THR C 692 -39.09 -3.63 -3.58
C THR C 692 -38.24 -2.94 -4.63
N PRO C 693 -38.03 -1.63 -4.51
CA PRO C 693 -37.14 -0.96 -5.45
C PRO C 693 -35.71 -1.49 -5.41
N VAL C 694 -35.31 -2.17 -4.34
CA VAL C 694 -33.96 -2.70 -4.28
C VAL C 694 -33.93 -4.17 -4.68
N GLY C 695 -35.09 -4.82 -4.71
CA GLY C 695 -35.13 -6.21 -5.14
C GLY C 695 -36.26 -6.95 -4.46
N CYS C 696 -36.25 -8.27 -4.65
CA CYS C 696 -37.26 -9.13 -4.05
C CYS C 696 -36.84 -9.50 -2.63
N VAL C 697 -37.74 -9.30 -1.66
CA VAL C 697 -37.44 -9.56 -0.26
C VAL C 697 -38.41 -10.61 0.27
N LEU C 698 -37.92 -11.43 1.19
CA LEU C 698 -38.66 -12.54 1.77
C LEU C 698 -38.65 -12.37 3.28
N GLY C 699 -39.82 -12.31 3.89
CA GLY C 699 -39.91 -12.07 5.32
C GLY C 699 -40.16 -10.63 5.72
N LEU C 700 -40.63 -9.80 4.79
CA LEU C 700 -40.99 -8.43 5.08
C LEU C 700 -42.47 -8.23 4.83
N VAL C 701 -43.08 -7.30 5.57
CA VAL C 701 -44.48 -6.95 5.39
C VAL C 701 -44.55 -5.50 4.94
N ASN C 702 -45.22 -5.25 3.83
CA ASN C 702 -45.41 -3.89 3.34
C ASN C 702 -46.17 -3.08 4.38
N SER C 703 -45.55 -2.03 4.90
CA SER C 703 -46.10 -1.33 6.07
C SER C 703 -46.63 0.04 5.71
N SER C 704 -46.02 0.72 4.73
CA SER C 704 -46.39 2.07 4.36
C SER C 704 -46.28 3.03 5.54
N LEU C 705 -45.26 2.80 6.36
CA LEU C 705 -44.90 3.71 7.44
C LEU C 705 -43.76 4.61 6.98
N PHE C 706 -43.40 5.57 7.82
CA PHE C 706 -42.27 6.45 7.56
C PHE C 706 -41.44 6.57 8.83
N VAL C 707 -40.14 6.77 8.65
CA VAL C 707 -39.22 6.84 9.78
C VAL C 707 -38.28 8.02 9.56
N GLU C 708 -37.82 8.62 10.67
CA GLU C 708 -36.80 9.65 10.58
C GLU C 708 -35.41 9.07 10.43
N ASP C 709 -35.19 7.86 10.95
CA ASP C 709 -33.98 7.10 10.65
C ASP C 709 -34.20 5.65 11.06
N CYS C 710 -33.36 4.76 10.53
CA CYS C 710 -33.44 3.34 10.84
C CYS C 710 -32.04 2.79 11.07
N LYS C 711 -31.98 1.64 11.76
CA LYS C 711 -30.70 1.02 12.03
C LYS C 711 -30.24 0.11 10.91
N LEU C 712 -31.17 -0.42 10.13
CA LEU C 712 -30.83 -1.27 8.98
C LEU C 712 -31.51 -0.74 7.73
N PRO C 713 -30.83 0.08 6.94
CA PRO C 713 -31.39 0.54 5.67
C PRO C 713 -31.13 -0.45 4.54
N LEU C 714 -32.18 -0.68 3.75
CA LEU C 714 -32.12 -1.67 2.68
C LEU C 714 -31.57 -1.07 1.41
N GLY C 715 -31.87 0.21 1.18
CA GLY C 715 -31.39 0.88 -0.01
C GLY C 715 -32.44 1.79 -0.61
N GLN C 716 -31.95 2.93 -1.07
CA GLN C 716 -32.60 3.98 -1.83
C GLN C 716 -33.61 4.82 -1.06
N SER C 717 -34.39 4.25 -0.15
CA SER C 717 -34.95 4.99 0.97
C SER C 717 -35.42 4.03 2.05
N LEU C 718 -35.07 2.76 1.92
CA LEU C 718 -35.87 1.71 2.52
C LEU C 718 -35.22 1.21 3.80
N CYS C 719 -36.08 0.87 4.76
CA CYS C 719 -35.64 0.37 6.05
C CYS C 719 -36.43 -0.89 6.39
N ALA C 720 -35.80 -1.78 7.12
CA ALA C 720 -36.45 -2.91 7.75
C ALA C 720 -36.74 -2.51 9.19
N LEU C 721 -38.01 -2.40 9.52
CA LEU C 721 -38.42 -2.03 10.86
C LEU C 721 -38.73 -3.30 11.64
N PRO C 722 -37.92 -3.69 12.62
CA PRO C 722 -38.26 -4.86 13.43
C PRO C 722 -39.44 -4.57 14.34
N ASP C 723 -40.16 -5.62 14.69
CA ASP C 723 -41.34 -5.51 15.54
C ASP C 723 -40.89 -5.40 17.00
N THR C 724 -40.32 -4.25 17.34
CA THR C 724 -39.89 -3.97 18.69
C THR C 724 -41.10 -3.65 19.58
N PRO C 725 -41.18 -4.28 20.76
CA PRO C 725 -42.26 -4.06 21.73
C PRO C 725 -42.47 -2.58 22.06
N VAL C 736 -43.66 -13.20 21.40
CA VAL C 736 -43.05 -13.51 20.11
C VAL C 736 -43.07 -12.30 19.19
N PRO C 737 -41.88 -11.81 18.83
CA PRO C 737 -41.81 -10.67 17.91
C PRO C 737 -42.33 -11.06 16.53
N GLY C 738 -43.04 -10.14 15.90
CA GLY C 738 -43.62 -10.37 14.59
C GLY C 738 -42.59 -10.24 13.49
N GLU C 739 -43.09 -10.25 12.25
CA GLU C 739 -42.22 -10.12 11.10
C GLU C 739 -41.79 -8.68 10.91
N MET C 740 -40.63 -8.50 10.29
CA MET C 740 -40.13 -7.16 10.00
C MET C 740 -41.02 -6.48 8.98
N ARG C 741 -41.08 -5.16 9.05
CA ARG C 741 -41.89 -4.37 8.13
C ARG C 741 -40.97 -3.61 7.18
N LEU C 742 -41.49 -3.27 6.00
CA LEU C 742 -40.72 -2.50 5.02
C LEU C 742 -41.20 -1.05 5.09
N ALA C 743 -40.39 -0.20 5.71
CA ALA C 743 -40.72 1.21 5.83
C ALA C 743 -39.82 2.02 4.90
N SER C 744 -40.11 3.31 4.75
CA SER C 744 -39.28 4.18 3.91
C SER C 744 -38.85 5.38 4.74
N ILE C 745 -37.63 5.86 4.49
CA ILE C 745 -37.15 7.05 5.18
C ILE C 745 -37.88 8.27 4.63
N ALA C 746 -38.41 9.09 5.52
CA ALA C 746 -39.11 10.30 5.13
C ALA C 746 -38.19 11.50 5.28
N PHE C 747 -38.37 12.48 4.40
CA PHE C 747 -37.59 13.71 4.42
C PHE C 747 -38.23 14.67 5.41
N ASN C 748 -37.42 15.20 6.32
CA ASN C 748 -37.90 16.14 7.32
C ASN C 748 -37.89 17.54 6.72
N HIS C 749 -39.07 18.05 6.39
CA HIS C 749 -39.17 19.35 5.75
C HIS C 749 -38.83 20.45 6.76
N PRO C 750 -38.00 21.41 6.37
CA PRO C 750 -37.73 22.56 7.24
C PRO C 750 -38.93 23.47 7.33
N ILE C 751 -38.89 24.39 8.30
CA ILE C 751 -39.95 25.36 8.50
C ILE C 751 -40.09 26.20 7.23
N GLN C 752 -41.29 26.24 6.66
CA GLN C 752 -41.53 26.95 5.42
C GLN C 752 -41.95 28.38 5.72
N VAL C 753 -41.29 29.33 5.08
CA VAL C 753 -41.58 30.76 5.22
C VAL C 753 -41.83 31.29 3.82
N ASP C 754 -42.99 31.91 3.60
CA ASP C 754 -43.36 32.37 2.27
C ASP C 754 -42.89 33.80 2.04
N GLN C 755 -42.66 34.11 0.78
CA GLN C 755 -42.25 35.45 0.37
C GLN C 755 -43.46 36.34 0.17
N LEU C 756 -43.39 37.54 0.73
CA LEU C 756 -44.43 38.54 0.53
C LEU C 756 -44.24 39.22 -0.82
N ASN C 757 -45.31 39.87 -1.27
CA ASN C 757 -45.31 40.56 -2.56
C ASN C 757 -45.32 42.07 -2.36
N SER C 758 -44.69 42.53 -1.29
CA SER C 758 -44.74 43.94 -0.91
C SER C 758 -43.37 44.44 -0.49
N SER C 759 -43.32 45.63 0.10
CA SER C 759 -42.09 46.15 0.66
C SER C 759 -41.81 45.62 2.07
N TYR C 760 -42.62 44.67 2.53
CA TYR C 760 -42.40 43.97 3.78
C TYR C 760 -41.70 42.64 3.50
N PHE C 761 -41.18 42.02 4.54
CA PHE C 761 -40.77 40.63 4.41
C PHE C 761 -41.15 39.87 5.66
N LYS C 762 -41.38 38.57 5.51
CA LYS C 762 -41.73 37.73 6.63
C LYS C 762 -40.48 37.22 7.32
N LEU C 763 -40.45 37.35 8.64
CA LEU C 763 -39.28 37.01 9.42
C LEU C 763 -39.64 35.89 10.38
N SER C 764 -38.86 34.82 10.37
CA SER C 764 -39.04 33.70 11.28
C SER C 764 -38.00 33.80 12.39
N ILE C 765 -38.45 33.90 13.63
CA ILE C 765 -37.56 34.22 14.73
C ILE C 765 -37.92 33.39 15.96
N PRO C 766 -36.95 32.85 16.68
CA PRO C 766 -37.26 32.01 17.84
C PRO C 766 -37.79 32.81 19.02
N THR C 767 -38.55 32.14 19.87
CA THR C 767 -39.06 32.72 21.11
C THR C 767 -38.62 31.91 22.31
N ASN C 768 -37.77 30.91 22.09
CA ASN C 768 -37.22 30.08 23.14
C ASN C 768 -35.89 29.53 22.63
N PHE C 769 -35.07 29.04 23.54
CA PHE C 769 -33.78 28.51 23.14
C PHE C 769 -33.32 27.47 24.15
N SER C 770 -32.20 26.85 23.84
CA SER C 770 -31.56 25.88 24.72
C SER C 770 -30.08 25.83 24.40
N PHE C 771 -29.32 25.19 25.28
CA PHE C 771 -27.91 24.95 25.03
C PHE C 771 -27.70 23.48 24.71
N GLY C 772 -26.77 23.23 23.79
CA GLY C 772 -26.45 21.87 23.41
C GLY C 772 -24.97 21.64 23.32
N VAL C 773 -24.51 20.46 23.74
CA VAL C 773 -23.10 20.12 23.71
C VAL C 773 -22.86 19.12 22.58
N THR C 774 -21.95 19.48 21.67
CA THR C 774 -21.52 18.59 20.60
C THR C 774 -20.13 18.09 20.99
N GLN C 775 -20.00 16.78 21.10
CA GLN C 775 -18.72 16.18 21.45
C GLN C 775 -18.00 15.75 20.18
N GLU C 776 -16.68 15.92 20.17
CA GLU C 776 -15.91 15.60 18.98
C GLU C 776 -14.52 15.14 19.37
N TYR C 777 -14.10 13.99 18.87
CA TYR C 777 -12.78 13.45 19.18
C TYR C 777 -11.87 13.61 17.97
N ILE C 778 -10.70 14.20 18.19
CA ILE C 778 -9.71 14.37 17.14
C ILE C 778 -8.47 13.62 17.57
N GLN C 779 -8.09 12.60 16.81
CA GLN C 779 -6.90 11.82 17.12
C GLN C 779 -5.65 12.63 16.76
N THR C 780 -4.62 12.53 17.59
CA THR C 780 -3.37 13.22 17.33
C THR C 780 -2.16 12.30 17.25
N THR C 781 -2.25 11.09 17.77
CA THR C 781 -1.11 10.19 17.83
C THR C 781 -1.56 8.76 17.56
N ILE C 782 -0.58 7.89 17.35
CA ILE C 782 -0.76 6.45 17.38
C ILE C 782 0.19 5.91 18.44
N GLN C 783 -0.05 4.67 18.83
CA GLN C 783 0.83 4.00 19.78
C GLN C 783 2.21 3.82 19.17
N LYS C 784 3.25 4.10 19.95
CA LYS C 784 4.60 3.95 19.45
C LYS C 784 5.12 2.54 19.70
N VAL C 785 5.42 1.83 18.63
CA VAL C 785 5.85 0.43 18.72
C VAL C 785 7.20 0.26 18.07
N THR C 786 8.11 -0.43 18.76
CA THR C 786 9.37 -0.90 18.18
C THR C 786 9.35 -2.43 18.28
N VAL C 787 9.89 -3.09 17.27
CA VAL C 787 10.03 -4.54 17.35
C VAL C 787 11.51 -4.90 17.31
N ASP C 788 11.85 -6.01 17.96
CA ASP C 788 13.21 -6.55 17.93
C ASP C 788 13.23 -7.57 16.81
N CYS C 789 13.60 -7.12 15.62
CA CYS C 789 13.50 -7.92 14.40
C CYS C 789 14.24 -9.25 14.52
N LYS C 790 15.47 -9.21 15.03
CA LYS C 790 16.25 -10.43 15.19
C LYS C 790 15.53 -11.44 16.07
N GLN C 791 15.08 -11.01 17.25
CA GLN C 791 14.39 -11.92 18.15
C GLN C 791 12.99 -12.28 17.67
N TYR C 792 12.33 -11.41 16.93
CA TYR C 792 11.04 -11.78 16.37
C TYR C 792 11.15 -12.87 15.32
N VAL C 793 12.13 -12.77 14.43
CA VAL C 793 12.30 -13.76 13.36
C VAL C 793 12.84 -15.08 13.89
N CYS C 794 13.83 -15.05 14.79
CA CYS C 794 14.52 -16.26 15.21
C CYS C 794 14.30 -16.66 16.66
N ASN C 795 13.82 -15.75 17.52
CA ASN C 795 13.57 -15.97 18.94
C ASN C 795 14.65 -16.82 19.62
N GLY C 796 15.90 -16.41 19.51
CA GLY C 796 16.98 -16.93 20.32
C GLY C 796 17.79 -18.09 19.76
N PHE C 797 17.23 -18.82 18.82
CA PHE C 797 17.90 -20.03 18.33
C PHE C 797 19.08 -19.67 17.44
N GLN C 798 20.26 -20.12 17.86
CA GLN C 798 21.50 -19.72 17.20
C GLN C 798 21.57 -20.19 15.75
N LYS C 799 20.94 -21.31 15.41
CA LYS C 799 20.94 -21.77 14.03
C LYS C 799 20.24 -20.77 13.13
N CYS C 800 19.09 -20.24 13.57
CA CYS C 800 18.36 -19.28 12.75
C CYS C 800 19.13 -17.98 12.58
N GLU C 801 19.96 -17.60 13.55
CA GLU C 801 20.71 -16.36 13.46
C GLU C 801 21.66 -16.39 12.26
N GLN C 802 22.38 -17.50 12.08
CA GLN C 802 23.28 -17.61 10.93
C GLN C 802 22.50 -17.59 9.62
N LEU C 803 21.35 -18.27 9.58
CA LEU C 803 20.53 -18.28 8.37
C LEU C 803 20.05 -16.88 8.02
N LEU C 804 19.66 -16.10 9.03
CA LEU C 804 19.20 -14.73 8.82
C LEU C 804 20.35 -13.77 8.52
N ARG C 805 21.56 -14.08 8.99
CA ARG C 805 22.71 -13.18 8.81
C ARG C 805 23.04 -12.93 7.34
N GLU C 806 22.70 -13.85 6.45
CA GLU C 806 22.96 -13.68 5.02
C GLU C 806 21.80 -12.98 4.31
N TYR C 807 20.76 -12.59 5.05
CA TYR C 807 19.71 -11.75 4.51
C TYR C 807 20.06 -10.27 4.61
N GLY C 808 21.16 -9.95 5.28
CA GLY C 808 21.69 -8.60 5.34
C GLY C 808 20.78 -7.62 6.05
N GLN C 809 20.61 -6.46 5.43
CA GLN C 809 20.01 -5.28 6.07
C GLN C 809 18.50 -5.18 5.84
N PHE C 810 17.76 -6.24 6.14
CA PHE C 810 16.31 -6.14 6.17
C PHE C 810 15.84 -5.69 7.56
N CYS C 811 16.32 -6.38 8.59
CA CYS C 811 16.00 -6.03 9.96
C CYS C 811 16.42 -4.60 10.27
N SER C 812 17.56 -4.18 9.73
CA SER C 812 18.02 -2.80 9.93
C SER C 812 17.06 -1.81 9.31
N LYS C 813 16.56 -2.08 8.10
CA LYS C 813 15.59 -1.18 7.49
C LYS C 813 14.31 -1.10 8.32
N ILE C 814 13.83 -2.24 8.81
CA ILE C 814 12.64 -2.22 9.67
C ILE C 814 12.88 -1.36 10.90
N ASN C 815 14.01 -1.56 11.57
CA ASN C 815 14.30 -0.81 12.78
C ASN C 815 14.41 0.68 12.51
N GLN C 816 15.08 1.06 11.42
CA GLN C 816 15.25 2.47 11.12
C GLN C 816 13.91 3.13 10.76
N ALA C 817 13.06 2.42 10.01
CA ALA C 817 11.74 2.96 9.70
C ALA C 817 10.93 3.20 10.97
N LEU C 818 10.91 2.22 11.86
CA LEU C 818 10.16 2.38 13.10
C LEU C 818 10.71 3.53 13.95
N HIS C 819 12.03 3.64 14.01
CA HIS C 819 12.66 4.72 14.78
C HIS C 819 12.27 6.08 14.22
N GLY C 820 12.30 6.23 12.89
CA GLY C 820 11.87 7.47 12.29
C GLY C 820 10.42 7.80 12.54
N ALA C 821 9.55 6.79 12.47
CA ALA C 821 8.13 7.03 12.76
C ALA C 821 7.92 7.50 14.19
N ASN C 822 8.61 6.89 15.15
CA ASN C 822 8.48 7.33 16.53
C ASN C 822 9.02 8.74 16.74
N LEU C 823 10.14 9.09 16.09
CA LEU C 823 10.65 10.44 16.19
C LEU C 823 9.65 11.46 15.63
N ARG C 824 9.02 11.14 14.50
CA ARG C 824 8.02 12.04 13.96
C ARG C 824 6.81 12.16 14.88
N GLN C 825 6.40 11.07 15.53
CA GLN C 825 5.31 11.15 16.50
C GLN C 825 5.65 12.09 17.64
N ASP C 826 6.88 11.98 18.17
CA ASP C 826 7.29 12.88 19.24
C ASP C 826 7.29 14.34 18.78
N ASP C 827 7.77 14.59 17.57
CA ASP C 827 7.78 15.95 17.06
C ASP C 827 6.37 16.50 16.88
N SER C 828 5.44 15.66 16.41
CA SER C 828 4.05 16.09 16.30
C SER C 828 3.46 16.44 17.66
N VAL C 829 3.73 15.62 18.67
CA VAL C 829 3.21 15.92 20.01
C VAL C 829 3.76 17.25 20.50
N ARG C 830 5.07 17.46 20.36
CA ARG C 830 5.68 18.69 20.84
C ARG C 830 5.12 19.90 20.12
N ASN C 831 4.96 19.82 18.79
CA ASN C 831 4.42 20.95 18.05
C ASN C 831 2.98 21.25 18.45
N LEU C 832 2.15 20.22 18.58
CA LEU C 832 0.75 20.45 18.95
C LEU C 832 0.65 21.10 20.32
N PHE C 833 1.37 20.58 21.32
CA PHE C 833 1.25 21.16 22.64
C PHE C 833 1.98 22.49 22.80
N ALA C 834 2.94 22.80 21.92
CA ALA C 834 3.50 24.13 21.89
C ALA C 834 2.55 25.15 21.27
N SER C 835 1.68 24.70 20.36
CA SER C 835 0.64 25.57 19.82
C SER C 835 -0.61 25.62 20.68
N VAL C 836 -0.78 24.69 21.62
CA VAL C 836 -1.92 24.69 22.51
C VAL C 836 -1.73 25.60 23.72
N LYS C 837 -0.49 25.77 24.18
CA LYS C 837 -0.23 26.52 25.41
C LYS C 837 -0.59 27.99 25.24
N SER C 838 -1.16 28.56 26.29
CA SER C 838 -1.49 29.98 26.34
C SER C 838 -0.38 30.75 27.03
N SER C 839 -0.23 32.02 26.64
CA SER C 839 0.82 32.85 27.24
C SER C 839 0.40 33.43 28.58
N GLN C 840 -0.90 33.65 28.78
CA GLN C 840 -1.42 34.19 30.03
C GLN C 840 -2.68 33.43 30.39
N SER C 841 -2.90 33.24 31.69
CA SER C 841 -4.08 32.50 32.14
C SER C 841 -4.38 32.90 33.58
N SER C 842 -5.53 32.44 34.05
CA SER C 842 -6.03 32.68 35.40
C SER C 842 -6.05 31.39 36.20
N PRO C 843 -5.63 31.42 37.47
CA PRO C 843 -5.64 30.21 38.29
C PRO C 843 -7.04 29.62 38.42
N ILE C 844 -7.11 28.29 38.35
CA ILE C 844 -8.38 27.58 38.45
C ILE C 844 -8.67 27.28 39.92
N ILE C 845 -9.38 28.19 40.58
CA ILE C 845 -9.79 27.99 41.97
C ILE C 845 -11.10 27.23 41.98
N PRO C 846 -11.45 26.56 43.08
CA PRO C 846 -12.79 25.97 43.17
C PRO C 846 -13.87 27.04 43.07
N GLY C 847 -14.99 26.69 42.44
CA GLY C 847 -16.04 27.64 42.17
C GLY C 847 -15.79 28.51 40.96
N PHE C 848 -14.67 28.33 40.27
CA PHE C 848 -14.41 28.94 38.97
C PHE C 848 -15.61 28.74 38.06
N GLY C 849 -16.19 29.83 37.58
CA GLY C 849 -17.38 29.72 36.77
C GLY C 849 -18.57 30.47 37.35
N GLY C 850 -18.62 30.57 38.68
CA GLY C 850 -19.70 31.26 39.34
C GLY C 850 -21.03 30.56 39.21
N ASP C 851 -22.03 31.25 38.65
CA ASP C 851 -23.35 30.65 38.48
C ASP C 851 -23.33 29.49 37.49
N PHE C 852 -22.32 29.43 36.63
CA PHE C 852 -22.19 28.34 35.67
C PHE C 852 -21.39 27.23 36.31
N ASN C 853 -22.02 26.07 36.49
CA ASN C 853 -21.40 24.92 37.14
C ASN C 853 -20.59 24.16 36.12
N LEU C 854 -19.28 24.41 36.09
CA LEU C 854 -18.37 23.64 35.26
C LEU C 854 -17.32 22.97 36.14
N THR C 855 -17.76 22.44 37.28
CA THR C 855 -16.88 21.74 38.20
C THR C 855 -16.38 20.41 37.63
N LEU C 856 -17.07 19.85 36.65
CA LEU C 856 -16.58 18.66 35.97
C LEU C 856 -15.40 18.95 35.06
N LEU C 857 -15.13 20.22 34.77
CA LEU C 857 -13.93 20.62 34.04
C LEU C 857 -12.79 20.95 34.97
N GLU C 858 -13.06 21.19 36.25
CA GLU C 858 -12.01 21.55 37.18
C GLU C 858 -11.18 20.33 37.54
N PRO C 859 -9.88 20.50 37.80
CA PRO C 859 -9.03 19.35 38.16
C PRO C 859 -9.25 18.96 39.62
N VAL C 860 -9.37 17.66 39.86
CA VAL C 860 -9.46 17.13 41.21
C VAL C 860 -8.05 17.10 41.81
N SER C 861 -7.84 17.84 42.89
CA SER C 861 -6.53 17.94 43.52
C SER C 861 -6.06 16.59 44.04
N ALA C 869 -4.45 14.86 38.88
CA ALA C 869 -4.60 16.25 38.49
C ALA C 869 -5.55 16.36 37.29
N ARG C 870 -6.06 15.23 36.84
CA ARG C 870 -6.97 15.20 35.71
C ARG C 870 -8.34 15.74 36.13
N SER C 871 -9.11 16.16 35.12
CA SER C 871 -10.47 16.61 35.33
C SER C 871 -11.39 15.43 35.63
N ALA C 872 -12.54 15.74 36.22
CA ALA C 872 -13.52 14.68 36.50
C ALA C 872 -14.04 14.06 35.22
N ILE C 873 -14.39 14.88 34.23
CA ILE C 873 -14.86 14.34 32.95
C ILE C 873 -13.76 13.62 32.20
N GLU C 874 -12.52 14.10 32.26
CA GLU C 874 -11.38 13.38 31.69
C GLU C 874 -11.19 12.01 32.33
N ASP C 875 -11.28 11.96 33.66
CA ASP C 875 -11.19 10.68 34.36
C ASP C 875 -12.32 9.74 33.96
N LEU C 876 -13.54 10.27 33.86
CA LEU C 876 -14.67 9.44 33.44
C LEU C 876 -14.47 8.91 32.03
N LEU C 877 -13.99 9.75 31.13
CA LEU C 877 -13.74 9.32 29.75
C LEU C 877 -12.68 8.23 29.70
N PHE C 878 -11.60 8.39 30.46
CA PHE C 878 -10.58 7.34 30.50
C PHE C 878 -11.05 6.08 31.19
N ASP C 879 -11.99 6.19 32.13
CA ASP C 879 -12.51 5.00 32.81
C ASP C 879 -13.47 4.21 31.93
N LYS C 880 -14.29 4.90 31.13
CA LYS C 880 -15.29 4.20 30.34
C LYS C 880 -14.73 3.58 29.06
N VAL C 881 -13.46 3.81 28.75
CA VAL C 881 -12.83 3.24 27.56
C VAL C 881 -12.12 1.95 27.95
N THR C 882 -12.36 0.90 27.18
CA THR C 882 -11.69 -0.38 27.39
C THR C 882 -10.31 -0.30 26.74
N ILE C 883 -9.30 -0.07 27.55
CA ILE C 883 -7.92 0.07 27.09
C ILE C 883 -7.03 -0.77 28.00
N ALA C 884 -6.15 -1.56 27.40
CA ALA C 884 -5.23 -2.38 28.17
C ALA C 884 -4.16 -1.51 28.82
N ASP C 885 -3.87 -1.78 30.08
CA ASP C 885 -2.89 -0.99 30.81
C ASP C 885 -1.49 -1.45 30.43
N PRO C 886 -0.69 -0.63 29.76
CA PRO C 886 0.70 -0.99 29.53
C PRO C 886 1.51 -0.81 30.80
N GLY C 887 2.64 -1.51 30.87
CA GLY C 887 3.43 -1.45 32.08
C GLY C 887 4.11 -0.12 32.28
N TYR C 888 5.09 0.18 31.43
CA TYR C 888 5.91 1.39 31.47
C TYR C 888 6.82 1.40 32.69
N MET C 889 6.57 0.50 33.62
CA MET C 889 7.34 0.37 34.85
C MET C 889 6.93 -0.91 35.55
N GLN C 890 7.89 -1.74 35.89
CA GLN C 890 7.70 -3.04 36.55
C GLN C 890 6.55 -3.83 35.89
N GLY C 891 6.35 -3.55 34.61
CA GLY C 891 5.40 -4.27 33.79
C GLY C 891 5.93 -5.59 33.29
N TYR C 892 7.24 -5.73 33.19
CA TYR C 892 7.88 -7.01 32.95
C TYR C 892 7.66 -8.00 34.10
N ASP C 893 7.75 -7.53 35.34
CA ASP C 893 7.48 -8.36 36.51
C ASP C 893 5.99 -8.60 36.73
N ASP C 894 5.13 -7.74 36.21
CA ASP C 894 3.69 -7.98 36.26
C ASP C 894 3.32 -9.23 35.47
N CYS C 895 3.93 -9.44 34.32
CA CYS C 895 3.67 -10.61 33.49
C CYS C 895 4.42 -11.85 33.94
N MET C 896 5.32 -11.73 34.92
CA MET C 896 5.99 -12.91 35.46
C MET C 896 5.00 -13.79 36.21
N GLN C 897 4.14 -13.19 37.02
CA GLN C 897 3.06 -13.96 37.65
C GLN C 897 1.90 -14.13 36.69
N GLN C 898 1.24 -13.02 36.34
CA GLN C 898 0.36 -12.93 35.17
C GLN C 898 -0.93 -13.72 35.34
N GLY C 899 -1.02 -14.55 36.38
CA GLY C 899 -2.12 -15.47 36.53
C GLY C 899 -2.37 -16.25 35.26
N PRO C 900 -3.62 -16.71 35.06
CA PRO C 900 -4.02 -17.15 33.73
C PRO C 900 -4.07 -16.00 32.75
N ALA C 901 -3.85 -16.25 31.47
CA ALA C 901 -3.85 -15.18 30.48
C ALA C 901 -5.24 -14.56 30.35
N SER C 902 -5.27 -13.24 30.18
CA SER C 902 -6.53 -12.49 30.12
C SER C 902 -6.86 -12.20 28.66
N ALA C 903 -7.31 -13.23 27.95
CA ALA C 903 -7.86 -13.11 26.60
C ALA C 903 -6.85 -12.45 25.64
N ARG C 904 -5.74 -13.16 25.43
CA ARG C 904 -4.68 -12.73 24.54
C ARG C 904 -4.11 -11.38 25.00
N ASP C 905 -3.43 -11.42 26.14
CA ASP C 905 -2.83 -10.21 26.69
C ASP C 905 -1.72 -9.70 25.78
N LEU C 906 -2.01 -8.62 25.05
CA LEU C 906 -1.03 -8.00 24.17
C LEU C 906 0.02 -7.19 24.93
N ILE C 907 -0.15 -7.03 26.24
CA ILE C 907 0.84 -6.35 27.05
C ILE C 907 1.90 -7.32 27.56
N CYS C 908 1.53 -8.58 27.79
CA CYS C 908 2.50 -9.62 28.12
C CYS C 908 3.08 -10.28 26.87
N ALA C 909 2.50 -10.03 25.69
CA ALA C 909 3.00 -10.63 24.46
C ALA C 909 4.25 -9.95 23.93
N GLN C 910 4.52 -8.71 24.33
CA GLN C 910 5.71 -8.03 23.83
C GLN C 910 6.99 -8.71 24.32
N TYR C 911 6.98 -9.18 25.56
CA TYR C 911 8.14 -9.90 26.10
C TYR C 911 8.23 -11.32 25.57
N VAL C 912 7.28 -11.75 24.75
CA VAL C 912 7.32 -13.05 24.10
C VAL C 912 7.54 -12.90 22.59
N ALA C 913 6.66 -12.17 21.92
CA ALA C 913 6.73 -12.00 20.47
C ALA C 913 8.01 -11.29 20.06
N GLY C 914 8.38 -10.23 20.77
CA GLY C 914 9.61 -9.52 20.46
C GLY C 914 9.44 -8.08 20.03
N TYR C 915 8.28 -7.48 20.33
CA TYR C 915 8.07 -6.07 20.10
C TYR C 915 8.00 -5.35 21.45
N LYS C 916 7.78 -4.03 21.38
CA LYS C 916 7.76 -3.22 22.59
C LYS C 916 6.95 -1.95 22.34
N VAL C 917 6.15 -1.56 23.33
CA VAL C 917 5.32 -0.37 23.25
C VAL C 917 6.01 0.72 24.06
N LEU C 918 6.36 1.82 23.40
CA LEU C 918 7.09 2.88 24.08
C LEU C 918 6.14 3.77 24.87
N PRO C 919 6.58 4.33 26.00
CA PRO C 919 5.73 5.25 26.74
C PRO C 919 5.53 6.54 25.98
N PRO C 920 4.41 7.23 26.20
CA PRO C 920 4.21 8.52 25.54
C PRO C 920 5.17 9.57 26.07
N LEU C 921 5.40 10.60 25.24
CA LEU C 921 6.43 11.59 25.54
C LEU C 921 6.15 12.33 26.85
N MET C 922 4.90 12.71 27.08
CA MET C 922 4.54 13.50 28.25
C MET C 922 3.72 12.68 29.25
N ASP C 923 3.85 13.05 30.52
CA ASP C 923 3.11 12.45 31.61
C ASP C 923 1.62 12.78 31.49
N VAL C 924 0.82 12.07 32.31
CA VAL C 924 -0.58 12.44 32.47
C VAL C 924 -0.69 13.80 33.15
N ASN C 925 0.13 14.04 34.17
CA ASN C 925 0.08 15.30 34.89
C ASN C 925 0.49 16.49 34.03
N MET C 926 1.50 16.33 33.17
CA MET C 926 1.93 17.43 32.31
C MET C 926 0.86 17.76 31.27
N GLU C 927 0.25 16.74 30.67
CA GLU C 927 -0.85 16.95 29.74
C GLU C 927 -2.03 17.64 30.43
N ALA C 928 -2.36 17.21 31.64
CA ALA C 928 -3.41 17.87 32.40
C ALA C 928 -3.04 19.31 32.73
N ALA C 929 -1.76 19.58 32.99
CA ALA C 929 -1.34 20.95 33.22
C ALA C 929 -1.56 21.81 31.99
N TYR C 930 -1.21 21.30 30.82
CA TYR C 930 -1.47 22.04 29.58
C TYR C 930 -2.96 22.31 29.40
N THR C 931 -3.79 21.27 29.55
CA THR C 931 -5.22 21.43 29.33
C THR C 931 -5.87 22.36 30.36
N SER C 932 -5.45 22.28 31.63
CA SER C 932 -5.99 23.15 32.66
C SER C 932 -5.56 24.59 32.45
N SER C 933 -4.31 24.82 32.02
CA SER C 933 -3.89 26.18 31.70
C SER C 933 -4.66 26.71 30.52
N LEU C 934 -5.03 25.84 29.57
CA LEU C 934 -5.91 26.26 28.49
C LEU C 934 -7.29 26.65 29.00
N LEU C 935 -7.83 25.89 29.95
CA LEU C 935 -9.15 26.20 30.50
C LEU C 935 -9.19 27.55 31.22
N GLY C 936 -8.10 27.94 31.88
CA GLY C 936 -8.09 29.16 32.65
C GLY C 936 -7.90 30.43 31.86
N SER C 937 -7.74 30.33 30.55
CA SER C 937 -7.64 31.49 29.68
C SER C 937 -8.84 31.66 28.77
N ILE C 938 -9.86 30.81 28.90
CA ILE C 938 -10.98 30.82 27.96
C ILE C 938 -11.77 32.11 28.08
N ALA C 939 -12.11 32.51 29.30
CA ALA C 939 -12.92 33.71 29.51
C ALA C 939 -12.21 34.96 29.05
N GLY C 940 -10.91 35.06 29.35
CA GLY C 940 -10.18 36.29 29.11
C GLY C 940 -9.46 36.37 27.78
N VAL C 941 -10.00 35.71 26.75
CA VAL C 941 -9.36 35.71 25.45
C VAL C 941 -9.31 37.11 24.86
N GLY C 942 -10.14 38.03 25.36
CA GLY C 942 -10.10 39.41 24.94
C GLY C 942 -11.12 39.75 23.88
N TRP C 943 -12.06 40.65 24.20
CA TRP C 943 -13.05 41.05 23.20
C TRP C 943 -12.42 41.90 22.11
N THR C 944 -11.32 42.56 22.41
CA THR C 944 -10.67 43.50 21.49
C THR C 944 -9.30 42.95 21.09
N ALA C 945 -9.17 42.54 19.83
CA ALA C 945 -7.90 42.13 19.24
C ALA C 945 -7.12 41.20 20.15
N GLY C 946 -7.84 40.27 20.77
CA GLY C 946 -7.32 39.54 21.91
C GLY C 946 -6.29 38.47 21.60
N LEU C 947 -5.08 38.90 21.23
CA LEU C 947 -3.97 37.96 21.06
C LEU C 947 -2.81 38.31 21.98
N SER C 948 -2.52 39.60 22.12
CA SER C 948 -1.37 40.05 22.88
C SER C 948 -1.70 40.63 24.25
N SER C 949 -2.94 40.54 24.69
CA SER C 949 -3.36 41.05 25.99
C SER C 949 -4.36 40.10 26.62
N PHE C 950 -4.41 40.12 27.95
CA PHE C 950 -5.28 39.21 28.69
C PHE C 950 -6.06 40.01 29.72
N ALA C 951 -7.39 39.94 29.65
CA ALA C 951 -8.25 40.57 30.63
C ALA C 951 -8.86 39.47 31.50
N ALA C 952 -8.59 39.53 32.81
CA ALA C 952 -9.03 38.49 33.74
C ALA C 952 -10.45 38.80 34.22
N ILE C 953 -11.41 38.50 33.35
CA ILE C 953 -12.82 38.73 33.63
C ILE C 953 -13.46 37.43 34.11
N PRO C 954 -14.56 37.49 34.84
CA PRO C 954 -15.25 36.26 35.25
C PRO C 954 -15.83 35.52 34.04
N PHE C 955 -16.09 34.23 34.26
CA PHE C 955 -16.65 33.40 33.19
C PHE C 955 -18.02 33.89 32.77
N ALA C 956 -18.84 34.34 33.74
CA ALA C 956 -20.18 34.81 33.42
C ALA C 956 -20.14 36.02 32.48
N GLN C 957 -19.23 36.96 32.74
CA GLN C 957 -19.13 38.12 31.87
C GLN C 957 -18.77 37.72 30.45
N SER C 958 -17.84 36.78 30.30
CA SER C 958 -17.47 36.33 28.96
C SER C 958 -18.65 35.65 28.27
N ILE C 959 -19.41 34.84 29.01
CA ILE C 959 -20.57 34.18 28.42
C ILE C 959 -21.59 35.20 27.95
N PHE C 960 -21.84 36.24 28.76
CA PHE C 960 -22.83 37.23 28.36
C PHE C 960 -22.36 38.08 27.18
N TYR C 961 -21.06 38.38 27.11
CA TYR C 961 -20.53 39.04 25.91
C TYR C 961 -20.63 38.16 24.67
N ARG C 962 -20.39 36.86 24.80
CA ARG C 962 -20.55 35.96 23.66
C ARG C 962 -22.01 35.86 23.22
N LEU C 963 -22.94 35.85 24.17
CA LEU C 963 -24.35 35.81 23.83
C LEU C 963 -24.83 37.11 23.20
N ASN C 964 -24.30 38.24 23.65
CA ASN C 964 -24.71 39.53 23.08
C ASN C 964 -24.28 39.65 21.63
N GLY C 965 -23.21 38.97 21.23
CA GLY C 965 -22.71 39.08 19.88
C GLY C 965 -23.40 38.20 18.85
N VAL C 966 -24.30 37.32 19.27
CA VAL C 966 -25.04 36.47 18.34
C VAL C 966 -26.47 36.93 18.14
N GLY C 967 -26.83 38.10 18.64
CA GLY C 967 -28.13 38.66 18.38
C GLY C 967 -29.10 38.65 19.54
N ILE C 968 -28.59 38.58 20.77
CA ILE C 968 -29.41 38.68 21.97
C ILE C 968 -29.07 39.99 22.64
N THR C 969 -30.08 40.78 22.96
CA THR C 969 -29.87 42.14 23.43
C THR C 969 -29.53 42.15 24.92
N GLN C 970 -28.96 43.28 25.36
CA GLN C 970 -28.54 43.42 26.75
C GLN C 970 -29.72 43.31 27.70
N GLN C 971 -30.89 43.84 27.29
CA GLN C 971 -32.06 43.80 28.14
C GLN C 971 -32.50 42.36 28.42
N VAL C 972 -32.51 41.53 27.38
CA VAL C 972 -32.89 40.13 27.55
C VAL C 972 -31.90 39.40 28.43
N LEU C 973 -30.61 39.64 28.24
CA LEU C 973 -29.59 38.99 29.05
C LEU C 973 -29.70 39.42 30.51
N SER C 974 -30.04 40.68 30.75
CA SER C 974 -30.16 41.17 32.12
C SER C 974 -31.41 40.63 32.80
N GLU C 975 -32.49 40.41 32.04
CA GLU C 975 -33.70 39.86 32.63
C GLU C 975 -33.55 38.38 32.97
N ASN C 976 -32.94 37.61 32.07
CA ASN C 976 -32.91 36.15 32.16
C ASN C 976 -31.55 35.62 32.61
N GLN C 977 -30.89 36.30 33.54
CA GLN C 977 -29.55 35.89 33.95
C GLN C 977 -29.57 34.49 34.55
N LYS C 978 -30.44 34.27 35.55
CA LYS C 978 -30.50 32.98 36.23
C LYS C 978 -31.01 31.89 35.31
N LEU C 979 -31.98 32.21 34.45
CA LEU C 979 -32.51 31.22 33.51
C LEU C 979 -31.42 30.78 32.54
N ILE C 980 -30.61 31.72 32.05
CA ILE C 980 -29.52 31.36 31.15
C ILE C 980 -28.50 30.49 31.86
N ALA C 981 -28.16 30.84 33.10
CA ALA C 981 -27.21 30.02 33.84
C ALA C 981 -27.75 28.61 34.06
N ASN C 982 -29.03 28.49 34.41
CA ASN C 982 -29.63 27.18 34.62
C ASN C 982 -29.67 26.36 33.33
N LYS C 983 -30.00 27.01 32.21
CA LYS C 983 -30.05 26.32 30.92
C LYS C 983 -28.67 25.86 30.48
N PHE C 984 -27.63 26.64 30.76
CA PHE C 984 -26.26 26.19 30.49
C PHE C 984 -25.88 25.01 31.37
N ASN C 985 -26.25 25.06 32.65
CA ASN C 985 -25.95 23.96 33.56
C ASN C 985 -26.67 22.68 33.17
N GLN C 986 -27.92 22.79 32.71
CA GLN C 986 -28.64 21.61 32.25
C GLN C 986 -27.93 20.94 31.08
N ALA C 987 -27.46 21.72 30.11
CA ALA C 987 -26.78 21.16 28.96
C ALA C 987 -25.44 20.55 29.36
N LEU C 988 -24.64 21.25 30.15
CA LEU C 988 -23.34 20.72 30.56
C LEU C 988 -23.46 19.51 31.47
N GLY C 989 -24.52 19.42 32.28
CA GLY C 989 -24.68 18.30 33.19
C GLY C 989 -25.11 17.00 32.54
N ALA C 990 -25.80 17.08 31.39
CA ALA C 990 -26.18 15.88 30.66
C ALA C 990 -24.99 15.15 30.07
N MET C 991 -23.78 15.68 30.25
CA MET C 991 -22.58 15.07 29.71
C MET C 991 -22.18 13.83 30.49
N GLN C 992 -22.38 13.86 31.81
CA GLN C 992 -21.93 12.75 32.65
C GLN C 992 -22.60 11.44 32.24
N THR C 993 -23.90 11.49 31.97
CA THR C 993 -24.63 10.33 31.46
C THR C 993 -24.67 10.33 29.94
N GLY C 994 -23.51 10.45 29.31
CA GLY C 994 -23.46 10.54 27.87
C GLY C 994 -22.51 9.58 27.19
N PHE C 995 -21.56 9.04 27.95
CA PHE C 995 -20.58 8.11 27.37
C PHE C 995 -21.20 6.74 27.21
N THR C 996 -21.80 6.47 26.06
CA THR C 996 -22.51 5.22 25.81
C THR C 996 -22.38 4.86 24.33
N THR C 997 -23.19 3.90 23.89
CA THR C 997 -23.07 3.41 22.52
C THR C 997 -23.59 4.41 21.50
N THR C 998 -24.53 5.29 21.90
CA THR C 998 -25.06 6.25 20.95
C THR C 998 -24.11 7.42 20.72
N ASN C 999 -23.15 7.61 21.62
CA ASN C 999 -22.16 8.68 21.47
C ASN C 999 -21.18 8.36 20.35
N GLU C 1000 -21.17 9.16 19.29
CA GLU C 1000 -20.30 8.88 18.15
C GLU C 1000 -18.84 9.19 18.46
N ALA C 1001 -18.59 10.29 19.18
CA ALA C 1001 -17.21 10.64 19.51
C ALA C 1001 -16.57 9.59 20.43
N PHE C 1002 -17.34 9.10 21.40
CA PHE C 1002 -16.84 8.04 22.26
C PHE C 1002 -16.55 6.77 21.48
N GLN C 1003 -17.43 6.44 20.52
CA GLN C 1003 -17.17 5.32 19.63
C GLN C 1003 -15.89 5.53 18.81
N LYS C 1004 -15.61 6.77 18.39
CA LYS C 1004 -14.38 7.05 17.67
C LYS C 1004 -13.16 6.85 18.56
N VAL C 1005 -13.25 7.24 19.82
CA VAL C 1005 -12.16 6.98 20.76
C VAL C 1005 -11.92 5.48 20.87
N GLN C 1006 -12.99 4.71 21.03
CA GLN C 1006 -12.85 3.27 21.14
C GLN C 1006 -12.30 2.66 19.85
N ASP C 1007 -12.68 3.21 18.69
CA ASP C 1007 -12.14 2.73 17.42
C ASP C 1007 -10.64 2.97 17.33
N ALA C 1008 -10.16 4.14 17.78
CA ALA C 1008 -8.72 4.37 17.78
C ALA C 1008 -7.99 3.38 18.69
N VAL C 1009 -8.53 3.15 19.89
CA VAL C 1009 -7.92 2.17 20.79
C VAL C 1009 -7.91 0.78 20.13
N ASN C 1010 -9.02 0.40 19.50
CA ASN C 1010 -9.10 -0.91 18.86
C ASN C 1010 -8.16 -1.02 17.68
N ASN C 1011 -7.92 0.07 16.95
CA ASN C 1011 -6.95 0.03 15.86
C ASN C 1011 -5.55 -0.22 16.40
N ASN C 1012 -5.19 0.45 17.50
CA ASN C 1012 -3.91 0.15 18.15
C ASN C 1012 -3.82 -1.32 18.53
N ALA C 1013 -4.88 -1.84 19.15
CA ALA C 1013 -4.87 -3.22 19.60
C ALA C 1013 -4.77 -4.20 18.43
N GLN C 1014 -5.47 -3.91 17.33
CA GLN C 1014 -5.39 -4.77 16.15
C GLN C 1014 -4.00 -4.76 15.55
N ALA C 1015 -3.37 -3.58 15.52
CA ALA C 1015 -2.01 -3.50 15.01
C ALA C 1015 -1.07 -4.39 15.83
N LEU C 1016 -1.20 -4.37 17.16
CA LEU C 1016 -0.37 -5.25 17.97
C LEU C 1016 -0.76 -6.72 17.78
N SER C 1017 -2.05 -7.00 17.63
CA SER C 1017 -2.51 -8.38 17.57
C SER C 1017 -2.08 -9.06 16.28
N LYS C 1018 -2.00 -8.31 15.18
CA LYS C 1018 -1.52 -8.90 13.94
C LYS C 1018 -0.07 -9.35 14.07
N LEU C 1019 0.76 -8.54 14.73
CA LEU C 1019 2.13 -8.98 15.02
C LEU C 1019 2.13 -10.22 15.90
N ALA C 1020 1.36 -10.20 16.98
CA ALA C 1020 1.36 -11.34 17.90
C ALA C 1020 0.76 -12.60 17.29
N SER C 1021 0.01 -12.50 16.20
CA SER C 1021 -0.70 -13.64 15.64
C SER C 1021 0.09 -14.40 14.57
N GLU C 1022 1.04 -13.74 13.92
CA GLU C 1022 1.79 -14.38 12.84
C GLU C 1022 2.92 -15.27 13.33
N LEU C 1023 3.16 -15.33 14.63
CA LEU C 1023 4.16 -16.24 15.16
C LEU C 1023 3.66 -17.67 15.24
N SER C 1024 2.34 -17.89 15.19
CA SER C 1024 1.78 -19.22 15.12
C SER C 1024 1.61 -19.71 13.69
N ASN C 1025 1.80 -18.83 12.71
CA ASN C 1025 1.69 -19.23 11.31
C ASN C 1025 2.81 -20.18 10.92
N THR C 1026 2.48 -21.13 10.05
CA THR C 1026 3.45 -22.09 9.51
C THR C 1026 3.47 -21.93 7.99
N PHE C 1027 4.42 -21.13 7.50
CA PHE C 1027 4.45 -20.78 6.10
C PHE C 1027 4.95 -21.96 5.27
N GLY C 1028 4.13 -22.99 5.14
CA GLY C 1028 4.48 -24.18 4.39
C GLY C 1028 5.64 -24.95 4.98
N ALA C 1029 5.66 -25.08 6.31
CA ALA C 1029 6.70 -25.82 7.00
C ALA C 1029 6.04 -26.91 7.84
N ILE C 1030 6.88 -27.71 8.50
CA ILE C 1030 6.37 -28.81 9.31
C ILE C 1030 5.92 -28.34 10.68
N SER C 1031 6.38 -27.16 11.10
CA SER C 1031 6.01 -26.62 12.41
C SER C 1031 6.28 -25.13 12.40
N ALA C 1032 5.68 -24.44 13.37
CA ALA C 1032 5.92 -23.01 13.54
C ALA C 1032 7.04 -22.72 14.53
N SER C 1033 7.37 -23.68 15.39
CA SER C 1033 8.45 -23.51 16.35
C SER C 1033 9.77 -23.88 15.71
N ILE C 1034 10.73 -22.97 15.77
CA ILE C 1034 12.06 -23.24 15.24
C ILE C 1034 12.73 -24.37 16.02
N GLY C 1035 12.57 -24.36 17.35
CA GLY C 1035 13.16 -25.41 18.17
C GLY C 1035 12.61 -26.80 17.93
N ASP C 1036 11.43 -26.89 17.31
CA ASP C 1036 10.86 -28.18 16.98
C ASP C 1036 11.44 -28.77 15.71
N ILE C 1037 11.45 -27.99 14.62
CA ILE C 1037 12.06 -28.47 13.38
C ILE C 1037 13.55 -28.69 13.53
N ILE C 1038 14.20 -28.02 14.48
CA ILE C 1038 15.62 -28.22 14.71
C ILE C 1038 15.91 -29.61 15.27
N GLN C 1039 15.05 -30.12 16.15
CA GLN C 1039 15.27 -31.41 16.81
C GLN C 1039 14.51 -32.53 16.11
N ARG C 1040 14.12 -32.33 14.86
CA ARG C 1040 13.42 -33.36 14.11
C ARG C 1040 13.98 -33.64 12.72
N LEU C 1041 14.73 -32.73 12.11
CA LEU C 1041 15.25 -32.91 10.77
C LEU C 1041 16.77 -32.77 10.77
N ASP C 1042 17.33 -32.89 9.58
CA ASP C 1042 18.75 -32.79 9.30
C ASP C 1042 19.07 -31.45 8.66
N PRO C 1043 20.31 -30.96 8.80
CA PRO C 1043 20.65 -29.59 8.42
C PRO C 1043 20.24 -29.23 7.01
N PRO C 1044 20.42 -30.11 6.01
CA PRO C 1044 19.91 -29.75 4.66
C PRO C 1044 18.43 -29.46 4.62
N GLU C 1045 17.62 -30.12 5.46
CA GLU C 1045 16.19 -29.81 5.52
C GLU C 1045 15.91 -28.71 6.53
N GLN C 1046 16.70 -28.67 7.61
CA GLN C 1046 16.56 -27.63 8.61
C GLN C 1046 16.69 -26.25 7.99
N ASP C 1047 17.68 -26.07 7.12
CA ASP C 1047 17.89 -24.77 6.49
C ASP C 1047 16.70 -24.36 5.65
N ALA C 1048 16.15 -25.29 4.87
CA ALA C 1048 15.01 -24.96 4.02
C ALA C 1048 13.79 -24.56 4.85
N GLN C 1049 13.48 -25.33 5.89
CA GLN C 1049 12.31 -25.01 6.70
C GLN C 1049 12.49 -23.68 7.45
N ILE C 1050 13.69 -23.49 8.03
CA ILE C 1050 13.95 -22.27 8.78
C ILE C 1050 13.92 -21.06 7.85
N ASP C 1051 14.39 -21.23 6.61
CA ASP C 1051 14.31 -20.15 5.63
C ASP C 1051 12.88 -19.82 5.23
N ARG C 1052 12.03 -20.84 5.09
CA ARG C 1052 10.61 -20.57 4.87
C ARG C 1052 10.04 -19.71 5.98
N LEU C 1053 10.29 -20.11 7.24
CA LEU C 1053 9.79 -19.33 8.37
C LEU C 1053 10.37 -17.92 8.37
N ILE C 1054 11.66 -17.78 8.06
CA ILE C 1054 12.33 -16.48 8.08
C ILE C 1054 11.68 -15.54 7.07
N ASN C 1055 11.45 -16.05 5.86
CA ASN C 1055 10.85 -15.22 4.82
C ASN C 1055 9.43 -14.81 5.19
N GLY C 1056 8.64 -15.74 5.73
CA GLY C 1056 7.31 -15.39 6.15
C GLY C 1056 7.28 -14.30 7.20
N ARG C 1057 8.12 -14.45 8.23
CA ARG C 1057 8.17 -13.46 9.30
C ARG C 1057 8.68 -12.11 8.83
N LEU C 1058 9.68 -12.08 7.95
CA LEU C 1058 10.15 -10.82 7.39
C LEU C 1058 9.07 -10.12 6.57
N THR C 1059 8.29 -10.87 5.79
CA THR C 1059 7.18 -10.26 5.07
C THR C 1059 6.14 -9.68 6.02
N THR C 1060 5.81 -10.41 7.10
CA THR C 1060 4.90 -9.88 8.11
C THR C 1060 5.41 -8.56 8.67
N LEU C 1061 6.69 -8.50 9.05
CA LEU C 1061 7.25 -7.29 9.62
C LEU C 1061 7.21 -6.13 8.63
N ASN C 1062 7.50 -6.40 7.36
CA ASN C 1062 7.47 -5.33 6.35
C ASN C 1062 6.06 -4.78 6.20
N ALA C 1063 5.05 -5.65 6.18
CA ALA C 1063 3.67 -5.17 6.10
C ALA C 1063 3.31 -4.32 7.31
N PHE C 1064 3.73 -4.76 8.50
CA PHE C 1064 3.46 -3.99 9.71
C PHE C 1064 4.09 -2.60 9.63
N VAL C 1065 5.33 -2.53 9.15
CA VAL C 1065 6.00 -1.23 9.04
C VAL C 1065 5.27 -0.32 8.07
N ALA C 1066 4.83 -0.84 6.92
CA ALA C 1066 4.12 -0.01 5.96
C ALA C 1066 2.81 0.52 6.56
N GLN C 1067 2.06 -0.34 7.25
CA GLN C 1067 0.80 0.11 7.83
C GLN C 1067 1.04 1.14 8.92
N GLN C 1068 2.09 0.97 9.72
CA GLN C 1068 2.41 1.97 10.74
C GLN C 1068 2.75 3.31 10.11
N LEU C 1069 3.49 3.30 8.99
CA LEU C 1069 3.80 4.55 8.32
C LEU C 1069 2.55 5.25 7.83
N VAL C 1070 1.61 4.48 7.25
CA VAL C 1070 0.37 5.08 6.77
C VAL C 1070 -0.42 5.68 7.94
N ARG C 1071 -0.56 4.93 9.03
CA ARG C 1071 -1.33 5.41 10.18
C ARG C 1071 -0.70 6.67 10.79
N SER C 1072 0.63 6.71 10.89
CA SER C 1072 1.30 7.90 11.42
C SER C 1072 1.11 9.10 10.50
N GLU C 1073 1.19 8.90 9.17
CA GLU C 1073 0.97 10.01 8.26
C GLU C 1073 -0.44 10.56 8.37
N SER C 1074 -1.43 9.68 8.59
CA SER C 1074 -2.79 10.16 8.80
C SER C 1074 -2.93 10.91 10.11
N ALA C 1075 -2.33 10.39 11.18
CA ALA C 1075 -2.41 11.04 12.48
C ALA C 1075 -1.76 12.41 12.49
N ALA C 1076 -0.73 12.64 11.68
CA ALA C 1076 -0.13 13.97 11.62
C ALA C 1076 -1.11 15.02 11.09
N LEU C 1077 -1.82 14.68 10.02
CA LEU C 1077 -2.85 15.59 9.49
C LEU C 1077 -3.96 15.80 10.50
N SER C 1078 -4.37 14.73 11.20
CA SER C 1078 -5.37 14.89 12.23
C SER C 1078 -4.90 15.80 13.36
N ALA C 1079 -3.62 15.72 13.74
CA ALA C 1079 -3.08 16.62 14.75
C ALA C 1079 -3.08 18.07 14.29
N GLN C 1080 -2.77 18.30 13.02
CA GLN C 1080 -2.90 19.67 12.48
C GLN C 1080 -4.34 20.16 12.56
N LEU C 1081 -5.31 19.30 12.25
CA LEU C 1081 -6.71 19.67 12.41
C LEU C 1081 -7.05 20.01 13.86
N ALA C 1082 -6.53 19.23 14.81
CA ALA C 1082 -6.76 19.53 16.23
C ALA C 1082 -6.16 20.87 16.64
N LYS C 1083 -4.97 21.18 16.12
CA LYS C 1083 -4.37 22.50 16.34
C LYS C 1083 -5.29 23.62 15.83
N ASP C 1084 -5.82 23.46 14.62
CA ASP C 1084 -6.72 24.46 14.07
C ASP C 1084 -7.97 24.61 14.92
N LYS C 1085 -8.53 23.49 15.39
CA LYS C 1085 -9.73 23.54 16.20
C LYS C 1085 -9.48 24.19 17.55
N VAL C 1086 -8.31 23.96 18.15
CA VAL C 1086 -7.99 24.61 19.40
C VAL C 1086 -7.85 26.11 19.20
N ASN C 1087 -7.19 26.53 18.13
CA ASN C 1087 -7.05 27.96 17.87
C ASN C 1087 -8.35 28.64 17.46
N GLU C 1088 -9.30 27.92 16.86
CA GLU C 1088 -10.51 28.52 16.34
C GLU C 1088 -11.71 28.42 17.28
N CYS C 1089 -11.90 27.30 17.98
CA CYS C 1089 -13.08 27.11 18.81
C CYS C 1089 -12.84 27.32 20.30
N VAL C 1090 -11.67 26.97 20.82
CA VAL C 1090 -11.42 27.07 22.25
C VAL C 1090 -10.92 28.46 22.62
N LYS C 1091 -9.96 28.99 21.87
CA LYS C 1091 -9.38 30.29 22.19
C LYS C 1091 -10.16 31.46 21.60
N ALA C 1092 -11.26 31.21 20.90
CA ALA C 1092 -12.06 32.27 20.34
C ALA C 1092 -13.45 31.71 20.05
N GLN C 1093 -14.40 32.62 19.85
CA GLN C 1093 -15.76 32.25 19.46
C GLN C 1093 -15.82 32.31 17.94
N SER C 1094 -16.23 31.21 17.32
CA SER C 1094 -16.19 31.12 15.87
C SER C 1094 -17.48 31.62 15.25
N LYS C 1095 -17.35 32.35 14.14
CA LYS C 1095 -18.50 32.88 13.42
C LYS C 1095 -18.93 32.01 12.25
N ARG C 1096 -18.20 30.93 11.96
CA ARG C 1096 -18.55 30.05 10.84
C ARG C 1096 -19.33 28.86 11.39
N SER C 1097 -20.49 28.59 10.80
CA SER C 1097 -21.33 27.52 11.27
C SER C 1097 -20.75 26.16 10.90
N GLY C 1098 -21.04 25.16 11.72
CA GLY C 1098 -20.67 23.80 11.45
C GLY C 1098 -19.26 23.42 11.83
N PHE C 1099 -18.33 24.37 11.86
CA PHE C 1099 -16.94 24.03 12.14
C PHE C 1099 -16.77 23.56 13.58
N CYS C 1100 -17.27 24.33 14.54
CA CYS C 1100 -17.12 23.91 15.93
C CYS C 1100 -18.19 22.89 16.28
N GLY C 1101 -19.46 23.29 16.24
CA GLY C 1101 -20.53 22.35 16.46
C GLY C 1101 -21.75 22.69 15.63
N GLN C 1102 -22.92 22.24 16.08
CA GLN C 1102 -24.16 22.65 15.45
C GLN C 1102 -24.71 23.90 16.15
N GLY C 1103 -25.75 24.47 15.56
CA GLY C 1103 -26.29 25.70 16.11
C GLY C 1103 -25.28 26.83 15.99
N THR C 1104 -25.35 27.77 16.93
CA THR C 1104 -24.44 28.90 16.97
C THR C 1104 -23.42 28.66 18.08
N HIS C 1105 -22.13 28.71 17.72
CA HIS C 1105 -21.09 28.38 18.68
C HIS C 1105 -20.92 29.50 19.71
N ILE C 1106 -20.70 29.11 20.95
CA ILE C 1106 -20.52 30.07 22.04
C ILE C 1106 -19.18 29.86 22.72
N VAL C 1107 -18.93 28.66 23.23
CA VAL C 1107 -17.70 28.38 23.97
C VAL C 1107 -17.37 26.90 23.80
N SER C 1108 -16.08 26.60 23.72
CA SER C 1108 -15.62 25.23 23.53
C SER C 1108 -14.58 24.88 24.59
N PHE C 1109 -14.69 23.67 25.12
CA PHE C 1109 -13.72 23.13 26.07
C PHE C 1109 -12.99 21.97 25.43
N VAL C 1110 -11.81 21.65 25.96
CA VAL C 1110 -11.02 20.53 25.42
C VAL C 1110 -10.37 19.80 26.58
N VAL C 1111 -10.39 18.47 26.53
CA VAL C 1111 -9.68 17.62 27.47
C VAL C 1111 -8.84 16.63 26.69
N ASN C 1112 -7.98 15.91 27.41
CA ASN C 1112 -7.18 14.86 26.80
C ASN C 1112 -8.00 13.59 26.65
N ALA C 1113 -7.64 12.79 25.67
CA ALA C 1113 -8.28 11.51 25.36
C ALA C 1113 -7.20 10.49 25.10
N PRO C 1114 -7.54 9.19 25.15
CA PRO C 1114 -6.55 8.12 24.91
C PRO C 1114 -5.50 8.40 23.85
N ASN C 1115 -5.88 8.88 22.66
CA ASN C 1115 -4.91 9.11 21.60
C ASN C 1115 -5.15 10.44 20.91
N GLY C 1116 -5.63 11.44 21.65
CA GLY C 1116 -5.91 12.72 21.05
C GLY C 1116 -6.62 13.69 21.98
N LEU C 1117 -7.46 14.53 21.40
CA LEU C 1117 -8.17 15.55 22.17
C LEU C 1117 -9.67 15.34 22.02
N TYR C 1118 -10.39 15.68 23.09
CA TYR C 1118 -11.83 15.58 23.14
C TYR C 1118 -12.39 16.98 23.34
N PHE C 1119 -13.09 17.48 22.32
CA PHE C 1119 -13.68 18.81 22.32
C PHE C 1119 -15.15 18.72 22.68
N MET C 1120 -15.59 19.69 23.48
CA MET C 1120 -16.98 19.83 23.93
C MET C 1120 -17.42 21.23 23.52
N HIS C 1121 -18.18 21.31 22.43
CA HIS C 1121 -18.63 22.59 21.92
C HIS C 1121 -20.03 22.89 22.45
N VAL C 1122 -20.20 24.04 23.10
CA VAL C 1122 -21.50 24.46 23.58
C VAL C 1122 -22.09 25.42 22.55
N GLY C 1123 -23.31 25.12 22.10
CA GLY C 1123 -23.97 25.90 21.07
C GLY C 1123 -25.37 26.29 21.50
N TYR C 1124 -25.85 27.36 20.87
CA TYR C 1124 -27.14 27.97 21.16
C TYR C 1124 -28.12 27.47 20.11
N TYR C 1125 -29.15 26.74 20.56
CA TYR C 1125 -30.10 26.12 19.66
C TYR C 1125 -31.45 26.79 19.84
N PRO C 1126 -31.99 27.45 18.82
CA PRO C 1126 -33.29 28.09 18.93
C PRO C 1126 -34.44 27.11 18.79
N SER C 1127 -35.57 27.48 19.37
CA SER C 1127 -36.80 26.70 19.24
C SER C 1127 -37.99 27.66 19.29
N ASN C 1128 -39.17 27.11 19.05
CA ASN C 1128 -40.43 27.85 19.13
C ASN C 1128 -40.39 29.11 18.27
N HIS C 1129 -40.23 28.89 16.96
CA HIS C 1129 -40.17 30.02 16.03
C HIS C 1129 -41.57 30.59 15.80
N ILE C 1130 -41.63 31.90 15.60
CA ILE C 1130 -42.84 32.59 15.19
C ILE C 1130 -42.52 33.42 13.96
N GLU C 1131 -43.56 33.85 13.26
CA GLU C 1131 -43.43 34.63 12.04
C GLU C 1131 -44.01 36.01 12.27
N VAL C 1132 -43.24 37.03 11.88
CA VAL C 1132 -43.66 38.43 12.01
C VAL C 1132 -43.40 39.15 10.70
N VAL C 1133 -43.85 40.39 10.63
CA VAL C 1133 -43.68 41.24 9.46
C VAL C 1133 -42.60 42.27 9.77
N SER C 1134 -41.67 42.47 8.85
CA SER C 1134 -40.55 43.35 9.09
C SER C 1134 -40.29 44.23 7.87
N ALA C 1135 -39.65 45.37 8.12
CA ALA C 1135 -39.32 46.35 7.09
C ALA C 1135 -37.81 46.41 6.90
N TYR C 1136 -37.41 46.70 5.66
CA TYR C 1136 -35.98 46.82 5.36
C TYR C 1136 -35.37 48.03 6.04
N GLY C 1137 -36.17 49.07 6.23
CA GLY C 1137 -35.69 50.29 6.88
C GLY C 1137 -36.85 51.23 7.08
N LEU C 1138 -36.55 52.35 7.73
CA LEU C 1138 -37.57 53.35 8.05
C LEU C 1138 -37.06 54.72 7.63
N CYS C 1139 -37.88 55.45 6.89
CA CYS C 1139 -37.55 56.81 6.45
C CYS C 1139 -38.59 57.79 6.98
N ASP C 1140 -38.13 59.00 7.26
CA ASP C 1140 -39.02 60.07 7.69
C ASP C 1140 -39.74 60.64 6.48
N ALA C 1141 -41.06 60.64 6.53
CA ALA C 1141 -41.84 61.10 5.38
C ALA C 1141 -41.61 62.58 5.10
N ALA C 1142 -41.49 63.38 6.16
CA ALA C 1142 -41.28 64.82 5.98
C ALA C 1142 -39.95 65.09 5.29
N ASN C 1143 -38.89 64.41 5.73
CA ASN C 1143 -37.58 64.52 5.10
C ASN C 1143 -37.17 63.16 4.58
N PRO C 1144 -37.43 62.85 3.31
CA PRO C 1144 -37.26 61.46 2.83
C PRO C 1144 -35.84 60.96 2.83
N THR C 1145 -34.86 61.87 2.96
CA THR C 1145 -33.44 61.48 2.86
C THR C 1145 -32.86 61.23 4.25
N ASN C 1146 -33.75 61.03 5.21
CA ASN C 1146 -33.34 60.72 6.58
C ASN C 1146 -33.86 59.35 6.98
N CYS C 1147 -33.04 58.32 6.79
CA CYS C 1147 -33.46 56.95 6.95
C CYS C 1147 -32.52 56.20 7.90
N ILE C 1148 -33.03 55.12 8.47
CA ILE C 1148 -32.26 54.29 9.39
C ILE C 1148 -32.47 52.82 9.03
N ALA C 1149 -31.56 51.98 9.49
CA ALA C 1149 -31.62 50.54 9.32
C ALA C 1149 -31.22 49.87 10.63
N PRO C 1150 -31.80 48.70 10.92
CA PRO C 1150 -31.47 48.02 12.19
C PRO C 1150 -30.05 47.50 12.19
N VAL C 1151 -29.45 47.44 13.38
CA VAL C 1151 -28.10 46.94 13.57
C VAL C 1151 -28.19 45.65 14.38
N ASN C 1152 -27.73 44.55 13.79
CA ASN C 1152 -27.72 43.24 14.45
C ASN C 1152 -29.11 42.88 14.95
N GLY C 1153 -30.11 43.15 14.13
CA GLY C 1153 -31.49 42.95 14.55
C GLY C 1153 -32.44 43.29 13.44
N TYR C 1154 -33.72 43.41 13.81
CA TYR C 1154 -34.79 43.62 12.85
C TYR C 1154 -35.77 44.66 13.37
N PHE C 1155 -36.43 45.33 12.43
CA PHE C 1155 -37.55 46.23 12.70
C PHE C 1155 -38.82 45.41 12.53
N ILE C 1156 -39.65 45.37 13.56
CA ILE C 1156 -40.86 44.55 13.54
C ILE C 1156 -42.07 45.41 13.86
N LYS C 1157 -43.24 44.91 13.46
CA LYS C 1157 -44.51 45.57 13.74
C LYS C 1157 -45.02 45.09 15.09
N THR C 1158 -45.12 46.00 16.05
CA THR C 1158 -45.61 45.64 17.37
C THR C 1158 -47.11 45.42 17.36
N ASN C 1159 -47.59 44.65 18.34
CA ASN C 1159 -49.02 44.51 18.58
C ASN C 1159 -49.30 44.67 20.07
N ASN C 1160 -48.59 45.60 20.70
CA ASN C 1160 -48.66 45.80 22.16
C ASN C 1160 -49.82 46.70 22.54
N THR C 1161 -51.02 46.35 22.06
CA THR C 1161 -52.28 47.06 22.35
C THR C 1161 -52.08 48.57 22.40
N ARG C 1162 -51.40 49.09 21.37
CA ARG C 1162 -50.96 50.49 21.37
C ARG C 1162 -51.14 51.12 20.00
N ILE C 1163 -50.46 52.26 19.79
CA ILE C 1163 -50.60 53.04 18.56
C ILE C 1163 -50.43 52.15 17.34
N VAL C 1164 -51.18 52.47 16.29
CA VAL C 1164 -51.21 51.65 15.08
C VAL C 1164 -49.92 51.83 14.30
N ASP C 1165 -49.47 50.74 13.67
CA ASP C 1165 -48.26 50.74 12.84
C ASP C 1165 -47.04 51.25 13.61
N GLU C 1166 -46.95 50.85 14.87
CA GLU C 1166 -45.74 51.10 15.64
C GLU C 1166 -44.64 50.15 15.20
N TRP C 1167 -43.41 50.62 15.27
CA TRP C 1167 -42.24 49.84 14.88
C TRP C 1167 -41.32 49.67 16.09
N SER C 1168 -40.91 48.43 16.33
CA SER C 1168 -40.01 48.09 17.42
C SER C 1168 -38.77 47.41 16.86
N TYR C 1169 -37.79 47.18 17.73
CA TYR C 1169 -36.55 46.52 17.36
C TYR C 1169 -36.43 45.22 18.13
N THR C 1170 -35.95 44.19 17.45
CA THR C 1170 -35.67 42.91 18.10
C THR C 1170 -34.29 42.41 17.71
N GLY C 1171 -33.68 41.65 18.60
CA GLY C 1171 -32.43 41.01 18.28
C GLY C 1171 -32.61 39.91 17.26
N SER C 1172 -31.54 39.60 16.54
CA SER C 1172 -31.63 38.67 15.44
C SER C 1172 -31.83 37.22 15.90
N SER C 1173 -31.54 36.92 17.16
CA SER C 1173 -31.56 35.54 17.62
C SER C 1173 -32.59 35.25 18.69
N PHE C 1174 -33.35 36.25 19.13
CA PHE C 1174 -34.36 36.07 20.17
C PHE C 1174 -35.42 37.14 20.01
N TYR C 1175 -36.68 36.73 20.17
CA TYR C 1175 -37.80 37.65 19.94
C TYR C 1175 -38.12 38.40 21.23
N ALA C 1176 -37.85 39.69 21.24
CA ALA C 1176 -38.15 40.55 22.37
C ALA C 1176 -38.21 42.01 21.92
N PRO C 1177 -39.37 42.50 21.50
CA PRO C 1177 -39.46 43.85 20.94
C PRO C 1177 -39.03 44.91 21.96
N GLU C 1178 -38.30 45.91 21.48
CA GLU C 1178 -37.77 47.01 22.27
C GLU C 1178 -37.98 48.30 21.52
N PRO C 1179 -37.92 49.44 22.21
CA PRO C 1179 -38.00 50.72 21.52
C PRO C 1179 -36.84 50.94 20.56
N ILE C 1180 -37.12 51.68 19.50
CA ILE C 1180 -36.09 52.01 18.51
C ILE C 1180 -35.33 53.24 18.99
N THR C 1181 -34.01 53.09 19.13
CA THR C 1181 -33.16 54.18 19.60
C THR C 1181 -31.92 54.22 18.73
N SER C 1182 -31.03 55.16 19.01
CA SER C 1182 -29.78 55.30 18.27
C SER C 1182 -28.78 54.21 18.60
N LEU C 1183 -29.01 53.43 19.66
CA LEU C 1183 -28.08 52.37 20.03
C LEU C 1183 -28.28 51.10 19.21
N ASN C 1184 -29.43 50.94 18.54
CA ASN C 1184 -29.69 49.74 17.76
C ASN C 1184 -30.00 50.05 16.30
N THR C 1185 -29.76 51.29 15.86
CA THR C 1185 -30.00 51.68 14.49
C THR C 1185 -28.75 52.35 13.91
N LYS C 1186 -28.73 52.48 12.60
CA LYS C 1186 -27.66 53.19 11.93
C LYS C 1186 -28.22 53.93 10.72
N TYR C 1187 -27.66 55.10 10.44
CA TYR C 1187 -28.17 55.92 9.34
C TYR C 1187 -27.70 55.37 8.01
N VAL C 1188 -28.59 55.37 7.02
CA VAL C 1188 -28.32 54.81 5.70
C VAL C 1188 -28.94 55.71 4.65
N ALA C 1189 -28.61 55.42 3.39
CA ALA C 1189 -29.19 56.15 2.27
C ALA C 1189 -30.57 55.58 1.96
N PRO C 1190 -31.50 56.40 1.47
CA PRO C 1190 -32.86 55.91 1.24
C PRO C 1190 -32.92 54.86 0.14
N GLN C 1191 -33.90 53.98 0.24
CA GLN C 1191 -34.15 52.92 -0.73
C GLN C 1191 -35.64 52.87 -1.03
N VAL C 1192 -35.98 52.31 -2.20
CA VAL C 1192 -37.38 52.24 -2.62
C VAL C 1192 -38.21 51.29 -1.78
N THR C 1193 -37.57 50.38 -1.03
CA THR C 1193 -38.28 49.42 -0.21
C THR C 1193 -38.47 49.89 1.23
N TYR C 1194 -37.94 51.05 1.57
CA TYR C 1194 -38.04 51.55 2.94
C TYR C 1194 -39.44 52.11 3.20
N GLN C 1195 -39.84 52.04 4.46
CA GLN C 1195 -41.17 52.50 4.86
C GLN C 1195 -41.11 53.97 5.25
N ASN C 1196 -41.98 54.77 4.63
CA ASN C 1196 -42.05 56.20 4.91
C ASN C 1196 -43.00 56.41 6.08
N ILE C 1197 -42.45 56.69 7.26
CA ILE C 1197 -43.25 56.89 8.46
C ILE C 1197 -43.64 58.36 8.57
N SER C 1198 -44.89 58.59 8.93
CA SER C 1198 -45.42 59.94 9.12
C SER C 1198 -45.60 60.30 10.58
N THR C 1199 -46.14 59.40 11.38
CA THR C 1199 -46.42 59.68 12.78
C THR C 1199 -45.59 58.76 13.68
N ASN C 1200 -45.32 59.22 14.90
CA ASN C 1200 -44.70 58.48 16.01
C ASN C 1200 -43.20 58.26 15.83
N LEU C 1201 -42.67 58.50 14.63
CA LEU C 1201 -41.33 59.03 14.38
C LEU C 1201 -40.30 58.65 15.44
N PRO C 1202 -39.77 57.42 15.45
CA PRO C 1202 -38.87 57.02 16.51
C PRO C 1202 -37.72 58.00 16.68
N PRO C 1203 -37.12 58.07 17.86
CA PRO C 1203 -36.24 59.19 18.23
C PRO C 1203 -35.11 59.43 17.23
N PRO C 1204 -34.48 58.40 16.66
CA PRO C 1204 -33.42 58.69 15.66
C PRO C 1204 -33.92 59.47 14.47
N LEU C 1205 -35.19 59.31 14.09
CA LEU C 1205 -35.72 60.02 12.94
C LEU C 1205 -36.27 61.39 13.30
N LEU C 1206 -36.34 61.73 14.58
CA LEU C 1206 -36.86 63.02 15.00
C LEU C 1206 -35.97 64.15 14.52
N GLY C 1207 -36.44 64.92 13.53
CA GLY C 1207 -35.70 66.07 13.06
C GLY C 1207 -35.73 67.20 14.07
N ASN C 1208 -34.58 67.47 14.68
CA ASN C 1208 -34.51 68.49 15.72
C ASN C 1208 -34.79 69.87 15.16
N SER C 1209 -35.89 70.47 15.62
CA SER C 1209 -36.31 71.80 15.21
C SER C 1209 -36.63 72.66 16.42
N THR C 1210 -35.87 72.48 17.49
CA THR C 1210 -36.07 73.19 18.75
C THR C 1210 -34.94 74.18 18.94
N GLY C 1211 -35.10 75.38 18.37
CA GLY C 1211 -34.12 76.43 18.50
C GLY C 1211 -34.50 77.34 19.67
N ILE C 1212 -33.83 78.48 19.80
CA ILE C 1212 -34.13 79.43 20.86
C ILE C 1212 -35.18 80.43 20.37
#